data_6B2Z
#
_entry.id   6B2Z
#
_cell.length_a   1
_cell.length_b   1
_cell.length_c   1
_cell.angle_alpha   90.00
_cell.angle_beta   90.00
_cell.angle_gamma   90.00
#
_symmetry.space_group_name_H-M   'P 1'
#
loop_
_entity.id
_entity.type
_entity.pdbx_description
1 polymer 'ATP synthase subunit c, mitochondrial'
2 polymer 'ATP synthase protein 8'
3 polymer 'ATP synthase subunit a'
4 polymer 'ATP synthase subunit b'
5 polymer 'ATP synthase subunit d, mitochondrial'
6 polymer 'ATP synthase subunit e, mitochondrial'
7 polymer 'ATP synthase subunit f, mitochondrial'
8 polymer 'ATP synthase subunit g'
9 polymer 'ATP synthase subunit j, mitochondrial'
10 polymer 'ATP synthase subunit k, mitochondrial'
#
loop_
_entity_poly.entity_id
_entity_poly.type
_entity_poly.pdbx_seq_one_letter_code
_entity_poly.pdbx_strand_id
1 'polypeptide(L)' MQLVLAAKYIGAGISTIGLLGAGIGIAIVFAALINGVSRNPSIKDTVFPMAILGFALSEATGLFCLMVSFLLLFGV 1,2,3,4,5,6,7,8,9,0,C,D,E,F,G,H,I,J,K,B
2 'polypeptide(L)' MPQLVPFYFMNQLTYGFLLMITLLILFSQFFLPMILRLYVSRLFISKL A,L
3 'polypeptide(L)'
;SPLDQFEIRTLFGLQSSFIDLSCLNLTTFSLYTIIVLLVITSLYTLTNNNNKIIGSRWLISQEAIYDTIMNMTKGQIGGK
NWGLYFPMIFTLFMFIFIANLISMIPYSFALSAHLVFIISLSIVIWLGNTILGLYKHGWVFFSLFVPAGTPLPLVPLLVI
IETLSYFARAISLGLRLGSNILAGHLLMVILAGLTFNFMLINLFTLVFGFVPLAMILAIMMLEFAIGIIQGYVWAILTAS
YLKDAVYLH
;
a,M
4 'polypeptide(L)'
;MSSTPEKQTDPKAKANSIINAIPGNNILTKTGVLGTSAAAVIYAISNELYVINDESILLLTFLGFTGLVAKYLAPAYKDF
ADARMKKVSDVLNASRNKHVEAVKDRIDSVSQLQNVAETTKVLFDVSKETVELESEAFELKQKVELAHEAKAVLDSWVRY
EASLRQLEQRQLAKSVISRVQSELGNPKFQEKVLQQSISEIEQLLSKLK
;
b,N
5 'polypeptide(L)'
;SLAKSAANKLDWAKVISSLRITGSTATQLSSFKKRNDEARRQLLELQSQPTEVDFSHYRSVLKNTSVIDKIESYVKQYKP
VKIDASKQLQVIESFEKHAMTNAKETESLVSKELKDLQSTLDNIQSARPFDELTVDDLTKIKPEIDAKVEEMVKKGKWDV
PGYKDRFGNLNVM
;
d,O
6 'polypeptide(L)'
;(UNK)(UNK)(UNK)(UNK)(UNK)(UNK)(UNK)(UNK)(UNK)(UNK)(UNK)(UNK)(UNK)(UNK)(UNK)(UNK)
(UNK)(UNK)(UNK)(UNK)(UNK)(UNK)(UNK)(UNK)(UNK)(UNK)(UNK)(UNK)(UNK)(UNK)(UNK)(UNK)
(UNK)(UNK)(UNK)(UNK)(UNK)(UNK)(UNK)(UNK)(UNK)(UNK)(UNK)(UNK)(UNK)(UNK)(UNK)(UNK)
(UNK)
;
e,P
7 'polypeptide(L)'
;VSTLIPPKVVSSKNIGSAPNAKRIANVVHFYKSLPQGPAPAIKANTRLARYKAKYFDGDNASGKPLWHFALGIIAFGYSM
EYYFHLRHHKGAEEH
;
f,Q
8 'polypeptide(L)'
;(UNK)(UNK)(UNK)(UNK)(UNK)(UNK)(UNK)(UNK)(UNK)(UNK)(UNK)(UNK)(UNK)(UNK)(UNK)(UNK)
(UNK)(UNK)(UNK)(UNK)(UNK)(UNK)(UNK)(UNK)(UNK)(UNK)(UNK)(UNK)(UNK)(UNK)(UNK)(UNK)
(UNK)(UNK)(UNK)(UNK)(UNK)(UNK)(UNK)(UNK)(UNK)(UNK)(UNK)(UNK)(UNK)(UNK)(UNK)(UNK)
(UNK)(UNK)(UNK)(UNK)(UNK)(UNK)(UNK)(UNK)(UNK)(UNK)(UNK)(UNK)(UNK)(UNK)(UNK)(UNK)
(UNK)(UNK)(UNK)(UNK)(UNK)(UNK)(UNK)(UNK)(UNK)(UNK)(UNK)(UNK)(UNK)(UNK)(UNK)(UNK)
(UNK)(UNK)(UNK)(UNK)(UNK)(UNK)(UNK)(UNK)(UNK)(UNK)(UNK)(UNK)(UNK)(UNK)(UNK)(UNK)
(UNK)(UNK)(UNK)(UNK)(UNK)(UNK)(UNK)(UNK)(UNK)(UNK)
;
g,R
9 'polypeptide(L)' MLKRFPTPILKVYWPFFVAGAAVYYGMSKAADLSSNTKEFINDPRNPRFAKGGKFVEVD i,S
10 'polypeptide(L)' MGAAYHFMGKAIPPHQLAIGTLGLLGLLVVPNPFKSAKPKTVDIKTDNKDEEKFIENYLKKHSEKQDA k,T
#
# COMPACT_ATOMS: atom_id res chain seq x y z
N MET A 1 12.63 -10.20 33.13
CA MET A 1 11.23 -9.78 33.22
C MET A 1 10.63 -10.11 34.57
N GLN A 2 11.49 -10.26 35.59
CA GLN A 2 10.99 -10.63 36.91
C GLN A 2 10.34 -9.44 37.60
N LEU A 3 10.84 -8.23 37.32
CA LEU A 3 10.32 -7.03 37.98
C LEU A 3 8.92 -6.71 37.50
N VAL A 4 8.68 -6.80 36.19
CA VAL A 4 7.37 -6.46 35.65
C VAL A 4 6.35 -7.51 36.05
N LEU A 5 6.78 -8.76 36.20
CA LEU A 5 5.85 -9.80 36.63
C LEU A 5 5.60 -9.73 38.13
N ALA A 6 6.55 -9.16 38.88
CA ALA A 6 6.29 -8.88 40.29
C ALA A 6 5.35 -7.69 40.44
N ALA A 7 5.43 -6.74 39.51
CA ALA A 7 4.56 -5.57 39.54
C ALA A 7 3.15 -5.93 39.11
N LYS A 8 3.01 -6.92 38.24
CA LYS A 8 1.70 -7.43 37.85
C LYS A 8 0.90 -7.94 39.04
N TYR A 9 1.57 -8.64 39.97
CA TYR A 9 0.87 -9.19 41.13
C TYR A 9 0.44 -8.09 42.09
N ILE A 10 1.30 -7.09 42.28
CA ILE A 10 0.96 -5.96 43.13
C ILE A 10 -0.19 -5.17 42.51
N GLY A 11 -0.19 -5.01 41.19
CA GLY A 11 -1.27 -4.29 40.53
C GLY A 11 -2.59 -5.02 40.62
N ALA A 12 -2.55 -6.35 40.51
CA ALA A 12 -3.76 -7.13 40.71
C ALA A 12 -4.23 -7.07 42.15
N GLY A 13 -3.29 -6.90 43.09
CA GLY A 13 -3.66 -6.68 44.47
C GLY A 13 -4.36 -5.35 44.68
N ILE A 14 -3.83 -4.29 44.07
CA ILE A 14 -4.41 -2.96 44.23
C ILE A 14 -5.77 -2.89 43.55
N SER A 15 -5.93 -3.57 42.43
CA SER A 15 -7.22 -3.50 41.74
C SER A 15 -8.32 -4.38 42.38
N THR A 16 -8.13 -4.82 43.62
CA THR A 16 -9.16 -5.54 44.36
C THR A 16 -9.98 -4.60 45.22
N ILE A 17 -9.40 -3.44 45.57
CA ILE A 17 -9.98 -2.53 46.55
C ILE A 17 -11.32 -1.97 46.09
N GLY A 18 -11.47 -1.76 44.78
CA GLY A 18 -12.69 -1.20 44.22
C GLY A 18 -13.94 -2.06 44.36
N LEU A 19 -13.80 -3.30 44.85
CA LEU A 19 -14.98 -4.13 45.07
C LEU A 19 -15.76 -3.72 46.32
N LEU A 20 -15.13 -2.95 47.22
CA LEU A 20 -15.83 -2.54 48.43
C LEU A 20 -16.94 -1.56 48.11
N GLY A 21 -16.79 -0.82 47.02
CA GLY A 21 -17.84 0.03 46.49
C GLY A 21 -19.09 -0.75 46.18
N ALA A 22 -18.94 -1.87 45.46
CA ALA A 22 -20.10 -2.72 45.19
C ALA A 22 -20.61 -3.40 46.45
N GLY A 23 -19.70 -3.76 47.36
CA GLY A 23 -20.11 -4.44 48.58
C GLY A 23 -20.95 -3.58 49.50
N ILE A 24 -20.64 -2.29 49.56
CA ILE A 24 -21.53 -1.38 50.27
C ILE A 24 -22.72 -1.05 49.40
N GLY A 25 -22.55 -1.06 48.08
CA GLY A 25 -23.56 -0.57 47.17
C GLY A 25 -24.83 -1.37 47.03
N ILE A 26 -24.64 -2.68 46.81
CA ILE A 26 -25.77 -3.61 46.71
C ILE A 26 -26.57 -3.58 47.99
N ALA A 27 -25.87 -3.42 49.10
CA ALA A 27 -26.47 -3.37 50.40
C ALA A 27 -27.29 -2.11 50.60
N ILE A 28 -26.79 -0.95 50.15
CA ILE A 28 -27.57 0.28 50.31
C ILE A 28 -28.84 0.20 49.46
N VAL A 29 -28.75 -0.41 48.28
CA VAL A 29 -29.93 -0.60 47.45
C VAL A 29 -30.95 -1.52 48.12
N PHE A 30 -30.50 -2.65 48.65
CA PHE A 30 -31.45 -3.57 49.27
C PHE A 30 -31.94 -3.08 50.63
N ALA A 31 -31.14 -2.27 51.32
CA ALA A 31 -31.58 -1.65 52.56
C ALA A 31 -32.70 -0.65 52.28
N ALA A 32 -32.57 0.12 51.22
CA ALA A 32 -33.64 1.01 50.83
C ALA A 32 -34.86 0.23 50.36
N LEU A 33 -34.65 -0.93 49.73
CA LEU A 33 -35.76 -1.79 49.34
C LEU A 33 -36.56 -2.26 50.56
N ILE A 34 -35.85 -2.70 51.61
CA ILE A 34 -36.51 -3.17 52.82
C ILE A 34 -37.24 -2.02 53.51
N ASN A 35 -36.58 -0.88 53.66
CA ASN A 35 -37.21 0.27 54.28
C ASN A 35 -38.31 0.90 53.42
N GLY A 36 -38.41 0.54 52.14
CA GLY A 36 -39.51 0.98 51.32
C GLY A 36 -40.68 0.02 51.35
N VAL A 37 -40.39 -1.27 51.51
CA VAL A 37 -41.47 -2.25 51.66
C VAL A 37 -42.14 -2.08 53.02
N SER A 38 -41.37 -1.73 54.04
CA SER A 38 -41.93 -1.62 55.38
C SER A 38 -42.81 -0.38 55.52
N ARG A 39 -42.52 0.67 54.77
CA ARG A 39 -43.40 1.83 54.78
C ARG A 39 -44.65 1.59 53.96
N ASN A 40 -44.56 0.76 52.92
CA ASN A 40 -45.69 0.53 52.04
C ASN A 40 -45.57 -0.86 51.41
N PRO A 41 -46.31 -1.85 51.89
CA PRO A 41 -46.20 -3.21 51.32
C PRO A 41 -46.96 -3.42 50.02
N SER A 42 -47.59 -2.38 49.47
CA SER A 42 -48.39 -2.54 48.26
C SER A 42 -47.61 -2.21 46.99
N ILE A 43 -46.43 -1.63 47.11
CA ILE A 43 -45.68 -1.11 45.98
C ILE A 43 -44.53 -2.06 45.61
N LYS A 44 -44.67 -3.34 45.96
CA LYS A 44 -43.60 -4.32 45.84
C LYS A 44 -43.24 -4.59 44.38
N ASP A 45 -44.25 -4.88 43.57
CA ASP A 45 -44.05 -5.21 42.16
C ASP A 45 -43.73 -4.00 41.30
N THR A 46 -43.79 -2.80 41.87
CA THR A 46 -43.28 -1.60 41.22
C THR A 46 -41.84 -1.30 41.61
N VAL A 47 -41.49 -1.49 42.87
CA VAL A 47 -40.20 -1.07 43.38
C VAL A 47 -39.12 -2.12 43.11
N PHE A 48 -39.42 -3.40 43.30
CA PHE A 48 -38.40 -4.45 43.26
C PHE A 48 -37.64 -4.62 41.93
N PRO A 49 -38.22 -4.42 40.74
CA PRO A 49 -37.37 -4.36 39.54
C PRO A 49 -36.35 -3.23 39.54
N MET A 50 -36.66 -2.08 40.14
CA MET A 50 -35.67 -1.01 40.25
C MET A 50 -34.54 -1.41 41.19
N ALA A 51 -34.85 -2.20 42.21
CA ALA A 51 -33.80 -2.71 43.10
C ALA A 51 -32.90 -3.69 42.37
N ILE A 52 -33.48 -4.55 41.53
CA ILE A 52 -32.68 -5.48 40.74
C ILE A 52 -31.82 -4.72 39.72
N LEU A 53 -32.38 -3.64 39.16
CA LEU A 53 -31.64 -2.82 38.21
C LEU A 53 -30.45 -2.13 38.88
N GLY A 54 -30.66 -1.58 40.08
CA GLY A 54 -29.56 -0.96 40.80
C GLY A 54 -28.50 -1.96 41.23
N PHE A 55 -28.95 -3.17 41.61
CA PHE A 55 -28.04 -4.30 41.86
C PHE A 55 -27.14 -4.58 40.67
N ALA A 56 -27.74 -4.68 39.48
CA ALA A 56 -26.96 -4.97 38.28
C ALA A 56 -26.01 -3.82 37.95
N LEU A 57 -26.49 -2.59 38.05
CA LEU A 57 -25.68 -1.47 37.60
C LEU A 57 -24.55 -1.13 38.57
N SER A 58 -24.66 -1.56 39.83
CA SER A 58 -23.51 -1.44 40.72
C SER A 58 -22.59 -2.64 40.62
N GLU A 59 -23.14 -3.82 40.32
CA GLU A 59 -22.31 -5.00 40.15
C GLU A 59 -21.44 -4.87 38.90
N ALA A 60 -21.92 -4.09 37.91
CA ALA A 60 -21.10 -3.80 36.74
C ALA A 60 -19.86 -2.99 37.10
N THR A 61 -20.01 -2.01 38.00
CA THR A 61 -18.86 -1.23 38.43
C THR A 61 -17.94 -2.05 39.31
N GLY A 62 -18.48 -3.04 40.03
CA GLY A 62 -17.60 -4.00 40.70
C GLY A 62 -16.81 -4.86 39.72
N LEU A 63 -17.46 -5.37 38.69
CA LEU A 63 -16.77 -6.25 37.76
C LEU A 63 -15.80 -5.49 36.86
N PHE A 64 -16.03 -4.18 36.65
CA PHE A 64 -15.07 -3.38 35.90
C PHE A 64 -13.77 -3.22 36.64
N CYS A 65 -13.79 -3.37 37.96
CA CYS A 65 -12.57 -3.37 38.73
C CYS A 65 -12.02 -4.77 38.95
N LEU A 66 -12.87 -5.79 38.81
CA LEU A 66 -12.35 -7.16 38.85
C LEU A 66 -11.59 -7.51 37.58
N MET A 67 -12.06 -7.03 36.43
CA MET A 67 -11.44 -7.39 35.15
C MET A 67 -10.05 -6.81 34.98
N VAL A 68 -9.75 -5.68 35.65
CA VAL A 68 -8.40 -5.15 35.61
C VAL A 68 -7.47 -6.07 36.40
N SER A 69 -7.97 -6.65 37.49
CA SER A 69 -7.18 -7.63 38.23
C SER A 69 -6.97 -8.90 37.41
N PHE A 70 -7.98 -9.31 36.65
CA PHE A 70 -7.81 -10.50 35.80
C PHE A 70 -6.88 -10.22 34.62
N LEU A 71 -6.80 -8.97 34.16
CA LEU A 71 -5.77 -8.63 33.19
C LEU A 71 -4.39 -8.67 33.82
N LEU A 72 -4.24 -8.10 35.02
CA LEU A 72 -2.92 -8.02 35.61
C LEU A 72 -2.43 -9.35 36.17
N LEU A 73 -3.33 -10.32 36.38
CA LEU A 73 -2.84 -11.64 36.77
C LEU A 73 -2.26 -12.39 35.59
N PHE A 74 -3.00 -12.45 34.48
CA PHE A 74 -2.65 -13.30 33.36
C PHE A 74 -2.28 -12.54 32.10
N GLY A 75 -3.15 -11.68 31.61
CA GLY A 75 -2.93 -10.99 30.36
C GLY A 75 -1.88 -9.89 30.42
N MET B 1 14.13 -0.41 31.41
CA MET B 1 12.99 -0.64 30.53
C MET B 1 11.93 -1.47 31.27
N GLN B 2 12.40 -2.32 32.18
CA GLN B 2 11.47 -3.04 33.05
C GLN B 2 10.80 -2.10 34.04
N LEU B 3 11.50 -1.05 34.46
CA LEU B 3 10.96 -0.12 35.44
C LEU B 3 9.77 0.65 34.88
N VAL B 4 9.82 1.00 33.60
CA VAL B 4 8.75 1.77 32.97
C VAL B 4 7.47 0.95 32.92
N LEU B 5 7.56 -0.28 32.42
CA LEU B 5 6.39 -1.15 32.40
C LEU B 5 5.93 -1.55 33.80
N ALA B 6 6.85 -1.69 34.74
CA ALA B 6 6.49 -2.05 36.11
C ALA B 6 5.68 -0.95 36.77
N ALA B 7 6.19 0.28 36.77
CA ALA B 7 5.46 1.40 37.33
C ALA B 7 4.21 1.72 36.52
N LYS B 8 4.23 1.39 35.23
CA LYS B 8 3.04 1.52 34.40
C LYS B 8 1.92 0.63 34.91
N TYR B 9 2.23 -0.64 35.18
CA TYR B 9 1.19 -1.56 35.67
C TYR B 9 0.79 -1.23 37.10
N ILE B 10 1.72 -0.73 37.92
CA ILE B 10 1.36 -0.34 39.28
C ILE B 10 0.41 0.86 39.26
N GLY B 11 0.70 1.85 38.41
CA GLY B 11 -0.19 3.00 38.31
C GLY B 11 -1.54 2.63 37.72
N ALA B 12 -1.56 1.66 36.81
CA ALA B 12 -2.84 1.19 36.29
C ALA B 12 -3.62 0.43 37.35
N GLY B 13 -2.93 -0.23 38.27
CA GLY B 13 -3.62 -0.83 39.40
C GLY B 13 -4.17 0.20 40.35
N ILE B 14 -3.39 1.25 40.62
CA ILE B 14 -3.80 2.33 41.53
C ILE B 14 -5.01 3.06 40.98
N SER B 15 -5.08 3.23 39.67
CA SER B 15 -6.11 4.03 39.05
C SER B 15 -7.41 3.26 38.83
N THR B 16 -7.70 2.25 39.63
CA THR B 16 -9.02 1.63 39.65
C THR B 16 -9.67 1.73 41.02
N ILE B 17 -9.08 2.47 41.96
CA ILE B 17 -9.68 2.65 43.28
C ILE B 17 -10.90 3.53 43.19
N GLY B 18 -10.93 4.44 42.21
CA GLY B 18 -12.01 5.40 42.04
C GLY B 18 -13.36 4.80 41.67
N LEU B 19 -13.41 3.50 41.35
CA LEU B 19 -14.69 2.86 41.09
C LEU B 19 -15.50 2.60 42.36
N LEU B 20 -14.85 2.63 43.54
CA LEU B 20 -15.65 2.56 44.76
C LEU B 20 -16.39 3.86 44.99
N GLY B 21 -15.95 4.95 44.36
CA GLY B 21 -16.69 6.17 44.32
C GLY B 21 -17.81 6.18 43.30
N ALA B 22 -17.98 5.11 42.55
CA ALA B 22 -19.09 5.00 41.61
C ALA B 22 -20.10 3.94 42.00
N GLY B 23 -19.63 2.86 42.64
CA GLY B 23 -20.54 1.85 43.15
C GLY B 23 -21.47 2.40 44.22
N ILE B 24 -20.89 3.11 45.19
CA ILE B 24 -21.67 3.80 46.21
C ILE B 24 -22.51 4.89 45.58
N GLY B 25 -22.04 5.47 44.46
CA GLY B 25 -22.81 6.50 43.80
C GLY B 25 -24.12 5.99 43.22
N ILE B 26 -24.03 4.92 42.42
CA ILE B 26 -25.21 4.28 41.86
C ILE B 26 -26.11 3.76 42.98
N ALA B 27 -25.50 3.31 44.08
CA ALA B 27 -26.25 2.85 45.24
C ALA B 27 -27.12 3.93 45.83
N ILE B 28 -26.53 5.10 46.12
CA ILE B 28 -27.26 6.16 46.79
C ILE B 28 -28.34 6.72 45.87
N VAL B 29 -28.07 6.75 44.56
CA VAL B 29 -29.08 7.24 43.62
C VAL B 29 -30.29 6.31 43.57
N PHE B 30 -30.06 5.00 43.40
CA PHE B 30 -31.22 4.10 43.38
C PHE B 30 -31.85 3.93 44.75
N ALA B 31 -31.09 4.16 45.82
CA ALA B 31 -31.68 4.12 47.16
C ALA B 31 -32.66 5.26 47.36
N ALA B 32 -32.29 6.46 46.92
CA ALA B 32 -33.21 7.58 46.99
C ALA B 32 -34.38 7.38 46.04
N LEU B 33 -34.14 6.73 44.90
CA LEU B 33 -35.23 6.40 43.99
C LEU B 33 -36.26 5.49 44.64
N ILE B 34 -35.79 4.46 45.37
CA ILE B 34 -36.69 3.53 46.04
C ILE B 34 -37.45 4.23 47.17
N ASN B 35 -36.75 5.05 47.97
CA ASN B 35 -37.40 5.74 49.07
C ASN B 35 -38.34 6.83 48.58
N GLY B 36 -38.09 7.36 47.39
CA GLY B 36 -38.98 8.36 46.85
C GLY B 36 -40.21 7.78 46.19
N VAL B 37 -40.07 6.61 45.58
CA VAL B 37 -41.24 5.95 45.00
C VAL B 37 -42.12 5.37 46.09
N SER B 38 -41.51 4.83 47.15
CA SER B 38 -42.27 4.15 48.20
C SER B 38 -43.14 5.12 48.99
N ARG B 39 -42.64 6.32 49.25
CA ARG B 39 -43.40 7.29 50.01
C ARG B 39 -44.33 8.14 49.15
N ASN B 40 -44.31 7.97 47.83
CA ASN B 40 -45.26 8.66 46.96
C ASN B 40 -45.41 7.87 45.67
N PRO B 41 -46.47 7.08 45.53
CA PRO B 41 -46.56 6.15 44.38
C PRO B 41 -46.87 6.81 43.05
N SER B 42 -47.14 8.10 43.01
CA SER B 42 -47.49 8.77 41.76
C SER B 42 -46.37 9.67 41.26
N ILE B 43 -45.15 9.47 41.72
CA ILE B 43 -44.03 10.33 41.35
C ILE B 43 -43.04 9.60 40.44
N LYS B 44 -43.28 8.31 40.17
CA LYS B 44 -42.35 7.46 39.44
C LYS B 44 -42.08 7.97 38.02
N ASP B 45 -43.13 8.36 37.31
CA ASP B 45 -42.98 8.81 35.94
C ASP B 45 -42.43 10.24 35.85
N THR B 46 -42.20 10.90 36.97
CA THR B 46 -41.52 12.18 37.00
C THR B 46 -40.10 12.06 37.54
N VAL B 47 -39.86 11.12 38.45
CA VAL B 47 -38.58 10.97 39.12
C VAL B 47 -37.68 9.98 38.41
N PHE B 48 -38.22 9.17 37.50
CA PHE B 48 -37.40 8.17 36.83
C PHE B 48 -36.39 8.76 35.84
N PRO B 49 -36.70 9.79 35.01
CA PRO B 49 -35.62 10.39 34.21
C PRO B 49 -34.52 11.03 35.04
N MET B 50 -34.85 11.66 36.16
CA MET B 50 -33.82 12.16 37.06
C MET B 50 -33.01 11.03 37.67
N ALA B 51 -33.61 9.85 37.86
CA ALA B 51 -32.88 8.71 38.37
C ALA B 51 -31.86 8.20 37.35
N ILE B 52 -32.27 8.04 36.09
CA ILE B 52 -31.36 7.55 35.06
C ILE B 52 -30.26 8.58 34.78
N LEU B 53 -30.65 9.85 34.75
CA LEU B 53 -29.72 10.96 34.58
C LEU B 53 -28.65 10.97 35.67
N GLY B 54 -29.08 10.91 36.93
CA GLY B 54 -28.14 10.91 38.03
C GLY B 54 -27.28 9.66 38.07
N PHE B 55 -27.85 8.51 37.70
CA PHE B 55 -27.11 7.24 37.61
C PHE B 55 -25.93 7.34 36.66
N ALA B 56 -26.18 7.61 35.38
CA ALA B 56 -25.07 7.55 34.44
C ALA B 56 -24.18 8.78 34.54
N LEU B 57 -24.78 9.92 34.90
CA LEU B 57 -24.03 11.14 35.05
C LEU B 57 -23.26 11.18 36.37
N SER B 58 -23.44 10.16 37.21
CA SER B 58 -22.52 9.93 38.30
C SER B 58 -21.52 8.81 37.97
N GLU B 59 -21.88 7.85 37.17
CA GLU B 59 -20.89 6.85 36.89
C GLU B 59 -19.75 7.47 36.13
N ALA B 60 -20.09 8.32 35.18
CA ALA B 60 -19.06 8.93 34.33
C ALA B 60 -17.77 9.26 35.06
N THR B 61 -17.87 9.65 36.33
CA THR B 61 -16.66 9.98 37.08
C THR B 61 -15.89 8.76 37.56
N GLY B 62 -16.47 7.57 37.46
CA GLY B 62 -15.70 6.36 37.71
C GLY B 62 -15.12 5.86 36.40
N LEU B 63 -15.85 6.12 35.33
CA LEU B 63 -15.37 5.70 34.02
C LEU B 63 -14.21 6.56 33.52
N PHE B 64 -14.11 7.81 33.98
CA PHE B 64 -12.91 8.60 33.72
C PHE B 64 -11.69 7.95 34.32
N CYS B 65 -11.82 7.46 35.56
CA CYS B 65 -10.73 6.78 36.26
C CYS B 65 -10.39 5.47 35.58
N LEU B 66 -11.40 4.77 35.07
CA LEU B 66 -11.12 3.56 34.29
C LEU B 66 -10.43 3.87 32.98
N MET B 67 -10.70 5.02 32.36
CA MET B 67 -9.97 5.37 31.15
C MET B 67 -8.54 5.78 31.42
N VAL B 68 -8.28 6.42 32.56
CA VAL B 68 -6.89 6.64 32.98
C VAL B 68 -6.19 5.29 33.16
N SER B 69 -6.92 4.30 33.70
CA SER B 69 -6.36 2.96 33.85
C SER B 69 -6.09 2.30 32.50
N PHE B 70 -6.96 2.52 31.51
CA PHE B 70 -6.74 1.91 30.20
C PHE B 70 -5.60 2.58 29.44
N LEU B 71 -5.50 3.91 29.54
CA LEU B 71 -4.37 4.59 28.92
C LEU B 71 -3.05 4.24 29.60
N LEU B 72 -3.08 3.86 30.88
CA LEU B 72 -1.87 3.34 31.48
C LEU B 72 -1.58 1.91 30.99
N LEU B 73 -2.58 1.03 31.04
CA LEU B 73 -2.38 -0.39 30.70
C LEU B 73 -1.92 -0.59 29.27
N PHE B 74 -2.58 0.06 28.32
CA PHE B 74 -2.40 -0.27 26.92
C PHE B 74 -1.78 0.86 26.12
N GLY B 75 -1.60 2.03 26.71
CA GLY B 75 -0.97 3.14 26.02
C GLY B 75 0.30 3.62 26.69
N GLN C 2 15.84 6.69 33.20
CA GLN C 2 14.62 7.49 33.13
C GLN C 2 13.61 7.07 34.20
N LEU C 3 14.01 7.31 35.45
CA LEU C 3 13.14 7.06 36.60
C LEU C 3 11.93 7.97 36.58
N VAL C 4 12.09 9.19 36.06
CA VAL C 4 11.00 10.16 36.06
C VAL C 4 9.90 9.75 35.09
N LEU C 5 10.28 9.15 33.96
CA LEU C 5 9.29 8.69 32.99
C LEU C 5 8.43 7.56 33.53
N ALA C 6 8.98 6.76 34.44
CA ALA C 6 8.18 5.74 35.09
C ALA C 6 7.42 6.28 36.30
N ALA C 7 8.00 7.22 37.02
CA ALA C 7 7.36 7.75 38.21
C ALA C 7 6.28 8.76 37.92
N LYS C 8 6.21 9.30 36.71
CA LYS C 8 5.04 10.10 36.38
C LYS C 8 3.79 9.24 36.20
N TYR C 9 3.95 7.96 35.88
CA TYR C 9 2.79 7.10 35.72
C TYR C 9 2.19 6.73 37.07
N ILE C 10 3.02 6.55 38.09
CA ILE C 10 2.53 6.35 39.46
C ILE C 10 1.77 7.58 39.92
N GLY C 11 2.26 8.76 39.59
CA GLY C 11 1.57 9.98 39.96
C GLY C 11 0.26 10.14 39.23
N ALA C 12 0.22 9.75 37.95
CA ALA C 12 -1.03 9.81 37.19
C ALA C 12 -2.03 8.78 37.68
N GLY C 13 -1.55 7.68 38.27
CA GLY C 13 -2.45 6.73 38.87
C GLY C 13 -2.99 7.19 40.20
N ILE C 14 -2.12 7.76 41.05
CA ILE C 14 -2.54 8.18 42.38
C ILE C 14 -3.43 9.41 42.30
N SER C 15 -3.17 10.29 41.34
CA SER C 15 -3.96 11.51 41.22
C SER C 15 -5.35 11.27 40.64
N THR C 16 -5.72 10.04 40.32
CA THR C 16 -7.04 9.76 39.79
C THR C 16 -7.98 9.29 40.90
N ILE C 17 -7.48 9.17 42.13
CA ILE C 17 -8.28 8.69 43.25
C ILE C 17 -9.32 9.73 43.66
N GLY C 18 -9.08 11.00 43.34
CA GLY C 18 -9.97 12.07 43.81
C GLY C 18 -11.35 12.07 43.19
N LEU C 19 -11.58 11.24 42.17
CA LEU C 19 -12.91 11.10 41.58
C LEU C 19 -13.86 10.31 42.46
N LEU C 20 -13.31 9.60 43.45
CA LEU C 20 -14.07 8.94 44.49
C LEU C 20 -15.03 9.90 45.16
N GLY C 21 -14.56 11.11 45.47
CA GLY C 21 -15.43 12.11 46.04
C GLY C 21 -16.46 12.63 45.07
N ALA C 22 -16.11 12.73 43.79
CA ALA C 22 -16.99 13.30 42.79
C ALA C 22 -18.21 12.42 42.52
N GLY C 23 -17.99 11.11 42.44
CA GLY C 23 -19.11 10.21 42.18
C GLY C 23 -20.10 10.15 43.34
N ILE C 24 -19.57 10.05 44.56
CA ILE C 24 -20.40 10.10 45.77
C ILE C 24 -21.10 11.45 45.86
N GLY C 25 -20.43 12.50 45.36
CA GLY C 25 -21.01 13.82 45.44
C GLY C 25 -22.21 14.01 44.53
N ILE C 26 -22.07 13.61 43.27
CA ILE C 26 -23.19 13.67 42.33
C ILE C 26 -24.34 12.79 42.80
N ALA C 27 -24.00 11.66 43.45
CA ALA C 27 -25.03 10.81 44.04
C ALA C 27 -25.80 11.50 45.15
N ILE C 28 -25.11 12.18 46.06
CA ILE C 28 -25.77 12.83 47.19
C ILE C 28 -26.64 13.98 46.69
N VAL C 29 -26.17 14.70 45.67
CA VAL C 29 -26.96 15.80 45.10
C VAL C 29 -28.24 15.29 44.46
N PHE C 30 -28.14 14.31 43.57
CA PHE C 30 -29.37 13.82 42.95
C PHE C 30 -30.22 13.01 43.91
N ALA C 31 -29.64 12.48 44.98
CA ALA C 31 -30.42 11.82 46.01
C ALA C 31 -31.29 12.81 46.76
N ALA C 32 -30.71 13.96 47.12
CA ALA C 32 -31.50 14.99 47.77
C ALA C 32 -32.53 15.57 46.82
N LEU C 33 -32.21 15.65 45.52
CA LEU C 33 -33.17 16.12 44.54
C LEU C 33 -34.37 15.20 44.43
N ILE C 34 -34.13 13.89 44.42
CA ILE C 34 -35.19 12.90 44.35
C ILE C 34 -36.07 12.96 45.60
N ASN C 35 -35.43 13.07 46.77
CA ASN C 35 -36.20 13.18 48.01
C ASN C 35 -37.01 14.46 48.07
N GLY C 36 -36.46 15.55 47.54
CA GLY C 36 -37.17 16.82 47.57
C GLY C 36 -38.33 16.87 46.62
N VAL C 37 -38.21 16.22 45.46
CA VAL C 37 -39.34 16.13 44.54
C VAL C 37 -40.41 15.20 45.11
N SER C 38 -39.97 14.10 45.75
CA SER C 38 -40.94 13.12 46.24
C SER C 38 -41.70 13.63 47.46
N ARG C 39 -41.08 14.49 48.27
CA ARG C 39 -41.83 15.08 49.39
C ARG C 39 -42.75 16.18 48.90
N ASN C 40 -42.22 17.11 48.10
CA ASN C 40 -42.98 18.24 47.57
C ASN C 40 -43.01 18.10 46.06
N PRO C 41 -44.14 17.67 45.49
CA PRO C 41 -44.18 17.43 44.04
C PRO C 41 -44.16 18.70 43.19
N SER C 42 -44.40 19.86 43.78
CA SER C 42 -44.46 21.11 43.02
C SER C 42 -43.21 21.97 43.20
N ILE C 43 -42.04 21.35 43.29
CA ILE C 43 -40.80 22.07 43.53
C ILE C 43 -39.74 21.76 42.47
N LYS C 44 -40.05 20.87 41.52
CA LYS C 44 -39.09 20.37 40.54
C LYS C 44 -38.54 21.50 39.66
N ASP C 45 -39.43 22.28 39.06
CA ASP C 45 -38.99 23.38 38.21
C ASP C 45 -38.42 24.54 39.00
N THR C 46 -38.62 24.56 40.31
CA THR C 46 -38.05 25.61 41.15
C THR C 46 -36.62 25.28 41.56
N VAL C 47 -36.35 24.03 41.90
CA VAL C 47 -35.09 23.66 42.55
C VAL C 47 -34.17 22.84 41.64
N PHE C 48 -34.67 22.38 40.49
CA PHE C 48 -33.83 21.64 39.54
C PHE C 48 -32.60 22.38 39.01
N PRO C 49 -32.63 23.70 38.70
CA PRO C 49 -31.37 24.37 38.34
C PRO C 49 -30.37 24.43 39.47
N MET C 50 -30.81 24.42 40.73
CA MET C 50 -29.87 24.32 41.84
C MET C 50 -29.16 22.97 41.82
N ALA C 51 -29.88 21.91 41.43
CA ALA C 51 -29.28 20.59 41.35
C ALA C 51 -28.27 20.52 40.22
N ILE C 52 -28.60 21.12 39.07
CA ILE C 52 -27.67 21.11 37.94
C ILE C 52 -26.45 21.97 38.25
N LEU C 53 -26.64 23.07 38.96
CA LEU C 53 -25.53 23.90 39.43
C LEU C 53 -24.60 23.13 40.36
N GLY C 54 -25.18 22.48 41.39
CA GLY C 54 -24.36 21.74 42.33
C GLY C 54 -23.63 20.57 41.70
N PHE C 55 -24.27 19.91 40.73
CA PHE C 55 -23.58 18.89 39.95
C PHE C 55 -22.41 19.46 39.16
N ALA C 56 -22.60 20.62 38.52
CA ALA C 56 -21.54 21.20 37.72
C ALA C 56 -20.34 21.59 38.59
N LEU C 57 -20.61 22.14 39.77
CA LEU C 57 -19.55 22.49 40.69
C LEU C 57 -18.82 21.27 41.22
N SER C 58 -19.58 20.22 41.58
CA SER C 58 -18.95 19.01 42.11
C SER C 58 -18.18 18.26 41.04
N GLU C 59 -18.66 18.24 39.82
CA GLU C 59 -17.83 17.58 38.88
C GLU C 59 -16.56 18.39 38.68
N ALA C 60 -16.65 19.71 38.47
CA ALA C 60 -15.41 20.45 38.22
C ALA C 60 -14.41 20.25 39.36
N THR C 61 -14.89 20.18 40.59
CA THR C 61 -14.00 19.91 41.71
C THR C 61 -13.72 18.43 41.90
N GLY C 62 -14.20 17.58 41.02
CA GLY C 62 -13.62 16.27 40.86
C GLY C 62 -12.66 16.28 39.68
N LEU C 63 -12.92 17.18 38.75
CA LEU C 63 -12.20 17.27 37.48
C LEU C 63 -10.80 17.84 37.64
N PHE C 64 -10.57 18.61 38.71
CA PHE C 64 -9.22 19.06 39.07
C PHE C 64 -8.22 17.91 39.12
N CYS C 65 -8.63 16.79 39.72
CA CYS C 65 -7.77 15.62 39.81
C CYS C 65 -7.50 15.02 38.43
N LEU C 66 -8.49 15.05 37.54
CA LEU C 66 -8.31 14.49 36.21
C LEU C 66 -7.38 15.37 35.37
N MET C 67 -7.47 16.69 35.53
CA MET C 67 -6.58 17.55 34.74
C MET C 67 -5.15 17.51 35.29
N VAL C 68 -4.99 17.30 36.61
CA VAL C 68 -3.65 17.09 37.15
C VAL C 68 -3.08 15.76 36.66
N SER C 69 -3.93 14.74 36.54
CA SER C 69 -3.49 13.46 36.00
C SER C 69 -3.10 13.59 34.53
N PHE C 70 -3.82 14.39 33.76
CA PHE C 70 -3.45 14.60 32.36
C PHE C 70 -2.18 15.42 32.22
N LEU C 71 -1.95 16.38 33.13
CA LEU C 71 -0.68 17.11 33.10
C LEU C 71 0.49 16.23 33.49
N LEU C 72 0.27 15.29 34.42
CA LEU C 72 1.35 14.38 34.77
C LEU C 72 1.61 13.35 33.68
N LEU C 73 0.56 12.97 32.95
CA LEU C 73 0.73 11.88 32.00
C LEU C 73 1.16 12.41 30.63
N PHE C 74 0.88 13.68 30.34
CA PHE C 74 1.19 14.26 29.05
C PHE C 74 2.16 15.43 29.09
N GLY C 75 2.46 15.97 30.27
CA GLY C 75 3.36 17.11 30.35
C GLY C 75 4.66 16.79 31.08
N MET D 1 19.52 15.21 39.21
CA MET D 1 18.41 15.40 40.12
C MET D 1 17.20 14.58 39.69
N GLN D 2 17.43 13.34 39.25
CA GLN D 2 16.35 12.51 38.75
C GLN D 2 15.43 12.05 39.88
N LEU D 3 16.00 11.78 41.06
CA LEU D 3 15.21 11.34 42.20
C LEU D 3 14.28 12.45 42.69
N VAL D 4 14.80 13.67 42.82
CA VAL D 4 13.97 14.78 43.27
C VAL D 4 12.94 15.16 42.21
N LEU D 5 13.31 15.08 40.93
CA LEU D 5 12.38 15.38 39.85
C LEU D 5 11.27 14.33 39.76
N ALA D 6 11.57 13.08 40.11
CA ALA D 6 10.52 12.07 40.19
C ALA D 6 9.64 12.28 41.41
N ALA D 7 10.24 12.69 42.53
CA ALA D 7 9.47 12.91 43.74
C ALA D 7 8.55 14.12 43.62
N LYS D 8 8.91 15.07 42.76
CA LYS D 8 7.99 16.14 42.37
C LYS D 8 6.68 15.58 41.85
N TYR D 9 6.76 14.64 40.91
CA TYR D 9 5.56 14.13 40.27
C TYR D 9 4.80 13.18 41.19
N ILE D 10 5.53 12.40 42.00
CA ILE D 10 4.88 11.53 42.98
C ILE D 10 4.13 12.36 44.03
N GLY D 11 4.78 13.42 44.53
CA GLY D 11 4.11 14.27 45.50
C GLY D 11 2.95 15.04 44.92
N ALA D 12 3.05 15.42 43.64
CA ALA D 12 1.93 16.08 42.98
C ALA D 12 0.77 15.12 42.78
N GLY D 13 1.06 13.83 42.59
CA GLY D 13 -0.01 12.85 42.53
C GLY D 13 -0.67 12.62 43.87
N ILE D 14 0.13 12.46 44.93
CA ILE D 14 -0.42 12.15 46.25
C ILE D 14 -1.07 13.39 46.87
N SER D 15 -0.75 14.58 46.36
CA SER D 15 -1.29 15.81 46.93
C SER D 15 -2.80 15.90 46.74
N THR D 16 -3.29 15.59 45.57
CA THR D 16 -4.72 15.80 45.31
C THR D 16 -5.63 14.71 45.87
N ILE D 17 -5.18 13.81 46.76
CA ILE D 17 -6.09 12.84 47.36
C ILE D 17 -7.13 13.55 48.22
N GLY D 18 -6.69 14.54 49.00
CA GLY D 18 -7.58 15.28 49.88
C GLY D 18 -8.55 16.19 49.17
N LEU D 19 -8.44 16.32 47.84
CA LEU D 19 -9.32 17.19 47.08
C LEU D 19 -10.70 16.57 46.89
N LEU D 20 -10.88 15.28 47.19
CA LEU D 20 -12.19 14.67 47.12
C LEU D 20 -13.11 15.16 48.22
N GLY D 21 -12.54 15.71 49.29
CA GLY D 21 -13.36 16.25 50.36
C GLY D 21 -14.18 17.44 49.93
N ALA D 22 -13.63 18.26 49.02
CA ALA D 22 -14.39 19.37 48.47
C ALA D 22 -15.53 18.86 47.58
N GLY D 23 -15.27 17.78 46.84
CA GLY D 23 -16.31 17.22 45.99
C GLY D 23 -17.45 16.63 46.79
N ILE D 24 -17.14 16.04 47.94
CA ILE D 24 -18.22 15.59 48.83
C ILE D 24 -18.88 16.80 49.49
N GLY D 25 -18.09 17.84 49.76
CA GLY D 25 -18.58 18.92 50.60
C GLY D 25 -19.57 19.84 49.91
N ILE D 26 -19.26 20.22 48.67
CA ILE D 26 -20.18 20.97 47.83
C ILE D 26 -21.50 20.22 47.70
N ALA D 27 -21.42 18.90 47.60
CA ALA D 27 -22.61 18.07 47.49
C ALA D 27 -23.43 18.06 48.75
N ILE D 28 -22.78 17.99 49.92
CA ILE D 28 -23.54 17.98 51.17
C ILE D 28 -24.23 19.33 51.38
N VAL D 29 -23.54 20.42 51.01
CA VAL D 29 -24.12 21.76 51.12
C VAL D 29 -25.34 21.89 50.21
N PHE D 30 -25.20 21.55 48.94
CA PHE D 30 -26.34 21.66 48.04
C PHE D 30 -27.41 20.61 48.33
N ALA D 31 -27.04 19.50 48.96
CA ALA D 31 -28.01 18.49 49.33
C ALA D 31 -28.94 19.02 50.41
N ALA D 32 -28.36 19.67 51.42
CA ALA D 32 -29.18 20.31 52.42
C ALA D 32 -29.92 21.51 51.86
N LEU D 33 -29.38 22.16 50.83
CA LEU D 33 -30.08 23.26 50.18
C LEU D 33 -31.38 22.79 49.51
N ILE D 34 -31.28 21.73 48.69
CA ILE D 34 -32.48 21.15 48.08
C ILE D 34 -33.44 20.62 49.15
N ASN D 35 -32.90 19.99 50.20
CA ASN D 35 -33.74 19.41 51.23
C ASN D 35 -34.44 20.49 52.05
N GLY D 36 -33.84 21.68 52.14
CA GLY D 36 -34.45 22.75 52.91
C GLY D 36 -35.48 23.52 52.09
N VAL D 37 -35.17 23.76 50.81
CA VAL D 37 -36.13 24.44 49.95
C VAL D 37 -37.33 23.55 49.66
N SER D 38 -37.14 22.22 49.74
CA SER D 38 -38.24 21.28 49.53
C SER D 38 -39.30 21.38 50.62
N ARG D 39 -38.89 21.67 51.84
CA ARG D 39 -39.87 21.90 52.90
C ARG D 39 -40.52 23.27 52.76
N ASN D 40 -39.72 24.32 52.76
CA ASN D 40 -40.23 25.68 52.67
C ASN D 40 -39.84 26.27 51.32
N PRO D 41 -40.79 26.51 50.42
CA PRO D 41 -40.46 27.21 49.18
C PRO D 41 -40.14 28.67 49.37
N SER D 42 -40.52 29.27 50.49
CA SER D 42 -40.42 30.71 50.70
C SER D 42 -39.18 31.12 51.47
N ILE D 43 -38.20 30.22 51.62
CA ILE D 43 -36.99 30.53 52.37
C ILE D 43 -35.78 30.63 51.44
N LYS D 44 -36.02 30.65 50.12
CA LYS D 44 -34.95 30.56 49.12
C LYS D 44 -34.00 31.74 49.18
N ASP D 45 -34.54 32.95 49.29
CA ASP D 45 -33.73 34.15 49.14
C ASP D 45 -32.83 34.39 50.34
N THR D 46 -33.11 33.77 51.48
CA THR D 46 -32.20 33.82 52.62
C THR D 46 -31.15 32.74 52.53
N VAL D 47 -31.57 31.52 52.19
CA VAL D 47 -30.73 30.34 52.32
C VAL D 47 -29.76 30.18 51.16
N PHE D 48 -30.19 30.52 49.95
CA PHE D 48 -29.35 30.34 48.77
C PHE D 48 -28.05 31.15 48.75
N PRO D 49 -27.99 32.45 49.15
CA PRO D 49 -26.66 33.07 49.27
C PRO D 49 -25.84 32.50 50.41
N MET D 50 -26.50 32.06 51.48
CA MET D 50 -25.81 31.31 52.54
C MET D 50 -25.28 29.98 52.01
N ALA D 51 -26.00 29.38 51.08
CA ALA D 51 -25.55 28.13 50.46
C ALA D 51 -24.31 28.36 49.60
N ILE D 52 -24.29 29.44 48.81
CA ILE D 52 -23.11 29.70 47.99
C ILE D 52 -21.93 30.16 48.88
N LEU D 53 -22.24 30.78 50.02
CA LEU D 53 -21.22 31.11 51.02
C LEU D 53 -20.55 29.85 51.55
N GLY D 54 -21.37 28.88 51.98
CA GLY D 54 -20.82 27.60 52.43
C GLY D 54 -20.09 26.85 51.33
N PHE D 55 -20.57 26.98 50.09
CA PHE D 55 -19.91 26.43 48.93
C PHE D 55 -18.49 26.94 48.77
N ALA D 56 -18.31 28.27 48.78
CA ALA D 56 -16.97 28.83 48.60
C ALA D 56 -16.09 28.55 49.81
N LEU D 57 -16.67 28.58 51.01
CA LEU D 57 -15.89 28.35 52.22
C LEU D 57 -15.41 26.91 52.34
N SER D 58 -16.18 25.96 51.80
CA SER D 58 -15.70 24.58 51.72
C SER D 58 -14.82 24.37 50.51
N GLU D 59 -14.98 25.20 49.49
CA GLU D 59 -14.17 25.12 48.28
C GLU D 59 -12.73 25.54 48.55
N ALA D 60 -12.54 26.44 49.52
CA ALA D 60 -11.21 26.98 49.82
C ALA D 60 -10.21 25.89 50.22
N THR D 61 -10.69 24.83 50.89
CA THR D 61 -9.81 23.74 51.29
C THR D 61 -9.28 22.98 50.08
N GLY D 62 -10.18 22.61 49.16
CA GLY D 62 -9.76 21.92 47.96
C GLY D 62 -8.89 22.78 47.06
N LEU D 63 -9.13 24.10 47.06
CA LEU D 63 -8.29 24.98 46.28
C LEU D 63 -6.90 25.12 46.90
N PHE D 64 -6.81 25.13 48.23
CA PHE D 64 -5.49 25.15 48.87
C PHE D 64 -4.75 23.84 48.62
N CYS D 65 -5.49 22.74 48.55
CA CYS D 65 -4.89 21.44 48.27
C CYS D 65 -4.34 21.40 46.85
N LEU D 66 -5.11 21.89 45.89
CA LEU D 66 -4.66 21.97 44.52
C LEU D 66 -3.51 22.97 44.37
N MET D 67 -3.49 24.01 45.21
CA MET D 67 -2.40 24.97 45.21
C MET D 67 -1.09 24.33 45.66
N VAL D 68 -1.14 23.50 46.70
CA VAL D 68 0.06 22.78 47.15
C VAL D 68 0.49 21.78 46.08
N SER D 69 -0.47 21.20 45.36
CA SER D 69 -0.14 20.33 44.23
C SER D 69 0.59 21.09 43.12
N PHE D 70 0.14 22.29 42.78
CA PHE D 70 0.85 23.07 41.76
C PHE D 70 2.18 23.61 42.26
N LEU D 71 2.31 23.88 43.57
CA LEU D 71 3.61 24.29 44.10
C LEU D 71 4.60 23.15 44.04
N LEU D 72 4.16 21.93 44.31
CA LEU D 72 5.06 20.79 44.20
C LEU D 72 5.34 20.42 42.76
N LEU D 73 4.44 20.76 41.84
CA LEU D 73 4.67 20.38 40.45
C LEU D 73 5.46 21.44 39.69
N PHE D 74 5.37 22.70 40.10
CA PHE D 74 6.00 23.80 39.38
C PHE D 74 7.06 24.53 40.19
N GLY D 75 7.69 23.88 41.16
CA GLY D 75 8.72 24.53 41.94
C GLY D 75 9.00 23.88 43.29
N MET E 1 21.71 16.92 49.92
CA MET E 1 21.43 15.55 49.52
C MET E 1 20.06 15.42 48.89
N GLN E 2 19.89 14.44 48.01
CA GLN E 2 18.64 14.26 47.31
C GLN E 2 17.66 13.37 48.06
N LEU E 3 18.16 12.53 48.97
CA LEU E 3 17.32 11.53 49.62
C LEU E 3 16.36 12.17 50.62
N VAL E 4 16.76 13.25 51.27
CA VAL E 4 15.86 13.95 52.17
C VAL E 4 15.10 15.05 51.42
N LEU E 5 15.70 15.62 50.37
CA LEU E 5 15.03 16.62 49.56
C LEU E 5 13.85 16.02 48.78
N ALA E 6 13.95 14.74 48.43
CA ALA E 6 12.79 14.03 47.90
C ALA E 6 11.72 13.84 48.97
N ALA E 7 12.16 13.48 50.19
CA ALA E 7 11.23 13.11 51.25
C ALA E 7 10.44 14.32 51.76
N LYS E 8 11.05 15.51 51.67
CA LYS E 8 10.34 16.76 51.96
C LYS E 8 9.11 16.91 51.06
N TYR E 9 9.30 16.72 49.76
CA TYR E 9 8.23 16.91 48.80
C TYR E 9 7.19 15.81 48.91
N ILE E 10 7.63 14.58 49.19
CA ILE E 10 6.69 13.48 49.34
C ILE E 10 5.87 13.65 50.61
N GLY E 11 6.48 14.11 51.70
CA GLY E 11 5.73 14.35 52.91
C GLY E 11 4.76 15.51 52.79
N ALA E 12 5.13 16.53 52.02
CA ALA E 12 4.19 17.61 51.72
C ALA E 12 3.04 17.12 50.86
N GLY E 13 3.32 16.17 49.96
CA GLY E 13 2.24 15.58 49.18
C GLY E 13 1.31 14.73 50.03
N ILE E 14 1.87 14.07 51.05
CA ILE E 14 1.05 13.29 51.99
C ILE E 14 0.15 14.21 52.79
N SER E 15 0.71 15.30 53.32
CA SER E 15 0.02 16.03 54.38
C SER E 15 -1.17 16.86 53.92
N THR E 16 -1.48 16.87 52.62
CA THR E 16 -2.70 17.53 52.17
C THR E 16 -3.90 16.61 52.17
N ILE E 17 -3.74 15.34 52.55
CA ILE E 17 -4.87 14.43 52.57
C ILE E 17 -5.82 14.77 53.71
N GLY E 18 -5.31 15.32 54.81
CA GLY E 18 -6.14 15.70 55.93
C GLY E 18 -7.08 16.87 55.66
N LEU E 19 -6.90 17.55 54.52
CA LEU E 19 -7.76 18.68 54.16
C LEU E 19 -9.18 18.25 53.83
N LEU E 20 -9.38 16.97 53.49
CA LEU E 20 -10.72 16.48 53.21
C LEU E 20 -11.60 16.51 54.46
N GLY E 21 -10.98 16.40 55.63
CA GLY E 21 -11.67 16.56 56.89
C GLY E 21 -12.34 17.91 57.01
N ALA E 22 -11.59 18.99 56.73
CA ALA E 22 -12.19 20.31 56.75
C ALA E 22 -13.19 20.50 55.61
N GLY E 23 -12.88 19.92 54.45
CA GLY E 23 -13.74 20.08 53.29
C GLY E 23 -15.09 19.42 53.46
N ILE E 24 -15.17 18.38 54.28
CA ILE E 24 -16.46 17.80 54.60
C ILE E 24 -17.04 18.46 55.86
N GLY E 25 -16.18 18.97 56.75
CA GLY E 25 -16.67 19.52 58.00
C GLY E 25 -17.42 20.82 57.84
N ILE E 26 -16.89 21.71 56.98
CA ILE E 26 -17.60 22.94 56.64
C ILE E 26 -18.96 22.63 56.02
N ALA E 27 -19.02 21.52 55.28
CA ALA E 27 -20.27 21.11 54.66
C ALA E 27 -21.29 20.64 55.68
N ILE E 28 -20.88 19.81 56.65
CA ILE E 28 -21.83 19.36 57.66
C ILE E 28 -22.33 20.53 58.49
N VAL E 29 -21.43 21.49 58.81
CA VAL E 29 -21.81 22.66 59.59
C VAL E 29 -22.84 23.51 58.85
N PHE E 30 -22.52 23.91 57.61
CA PHE E 30 -23.49 24.70 56.86
C PHE E 30 -24.71 23.90 56.43
N ALA E 31 -24.62 22.57 56.38
CA ALA E 31 -25.77 21.76 56.07
C ALA E 31 -26.79 21.79 57.19
N ALA E 32 -26.31 21.65 58.42
CA ALA E 32 -27.22 21.76 59.57
C ALA E 32 -27.71 23.18 59.74
N LEU E 33 -26.88 24.17 59.37
CA LEU E 33 -27.30 25.56 59.38
C LEU E 33 -28.47 25.79 58.43
N ILE E 34 -28.36 25.27 57.21
CA ILE E 34 -29.41 25.40 56.21
C ILE E 34 -30.68 24.66 56.65
N ASN E 35 -30.51 23.47 57.23
CA ASN E 35 -31.66 22.72 57.75
C ASN E 35 -32.35 23.46 58.87
N GLY E 36 -31.58 24.13 59.73
CA GLY E 36 -32.18 24.85 60.83
C GLY E 36 -32.88 26.12 60.39
N VAL E 37 -32.29 26.85 59.44
CA VAL E 37 -32.91 28.08 58.96
C VAL E 37 -34.17 27.76 58.17
N SER E 38 -34.12 26.71 57.35
CA SER E 38 -35.30 26.30 56.60
C SER E 38 -36.36 25.68 57.50
N ARG E 39 -35.97 25.09 58.62
CA ARG E 39 -36.95 24.55 59.56
C ARG E 39 -37.59 25.66 60.37
N ASN E 40 -36.77 26.55 60.93
CA ASN E 40 -37.25 27.66 61.75
C ASN E 40 -36.56 28.93 61.26
N PRO E 41 -37.28 29.84 60.61
CA PRO E 41 -36.63 31.03 60.03
C PRO E 41 -36.19 32.05 61.07
N SER E 42 -37.04 32.28 62.07
CA SER E 42 -36.85 33.38 63.02
C SER E 42 -35.76 33.11 64.05
N ILE E 43 -35.13 31.94 64.04
CA ILE E 43 -34.06 31.62 64.97
C ILE E 43 -32.69 31.88 64.34
N LYS E 44 -32.67 32.52 63.17
CA LYS E 44 -31.45 32.67 62.36
C LYS E 44 -30.39 33.51 63.06
N ASP E 45 -30.81 34.59 63.72
CA ASP E 45 -29.87 35.52 64.34
C ASP E 45 -29.14 34.87 65.52
N THR E 46 -29.79 33.91 66.17
CA THR E 46 -29.13 33.15 67.22
C THR E 46 -28.30 32.01 66.66
N VAL E 47 -28.80 31.34 65.62
CA VAL E 47 -28.18 30.12 65.13
C VAL E 47 -26.90 30.41 64.33
N PHE E 48 -26.94 31.41 63.45
CA PHE E 48 -25.83 31.73 62.55
C PHE E 48 -24.46 31.98 63.21
N PRO E 49 -24.32 32.67 64.36
CA PRO E 49 -22.97 32.77 64.96
C PRO E 49 -22.41 31.45 65.44
N MET E 50 -23.27 30.50 65.82
CA MET E 50 -22.77 29.18 66.21
C MET E 50 -22.19 28.45 65.01
N ALA E 51 -22.82 28.61 63.84
CA ALA E 51 -22.28 28.02 62.63
C ALA E 51 -20.97 28.67 62.23
N ILE E 52 -20.84 29.99 62.42
CA ILE E 52 -19.57 30.66 62.14
C ILE E 52 -18.50 30.20 63.12
N LEU E 53 -18.88 29.96 64.38
CA LEU E 53 -17.96 29.46 65.40
C LEU E 53 -17.45 28.07 65.06
N GLY E 54 -18.36 27.20 64.56
CA GLY E 54 -17.94 25.87 64.17
C GLY E 54 -17.05 25.88 62.94
N PHE E 55 -17.42 26.71 61.95
CA PHE E 55 -16.61 26.87 60.75
C PHE E 55 -15.21 27.37 61.06
N ALA E 56 -15.09 28.28 62.04
CA ALA E 56 -13.81 28.90 62.36
C ALA E 56 -12.79 27.86 62.79
N LEU E 57 -13.14 27.03 63.75
CA LEU E 57 -12.14 26.09 64.22
C LEU E 57 -12.09 24.84 63.37
N SER E 58 -13.12 24.53 62.57
CA SER E 58 -12.98 23.45 61.59
C SER E 58 -12.00 23.84 60.47
N GLU E 59 -12.13 25.07 59.97
CA GLU E 59 -11.15 25.59 59.02
C GLU E 59 -9.78 25.74 59.66
N ALA E 60 -9.73 25.99 60.98
CA ALA E 60 -8.44 26.01 61.67
C ALA E 60 -7.82 24.63 61.74
N THR E 61 -8.63 23.57 61.85
CA THR E 61 -8.08 22.23 61.75
C THR E 61 -7.59 21.94 60.34
N GLY E 62 -8.28 22.49 59.34
CA GLY E 62 -7.76 22.42 57.98
C GLY E 62 -6.41 23.12 57.83
N LEU E 63 -6.27 24.27 58.50
CA LEU E 63 -4.99 24.97 58.47
C LEU E 63 -3.93 24.22 59.28
N PHE E 64 -4.35 23.49 60.30
CA PHE E 64 -3.42 22.61 61.03
C PHE E 64 -2.94 21.48 60.14
N CYS E 65 -3.81 20.99 59.26
CA CYS E 65 -3.37 20.01 58.25
C CYS E 65 -2.39 20.64 57.29
N LEU E 66 -2.65 21.88 56.89
CA LEU E 66 -1.89 22.49 55.82
C LEU E 66 -0.54 23.03 56.29
N MET E 67 -0.43 23.36 57.57
CA MET E 67 0.79 23.98 58.07
C MET E 67 1.94 22.99 58.17
N VAL E 68 1.64 21.69 58.33
CA VAL E 68 2.72 20.70 58.35
C VAL E 68 3.26 20.52 56.94
N SER E 69 2.40 20.66 55.93
CA SER E 69 2.84 20.65 54.55
C SER E 69 3.71 21.85 54.24
N PHE E 70 3.34 23.03 54.77
CA PHE E 70 4.20 24.20 54.60
C PHE E 70 5.52 24.06 55.35
N LEU E 71 5.49 23.40 56.52
CA LEU E 71 6.71 23.26 57.32
C LEU E 71 7.68 22.30 56.66
N LEU E 72 7.16 21.20 56.09
CA LEU E 72 8.02 20.23 55.44
C LEU E 72 8.33 20.59 54.00
N LEU E 73 7.66 21.57 53.42
CA LEU E 73 7.93 21.86 52.03
C LEU E 73 9.11 22.81 51.89
N PHE E 74 9.37 23.63 52.91
CA PHE E 74 10.42 24.64 52.86
C PHE E 74 11.47 24.49 53.94
N GLY E 75 11.56 23.33 54.58
CA GLY E 75 12.59 23.11 55.57
C GLY E 75 12.09 22.91 56.99
N GLN F 2 21.85 8.86 56.62
CA GLN F 2 21.08 10.08 56.38
C GLN F 2 19.65 9.76 55.95
N LEU F 3 19.31 8.47 55.97
CA LEU F 3 18.01 8.03 55.51
C LEU F 3 16.96 8.08 56.62
N VAL F 4 17.38 8.07 57.89
CA VAL F 4 16.45 8.31 59.00
C VAL F 4 15.92 9.74 58.92
N LEU F 5 16.73 10.69 58.44
CA LEU F 5 16.25 12.05 58.25
C LEU F 5 15.17 12.13 57.17
N ALA F 6 15.23 11.24 56.17
CA ALA F 6 14.21 11.19 55.13
C ALA F 6 12.93 10.52 55.62
N ALA F 7 13.05 9.31 56.17
CA ALA F 7 11.89 8.55 56.58
C ALA F 7 11.21 9.17 57.80
N LYS F 8 11.98 9.92 58.60
CA LYS F 8 11.44 10.69 59.71
C LYS F 8 10.44 11.73 59.19
N TYR F 9 10.83 12.47 58.16
CA TYR F 9 9.95 13.50 57.61
C TYR F 9 8.79 12.87 56.85
N ILE F 10 9.01 11.70 56.25
CA ILE F 10 7.91 10.96 55.61
C ILE F 10 6.86 10.58 56.64
N GLY F 11 7.28 9.95 57.75
CA GLY F 11 6.32 9.53 58.76
C GLY F 11 5.66 10.68 59.48
N ALA F 12 6.38 11.80 59.61
CA ALA F 12 5.79 13.01 60.15
C ALA F 12 4.74 13.56 59.20
N GLY F 13 4.94 13.40 57.90
CA GLY F 13 3.88 13.72 56.96
C GLY F 13 2.70 12.77 57.07
N ILE F 14 2.97 11.48 57.30
CA ILE F 14 1.92 10.47 57.41
C ILE F 14 1.03 10.75 58.62
N SER F 15 1.62 11.26 59.70
CA SER F 15 0.88 11.44 60.95
C SER F 15 -0.18 12.54 60.90
N THR F 16 -0.30 13.28 59.81
CA THR F 16 -1.30 14.34 59.72
C THR F 16 -2.65 13.84 59.21
N ILE F 17 -2.76 12.56 58.84
CA ILE F 17 -3.98 12.06 58.22
C ILE F 17 -5.10 11.96 59.25
N GLY F 18 -4.75 11.67 60.50
CA GLY F 18 -5.74 11.50 61.56
C GLY F 18 -6.48 12.76 61.96
N LEU F 19 -6.06 13.93 61.46
CA LEU F 19 -6.76 15.17 61.73
C LEU F 19 -8.13 15.25 61.07
N LEU F 20 -8.38 14.42 60.04
CA LEU F 20 -9.67 14.47 59.36
C LEU F 20 -10.78 13.98 60.28
N GLY F 21 -10.45 13.10 61.22
CA GLY F 21 -11.42 12.67 62.20
C GLY F 21 -11.90 13.80 63.08
N ALA F 22 -10.96 14.63 63.53
CA ALA F 22 -11.35 15.79 64.33
C ALA F 22 -12.06 16.84 63.47
N GLY F 23 -11.62 16.99 62.22
CA GLY F 23 -12.24 17.97 61.34
C GLY F 23 -13.68 17.63 61.00
N ILE F 24 -14.00 16.35 60.93
CA ILE F 24 -15.38 15.96 60.75
C ILE F 24 -16.12 15.97 62.09
N GLY F 25 -15.40 15.68 63.19
CA GLY F 25 -16.06 15.53 64.47
C GLY F 25 -16.57 16.83 65.04
N ILE F 26 -15.79 17.90 64.87
CA ILE F 26 -16.25 19.25 65.22
C ILE F 26 -17.55 19.58 64.49
N ALA F 27 -17.65 19.12 63.25
CA ALA F 27 -18.84 19.40 62.45
C ALA F 27 -20.04 18.62 62.94
N ILE F 28 -19.86 17.34 63.31
CA ILE F 28 -21.02 16.58 63.80
C ILE F 28 -21.50 17.17 65.12
N VAL F 29 -20.57 17.64 65.97
CA VAL F 29 -20.93 18.25 67.25
C VAL F 29 -21.72 19.53 67.03
N PHE F 30 -21.19 20.46 66.23
CA PHE F 30 -21.92 21.70 66.00
C PHE F 30 -23.16 21.51 65.14
N ALA F 31 -23.22 20.44 64.34
CA ALA F 31 -24.43 20.13 63.60
C ALA F 31 -25.55 19.72 64.54
N ALA F 32 -25.23 18.89 65.53
CA ALA F 32 -26.22 18.53 66.54
C ALA F 32 -26.60 19.75 67.37
N LEU F 33 -25.65 20.64 67.63
CA LEU F 33 -25.94 21.88 68.34
C LEU F 33 -26.95 22.74 67.59
N ILE F 34 -26.72 22.94 66.30
CA ILE F 34 -27.61 23.76 65.48
C ILE F 34 -28.98 23.11 65.34
N ASN F 35 -29.01 21.78 65.21
CA ASN F 35 -30.28 21.06 65.14
C ASN F 35 -31.08 21.19 66.42
N GLY F 36 -30.39 21.11 67.56
CA GLY F 36 -31.08 21.20 68.84
C GLY F 36 -31.57 22.60 69.13
N VAL F 37 -30.78 23.61 68.78
CA VAL F 37 -31.19 25.00 69.00
C VAL F 37 -32.36 25.36 68.09
N SER F 38 -32.27 24.97 66.82
CA SER F 38 -33.32 25.29 65.87
C SER F 38 -34.59 24.48 66.11
N ARG F 39 -34.47 23.32 66.73
CA ARG F 39 -35.67 22.56 67.07
C ARG F 39 -36.25 23.04 68.39
N ASN F 40 -35.40 23.27 69.38
CA ASN F 40 -35.82 23.72 70.71
C ASN F 40 -35.00 24.95 71.06
N PRO F 41 -35.58 26.15 70.97
CA PRO F 41 -34.77 27.36 71.21
C PRO F 41 -34.40 27.57 72.67
N SER F 42 -35.25 27.14 73.59
CA SER F 42 -35.08 27.47 75.00
C SER F 42 -34.01 26.63 75.70
N ILE F 43 -33.48 25.60 75.03
CA ILE F 43 -32.56 24.67 75.67
C ILE F 43 -31.10 25.05 75.35
N LYS F 44 -30.86 26.28 74.90
CA LYS F 44 -29.55 26.69 74.39
C LYS F 44 -28.48 26.67 75.47
N ASP F 45 -28.79 27.27 76.63
CA ASP F 45 -27.81 27.37 77.70
C ASP F 45 -27.56 26.01 78.36
N THR F 46 -28.55 25.12 78.30
CA THR F 46 -28.37 23.79 78.85
C THR F 46 -27.50 22.94 77.94
N VAL F 47 -27.76 23.02 76.63
CA VAL F 47 -27.09 22.18 75.64
C VAL F 47 -25.65 22.64 75.41
N PHE F 48 -25.41 23.95 75.45
CA PHE F 48 -24.12 24.53 75.04
C PHE F 48 -22.87 24.03 75.76
N PRO F 49 -22.80 23.89 77.11
CA PRO F 49 -21.49 23.57 77.73
C PRO F 49 -20.97 22.17 77.43
N MET F 50 -21.87 21.18 77.36
CA MET F 50 -21.46 19.83 77.00
C MET F 50 -20.97 19.78 75.56
N ALA F 51 -21.57 20.58 74.68
CA ALA F 51 -21.10 20.70 73.31
C ALA F 51 -19.71 21.30 73.24
N ILE F 52 -19.44 22.32 74.06
CA ILE F 52 -18.10 22.90 74.12
C ILE F 52 -17.09 21.89 74.68
N LEU F 53 -17.53 21.10 75.67
CA LEU F 53 -16.69 20.04 76.26
C LEU F 53 -16.26 19.02 75.22
N GLY F 54 -17.24 18.44 74.52
CA GLY F 54 -16.95 17.48 73.47
C GLY F 54 -16.19 18.06 72.30
N PHE F 55 -16.44 19.33 71.99
CA PHE F 55 -15.66 20.06 71.00
C PHE F 55 -14.18 20.10 71.35
N ALA F 56 -13.88 20.48 72.60
CA ALA F 56 -12.48 20.56 73.02
C ALA F 56 -11.82 19.19 73.08
N LEU F 57 -12.58 18.17 73.50
CA LEU F 57 -12.01 16.82 73.62
C LEU F 57 -11.76 16.21 72.25
N SER F 58 -12.70 16.39 71.32
CA SER F 58 -12.51 15.89 69.96
C SER F 58 -11.43 16.67 69.23
N GLU F 59 -11.22 17.94 69.62
CA GLU F 59 -10.05 18.67 69.13
C GLU F 59 -8.77 18.07 69.68
N ALA F 60 -8.79 17.67 70.95
CA ALA F 60 -7.61 17.08 71.59
C ALA F 60 -7.25 15.75 70.95
N THR F 61 -8.24 15.02 70.45
CA THR F 61 -7.97 13.76 69.74
C THR F 61 -7.11 13.98 68.50
N GLY F 62 -7.45 14.98 67.69
CA GLY F 62 -6.60 15.30 66.55
C GLY F 62 -5.32 15.98 66.98
N LEU F 63 -5.33 16.63 68.13
CA LEU F 63 -4.11 17.23 68.65
C LEU F 63 -3.14 16.16 69.14
N PHE F 64 -3.62 14.95 69.44
CA PHE F 64 -2.71 13.82 69.61
C PHE F 64 -1.94 13.53 68.33
N CYS F 65 -2.62 13.56 67.18
CA CYS F 65 -1.92 13.38 65.91
C CYS F 65 -0.95 14.51 65.65
N LEU F 66 -1.34 15.73 66.02
CA LEU F 66 -0.44 16.88 65.85
C LEU F 66 0.78 16.78 66.76
N MET F 67 0.60 16.26 67.98
CA MET F 67 1.75 16.18 68.88
C MET F 67 2.66 15.01 68.54
N VAL F 68 2.11 13.93 67.96
CA VAL F 68 2.99 12.88 67.46
C VAL F 68 3.75 13.36 66.23
N SER F 69 3.11 14.21 65.42
CA SER F 69 3.80 14.83 64.29
C SER F 69 4.94 15.73 64.76
N PHE F 70 4.68 16.58 65.76
CA PHE F 70 5.71 17.46 66.28
C PHE F 70 6.80 16.70 67.03
N LEU F 71 6.45 15.55 67.61
CA LEU F 71 7.47 14.72 68.25
C LEU F 71 8.32 14.03 67.21
N LEU F 72 7.76 13.72 66.05
CA LEU F 72 8.55 13.12 64.99
C LEU F 72 9.44 14.14 64.30
N LEU F 73 8.98 15.40 64.22
CA LEU F 73 9.69 16.40 63.41
C LEU F 73 11.07 16.73 63.97
N PHE F 74 11.21 16.75 65.30
CA PHE F 74 12.49 17.07 65.94
C PHE F 74 12.66 16.17 67.16
N GLY F 75 13.31 15.04 66.97
CA GLY F 75 13.51 14.08 68.03
C GLY F 75 13.52 12.65 67.55
N MET G 1 20.65 -1.12 60.86
CA MET G 1 19.80 -0.56 61.91
C MET G 1 19.32 0.82 61.44
N GLN G 2 20.09 1.40 60.52
CA GLN G 2 19.72 2.64 59.84
C GLN G 2 18.35 2.49 59.18
N LEU G 3 18.17 1.41 58.42
CA LEU G 3 16.88 1.09 57.83
C LEU G 3 15.87 0.72 58.91
N VAL G 4 16.32 0.10 60.00
CA VAL G 4 15.41 -0.30 61.06
C VAL G 4 14.92 0.93 61.82
N LEU G 5 15.83 1.87 62.09
CA LEU G 5 15.45 3.11 62.76
C LEU G 5 14.58 3.97 61.85
N ALA G 6 14.78 3.85 60.53
CA ALA G 6 13.87 4.51 59.59
C ALA G 6 12.48 3.90 59.65
N ALA G 7 12.41 2.57 59.69
CA ALA G 7 11.13 1.87 59.68
C ALA G 7 10.37 2.08 60.98
N LYS G 8 11.07 2.29 62.09
CA LYS G 8 10.41 2.66 63.34
C LYS G 8 9.61 3.94 63.18
N TYR G 9 10.20 4.94 62.53
CA TYR G 9 9.54 6.23 62.39
C TYR G 9 8.44 6.16 61.33
N ILE G 10 8.62 5.33 60.30
CA ILE G 10 7.55 5.12 59.31
C ILE G 10 6.35 4.46 59.97
N GLY G 11 6.58 3.43 60.78
CA GLY G 11 5.48 2.75 61.45
C GLY G 11 4.82 3.61 62.49
N ALA G 12 5.59 4.46 63.17
CA ALA G 12 5.01 5.39 64.13
C ALA G 12 4.19 6.46 63.42
N GLY G 13 4.56 6.80 62.20
CA GLY G 13 3.71 7.67 61.39
C GLY G 13 2.42 6.99 60.98
N ILE G 14 2.51 5.70 60.61
CA ILE G 14 1.33 4.95 60.18
C ILE G 14 0.35 4.77 61.33
N SER G 15 0.88 4.57 62.55
CA SER G 15 0.06 4.11 63.67
C SER G 15 -0.95 5.14 64.15
N THR G 16 -0.82 6.40 63.72
CA THR G 16 -1.71 7.43 64.22
C THR G 16 -2.98 7.57 63.40
N ILE G 17 -3.22 6.71 62.42
CA ILE G 17 -4.42 6.82 61.59
C ILE G 17 -5.65 6.44 62.40
N GLY G 18 -5.50 5.52 63.34
CA GLY G 18 -6.64 5.01 64.08
C GLY G 18 -7.26 6.00 65.06
N LEU G 19 -6.64 7.15 65.25
CA LEU G 19 -7.23 8.16 66.14
C LEU G 19 -8.45 8.82 65.52
N LEU G 20 -8.62 8.71 64.21
CA LEU G 20 -9.77 9.34 63.57
C LEU G 20 -11.06 8.63 63.96
N GLY G 21 -10.97 7.35 64.31
CA GLY G 21 -12.13 6.63 64.81
C GLY G 21 -12.68 7.24 66.08
N ALA G 22 -11.81 7.54 67.03
CA ALA G 22 -12.23 8.21 68.25
C ALA G 22 -12.65 9.64 67.96
N GLY G 23 -11.93 10.32 67.06
CA GLY G 23 -12.23 11.70 66.74
C GLY G 23 -13.59 11.89 66.10
N ILE G 24 -14.08 10.89 65.39
CA ILE G 24 -15.44 10.93 64.87
C ILE G 24 -16.43 10.38 65.89
N GLY G 25 -16.01 9.37 66.65
CA GLY G 25 -16.95 8.64 67.48
C GLY G 25 -17.42 9.42 68.68
N ILE G 26 -16.52 10.20 69.28
CA ILE G 26 -16.90 11.11 70.38
C ILE G 26 -17.96 12.09 69.90
N ALA G 27 -17.86 12.50 68.65
CA ALA G 27 -18.86 13.38 68.06
C ALA G 27 -20.19 12.69 67.86
N ILE G 28 -20.19 11.41 67.43
CA ILE G 28 -21.48 10.72 67.27
C ILE G 28 -22.17 10.56 68.61
N VAL G 29 -21.37 10.22 69.65
CA VAL G 29 -21.91 10.06 71.01
C VAL G 29 -22.52 11.36 71.51
N PHE G 30 -21.74 12.44 71.46
CA PHE G 30 -22.24 13.72 71.94
C PHE G 30 -23.30 14.31 71.02
N ALA G 31 -23.37 13.87 69.77
CA ALA G 31 -24.43 14.33 68.89
C ALA G 31 -25.76 13.72 69.26
N ALA G 32 -25.77 12.40 69.52
CA ALA G 32 -27.00 11.78 70.01
C ALA G 32 -27.36 12.30 71.38
N LEU G 33 -26.35 12.64 72.20
CA LEU G 33 -26.57 13.29 73.49
C LEU G 33 -27.31 14.61 73.33
N ILE G 34 -26.81 15.48 72.46
CA ILE G 34 -27.41 16.80 72.24
C ILE G 34 -28.81 16.66 71.66
N ASN G 35 -28.99 15.72 70.72
CA ASN G 35 -30.30 15.53 70.10
C ASN G 35 -31.32 15.00 71.10
N GLY G 36 -30.88 14.11 72.00
CA GLY G 36 -31.79 13.57 72.99
C GLY G 36 -32.14 14.58 74.07
N VAL G 37 -31.17 15.38 74.51
CA VAL G 37 -31.43 16.39 75.53
C VAL G 37 -32.32 17.49 74.96
N SER G 38 -32.06 17.89 73.71
CA SER G 38 -32.91 18.88 73.06
C SER G 38 -34.28 18.33 72.72
N ARG G 39 -34.42 17.01 72.58
CA ARG G 39 -35.74 16.43 72.39
C ARG G 39 -36.51 16.39 73.70
N ASN G 40 -35.85 15.98 74.78
CA ASN G 40 -36.50 15.95 76.09
C ASN G 40 -35.48 16.37 77.15
N PRO G 41 -35.67 17.53 77.78
CA PRO G 41 -34.64 18.02 78.71
C PRO G 41 -34.59 17.26 80.03
N SER G 42 -35.68 16.59 80.41
CA SER G 42 -35.76 16.03 81.76
C SER G 42 -34.94 14.77 81.91
N ILE G 43 -34.50 14.18 80.80
CA ILE G 43 -33.85 12.88 80.84
C ILE G 43 -32.34 13.09 80.80
N LYS G 44 -31.92 14.34 81.01
CA LYS G 44 -30.53 14.73 80.83
C LYS G 44 -29.61 14.09 81.85
N ASP G 45 -29.99 14.14 83.14
CA ASP G 45 -29.15 13.55 84.17
C ASP G 45 -29.18 12.03 84.17
N THR G 46 -30.13 11.42 83.47
CA THR G 46 -30.12 9.98 83.25
C THR G 46 -29.22 9.60 82.09
N VAL G 47 -29.29 10.36 81.00
CA VAL G 47 -28.60 10.03 79.76
C VAL G 47 -27.12 10.38 79.83
N PHE G 48 -26.79 11.55 80.37
CA PHE G 48 -25.41 12.04 80.45
C PHE G 48 -24.37 11.11 81.08
N PRO G 49 -24.68 10.25 82.07
CA PRO G 49 -23.69 9.22 82.44
C PRO G 49 -23.35 8.23 81.33
N MET G 50 -24.34 7.86 80.51
CA MET G 50 -24.05 7.02 79.34
C MET G 50 -23.16 7.74 78.34
N ALA G 51 -23.34 9.05 78.22
CA ALA G 51 -22.49 9.84 77.32
C ALA G 51 -21.06 9.92 77.83
N ILE G 52 -20.88 10.08 79.14
CA ILE G 52 -19.55 10.09 79.72
C ILE G 52 -18.88 8.72 79.56
N LEU G 53 -19.67 7.65 79.72
CA LEU G 53 -19.17 6.30 79.50
C LEU G 53 -18.73 6.10 78.04
N GLY G 54 -19.52 6.62 77.10
CA GLY G 54 -19.18 6.48 75.70
C GLY G 54 -17.92 7.25 75.33
N PHE G 55 -17.78 8.47 75.88
CA PHE G 55 -16.55 9.23 75.68
C PHE G 55 -15.34 8.50 76.25
N ALA G 56 -15.50 7.89 77.43
CA ALA G 56 -14.39 7.19 78.07
C ALA G 56 -13.95 6.00 77.24
N LEU G 57 -14.91 5.22 76.74
CA LEU G 57 -14.54 4.01 76.00
C LEU G 57 -13.98 4.35 74.62
N SER G 58 -14.53 5.37 73.96
CA SER G 58 -14.00 5.77 72.66
C SER G 58 -12.61 6.39 72.79
N GLU G 59 -12.38 7.17 73.85
CA GLU G 59 -11.05 7.73 74.09
C GLU G 59 -10.07 6.62 74.47
N ALA G 60 -10.56 5.56 75.11
CA ALA G 60 -9.70 4.40 75.36
C ALA G 60 -9.29 3.71 74.07
N THR G 61 -10.23 3.59 73.13
CA THR G 61 -9.91 2.99 71.83
C THR G 61 -8.92 3.85 71.06
N GLY G 62 -9.02 5.17 71.19
CA GLY G 62 -7.97 6.03 70.65
C GLY G 62 -6.66 5.88 71.38
N LEU G 63 -6.73 5.65 72.70
CA LEU G 63 -5.53 5.50 73.50
C LEU G 63 -4.79 4.22 73.16
N PHE G 64 -5.49 3.20 72.66
CA PHE G 64 -4.81 2.00 72.16
C PHE G 64 -3.91 2.32 70.99
N CYS G 65 -4.41 3.10 70.02
CA CYS G 65 -3.59 3.50 68.89
C CYS G 65 -2.44 4.41 69.34
N LEU G 66 -2.72 5.27 70.32
CA LEU G 66 -1.69 6.15 70.84
C LEU G 66 -0.58 5.38 71.54
N MET G 67 -0.94 4.33 72.30
CA MET G 67 0.10 3.58 73.00
C MET G 67 0.84 2.64 72.07
N VAL G 68 0.21 2.20 70.98
CA VAL G 68 0.95 1.45 69.96
C VAL G 68 1.96 2.35 69.29
N SER G 69 1.56 3.59 68.98
CA SER G 69 2.50 4.53 68.38
C SER G 69 3.60 4.93 69.36
N PHE G 70 3.30 4.90 70.65
CA PHE G 70 4.33 5.17 71.66
C PHE G 70 5.30 3.98 71.80
N LEU G 71 4.81 2.76 71.59
CA LEU G 71 5.70 1.59 71.67
C LEU G 71 6.74 1.57 70.57
N LEU G 72 6.45 2.23 69.44
CA LEU G 72 7.42 2.37 68.36
C LEU G 72 8.39 3.52 68.61
N LEU G 73 8.25 4.24 69.71
CA LEU G 73 9.12 5.37 70.00
C LEU G 73 9.80 5.19 71.36
N MET H 1 17.83 -10.13 58.67
CA MET H 1 17.31 -10.01 60.02
C MET H 1 16.87 -8.58 60.31
N GLN H 2 17.76 -7.64 59.97
CA GLN H 2 17.45 -6.22 60.15
C GLN H 2 16.30 -5.80 59.25
N LEU H 3 16.34 -6.23 57.99
CA LEU H 3 15.25 -6.00 57.05
C LEU H 3 13.97 -6.69 57.49
N VAL H 4 14.10 -7.82 58.20
CA VAL H 4 12.93 -8.54 58.67
C VAL H 4 12.31 -7.82 59.86
N LEU H 5 13.14 -7.33 60.78
CA LEU H 5 12.64 -6.59 61.94
C LEU H 5 12.02 -5.27 61.52
N ALA H 6 12.60 -4.62 60.52
CA ALA H 6 12.05 -3.41 59.95
C ALA H 6 10.65 -3.65 59.41
N ALA H 7 10.47 -4.77 58.70
CA ALA H 7 9.17 -5.10 58.13
C ALA H 7 8.18 -5.48 59.22
N LYS H 8 8.65 -6.12 60.29
CA LYS H 8 7.77 -6.40 61.43
C LYS H 8 7.26 -5.12 62.06
N TYR H 9 8.11 -4.11 62.16
CA TYR H 9 7.67 -2.84 62.72
C TYR H 9 6.71 -2.11 61.78
N ILE H 10 6.97 -2.19 60.46
CA ILE H 10 6.06 -1.57 59.49
C ILE H 10 4.69 -2.23 59.55
N GLY H 11 4.66 -3.56 59.60
CA GLY H 11 3.39 -4.27 59.66
C GLY H 11 2.66 -4.04 60.97
N ALA H 12 3.40 -3.92 62.07
CA ALA H 12 2.78 -3.59 63.35
C ALA H 12 2.19 -2.19 63.33
N GLY H 13 2.82 -1.29 62.57
CA GLY H 13 2.21 0.02 62.37
C GLY H 13 0.96 -0.03 61.53
N ILE H 14 0.99 -0.85 60.46
CA ILE H 14 -0.16 -0.99 59.56
C ILE H 14 -1.35 -1.58 60.30
N SER H 15 -1.09 -2.53 61.20
CA SER H 15 -2.15 -3.39 61.73
C SER H 15 -3.15 -2.66 62.60
N THR H 16 -2.78 -1.52 63.16
CA THR H 16 -3.70 -0.83 64.05
C THR H 16 -4.61 0.16 63.35
N ILE H 17 -4.69 0.12 62.02
CA ILE H 17 -5.67 0.94 61.31
C ILE H 17 -7.07 0.46 61.61
N GLY H 18 -7.25 -0.85 61.78
CA GLY H 18 -8.57 -1.43 61.98
C GLY H 18 -9.23 -1.07 63.31
N LEU H 19 -8.48 -0.46 64.23
CA LEU H 19 -9.05 -0.04 65.51
C LEU H 19 -10.05 1.09 65.35
N LEU H 20 -9.99 1.83 64.23
CA LEU H 20 -10.95 2.90 64.02
C LEU H 20 -12.35 2.33 63.79
N GLY H 21 -12.43 1.09 63.32
CA GLY H 21 -13.72 0.42 63.21
C GLY H 21 -14.40 0.27 64.55
N ALA H 22 -13.65 -0.17 65.56
CA ALA H 22 -14.21 -0.27 66.91
C ALA H 22 -14.46 1.10 67.51
N GLY H 23 -13.59 2.06 67.22
CA GLY H 23 -13.75 3.40 67.75
C GLY H 23 -15.00 4.10 67.24
N ILE H 24 -15.35 3.87 65.98
CA ILE H 24 -16.60 4.41 65.46
C ILE H 24 -17.78 3.55 65.93
N GLY H 25 -17.58 2.24 66.04
CA GLY H 25 -18.70 1.34 66.26
C GLY H 25 -19.27 1.40 67.66
N ILE H 26 -18.40 1.46 68.67
CA ILE H 26 -18.82 1.66 70.06
C ILE H 26 -19.66 2.91 70.19
N ALA H 27 -19.31 3.92 69.40
CA ALA H 27 -20.06 5.17 69.40
C ALA H 27 -21.42 5.02 68.74
N ILE H 28 -21.52 4.26 67.63
CA ILE H 28 -22.85 4.07 67.03
C ILE H 28 -23.76 3.31 68.00
N VAL H 29 -23.19 2.34 68.71
CA VAL H 29 -23.95 1.57 69.71
C VAL H 29 -24.45 2.48 70.83
N PHE H 30 -23.55 3.24 71.44
CA PHE H 30 -23.95 4.10 72.55
C PHE H 30 -24.82 5.26 72.10
N ALA H 31 -24.68 5.69 70.83
CA ALA H 31 -25.50 6.77 70.32
C ALA H 31 -26.93 6.31 70.09
N ALA H 32 -27.10 5.10 69.55
CA ALA H 32 -28.43 4.54 69.44
C ALA H 32 -29.01 4.25 70.81
N LEU H 33 -28.17 3.89 71.78
CA LEU H 33 -28.60 3.73 73.17
C LEU H 33 -29.17 5.03 73.74
N ILE H 34 -28.46 6.14 73.50
CA ILE H 34 -28.90 7.45 73.97
C ILE H 34 -30.21 7.86 73.30
N ASN H 35 -30.30 7.62 71.98
CA ASN H 35 -31.53 7.94 71.26
C ASN H 35 -32.68 7.04 71.68
N GLY H 36 -32.38 5.82 72.12
CA GLY H 36 -33.44 4.94 72.57
C GLY H 36 -33.95 5.29 73.95
N VAL H 37 -33.05 5.70 74.84
CA VAL H 37 -33.48 6.17 76.16
C VAL H 37 -34.26 7.47 76.03
N SER H 38 -33.81 8.36 75.14
CA SER H 38 -34.50 9.64 74.99
C SER H 38 -35.83 9.46 74.26
N ARG H 39 -35.94 8.48 73.37
CA ARG H 39 -37.21 8.19 72.74
C ARG H 39 -38.16 7.55 73.73
N ASN H 40 -37.73 6.46 74.37
CA ASN H 40 -38.53 5.75 75.36
C ASN H 40 -37.76 5.73 76.66
N PRO H 41 -38.22 6.42 77.71
CA PRO H 41 -37.45 6.46 78.97
C PRO H 41 -37.51 5.16 79.74
N SER H 42 -38.58 4.39 79.60
CA SER H 42 -38.82 3.25 80.48
C SER H 42 -38.08 2.00 80.07
N ILE H 43 -37.39 2.00 78.94
CA ILE H 43 -36.89 0.77 78.35
C ILE H 43 -35.40 0.64 78.63
N LYS H 44 -34.91 1.43 79.60
CA LYS H 44 -33.48 1.53 79.87
C LYS H 44 -32.91 0.21 80.38
N ASP H 45 -33.59 -0.42 81.33
CA ASP H 45 -33.09 -1.67 81.90
C ASP H 45 -33.17 -2.82 80.90
N THR H 46 -34.12 -2.75 79.97
CA THR H 46 -34.20 -3.76 78.92
C THR H 46 -33.08 -3.59 77.91
N VAL H 47 -32.85 -2.36 77.48
CA VAL H 47 -31.98 -2.08 76.34
C VAL H 47 -30.49 -2.12 76.73
N PHE H 48 -30.16 -1.59 77.91
CA PHE H 48 -28.77 -1.45 78.36
C PHE H 48 -27.87 -2.69 78.31
N PRO H 49 -28.32 -3.93 78.63
CA PRO H 49 -27.42 -5.07 78.45
C PRO H 49 -27.09 -5.39 77.00
N MET H 50 -28.00 -5.10 76.07
CA MET H 50 -27.69 -5.24 74.64
C MET H 50 -26.57 -4.28 74.24
N ALA H 51 -26.59 -3.07 74.79
CA ALA H 51 -25.53 -2.11 74.49
C ALA H 51 -24.20 -2.54 75.10
N ILE H 52 -24.23 -3.13 76.30
CA ILE H 52 -23.01 -3.64 76.92
C ILE H 52 -22.45 -4.79 76.09
N LEU H 53 -23.33 -5.69 75.63
CA LEU H 53 -22.94 -6.79 74.75
C LEU H 53 -22.33 -6.28 73.47
N GLY H 54 -22.93 -5.25 72.88
CA GLY H 54 -22.42 -4.70 71.64
C GLY H 54 -21.06 -4.04 71.80
N PHE H 55 -20.87 -3.34 72.92
CA PHE H 55 -19.55 -2.79 73.25
C PHE H 55 -18.50 -3.88 73.37
N ALA H 56 -18.84 -4.98 74.06
CA ALA H 56 -17.88 -6.05 74.28
C ALA H 56 -17.50 -6.73 72.96
N LEU H 57 -18.49 -7.03 72.13
CA LEU H 57 -18.22 -7.72 70.86
C LEU H 57 -17.46 -6.83 69.89
N SER H 58 -17.85 -5.55 69.80
CA SER H 58 -17.16 -4.65 68.88
C SER H 58 -15.76 -4.33 69.37
N GLU H 59 -15.55 -4.27 70.69
CA GLU H 59 -14.22 -4.08 71.23
C GLU H 59 -13.34 -5.28 70.96
N ALA H 60 -13.93 -6.49 70.96
CA ALA H 60 -13.15 -7.68 70.61
C ALA H 60 -12.77 -7.70 69.13
N THR H 61 -13.70 -7.27 68.26
CA THR H 61 -13.38 -7.21 66.84
C THR H 61 -12.33 -6.13 66.54
N GLY H 62 -12.31 -5.07 67.34
CA GLY H 62 -11.21 -4.13 67.24
C GLY H 62 -9.92 -4.73 67.77
N LEU H 63 -10.03 -5.45 68.87
CA LEU H 63 -8.87 -5.98 69.60
C LEU H 63 -8.17 -7.09 68.82
N PHE H 64 -8.85 -7.69 67.85
CA PHE H 64 -8.19 -8.63 66.93
C PHE H 64 -7.01 -7.98 66.20
N CYS H 65 -7.20 -6.75 65.74
CA CYS H 65 -6.09 -6.03 65.10
C CYS H 65 -4.97 -5.75 66.08
N LEU H 66 -5.33 -5.43 67.32
CA LEU H 66 -4.35 -5.11 68.35
C LEU H 66 -3.51 -6.35 68.70
N MET H 67 -4.15 -7.51 68.75
CA MET H 67 -3.39 -8.71 69.07
C MET H 67 -2.58 -9.21 67.87
N VAL H 68 -3.03 -8.92 66.64
CA VAL H 68 -2.18 -9.22 65.48
C VAL H 68 -0.93 -8.33 65.49
N SER H 69 -1.10 -7.06 65.86
CA SER H 69 0.05 -6.18 65.97
C SER H 69 0.96 -6.59 67.13
N PHE H 70 0.38 -7.13 68.20
CA PHE H 70 1.18 -7.70 69.28
C PHE H 70 1.98 -8.90 68.82
N LEU H 71 1.38 -9.74 67.97
CA LEU H 71 2.11 -10.87 67.41
C LEU H 71 3.23 -10.41 66.48
N LEU H 72 3.00 -9.32 65.77
CA LEU H 72 4.05 -8.79 64.88
C LEU H 72 5.18 -8.16 65.67
N LEU H 73 4.88 -7.59 66.83
CA LEU H 73 5.93 -6.97 67.65
C LEU H 73 6.78 -8.01 68.37
N PHE H 74 6.16 -9.05 68.91
CA PHE H 74 6.85 -10.00 69.76
C PHE H 74 6.95 -11.39 69.17
N GLY H 75 5.83 -12.00 68.78
CA GLY H 75 5.83 -13.36 68.27
C GLY H 75 6.23 -13.47 66.81
N GLN I 2 16.24 -12.82 54.73
CA GLN I 2 15.38 -13.22 53.62
C GLN I 2 14.20 -12.25 53.45
N LEU I 3 13.89 -11.96 52.19
CA LEU I 3 12.89 -10.95 51.89
C LEU I 3 11.48 -11.51 51.98
N VAL I 4 11.32 -12.80 51.73
CA VAL I 4 10.00 -13.39 51.61
C VAL I 4 9.32 -13.46 52.97
N LEU I 5 10.07 -13.81 54.01
CA LEU I 5 9.50 -13.86 55.36
C LEU I 5 9.12 -12.47 55.85
N ALA I 6 9.89 -11.46 55.44
CA ALA I 6 9.54 -10.08 55.79
C ALA I 6 8.28 -9.63 55.06
N ALA I 7 8.15 -10.02 53.79
CA ALA I 7 6.94 -9.71 53.04
C ALA I 7 5.73 -10.45 53.59
N LYS I 8 5.95 -11.62 54.19
CA LYS I 8 4.88 -12.32 54.90
C LYS I 8 4.33 -11.47 56.05
N TYR I 9 5.23 -10.88 56.84
CA TYR I 9 4.77 -10.07 57.96
C TYR I 9 4.13 -8.76 57.49
N ILE I 10 4.64 -8.19 56.40
CA ILE I 10 4.01 -6.99 55.83
C ILE I 10 2.58 -7.30 55.38
N GLY I 11 2.40 -8.38 54.61
CA GLY I 11 1.08 -8.73 54.13
C GLY I 11 0.13 -9.14 55.24
N ALA I 12 0.66 -9.77 56.29
CA ALA I 12 -0.16 -10.07 57.46
C ALA I 12 -0.58 -8.79 58.17
N GLY I 13 0.28 -7.79 58.16
CA GLY I 13 -0.11 -6.49 58.69
C GLY I 13 -1.16 -5.82 57.84
N ILE I 14 -1.05 -5.95 56.51
CA ILE I 14 -1.98 -5.30 55.59
C ILE I 14 -3.38 -5.89 55.74
N SER I 15 -3.46 -7.23 55.80
CA SER I 15 -4.75 -7.90 55.70
C SER I 15 -5.66 -7.73 56.90
N THR I 16 -5.23 -7.06 57.95
CA THR I 16 -6.10 -6.84 59.09
C THR I 16 -6.90 -5.54 58.98
N ILE I 17 -6.77 -4.81 57.88
CA ILE I 17 -7.52 -3.57 57.70
C ILE I 17 -9.01 -3.86 57.55
N GLY I 18 -9.34 -5.01 56.95
CA GLY I 18 -10.73 -5.36 56.70
C GLY I 18 -11.55 -5.65 57.94
N LEU I 19 -10.92 -5.76 59.10
CA LEU I 19 -11.65 -6.00 60.34
C LEU I 19 -12.46 -4.78 60.77
N LEU I 20 -12.14 -3.59 60.26
CA LEU I 20 -12.94 -2.42 60.58
C LEU I 20 -14.33 -2.52 59.96
N GLY I 21 -14.46 -3.30 58.90
CA GLY I 21 -15.77 -3.57 58.33
C GLY I 21 -16.71 -4.25 59.31
N ALA I 22 -16.21 -5.29 59.98
CA ALA I 22 -17.00 -5.92 61.03
C ALA I 22 -17.18 -4.99 62.22
N GLY I 23 -16.12 -4.25 62.58
CA GLY I 23 -16.18 -3.37 63.75
C GLY I 23 -17.15 -2.23 63.60
N ILE I 24 -17.48 -1.84 62.37
CA ILE I 24 -18.52 -0.85 62.16
C ILE I 24 -19.88 -1.53 61.97
N GLY I 25 -19.90 -2.64 61.22
CA GLY I 25 -21.18 -3.20 60.80
C GLY I 25 -21.96 -3.87 61.92
N ILE I 26 -21.24 -4.58 62.80
CA ILE I 26 -21.85 -5.17 64.00
C ILE I 26 -22.55 -4.11 64.82
N ALA I 27 -21.96 -2.93 64.87
CA ALA I 27 -22.55 -1.81 65.57
C ALA I 27 -23.78 -1.27 64.85
N ILE I 28 -23.78 -1.25 63.50
CA ILE I 28 -25.00 -0.81 62.82
C ILE I 28 -26.15 -1.76 63.10
N VAL I 29 -25.86 -3.07 63.16
CA VAL I 29 -26.89 -4.06 63.48
C VAL I 29 -27.41 -3.86 64.90
N PHE I 30 -26.50 -3.73 65.86
CA PHE I 30 -26.92 -3.52 67.25
C PHE I 30 -27.59 -2.17 67.45
N ALA I 31 -27.26 -1.18 66.62
CA ALA I 31 -27.91 0.12 66.69
C ALA I 31 -29.34 0.04 66.20
N ALA I 32 -29.56 -0.67 65.09
CA ALA I 32 -30.92 -0.89 64.63
C ALA I 32 -31.70 -1.75 65.61
N LEU I 33 -31.00 -2.66 66.29
CA LEU I 33 -31.63 -3.46 67.35
C LEU I 33 -32.13 -2.59 68.49
N ILE I 34 -31.29 -1.65 68.94
CA ILE I 34 -31.66 -0.75 70.02
C ILE I 34 -32.80 0.16 69.60
N ASN I 35 -32.70 0.74 68.40
CA ASN I 35 -33.75 1.62 67.90
C ASN I 35 -35.02 0.87 67.52
N GLY I 36 -34.98 -0.44 67.39
CA GLY I 36 -36.18 -1.21 67.18
C GLY I 36 -36.85 -1.61 68.48
N VAL I 37 -36.05 -1.99 69.48
CA VAL I 37 -36.60 -2.32 70.79
C VAL I 37 -37.17 -1.08 71.46
N SER I 38 -36.50 0.06 71.28
CA SER I 38 -36.98 1.29 71.90
C SER I 38 -38.25 1.81 71.23
N ARG I 39 -38.39 1.57 69.93
CA ARG I 39 -39.62 1.97 69.27
C ARG I 39 -40.73 0.98 69.56
N ASN I 40 -40.41 -0.32 69.58
CA ASN I 40 -41.39 -1.37 69.86
C ASN I 40 -40.74 -2.38 70.79
N PRO I 41 -41.09 -2.39 72.08
CA PRO I 41 -40.51 -3.37 73.00
C PRO I 41 -41.09 -4.77 72.83
N SER I 42 -42.26 -4.91 72.22
CA SER I 42 -42.96 -6.19 72.13
C SER I 42 -42.38 -7.11 71.07
N ILE I 43 -41.45 -6.64 70.25
CA ILE I 43 -40.91 -7.43 69.14
C ILE I 43 -39.49 -7.89 69.43
N LYS I 44 -39.05 -7.76 70.69
CA LYS I 44 -37.65 -8.00 71.06
C LYS I 44 -37.24 -9.45 70.87
N ASP I 45 -38.08 -10.38 71.31
CA ASP I 45 -37.75 -11.80 71.21
C ASP I 45 -37.78 -12.30 69.77
N THR I 46 -38.57 -11.65 68.92
CA THR I 46 -38.55 -11.96 67.50
C THR I 46 -37.30 -11.42 66.83
N VAL I 47 -36.92 -10.19 67.18
CA VAL I 47 -35.88 -9.48 66.44
C VAL I 47 -34.49 -9.96 66.84
N PHE I 48 -34.27 -10.22 68.13
CA PHE I 48 -32.95 -10.58 68.68
C PHE I 48 -32.20 -11.73 68.00
N PRO I 49 -32.81 -12.83 67.54
CA PRO I 49 -32.02 -13.81 66.78
C PRO I 49 -31.51 -13.30 65.44
N MET I 50 -32.23 -12.38 64.80
CA MET I 50 -31.71 -11.78 63.58
C MET I 50 -30.47 -10.95 63.86
N ALA I 51 -30.44 -10.27 65.00
CA ALA I 51 -29.25 -9.53 65.40
C ALA I 51 -28.08 -10.46 65.69
N ILE I 52 -28.37 -11.60 66.33
CA ILE I 52 -27.32 -12.59 66.60
C ILE I 52 -26.78 -13.16 65.29
N LEU I 53 -27.68 -13.45 64.34
CA LEU I 53 -27.30 -13.96 63.03
C LEU I 53 -26.45 -12.96 62.26
N GLY I 54 -26.84 -11.69 62.30
CA GLY I 54 -26.07 -10.65 61.61
C GLY I 54 -24.70 -10.45 62.22
N PHE I 55 -24.62 -10.51 63.56
CA PHE I 55 -23.32 -10.49 64.23
C PHE I 55 -22.44 -11.64 63.79
N ALA I 56 -23.02 -12.83 63.68
CA ALA I 56 -22.24 -14.01 63.30
C ALA I 56 -21.74 -13.91 61.86
N LEU I 57 -22.59 -13.43 60.95
CA LEU I 57 -22.19 -13.37 59.54
C LEU I 57 -21.16 -12.27 59.30
N SER I 58 -21.33 -11.12 59.95
CA SER I 58 -20.32 -10.06 59.82
C SER I 58 -19.01 -10.45 60.51
N GLU I 59 -19.11 -11.21 61.60
CA GLU I 59 -17.93 -11.78 62.24
C GLU I 59 -17.21 -12.74 61.31
N ALA I 60 -17.96 -13.50 60.52
CA ALA I 60 -17.36 -14.41 59.54
C ALA I 60 -16.66 -13.62 58.43
N THR I 61 -17.25 -12.52 58.00
CA THR I 61 -16.61 -11.69 56.97
C THR I 61 -15.32 -11.07 57.48
N GLY I 62 -15.29 -10.68 58.76
CA GLY I 62 -14.03 -10.23 59.33
C GLY I 62 -13.03 -11.36 59.52
N LEU I 63 -13.54 -12.53 59.91
CA LEU I 63 -12.67 -13.66 60.22
C LEU I 63 -12.04 -14.24 58.96
N PHE I 64 -12.64 -14.00 57.79
CA PHE I 64 -11.98 -14.35 56.53
C PHE I 64 -10.68 -13.57 56.35
N CYS I 65 -10.72 -12.25 56.58
CA CYS I 65 -9.50 -11.45 56.56
C CYS I 65 -8.53 -11.89 57.65
N LEU I 66 -9.07 -12.26 58.81
CA LEU I 66 -8.22 -12.70 59.91
C LEU I 66 -7.50 -14.00 59.56
N MET I 67 -8.20 -14.94 58.91
CA MET I 67 -7.55 -16.20 58.58
C MET I 67 -6.62 -16.07 57.39
N VAL I 68 -6.86 -15.11 56.48
CA VAL I 68 -5.87 -14.83 55.45
C VAL I 68 -4.61 -14.22 56.08
N SER I 69 -4.81 -13.41 57.13
CA SER I 69 -3.67 -12.89 57.87
C SER I 69 -2.88 -14.01 58.56
N PHE I 70 -3.58 -14.98 59.15
CA PHE I 70 -2.88 -16.10 59.78
C PHE I 70 -2.20 -17.01 58.75
N LEU I 71 -2.81 -17.17 57.57
CA LEU I 71 -2.16 -17.96 56.52
C LEU I 71 -0.91 -17.28 56.00
N LEU I 72 -0.92 -15.95 55.93
CA LEU I 72 0.30 -15.24 55.57
C LEU I 72 1.31 -15.27 56.70
N LEU I 73 0.84 -15.43 57.94
CA LEU I 73 1.77 -15.59 59.07
C LEU I 73 2.46 -16.94 59.03
N PHE I 74 1.69 -18.02 59.12
CA PHE I 74 2.23 -19.34 59.41
C PHE I 74 2.33 -20.21 58.16
N GLY I 75 1.21 -20.45 57.49
CA GLY I 75 1.20 -21.31 56.32
C GLY I 75 1.54 -20.61 55.02
N MET J 1 11.90 -17.79 42.14
CA MET J 1 12.44 -16.46 42.36
C MET J 1 11.78 -15.81 43.57
N GLN J 2 12.61 -15.28 44.47
CA GLN J 2 12.08 -14.72 45.72
C GLN J 2 11.41 -13.38 45.49
N LEU J 3 11.92 -12.59 44.52
CA LEU J 3 11.42 -11.24 44.32
C LEU J 3 10.00 -11.25 43.76
N VAL J 4 9.67 -12.25 42.95
CA VAL J 4 8.32 -12.37 42.43
C VAL J 4 7.39 -12.90 43.51
N LEU J 5 7.86 -13.91 44.24
CA LEU J 5 7.07 -14.62 45.24
C LEU J 5 6.69 -13.74 46.41
N ALA J 6 7.64 -12.95 46.91
CA ALA J 6 7.40 -12.00 48.00
C ALA J 6 6.36 -10.97 47.60
N ALA J 7 6.45 -10.48 46.35
CA ALA J 7 5.46 -9.56 45.84
C ALA J 7 4.10 -10.23 45.69
N LYS J 8 4.07 -11.53 45.43
CA LYS J 8 2.80 -12.23 45.38
C LYS J 8 2.17 -12.32 46.75
N TYR J 9 2.99 -12.52 47.79
CA TYR J 9 2.48 -12.47 49.16
C TYR J 9 1.97 -11.08 49.51
N ILE J 10 2.68 -10.03 49.06
CA ILE J 10 2.24 -8.66 49.32
C ILE J 10 0.92 -8.36 48.63
N GLY J 11 0.76 -8.80 47.38
CA GLY J 11 -0.49 -8.56 46.68
C GLY J 11 -1.65 -9.33 47.29
N ALA J 12 -1.38 -10.53 47.79
CA ALA J 12 -2.38 -11.26 48.54
C ALA J 12 -2.76 -10.56 49.83
N GLY J 13 -1.79 -9.88 50.46
CA GLY J 13 -2.11 -9.07 51.62
C GLY J 13 -2.97 -7.87 51.27
N ILE J 14 -2.62 -7.18 50.18
CA ILE J 14 -3.29 -5.96 49.75
C ILE J 14 -4.74 -6.25 49.37
N SER J 15 -4.98 -7.41 48.75
CA SER J 15 -6.26 -7.69 48.11
C SER J 15 -7.42 -7.72 49.09
N THR J 16 -7.19 -8.25 50.29
CA THR J 16 -8.28 -8.51 51.24
C THR J 16 -8.86 -7.24 51.88
N ILE J 17 -8.42 -6.05 51.49
CA ILE J 17 -8.97 -4.82 52.04
C ILE J 17 -10.42 -4.65 51.60
N GLY J 18 -10.74 -5.10 50.38
CA GLY J 18 -12.06 -4.89 49.83
C GLY J 18 -13.19 -5.67 50.51
N LEU J 19 -12.84 -6.59 51.41
CA LEU J 19 -13.86 -7.38 52.09
C LEU J 19 -14.57 -6.60 53.19
N LEU J 20 -14.03 -5.43 53.57
CA LEU J 20 -14.74 -4.59 54.53
C LEU J 20 -16.02 -4.02 53.94
N GLY J 21 -16.10 -3.92 52.62
CA GLY J 21 -17.33 -3.56 51.94
C GLY J 21 -18.44 -4.54 52.22
N ALA J 22 -18.15 -5.83 52.07
CA ALA J 22 -19.14 -6.86 52.39
C ALA J 22 -19.43 -6.89 53.88
N GLY J 23 -18.41 -6.66 54.71
CA GLY J 23 -18.60 -6.68 56.15
C GLY J 23 -19.51 -5.58 56.65
N ILE J 24 -19.38 -4.38 56.08
CA ILE J 24 -20.32 -3.32 56.40
C ILE J 24 -21.67 -3.60 55.77
N GLY J 25 -21.67 -4.20 54.58
CA GLY J 25 -22.87 -4.21 53.76
C GLY J 25 -23.92 -5.20 54.21
N ILE J 26 -23.50 -6.43 54.52
CA ILE J 26 -24.39 -7.45 55.06
C ILE J 26 -25.10 -6.94 56.31
N ALA J 27 -24.35 -6.21 57.13
CA ALA J 27 -24.88 -5.65 58.35
C ALA J 27 -25.83 -4.49 58.08
N ILE J 28 -25.58 -3.70 57.03
CA ILE J 28 -26.53 -2.65 56.65
C ILE J 28 -27.86 -3.28 56.23
N VAL J 29 -27.78 -4.40 55.51
CA VAL J 29 -28.99 -5.11 55.07
C VAL J 29 -29.78 -5.63 56.27
N PHE J 30 -29.09 -6.30 57.20
CA PHE J 30 -29.78 -6.84 58.37
C PHE J 30 -30.26 -5.73 59.30
N ALA J 31 -29.57 -4.59 59.32
CA ALA J 31 -30.03 -3.48 60.15
C ALA J 31 -31.29 -2.87 59.58
N ALA J 32 -31.38 -2.74 58.26
CA ALA J 32 -32.61 -2.25 57.66
C ALA J 32 -33.73 -3.26 57.84
N LEU J 33 -33.40 -4.56 57.85
CA LEU J 33 -34.39 -5.59 58.16
C LEU J 33 -34.94 -5.41 59.57
N ILE J 34 -34.05 -5.15 60.53
CA ILE J 34 -34.46 -4.95 61.93
C ILE J 34 -35.34 -3.70 62.06
N ASN J 35 -34.92 -2.60 61.45
CA ASN J 35 -35.73 -1.39 61.48
C ASN J 35 -37.02 -1.51 60.68
N GLY J 36 -37.11 -2.47 59.77
CA GLY J 36 -38.33 -2.66 59.03
C GLY J 36 -39.34 -3.54 59.75
N VAL J 37 -38.85 -4.53 60.50
CA VAL J 37 -39.76 -5.36 61.29
C VAL J 37 -40.35 -4.53 62.43
N SER J 38 -39.55 -3.63 63.01
CA SER J 38 -40.00 -2.83 64.14
C SER J 38 -41.06 -1.81 63.76
N ARG J 39 -41.20 -1.47 62.49
CA ARG J 39 -42.29 -0.61 62.06
C ARG J 39 -43.55 -1.41 61.78
N ASN J 40 -43.41 -2.53 61.09
CA ASN J 40 -44.53 -3.41 60.74
C ASN J 40 -44.08 -4.84 60.96
N PRO J 41 -44.63 -5.55 61.95
CA PRO J 41 -44.16 -6.92 62.21
C PRO J 41 -44.77 -7.97 61.30
N SER J 42 -45.86 -7.66 60.60
CA SER J 42 -46.56 -8.64 59.77
C SER J 42 -45.94 -8.82 58.39
N ILE J 43 -44.79 -8.21 58.13
CA ILE J 43 -44.16 -8.25 56.82
C ILE J 43 -42.82 -8.97 56.87
N LYS J 44 -42.50 -9.58 58.02
CA LYS J 44 -41.21 -10.23 58.23
C LYS J 44 -41.01 -11.42 57.29
N ASP J 45 -42.07 -12.21 57.10
CA ASP J 45 -41.98 -13.39 56.24
C ASP J 45 -41.81 -13.01 54.78
N THR J 46 -42.33 -11.85 54.38
CA THR J 46 -42.14 -11.38 53.02
C THR J 46 -40.74 -10.83 52.83
N VAL J 47 -40.26 -10.04 53.81
CA VAL J 47 -39.04 -9.28 53.59
C VAL J 47 -37.79 -10.13 53.78
N PHE J 48 -37.78 -11.02 54.78
CA PHE J 48 -36.60 -11.82 55.11
C PHE J 48 -35.95 -12.63 53.98
N PRO J 49 -36.68 -13.19 52.98
CA PRO J 49 -35.96 -13.76 51.82
C PRO J 49 -35.12 -12.75 51.05
N MET J 50 -35.58 -11.51 50.93
CA MET J 50 -34.76 -10.53 50.22
C MET J 50 -33.61 -10.05 51.08
N ALA J 51 -33.75 -10.15 52.40
CA ALA J 51 -32.61 -9.89 53.29
C ALA J 51 -31.53 -10.94 53.12
N ILE J 52 -31.92 -12.21 53.03
CA ILE J 52 -30.89 -13.23 52.87
C ILE J 52 -30.36 -13.23 51.43
N LEU J 53 -31.16 -12.76 50.48
CA LEU J 53 -30.67 -12.53 49.13
C LEU J 53 -29.61 -11.44 49.10
N GLY J 54 -29.85 -10.35 49.85
CA GLY J 54 -28.87 -9.29 49.93
C GLY J 54 -27.61 -9.71 50.65
N PHE J 55 -27.75 -10.57 51.67
CA PHE J 55 -26.60 -11.21 52.29
C PHE J 55 -25.76 -11.98 51.29
N ALA J 56 -26.42 -12.78 50.44
CA ALA J 56 -25.70 -13.59 49.47
C ALA J 56 -25.01 -12.72 48.41
N LEU J 57 -25.73 -11.74 47.88
CA LEU J 57 -25.17 -10.92 46.82
C LEU J 57 -24.10 -9.96 47.32
N SER J 58 -24.14 -9.60 48.61
CA SER J 58 -23.05 -8.79 49.16
C SER J 58 -21.88 -9.66 49.59
N GLU J 59 -22.13 -10.91 49.96
CA GLU J 59 -21.03 -11.84 50.22
C GLU J 59 -20.32 -12.21 48.92
N ALA J 60 -21.02 -12.11 47.79
CA ALA J 60 -20.43 -12.41 46.48
C ALA J 60 -19.26 -11.49 46.17
N THR J 61 -19.46 -10.17 46.35
CA THR J 61 -18.39 -9.23 46.05
C THR J 61 -17.27 -9.26 47.08
N GLY J 62 -17.47 -9.92 48.21
CA GLY J 62 -16.37 -10.14 49.12
C GLY J 62 -15.63 -11.40 48.77
N LEU J 63 -16.35 -12.40 48.26
CA LEU J 63 -15.67 -13.63 47.91
C LEU J 63 -14.95 -13.53 46.57
N PHE J 64 -15.32 -12.57 45.70
CA PHE J 64 -14.46 -12.30 44.54
C PHE J 64 -13.10 -11.76 44.99
N CYS J 65 -13.13 -10.86 45.96
CA CYS J 65 -11.92 -10.37 46.61
C CYS J 65 -11.11 -11.51 47.23
N LEU J 66 -11.80 -12.40 47.92
CA LEU J 66 -11.13 -13.53 48.54
C LEU J 66 -10.58 -14.50 47.50
N MET J 67 -11.26 -14.59 46.35
CA MET J 67 -10.78 -15.40 45.23
C MET J 67 -9.48 -14.86 44.66
N VAL J 68 -9.42 -13.54 44.46
CA VAL J 68 -8.18 -12.91 43.98
C VAL J 68 -7.07 -13.07 45.02
N SER J 69 -7.44 -13.04 46.30
CA SER J 69 -6.47 -13.27 47.37
C SER J 69 -5.88 -14.67 47.31
N PHE J 70 -6.72 -15.69 47.09
CA PHE J 70 -6.19 -17.05 47.04
C PHE J 70 -5.44 -17.32 45.74
N LEU J 71 -5.87 -16.69 44.64
CA LEU J 71 -5.11 -16.80 43.39
C LEU J 71 -3.76 -16.12 43.47
N LEU J 72 -3.62 -15.12 44.35
CA LEU J 72 -2.29 -14.61 44.69
C LEU J 72 -1.67 -15.34 45.88
N LEU J 73 -2.15 -16.53 46.22
CA LEU J 73 -1.47 -17.37 47.19
C LEU J 73 -1.02 -18.69 46.58
N PHE J 74 -1.92 -19.40 45.92
CA PHE J 74 -1.69 -20.79 45.54
C PHE J 74 -1.73 -20.98 44.02
N GLY J 75 -1.33 -19.96 43.27
CA GLY J 75 -1.32 -20.05 41.82
C GLY J 75 -0.26 -19.17 41.19
N MET K 1 -3.98 3.26 24.31
CA MET K 1 -4.33 1.92 23.88
C MET K 1 -4.08 1.76 22.39
N PRO K 2 -3.59 0.58 21.98
CA PRO K 2 -3.02 0.48 20.62
C PRO K 2 -4.08 0.45 19.53
N GLN K 3 -5.28 -0.02 19.85
CA GLN K 3 -6.20 -0.35 18.77
C GLN K 3 -7.03 0.84 18.34
N LEU K 4 -7.26 1.79 19.23
CA LEU K 4 -8.06 2.96 18.88
C LEU K 4 -7.20 4.13 18.47
N VAL K 5 -5.88 3.93 18.31
CA VAL K 5 -5.04 4.96 17.69
C VAL K 5 -4.36 4.39 16.44
N PRO K 6 -5.06 4.11 15.31
CA PRO K 6 -4.34 3.86 14.05
C PRO K 6 -4.27 5.10 13.16
N PHE K 7 -3.89 4.87 11.91
CA PHE K 7 -4.00 5.84 10.83
C PHE K 7 -5.43 6.06 10.35
N TYR K 8 -6.39 5.26 10.81
CA TYR K 8 -7.73 5.26 10.23
C TYR K 8 -8.64 6.34 10.79
N PHE K 9 -8.07 7.40 11.36
CA PHE K 9 -8.86 8.45 12.01
C PHE K 9 -9.78 9.13 11.00
N MET K 10 -9.22 9.49 9.85
CA MET K 10 -10.00 10.18 8.85
C MET K 10 -11.01 9.26 8.19
N ASN K 11 -10.69 7.96 8.12
CA ASN K 11 -11.65 6.95 7.67
C ASN K 11 -12.88 6.91 8.58
N GLN K 12 -12.63 6.68 9.87
CA GLN K 12 -13.65 6.65 10.91
C GLN K 12 -14.54 7.88 10.84
N LEU K 13 -13.90 9.04 10.89
CA LEU K 13 -14.62 10.29 11.00
C LEU K 13 -15.34 10.64 9.70
N THR K 14 -14.79 10.24 8.54
CA THR K 14 -15.43 10.54 7.27
C THR K 14 -16.71 9.75 7.08
N TYR K 15 -16.66 8.42 7.24
CA TYR K 15 -17.89 7.65 7.11
C TYR K 15 -18.86 7.93 8.23
N GLY K 16 -18.36 8.30 9.41
CA GLY K 16 -19.25 8.65 10.50
C GLY K 16 -20.04 9.92 10.23
N PHE K 17 -19.36 10.97 9.76
CA PHE K 17 -20.10 12.21 9.54
C PHE K 17 -20.95 12.12 8.28
N LEU K 18 -20.55 11.31 7.29
CA LEU K 18 -21.44 11.06 6.16
C LEU K 18 -22.69 10.34 6.61
N LEU K 19 -22.54 9.39 7.53
CA LEU K 19 -23.71 8.71 8.04
C LEU K 19 -24.57 9.61 8.90
N MET K 20 -23.95 10.56 9.62
CA MET K 20 -24.73 11.47 10.44
C MET K 20 -25.55 12.43 9.60
N ILE K 21 -24.93 13.03 8.57
CA ILE K 21 -25.67 13.92 7.69
C ILE K 21 -26.72 13.14 6.90
N THR K 22 -26.40 11.89 6.55
CA THR K 22 -27.32 11.02 5.85
C THR K 22 -28.55 10.72 6.69
N LEU K 23 -28.34 10.23 7.92
CA LEU K 23 -29.44 9.93 8.82
C LEU K 23 -30.21 11.18 9.21
N LEU K 24 -29.55 12.34 9.27
CA LEU K 24 -30.26 13.56 9.64
C LEU K 24 -31.24 13.95 8.55
N ILE K 25 -30.75 14.06 7.30
CA ILE K 25 -31.61 14.41 6.16
C ILE K 25 -32.67 13.35 5.96
N LEU K 26 -32.26 12.09 6.07
CA LEU K 26 -33.08 10.92 5.83
C LEU K 26 -34.20 10.78 6.86
N PHE K 27 -33.88 10.79 8.17
CA PHE K 27 -34.88 10.84 9.23
C PHE K 27 -35.82 12.02 9.07
N SER K 28 -35.26 13.24 9.01
CA SER K 28 -36.07 14.45 9.10
C SER K 28 -37.02 14.59 7.93
N GLN K 29 -36.56 14.32 6.72
CA GLN K 29 -37.45 14.51 5.58
C GLN K 29 -38.29 13.29 5.27
N PHE K 30 -37.83 12.07 5.59
CA PHE K 30 -38.57 10.88 5.20
C PHE K 30 -39.35 10.25 6.36
N PHE K 31 -38.65 9.86 7.43
CA PHE K 31 -39.16 8.78 8.26
C PHE K 31 -39.90 9.26 9.48
N LEU K 32 -39.49 10.36 10.06
CA LEU K 32 -40.32 11.01 11.07
C LEU K 32 -41.67 11.52 10.52
N PRO K 33 -41.75 12.20 9.36
CA PRO K 33 -43.09 12.58 8.90
C PRO K 33 -43.92 11.44 8.37
N MET K 34 -43.34 10.27 8.03
CA MET K 34 -44.22 9.17 7.66
C MET K 34 -44.88 8.57 8.90
N ILE K 35 -44.31 8.82 10.08
CA ILE K 35 -45.03 8.46 11.30
C ILE K 35 -46.04 9.55 11.61
N LEU K 36 -45.68 10.80 11.34
CA LEU K 36 -46.58 11.89 11.71
C LEU K 36 -47.80 11.95 10.79
N ARG K 37 -47.68 11.43 9.56
CA ARG K 37 -48.84 11.28 8.70
C ARG K 37 -49.82 10.26 9.27
N LEU K 38 -49.30 9.18 9.84
CA LEU K 38 -50.14 8.21 10.55
C LEU K 38 -50.86 8.88 11.70
N TYR K 39 -50.14 9.74 12.44
CA TYR K 39 -50.76 10.44 13.57
C TYR K 39 -51.90 11.34 13.15
N VAL K 40 -51.65 12.21 12.16
CA VAL K 40 -52.66 13.16 11.73
C VAL K 40 -53.82 12.44 11.06
N SER K 41 -53.54 11.31 10.40
CA SER K 41 -54.61 10.52 9.79
C SER K 41 -55.50 9.87 10.83
N ARG K 42 -54.90 9.27 11.86
CA ARG K 42 -55.68 8.67 12.93
C ARG K 42 -56.53 9.70 13.65
N LEU K 43 -55.97 10.88 13.89
CA LEU K 43 -56.74 11.91 14.57
C LEU K 43 -57.80 12.50 13.66
N PHE K 44 -57.56 12.49 12.35
CA PHE K 44 -58.55 13.05 11.43
C PHE K 44 -59.73 12.11 11.26
N ILE K 45 -59.48 10.80 11.26
CA ILE K 45 -60.59 9.84 11.25
C ILE K 45 -61.29 9.86 12.60
N SER K 46 -60.55 10.14 13.68
CA SER K 46 -61.16 10.20 15.00
C SER K 46 -62.08 11.42 15.14
N LYS K 47 -61.66 12.57 14.62
CA LYS K 47 -62.50 13.76 14.71
C LYS K 47 -63.64 13.68 13.71
N LEU K 48 -63.36 13.16 12.52
CA LEU K 48 -64.32 12.95 11.41
C LEU K 48 -65.03 14.25 10.98
N SER L 1 -3.75 -10.88 24.36
CA SER L 1 -4.41 -9.72 23.77
C SER L 1 -5.92 -9.93 23.68
N PRO L 2 -6.65 -9.55 24.74
CA PRO L 2 -8.11 -9.70 24.72
C PRO L 2 -8.81 -8.62 23.94
N LEU L 3 -8.09 -7.62 23.46
CA LEU L 3 -8.66 -6.46 22.83
C LEU L 3 -8.53 -6.52 21.31
N ASP L 4 -8.33 -7.71 20.75
CA ASP L 4 -8.20 -7.85 19.31
C ASP L 4 -9.53 -7.75 18.58
N GLN L 5 -10.64 -7.66 19.31
CA GLN L 5 -11.94 -7.59 18.66
C GLN L 5 -12.22 -6.22 18.05
N PHE L 6 -11.38 -5.22 18.30
CA PHE L 6 -11.62 -3.89 17.79
C PHE L 6 -10.69 -3.53 16.64
N GLU L 7 -10.04 -4.52 16.02
CA GLU L 7 -9.11 -4.25 14.93
C GLU L 7 -9.86 -3.78 13.70
N ILE L 8 -9.32 -2.78 13.02
CA ILE L 8 -9.93 -2.24 11.81
C ILE L 8 -9.14 -2.77 10.62
N ARG L 9 -9.81 -3.52 9.75
CA ARG L 9 -9.18 -4.15 8.60
C ARG L 9 -9.77 -3.57 7.34
N THR L 10 -8.91 -3.24 6.38
CA THR L 10 -9.36 -2.71 5.10
C THR L 10 -9.76 -3.85 4.18
N LEU L 11 -10.87 -3.66 3.47
CA LEU L 11 -11.43 -4.73 2.64
C LEU L 11 -11.45 -4.40 1.15
N PHE L 12 -12.12 -3.34 0.74
CA PHE L 12 -12.31 -3.13 -0.69
C PHE L 12 -11.16 -2.36 -1.31
N GLY L 13 -10.56 -1.44 -0.56
CA GLY L 13 -9.32 -0.81 -0.96
C GLY L 13 -9.44 0.23 -2.04
N LEU L 14 -8.59 1.26 -1.94
CA LEU L 14 -8.42 2.27 -2.97
C LEU L 14 -7.18 3.06 -2.60
N GLN L 15 -6.40 3.42 -3.62
CA GLN L 15 -5.18 4.20 -3.38
C GLN L 15 -4.90 4.99 -4.64
N SER L 16 -3.86 5.82 -4.57
CA SER L 16 -3.34 6.54 -5.72
C SER L 16 -1.92 6.96 -5.41
N SER L 17 -1.37 7.79 -6.29
CA SER L 17 -0.16 8.53 -5.97
C SER L 17 -0.30 10.02 -6.21
N PHE L 18 -1.35 10.44 -6.93
CA PHE L 18 -1.63 11.86 -7.08
C PHE L 18 -2.16 12.46 -5.79
N ILE L 19 -3.27 11.93 -5.29
CA ILE L 19 -4.00 12.50 -4.17
C ILE L 19 -4.23 11.40 -3.15
N ASP L 20 -4.28 11.77 -1.89
CA ASP L 20 -4.48 10.80 -0.82
C ASP L 20 -5.97 10.46 -0.77
N LEU L 21 -6.36 9.46 -1.55
CA LEU L 21 -7.74 9.02 -1.57
C LEU L 21 -7.96 7.86 -0.60
N SER L 22 -7.05 7.68 0.36
CA SER L 22 -7.16 6.58 1.31
C SER L 22 -8.10 6.91 2.46
N CYS L 23 -8.66 8.13 2.47
CA CYS L 23 -9.61 8.52 3.51
C CYS L 23 -10.88 7.70 3.34
N LEU L 24 -11.47 7.74 2.14
CA LEU L 24 -12.66 6.96 1.88
C LEU L 24 -12.27 5.66 1.19
N ASN L 25 -12.64 4.54 1.80
CA ASN L 25 -12.51 3.17 1.29
C ASN L 25 -13.29 2.27 2.22
N LEU L 26 -13.89 1.22 1.66
CA LEU L 26 -14.76 0.35 2.44
C LEU L 26 -13.96 -0.48 3.42
N THR L 27 -14.27 -0.30 4.71
CA THR L 27 -13.49 -0.84 5.80
C THR L 27 -14.48 -1.46 6.77
N THR L 28 -13.97 -2.21 7.76
CA THR L 28 -14.81 -2.84 8.78
C THR L 28 -15.69 -1.83 9.49
N PHE L 29 -15.11 -0.71 9.89
CA PHE L 29 -15.90 0.40 10.44
C PHE L 29 -16.87 0.92 9.40
N SER L 30 -16.42 1.07 8.16
CA SER L 30 -17.28 1.61 7.13
C SER L 30 -18.37 0.63 6.75
N LEU L 31 -18.04 -0.66 6.70
CA LEU L 31 -19.06 -1.67 6.37
C LEU L 31 -20.09 -1.77 7.46
N TYR L 32 -19.69 -1.62 8.72
CA TYR L 32 -20.69 -1.64 9.77
C TYR L 32 -21.49 -0.34 9.82
N THR L 33 -20.96 0.77 9.32
CA THR L 33 -21.83 1.93 9.14
C THR L 33 -22.85 1.71 8.04
N ILE L 34 -22.45 1.06 6.94
CA ILE L 34 -23.41 0.67 5.90
C ILE L 34 -24.48 -0.26 6.47
N ILE L 35 -24.09 -1.17 7.36
CA ILE L 35 -25.06 -2.08 7.97
C ILE L 35 -26.00 -1.33 8.91
N VAL L 36 -25.49 -0.37 9.69
CA VAL L 36 -26.34 0.44 10.56
C VAL L 36 -27.35 1.25 9.76
N LEU L 37 -26.90 1.83 8.64
CA LEU L 37 -27.79 2.60 7.78
C LEU L 37 -28.86 1.72 7.15
N LEU L 38 -28.50 0.49 6.76
CA LEU L 38 -29.48 -0.39 6.14
C LEU L 38 -30.45 -0.96 7.17
N VAL L 39 -30.01 -1.13 8.42
CA VAL L 39 -30.93 -1.58 9.46
C VAL L 39 -31.94 -0.50 9.78
N ILE L 40 -31.46 0.74 9.96
CA ILE L 40 -32.33 1.85 10.26
C ILE L 40 -33.27 2.13 9.08
N THR L 41 -32.81 1.89 7.86
CA THR L 41 -33.69 1.96 6.71
C THR L 41 -34.71 0.83 6.73
N SER L 42 -34.30 -0.35 7.19
CA SER L 42 -35.17 -1.50 7.23
C SER L 42 -36.21 -1.38 8.34
N LEU L 43 -35.93 -0.60 9.38
CA LEU L 43 -36.89 -0.48 10.46
C LEU L 43 -38.07 0.41 10.11
N TYR L 44 -38.05 1.07 8.95
CA TYR L 44 -39.14 1.95 8.60
C TYR L 44 -39.68 1.76 7.19
N THR L 45 -38.93 1.15 6.29
CA THR L 45 -39.37 1.05 4.90
C THR L 45 -40.28 -0.16 4.69
N LEU L 46 -39.75 -1.36 4.90
CA LEU L 46 -40.51 -2.59 4.81
C LEU L 46 -41.24 -2.93 6.09
N THR L 47 -41.06 -2.16 7.14
CA THR L 47 -41.88 -2.32 8.34
C THR L 47 -43.33 -1.99 8.05
N ASN L 48 -43.56 -0.87 7.38
CA ASN L 48 -44.92 -0.43 7.07
C ASN L 48 -45.49 -1.30 5.97
N ASN L 49 -46.40 -2.20 6.32
CA ASN L 49 -47.13 -2.98 5.33
C ASN L 49 -48.03 -2.03 4.53
N ASN L 50 -47.72 -1.91 3.23
CA ASN L 50 -48.39 -1.16 2.15
C ASN L 50 -49.03 0.15 2.57
N ASN L 51 -48.34 0.88 3.45
CA ASN L 51 -48.77 2.17 4.02
C ASN L 51 -50.14 2.09 4.67
N LYS L 52 -50.32 1.08 5.53
CA LYS L 52 -51.57 0.88 6.24
C LYS L 52 -51.65 1.80 7.46
N ILE L 53 -52.87 2.25 7.77
CA ILE L 53 -53.09 3.13 8.90
C ILE L 53 -52.85 2.41 10.22
N ILE L 54 -53.27 1.14 10.31
CA ILE L 54 -53.33 0.41 11.57
C ILE L 54 -51.96 0.16 12.18
N GLY L 55 -50.91 0.13 11.38
CA GLY L 55 -49.58 0.12 11.95
C GLY L 55 -49.21 -1.19 12.60
N SER L 56 -48.90 -2.20 11.80
CA SER L 56 -48.61 -3.56 12.25
C SER L 56 -47.51 -3.66 13.31
N ARG L 57 -47.49 -4.80 14.02
CA ARG L 57 -46.73 -5.06 15.24
C ARG L 57 -45.27 -4.62 15.24
N TRP L 58 -44.64 -4.59 14.05
CA TRP L 58 -43.30 -4.05 13.95
C TRP L 58 -43.28 -2.55 14.15
N LEU L 59 -44.35 -1.87 13.74
CA LEU L 59 -44.33 -0.41 13.79
C LEU L 59 -44.61 0.13 15.20
N ILE L 60 -45.07 -0.73 16.12
CA ILE L 60 -45.25 -0.33 17.51
C ILE L 60 -43.90 -0.02 18.17
N SER L 61 -42.84 -0.72 17.75
CA SER L 61 -41.51 -0.47 18.28
C SER L 61 -41.01 0.93 17.89
N GLN L 62 -41.07 1.24 16.60
CA GLN L 62 -40.64 2.56 16.13
C GLN L 62 -41.69 3.63 16.37
N GLU L 63 -42.84 3.24 16.89
CA GLU L 63 -43.79 4.18 17.46
C GLU L 63 -43.38 4.56 18.88
N ALA L 64 -42.98 3.56 19.67
CA ALA L 64 -42.65 3.80 21.07
C ALA L 64 -41.35 4.56 21.21
N ILE L 65 -40.39 4.31 20.32
CA ILE L 65 -39.13 5.05 20.38
C ILE L 65 -39.36 6.52 20.06
N TYR L 66 -40.16 6.78 19.02
CA TYR L 66 -40.57 8.14 18.67
C TYR L 66 -41.27 8.84 19.81
N ASP L 67 -42.19 8.15 20.48
CA ASP L 67 -42.96 8.82 21.51
C ASP L 67 -42.13 9.03 22.77
N THR L 68 -41.20 8.11 23.07
CA THR L 68 -40.42 8.29 24.28
C THR L 68 -39.28 9.26 24.07
N ILE L 69 -39.02 9.67 22.82
CA ILE L 69 -38.06 10.75 22.60
C ILE L 69 -38.74 12.08 22.31
N MET L 70 -39.98 12.07 21.85
CA MET L 70 -40.74 13.31 21.87
C MET L 70 -41.05 13.75 23.29
N ASN L 71 -41.58 12.86 24.12
CA ASN L 71 -41.92 13.22 25.49
C ASN L 71 -40.71 13.41 26.38
N MET L 72 -39.51 13.11 25.89
CA MET L 72 -38.29 13.44 26.62
C MET L 72 -37.74 14.79 26.23
N THR L 73 -37.80 15.18 24.96
CA THR L 73 -37.27 16.47 24.54
C THR L 73 -38.31 17.58 24.65
N LYS L 74 -39.56 17.24 24.95
CA LYS L 74 -40.52 18.25 25.33
C LYS L 74 -40.36 18.65 26.78
N GLY L 75 -39.89 17.75 27.62
CA GLY L 75 -39.62 18.04 29.01
C GLY L 75 -38.24 18.56 29.30
N GLN L 76 -37.42 18.82 28.28
CA GLN L 76 -36.12 19.42 28.53
C GLN L 76 -36.02 20.83 27.95
N ILE L 77 -36.13 20.99 26.64
CA ILE L 77 -35.94 22.32 26.09
C ILE L 77 -37.23 23.12 26.09
N GLY L 78 -38.36 22.44 25.87
CA GLY L 78 -39.70 22.85 26.25
C GLY L 78 -40.15 24.28 26.12
N GLY L 79 -39.60 25.01 25.15
CA GLY L 79 -39.87 26.41 25.01
C GLY L 79 -40.85 26.71 23.92
N LYS L 80 -40.64 27.84 23.25
CA LYS L 80 -41.48 28.23 22.14
C LYS L 80 -41.29 27.30 20.95
N ASN L 81 -40.04 26.94 20.69
CA ASN L 81 -39.69 26.09 19.54
C ASN L 81 -38.78 24.96 20.02
N TRP L 82 -39.40 23.87 20.48
CA TRP L 82 -38.63 22.69 20.83
C TRP L 82 -38.51 21.71 19.69
N GLY L 83 -39.47 21.72 18.76
CA GLY L 83 -39.49 20.73 17.72
C GLY L 83 -38.47 20.98 16.61
N LEU L 84 -37.91 22.18 16.56
CA LEU L 84 -36.91 22.47 15.53
C LEU L 84 -35.61 21.72 15.76
N TYR L 85 -35.37 21.23 16.98
CA TYR L 85 -34.17 20.48 17.28
C TYR L 85 -34.48 19.02 17.58
N PHE L 86 -35.65 18.56 17.18
CA PHE L 86 -36.08 17.18 17.38
C PHE L 86 -35.51 16.14 16.42
N PRO L 87 -35.29 16.41 15.12
CA PRO L 87 -34.59 15.40 14.32
C PRO L 87 -33.17 15.08 14.77
N MET L 88 -32.43 16.07 15.25
CA MET L 88 -31.09 15.75 15.75
C MET L 88 -31.15 14.97 17.05
N ILE L 89 -32.11 15.29 17.92
CA ILE L 89 -32.21 14.57 19.18
C ILE L 89 -32.76 13.16 18.95
N PHE L 90 -33.36 12.89 17.80
CA PHE L 90 -33.76 11.51 17.50
C PHE L 90 -32.66 10.74 16.80
N THR L 91 -31.94 11.37 15.87
CA THR L 91 -30.90 10.67 15.13
C THR L 91 -29.61 10.56 15.92
N LEU L 92 -29.48 11.25 17.04
CA LEU L 92 -28.43 10.90 17.97
C LEU L 92 -28.82 9.70 18.80
N PHE L 93 -30.11 9.44 18.95
CA PHE L 93 -30.50 8.23 19.67
C PHE L 93 -30.28 7.00 18.80
N MET L 94 -30.92 6.98 17.62
CA MET L 94 -31.09 5.72 16.89
C MET L 94 -29.76 5.14 16.40
N PHE L 95 -28.78 6.00 16.11
CA PHE L 95 -27.44 5.52 15.81
C PHE L 95 -26.84 4.76 16.97
N ILE L 96 -26.97 5.29 18.18
CA ILE L 96 -26.33 4.67 19.33
C ILE L 96 -27.13 3.47 19.80
N PHE L 97 -28.44 3.49 19.58
CA PHE L 97 -29.27 2.36 19.99
C PHE L 97 -29.09 1.18 19.05
N ILE L 98 -28.95 1.41 17.75
CA ILE L 98 -28.75 0.31 16.82
C ILE L 98 -27.29 -0.13 16.82
N ALA L 99 -26.35 0.79 16.97
CA ALA L 99 -24.95 0.42 16.98
C ALA L 99 -24.50 -0.18 18.29
N ASN L 100 -25.37 -0.32 19.28
CA ASN L 100 -25.07 -1.08 20.48
C ASN L 100 -25.92 -2.31 20.63
N LEU L 101 -26.75 -2.63 19.64
CA LEU L 101 -27.38 -3.94 19.59
C LEU L 101 -26.71 -4.82 18.55
N ILE L 102 -26.27 -4.20 17.44
CA ILE L 102 -25.45 -4.89 16.45
C ILE L 102 -24.15 -5.36 17.06
N SER L 103 -23.60 -4.59 17.99
CA SER L 103 -22.32 -4.96 18.57
C SER L 103 -22.45 -6.11 19.57
N MET L 104 -23.68 -6.50 19.93
CA MET L 104 -23.86 -7.56 20.90
C MET L 104 -23.78 -8.93 20.24
N ILE L 105 -24.05 -9.00 18.94
CA ILE L 105 -23.98 -10.20 18.11
C ILE L 105 -22.55 -10.71 18.20
N PRO L 106 -22.30 -12.02 18.45
CA PRO L 106 -20.98 -12.46 18.93
C PRO L 106 -19.79 -12.17 18.04
N TYR L 107 -19.81 -12.56 16.78
CA TYR L 107 -18.73 -12.21 15.85
C TYR L 107 -19.08 -10.90 15.16
N SER L 108 -19.02 -9.83 15.93
CA SER L 108 -19.29 -8.51 15.39
C SER L 108 -18.43 -7.50 16.14
N PHE L 109 -18.80 -6.23 16.05
CA PHE L 109 -17.82 -5.16 16.14
C PHE L 109 -18.51 -3.89 16.61
N ALA L 110 -17.89 -3.21 17.58
CA ALA L 110 -18.50 -2.05 18.22
C ALA L 110 -18.13 -0.79 17.48
N LEU L 111 -19.11 -0.14 16.86
CA LEU L 111 -18.87 1.21 16.34
C LEU L 111 -18.65 2.17 17.49
N SER L 112 -19.40 1.99 18.57
CA SER L 112 -19.42 2.97 19.64
C SER L 112 -18.14 2.94 20.45
N ALA L 113 -17.39 1.84 20.40
CA ALA L 113 -16.19 1.79 21.22
C ALA L 113 -14.99 2.39 20.54
N HIS L 114 -15.15 3.20 19.51
CA HIS L 114 -14.03 3.95 18.94
C HIS L 114 -14.09 5.36 19.52
N LEU L 115 -13.10 5.66 20.37
CA LEU L 115 -13.11 6.94 21.09
C LEU L 115 -12.90 8.10 20.13
N VAL L 116 -12.19 7.87 19.03
CA VAL L 116 -11.86 8.94 18.10
C VAL L 116 -13.07 9.41 17.32
N PHE L 117 -14.04 8.53 17.09
CA PHE L 117 -15.26 8.99 16.46
C PHE L 117 -16.26 9.59 17.44
N ILE L 118 -16.43 8.97 18.61
CA ILE L 118 -17.44 9.44 19.55
C ILE L 118 -17.02 10.75 20.22
N ILE L 119 -15.74 10.87 20.57
CA ILE L 119 -15.22 12.14 21.09
C ILE L 119 -15.31 13.24 20.04
N SER L 120 -15.11 12.88 18.78
CA SER L 120 -15.29 13.86 17.71
C SER L 120 -16.73 14.30 17.57
N LEU L 121 -17.67 13.35 17.69
CA LEU L 121 -19.09 13.70 17.63
C LEU L 121 -19.50 14.58 18.81
N SER L 122 -18.91 14.33 19.98
CA SER L 122 -19.18 15.14 21.15
C SER L 122 -18.64 16.56 21.00
N ILE L 123 -17.43 16.70 20.46
CA ILE L 123 -16.85 18.02 20.24
C ILE L 123 -17.64 18.78 19.17
N VAL L 124 -18.17 18.06 18.19
CA VAL L 124 -19.04 18.68 17.19
C VAL L 124 -20.31 19.23 17.83
N ILE L 125 -20.93 18.46 18.72
CA ILE L 125 -22.13 18.96 19.39
C ILE L 125 -21.81 20.09 20.37
N TRP L 126 -20.63 20.09 20.99
CA TRP L 126 -20.28 21.17 21.91
C TRP L 126 -20.00 22.48 21.17
N LEU L 127 -19.22 22.43 20.10
CA LEU L 127 -19.02 23.65 19.30
C LEU L 127 -20.30 24.09 18.63
N GLY L 128 -21.15 23.16 18.25
CA GLY L 128 -22.42 23.58 17.72
C GLY L 128 -23.39 24.10 18.75
N ASN L 129 -23.14 23.89 20.02
CA ASN L 129 -23.87 24.64 21.02
C ASN L 129 -23.28 26.02 21.25
N THR L 130 -21.96 26.16 21.30
CA THR L 130 -21.38 27.47 21.58
C THR L 130 -21.61 28.44 20.45
N ILE L 131 -21.49 27.99 19.20
CA ILE L 131 -21.70 28.87 18.06
C ILE L 131 -23.16 29.28 17.97
N LEU L 132 -24.07 28.35 18.23
CA LEU L 132 -25.50 28.65 18.21
C LEU L 132 -25.87 29.62 19.33
N GLY L 133 -25.26 29.44 20.50
CA GLY L 133 -25.54 30.34 21.60
C GLY L 133 -25.01 31.75 21.36
N LEU L 134 -23.80 31.85 20.79
CA LEU L 134 -23.25 33.17 20.48
C LEU L 134 -24.08 33.87 19.40
N TYR L 135 -24.46 33.14 18.35
CA TYR L 135 -25.27 33.73 17.29
C TYR L 135 -26.63 34.17 17.80
N LYS L 136 -27.27 33.37 18.65
CA LYS L 136 -28.61 33.75 19.07
C LYS L 136 -28.60 34.81 20.16
N HIS L 137 -27.55 34.90 20.98
CA HIS L 137 -27.67 35.81 22.10
C HIS L 137 -26.46 36.71 22.32
N GLY L 138 -25.69 37.01 21.28
CA GLY L 138 -24.78 38.14 21.30
C GLY L 138 -23.66 38.03 22.32
N TRP L 139 -23.36 39.15 22.95
CA TRP L 139 -22.36 39.18 24.01
C TRP L 139 -22.92 38.73 25.35
N VAL L 140 -24.25 38.66 25.50
CA VAL L 140 -24.83 38.27 26.78
C VAL L 140 -24.94 36.76 26.89
N PHE L 141 -24.35 36.02 25.96
CA PHE L 141 -24.24 34.57 26.10
C PHE L 141 -23.44 34.18 27.34
N PHE L 142 -22.47 35.00 27.71
CA PHE L 142 -21.65 34.73 28.87
C PHE L 142 -22.40 34.91 30.20
N SER L 143 -23.66 35.35 30.17
CA SER L 143 -24.50 35.38 31.36
C SER L 143 -24.85 34.00 31.86
N LEU L 144 -24.63 32.96 31.05
CA LEU L 144 -24.74 31.57 31.47
C LEU L 144 -23.75 31.20 32.55
N PHE L 145 -22.65 31.94 32.68
CA PHE L 145 -21.55 31.57 33.54
C PHE L 145 -21.69 32.09 34.97
N VAL L 146 -22.71 32.90 35.25
CA VAL L 146 -23.05 33.29 36.60
C VAL L 146 -24.36 32.59 36.98
N PRO L 147 -24.41 31.87 38.09
CA PRO L 147 -25.55 30.99 38.37
C PRO L 147 -26.87 31.69 38.63
N ALA L 148 -26.89 32.54 39.65
CA ALA L 148 -28.10 33.21 40.12
C ALA L 148 -27.65 34.39 40.94
N GLY L 149 -28.55 34.92 41.77
CA GLY L 149 -28.17 35.92 42.74
C GLY L 149 -27.13 35.38 43.70
N THR L 150 -25.90 35.83 43.51
CA THR L 150 -24.71 35.40 44.23
C THR L 150 -23.99 36.61 44.77
N PRO L 151 -23.26 36.48 45.88
CA PRO L 151 -22.48 37.62 46.37
C PRO L 151 -21.30 37.92 45.45
N LEU L 152 -21.16 39.20 45.12
CA LEU L 152 -20.14 39.63 44.17
C LEU L 152 -18.67 39.34 44.54
N PRO L 153 -18.20 39.34 45.80
CA PRO L 153 -16.77 39.03 46.02
C PRO L 153 -16.34 37.61 45.71
N LEU L 154 -17.25 36.69 45.39
CA LEU L 154 -16.87 35.33 45.02
C LEU L 154 -17.39 34.96 43.64
N VAL L 155 -17.84 35.94 42.87
CA VAL L 155 -18.29 35.70 41.50
C VAL L 155 -17.17 35.26 40.55
N PRO L 156 -15.96 35.87 40.50
CA PRO L 156 -14.96 35.38 39.52
C PRO L 156 -14.48 33.96 39.73
N LEU L 157 -14.40 33.48 40.97
CA LEU L 157 -14.10 32.07 41.22
C LEU L 157 -15.19 31.18 40.65
N LEU L 158 -16.44 31.54 40.88
CA LEU L 158 -17.62 30.86 40.39
C LEU L 158 -17.85 31.07 38.90
N VAL L 159 -17.04 31.91 38.25
CA VAL L 159 -17.00 32.00 36.81
C VAL L 159 -15.91 31.09 36.23
N ILE L 160 -14.74 31.06 36.87
CA ILE L 160 -13.64 30.23 36.38
C ILE L 160 -14.00 28.75 36.47
N ILE L 161 -14.52 28.31 37.62
CA ILE L 161 -14.81 26.89 37.74
C ILE L 161 -16.26 26.63 37.37
N GLU L 162 -16.87 27.57 36.66
CA GLU L 162 -18.01 27.25 35.82
C GLU L 162 -17.60 27.05 34.37
N THR L 163 -16.69 27.88 33.86
CA THR L 163 -16.24 27.68 32.48
C THR L 163 -15.40 26.43 32.33
N LEU L 164 -14.65 26.04 33.37
CA LEU L 164 -13.91 24.77 33.30
C LEU L 164 -14.87 23.59 33.17
N SER L 165 -15.98 23.64 33.91
CA SER L 165 -17.03 22.66 33.71
C SER L 165 -17.77 22.87 32.40
N TYR L 166 -17.64 24.04 31.78
CA TYR L 166 -18.31 24.23 30.50
C TYR L 166 -17.53 23.61 29.35
N PHE L 167 -16.20 23.64 29.38
CA PHE L 167 -15.49 22.94 28.32
C PHE L 167 -14.90 21.61 28.77
N ALA L 168 -15.28 21.08 29.94
CA ALA L 168 -15.13 19.65 30.15
C ALA L 168 -16.27 18.90 29.49
N ARG L 169 -17.33 19.60 29.17
CA ARG L 169 -18.55 19.10 28.56
C ARG L 169 -18.28 18.62 27.14
N ALA L 170 -17.20 19.12 26.54
CA ALA L 170 -16.84 18.73 25.18
C ALA L 170 -16.43 17.27 25.10
N ILE L 171 -15.63 16.80 26.05
CA ILE L 171 -15.15 15.42 25.98
C ILE L 171 -15.88 14.48 26.93
N SER L 172 -16.55 14.99 27.96
CA SER L 172 -17.19 14.11 28.94
C SER L 172 -18.35 13.37 28.31
N LEU L 173 -19.14 14.05 27.50
CA LEU L 173 -20.33 13.48 26.89
C LEU L 173 -20.00 12.31 25.97
N GLY L 174 -18.86 12.37 25.30
CA GLY L 174 -18.47 11.27 24.45
C GLY L 174 -17.79 10.17 25.22
N LEU L 175 -16.91 10.55 26.16
CA LEU L 175 -16.06 9.56 26.80
C LEU L 175 -16.86 8.70 27.78
N ARG L 176 -18.00 9.20 28.27
CA ARG L 176 -18.93 8.36 29.02
C ARG L 176 -19.38 7.15 28.21
N LEU L 177 -19.87 7.40 27.00
CA LEU L 177 -20.38 6.33 26.15
C LEU L 177 -19.27 5.40 25.70
N GLY L 178 -18.14 5.98 25.31
CA GLY L 178 -16.99 5.18 24.91
C GLY L 178 -16.50 4.26 26.00
N SER L 179 -16.47 4.77 27.23
CA SER L 179 -15.99 3.98 28.35
C SER L 179 -16.95 2.85 28.69
N ASN L 180 -18.26 3.12 28.64
CA ASN L 180 -19.24 2.08 28.93
C ASN L 180 -19.19 0.94 27.92
N ILE L 181 -19.20 1.28 26.63
CA ILE L 181 -19.22 0.22 25.62
C ILE L 181 -17.90 -0.54 25.61
N LEU L 182 -16.78 0.15 25.76
CA LEU L 182 -15.48 -0.51 25.72
C LEU L 182 -15.28 -1.40 26.94
N ALA L 183 -15.69 -0.94 28.13
CA ALA L 183 -15.49 -1.74 29.32
C ALA L 183 -16.43 -2.95 29.34
N GLY L 184 -17.64 -2.80 28.80
CA GLY L 184 -18.54 -3.94 28.74
C GLY L 184 -18.03 -5.04 27.82
N HIS L 185 -17.58 -4.64 26.62
CA HIS L 185 -17.09 -5.66 25.69
C HIS L 185 -15.79 -6.28 26.17
N LEU L 186 -14.91 -5.49 26.77
CA LEU L 186 -13.67 -6.05 27.25
C LEU L 186 -13.90 -6.98 28.43
N LEU L 187 -14.91 -6.69 29.27
CA LEU L 187 -15.29 -7.58 30.36
C LEU L 187 -15.80 -8.92 29.85
N MET L 188 -16.68 -8.89 28.84
CA MET L 188 -17.23 -10.15 28.30
C MET L 188 -16.14 -11.00 27.66
N VAL L 189 -15.24 -10.38 26.91
CA VAL L 189 -14.20 -11.18 26.23
C VAL L 189 -13.20 -11.74 27.24
N ILE L 190 -12.89 -10.98 28.29
CA ILE L 190 -11.93 -11.50 29.29
C ILE L 190 -12.54 -12.63 30.11
N LEU L 191 -13.83 -12.53 30.46
CA LEU L 191 -14.43 -13.65 31.19
C LEU L 191 -14.63 -14.87 30.31
N ALA L 192 -14.89 -14.68 29.02
CA ALA L 192 -14.93 -15.82 28.12
C ALA L 192 -13.56 -16.48 28.00
N GLY L 193 -12.50 -15.66 27.93
CA GLY L 193 -11.14 -16.18 27.91
C GLY L 193 -10.73 -16.90 29.17
N LEU L 194 -11.29 -16.52 30.31
CA LEU L 194 -10.97 -17.25 31.52
C LEU L 194 -11.76 -18.54 31.64
N THR L 195 -13.04 -18.52 31.26
CA THR L 195 -13.82 -19.75 31.38
C THR L 195 -13.46 -20.78 30.32
N PHE L 196 -12.83 -20.34 29.22
CA PHE L 196 -12.37 -21.32 28.25
C PHE L 196 -11.22 -22.14 28.80
N ASN L 197 -10.20 -21.47 29.34
CA ASN L 197 -9.10 -22.20 29.94
C ASN L 197 -9.48 -22.83 31.27
N PHE L 198 -10.62 -22.45 31.85
CA PHE L 198 -11.13 -23.20 33.00
C PHE L 198 -11.64 -24.56 32.60
N MET L 199 -12.19 -24.70 31.40
CA MET L 199 -12.85 -25.93 30.98
C MET L 199 -11.95 -26.86 30.17
N LEU L 200 -10.67 -26.56 30.03
CA LEU L 200 -9.75 -27.45 29.33
C LEU L 200 -8.84 -28.23 30.25
N ILE L 201 -8.88 -27.98 31.55
CA ILE L 201 -8.22 -28.83 32.53
C ILE L 201 -9.13 -30.03 32.78
N ASN L 202 -8.65 -30.97 33.61
CA ASN L 202 -9.20 -32.30 33.89
C ASN L 202 -10.72 -32.39 33.98
N LEU L 203 -11.26 -33.52 33.50
CA LEU L 203 -12.67 -33.66 33.09
C LEU L 203 -13.68 -33.36 34.19
N PHE L 204 -13.24 -33.30 35.45
CA PHE L 204 -14.12 -32.89 36.54
C PHE L 204 -14.56 -31.44 36.45
N THR L 205 -13.95 -30.63 35.59
CA THR L 205 -14.35 -29.23 35.50
C THR L 205 -15.47 -29.00 34.49
N LEU L 206 -15.63 -29.90 33.51
CA LEU L 206 -16.75 -29.75 32.60
C LEU L 206 -18.02 -30.19 33.29
N VAL L 207 -17.90 -31.11 34.24
CA VAL L 207 -18.92 -31.30 35.24
C VAL L 207 -18.91 -30.08 36.15
N PHE L 208 -20.10 -29.61 36.54
CA PHE L 208 -20.36 -28.38 37.29
C PHE L 208 -19.58 -27.16 36.79
N GLY L 209 -19.31 -27.12 35.48
CA GLY L 209 -18.74 -25.94 34.86
C GLY L 209 -19.82 -25.11 34.23
N PHE L 210 -21.04 -25.28 34.72
CA PHE L 210 -22.19 -24.55 34.26
C PHE L 210 -22.33 -23.19 34.94
N VAL L 211 -21.85 -23.06 36.18
CA VAL L 211 -21.96 -21.78 36.88
C VAL L 211 -21.13 -20.64 36.29
N PRO L 212 -19.91 -20.81 35.74
CA PRO L 212 -19.31 -19.66 35.05
C PRO L 212 -20.00 -19.33 33.74
N LEU L 213 -20.57 -20.33 33.08
CA LEU L 213 -21.39 -20.10 31.90
C LEU L 213 -22.62 -19.29 32.25
N ALA L 214 -23.23 -19.58 33.40
CA ALA L 214 -24.37 -18.79 33.87
C ALA L 214 -23.96 -17.39 34.27
N MET L 215 -22.75 -17.20 34.80
CA MET L 215 -22.28 -15.86 35.11
C MET L 215 -22.06 -15.04 33.84
N ILE L 216 -21.54 -15.67 32.78
CA ILE L 216 -21.37 -14.96 31.52
C ILE L 216 -22.73 -14.66 30.88
N LEU L 217 -23.71 -15.55 31.04
CA LEU L 217 -25.06 -15.27 30.58
C LEU L 217 -25.67 -14.10 31.35
N ALA L 218 -25.39 -14.01 32.64
CA ALA L 218 -25.92 -12.89 33.43
C ALA L 218 -25.28 -11.58 33.02
N ILE L 219 -23.99 -11.60 32.70
CA ILE L 219 -23.32 -10.38 32.25
C ILE L 219 -23.84 -9.95 30.88
N MET L 220 -24.14 -10.92 30.01
CA MET L 220 -24.74 -10.57 28.72
C MET L 220 -26.14 -10.01 28.90
N MET L 221 -26.88 -10.51 29.90
CA MET L 221 -28.17 -9.90 30.24
C MET L 221 -27.99 -8.47 30.73
N LEU L 222 -26.93 -8.22 31.49
CA LEU L 222 -26.65 -6.87 31.97
C LEU L 222 -26.21 -5.94 30.84
N GLU L 223 -25.63 -6.51 29.79
CA GLU L 223 -24.94 -5.68 28.80
C GLU L 223 -25.92 -5.01 27.86
N PHE L 224 -27.09 -5.61 27.63
CA PHE L 224 -28.12 -4.90 26.87
C PHE L 224 -28.63 -3.70 27.63
N ALA L 225 -28.75 -3.84 28.96
CA ALA L 225 -29.20 -2.73 29.78
C ALA L 225 -28.18 -1.60 29.76
N ILE L 226 -26.90 -1.94 29.94
CA ILE L 226 -25.87 -0.90 29.90
C ILE L 226 -25.62 -0.39 28.48
N GLY L 227 -26.17 -1.05 27.46
CA GLY L 227 -26.09 -0.51 26.12
C GLY L 227 -27.25 0.37 25.71
N ILE L 228 -28.44 0.10 26.21
CA ILE L 228 -29.59 0.93 25.85
C ILE L 228 -29.67 2.16 26.75
N ILE L 229 -29.29 2.01 28.02
CA ILE L 229 -29.31 3.14 28.94
C ILE L 229 -28.35 4.24 28.50
N GLN L 230 -27.19 3.88 27.91
CA GLN L 230 -26.28 4.91 27.43
C GLN L 230 -26.81 5.61 26.19
N GLY L 231 -27.52 4.88 25.34
CA GLY L 231 -28.19 5.50 24.22
C GLY L 231 -29.27 6.47 24.66
N TYR L 232 -29.86 6.23 25.82
CA TYR L 232 -30.81 7.21 26.35
C TYR L 232 -30.11 8.38 27.04
N VAL L 233 -28.97 8.12 27.70
CA VAL L 233 -28.33 9.17 28.49
C VAL L 233 -27.64 10.19 27.57
N TRP L 234 -27.11 9.74 26.44
CA TRP L 234 -26.63 10.66 25.41
C TRP L 234 -27.72 11.62 24.98
N ALA L 235 -28.90 11.10 24.66
CA ALA L 235 -29.98 11.94 24.18
C ALA L 235 -30.67 12.74 25.28
N ILE L 236 -30.41 12.47 26.55
CA ILE L 236 -30.91 13.39 27.57
C ILE L 236 -29.89 14.49 27.87
N LEU L 237 -28.58 14.21 27.82
CA LEU L 237 -27.63 15.28 28.10
C LEU L 237 -27.53 16.24 26.92
N THR L 238 -27.63 15.74 25.69
CA THR L 238 -27.64 16.75 24.62
C THR L 238 -29.02 17.31 24.36
N ALA L 239 -30.00 17.06 25.23
CA ALA L 239 -31.16 17.92 25.28
C ALA L 239 -30.99 19.00 26.35
N SER L 240 -30.40 18.62 27.48
CA SER L 240 -30.14 19.60 28.53
C SER L 240 -29.14 20.66 28.08
N TYR L 241 -28.19 20.27 27.24
CA TYR L 241 -27.18 21.22 26.78
C TYR L 241 -27.78 22.21 25.80
N LEU L 242 -28.74 21.78 24.98
CA LEU L 242 -29.44 22.72 24.13
C LEU L 242 -30.39 23.60 24.92
N LYS L 243 -30.90 23.11 26.06
CA LYS L 243 -31.65 24.01 26.95
C LYS L 243 -30.75 25.13 27.47
N ASP L 244 -29.52 24.79 27.89
CA ASP L 244 -28.62 25.84 28.36
C ASP L 244 -28.19 26.78 27.25
N ALA L 245 -27.91 26.25 26.05
CA ALA L 245 -27.36 27.09 24.99
C ALA L 245 -28.44 27.96 24.35
N VAL L 246 -29.65 27.43 24.20
CA VAL L 246 -30.69 28.20 23.53
C VAL L 246 -31.31 29.21 24.50
N TYR L 247 -31.64 28.78 25.71
CA TYR L 247 -32.28 29.63 26.71
C TYR L 247 -31.26 29.91 27.81
N LEU L 248 -31.05 31.18 28.12
CA LEU L 248 -30.04 31.51 29.10
C LEU L 248 -30.57 31.22 30.50
N HIS L 249 -30.23 30.03 31.00
CA HIS L 249 -30.74 29.46 32.26
C HIS L 249 -32.27 29.45 32.34
N LYS M 7 -36.88 -49.82 11.75
CA LYS M 7 -36.39 -50.87 12.63
C LYS M 7 -37.03 -50.78 14.01
N GLN M 8 -37.25 -49.55 14.48
CA GLN M 8 -37.83 -49.33 15.79
C GLN M 8 -39.35 -49.46 15.73
N THR M 9 -40.00 -49.09 16.84
CA THR M 9 -41.45 -49.25 16.95
C THR M 9 -42.18 -48.20 16.12
N ASP M 10 -42.00 -46.93 16.44
CA ASP M 10 -42.71 -45.84 15.79
C ASP M 10 -41.81 -44.97 14.94
N PRO M 11 -40.57 -45.38 14.70
CA PRO M 11 -39.64 -44.54 13.95
C PRO M 11 -39.96 -44.55 12.47
N LYS M 12 -40.55 -45.65 11.97
CA LYS M 12 -40.82 -45.80 10.54
C LYS M 12 -41.95 -44.90 10.05
N ALA M 13 -42.69 -44.27 10.95
CA ALA M 13 -43.71 -43.28 10.60
C ALA M 13 -43.31 -41.87 11.02
N LYS M 14 -42.75 -41.72 12.22
CA LYS M 14 -42.35 -40.40 12.70
C LYS M 14 -41.17 -39.86 11.91
N ALA M 15 -40.14 -40.69 11.69
CA ALA M 15 -39.01 -40.27 10.87
C ALA M 15 -39.41 -40.11 9.41
N ASN M 16 -40.40 -40.89 8.96
CA ASN M 16 -40.90 -40.74 7.60
C ASN M 16 -41.62 -39.40 7.41
N SER M 17 -42.42 -39.01 8.40
CA SER M 17 -43.07 -37.70 8.35
C SER M 17 -42.06 -36.57 8.52
N ILE M 18 -40.98 -36.81 9.28
CA ILE M 18 -39.92 -35.81 9.40
C ILE M 18 -39.19 -35.62 8.08
N ILE M 19 -38.90 -36.71 7.37
CA ILE M 19 -38.27 -36.61 6.06
C ILE M 19 -39.22 -36.03 5.02
N ASN M 20 -40.52 -36.29 5.16
CA ASN M 20 -41.50 -35.72 4.25
C ASN M 20 -41.63 -34.22 4.45
N ALA M 21 -41.67 -33.77 5.71
CA ALA M 21 -41.71 -32.35 6.00
C ALA M 21 -40.39 -31.66 5.66
N ILE M 22 -39.29 -32.40 5.69
CA ILE M 22 -38.04 -31.89 5.16
C ILE M 22 -38.04 -31.86 3.63
N PRO M 23 -38.90 -32.64 2.99
CA PRO M 23 -38.98 -32.68 1.54
C PRO M 23 -40.26 -32.07 0.98
N GLY M 24 -41.07 -31.40 1.82
CA GLY M 24 -42.35 -30.86 1.37
C GLY M 24 -42.24 -29.46 0.77
N ASN M 25 -41.09 -28.79 0.89
CA ASN M 25 -40.94 -27.42 0.40
C ASN M 25 -39.94 -27.43 -0.76
N ASN M 26 -40.46 -27.75 -1.96
CA ASN M 26 -39.77 -27.61 -3.25
C ASN M 26 -38.45 -28.38 -3.30
N ILE M 27 -38.40 -29.53 -2.62
CA ILE M 27 -37.17 -30.26 -2.42
C ILE M 27 -37.10 -31.44 -3.39
N LEU M 28 -36.13 -31.40 -4.30
CA LEU M 28 -35.88 -32.51 -5.21
C LEU M 28 -35.01 -33.60 -4.58
N THR M 29 -34.61 -33.44 -3.32
CA THR M 29 -33.82 -34.43 -2.60
C THR M 29 -34.66 -35.32 -1.69
N LYS M 30 -35.87 -35.69 -2.15
CA LYS M 30 -36.81 -36.44 -1.32
C LYS M 30 -36.38 -37.89 -1.11
N THR M 31 -35.40 -38.38 -1.86
CA THR M 31 -34.88 -39.72 -1.65
C THR M 31 -34.17 -39.82 -0.31
N GLY M 32 -33.32 -38.85 0.00
CA GLY M 32 -32.67 -38.74 1.29
C GLY M 32 -32.59 -37.27 1.65
N VAL M 33 -33.30 -36.86 2.70
CA VAL M 33 -33.28 -35.46 3.12
C VAL M 33 -31.93 -35.07 3.68
N LEU M 34 -31.33 -35.97 4.46
CA LEU M 34 -29.98 -35.78 4.98
C LEU M 34 -28.92 -36.41 4.09
N GLY M 35 -29.19 -36.54 2.79
CA GLY M 35 -28.23 -37.16 1.89
C GLY M 35 -27.01 -36.29 1.65
N THR M 36 -27.22 -34.98 1.55
CA THR M 36 -26.11 -34.05 1.38
C THR M 36 -25.71 -33.36 2.67
N SER M 37 -26.59 -33.31 3.66
CA SER M 37 -26.29 -32.61 4.90
C SER M 37 -25.30 -33.39 5.75
N ALA M 38 -25.55 -34.69 5.90
CA ALA M 38 -24.70 -35.53 6.76
C ALA M 38 -23.31 -35.70 6.17
N ALA M 39 -23.18 -35.53 4.85
CA ALA M 39 -21.86 -35.52 4.23
C ALA M 39 -21.09 -34.24 4.57
N ALA M 40 -21.75 -33.08 4.37
CA ALA M 40 -21.08 -31.79 4.56
C ALA M 40 -20.74 -31.55 6.02
N VAL M 41 -21.51 -32.15 6.95
CA VAL M 41 -21.14 -32.13 8.36
C VAL M 41 -19.80 -32.83 8.57
N ILE M 42 -19.61 -34.00 7.95
CA ILE M 42 -18.35 -34.74 8.07
C ILE M 42 -17.20 -33.97 7.44
N TYR M 43 -17.48 -33.28 6.32
CA TYR M 43 -16.44 -32.47 5.69
C TYR M 43 -16.02 -31.30 6.57
N ALA M 44 -16.99 -30.63 7.20
CA ALA M 44 -16.66 -29.50 8.06
C ALA M 44 -15.95 -29.95 9.34
N ILE M 45 -16.29 -31.13 9.86
CA ILE M 45 -15.65 -31.61 11.07
C ILE M 45 -14.22 -32.06 10.77
N SER M 46 -14.04 -32.84 9.71
CA SER M 46 -12.72 -33.39 9.42
C SER M 46 -11.76 -32.34 8.87
N ASN M 47 -12.28 -31.36 8.14
CA ASN M 47 -11.40 -30.35 7.55
C ASN M 47 -11.07 -29.25 8.55
N GLU M 48 -11.69 -29.26 9.73
CA GLU M 48 -11.56 -28.23 10.77
C GLU M 48 -11.93 -26.85 10.23
N LEU M 49 -13.19 -26.73 9.84
CA LEU M 49 -13.64 -25.46 9.28
C LEU M 49 -14.11 -24.51 10.37
N TYR M 50 -14.71 -25.04 11.43
CA TYR M 50 -15.11 -24.24 12.58
C TYR M 50 -14.17 -24.57 13.73
N VAL M 51 -13.27 -23.65 14.05
CA VAL M 51 -12.41 -23.81 15.21
C VAL M 51 -13.22 -23.45 16.44
N ILE M 52 -13.16 -24.30 17.47
CA ILE M 52 -13.71 -23.90 18.75
C ILE M 52 -12.82 -22.82 19.33
N ASN M 53 -13.42 -21.72 19.74
CA ASN M 53 -12.69 -20.50 19.99
C ASN M 53 -12.97 -20.01 21.41
N ASP M 54 -12.18 -19.03 21.83
CA ASP M 54 -12.54 -18.18 22.96
C ASP M 54 -13.93 -17.60 22.77
N GLU M 55 -14.21 -17.08 21.57
CA GLU M 55 -15.46 -16.39 21.31
C GLU M 55 -16.62 -17.36 21.11
N SER M 56 -16.34 -18.66 21.04
CA SER M 56 -17.39 -19.65 20.85
C SER M 56 -18.25 -19.79 22.10
N ILE M 57 -17.67 -19.62 23.28
CA ILE M 57 -18.46 -19.66 24.50
C ILE M 57 -19.41 -18.47 24.55
N LEU M 58 -18.95 -17.33 24.03
CA LEU M 58 -19.81 -16.18 23.88
C LEU M 58 -20.92 -16.45 22.89
N LEU M 59 -20.62 -17.22 21.83
CA LEU M 59 -21.66 -17.65 20.90
C LEU M 59 -22.68 -18.57 21.58
N LEU M 60 -22.22 -19.48 22.42
CA LEU M 60 -23.11 -20.40 23.10
C LEU M 60 -24.02 -19.67 24.08
N THR M 61 -23.48 -18.68 24.79
CA THR M 61 -24.31 -17.88 25.68
C THR M 61 -25.27 -17.02 24.90
N PHE M 62 -24.90 -16.58 23.70
CA PHE M 62 -25.87 -15.86 22.88
C PHE M 62 -26.97 -16.77 22.40
N LEU M 63 -26.66 -18.03 22.14
CA LEU M 63 -27.70 -19.00 21.80
C LEU M 63 -28.66 -19.20 22.96
N GLY M 64 -28.11 -19.33 24.18
CA GLY M 64 -28.96 -19.45 25.35
C GLY M 64 -29.77 -18.21 25.62
N PHE M 65 -29.19 -17.04 25.33
CA PHE M 65 -29.92 -15.79 25.47
C PHE M 65 -31.08 -15.71 24.49
N THR M 66 -30.85 -16.12 23.25
CA THR M 66 -31.93 -16.14 22.27
C THR M 66 -33.00 -17.16 22.63
N GLY M 67 -32.60 -18.27 23.25
CA GLY M 67 -33.59 -19.23 23.75
C GLY M 67 -34.46 -18.64 24.84
N LEU M 68 -33.85 -17.90 25.77
CA LEU M 68 -34.62 -17.26 26.83
C LEU M 68 -35.54 -16.18 26.27
N VAL M 69 -35.07 -15.45 25.26
CA VAL M 69 -35.89 -14.40 24.67
C VAL M 69 -37.09 -15.00 23.95
N ALA M 70 -36.85 -16.00 23.11
CA ALA M 70 -37.92 -16.62 22.34
C ALA M 70 -38.86 -17.45 23.22
N LYS M 71 -38.44 -17.84 24.42
CA LYS M 71 -39.39 -18.50 25.29
C LYS M 71 -40.22 -17.50 26.10
N TYR M 72 -39.61 -16.46 26.64
CA TYR M 72 -40.30 -15.60 27.60
C TYR M 72 -40.72 -14.25 27.01
N LEU M 73 -39.80 -13.51 26.41
CA LEU M 73 -40.11 -12.14 26.03
C LEU M 73 -40.98 -12.08 24.79
N ALA M 74 -40.87 -13.09 23.92
CA ALA M 74 -41.63 -13.07 22.67
C ALA M 74 -43.15 -13.20 22.84
N PRO M 75 -43.71 -14.12 23.64
CA PRO M 75 -45.18 -14.10 23.78
C PRO M 75 -45.68 -12.93 24.62
N ALA M 76 -44.87 -12.41 25.54
CA ALA M 76 -45.28 -11.24 26.31
C ALA M 76 -45.39 -10.01 25.42
N TYR M 77 -44.38 -9.80 24.57
CA TYR M 77 -44.46 -8.71 23.61
C TYR M 77 -45.55 -8.94 22.59
N LYS M 78 -45.82 -10.21 22.23
CA LYS M 78 -46.91 -10.50 21.33
C LYS M 78 -48.25 -10.11 21.93
N ASP M 79 -48.46 -10.41 23.21
CA ASP M 79 -49.70 -10.05 23.89
C ASP M 79 -49.83 -8.53 24.05
N PHE M 80 -48.72 -7.85 24.37
CA PHE M 80 -48.74 -6.40 24.51
C PHE M 80 -49.07 -5.71 23.19
N ALA M 81 -48.41 -6.13 22.11
CA ALA M 81 -48.64 -5.54 20.81
C ALA M 81 -50.03 -5.84 20.31
N ASP M 82 -50.55 -7.03 20.64
CA ASP M 82 -51.89 -7.38 20.19
C ASP M 82 -52.95 -6.59 20.96
N ALA M 83 -52.70 -6.32 22.24
CA ALA M 83 -53.64 -5.52 23.02
C ALA M 83 -53.65 -4.06 22.54
N ARG M 84 -52.47 -3.51 22.24
CA ARG M 84 -52.42 -2.15 21.72
C ARG M 84 -53.05 -2.07 20.34
N MET M 85 -52.84 -3.11 19.52
CA MET M 85 -53.45 -3.16 18.20
C MET M 85 -54.97 -3.23 18.30
N LYS M 86 -55.46 -3.99 19.28
CA LYS M 86 -56.90 -4.09 19.50
C LYS M 86 -57.47 -2.76 19.97
N LYS M 87 -56.73 -2.04 20.82
CA LYS M 87 -57.20 -0.74 21.29
C LYS M 87 -57.24 0.28 20.16
N VAL M 88 -56.21 0.29 19.31
CA VAL M 88 -56.17 1.18 18.14
C VAL M 88 -57.34 0.90 17.22
N SER M 89 -57.50 -0.37 16.80
CA SER M 89 -58.54 -0.72 15.85
C SER M 89 -59.94 -0.54 16.46
N ASP M 90 -60.06 -0.80 17.76
CA ASP M 90 -61.35 -0.69 18.42
C ASP M 90 -61.82 0.76 18.52
N VAL M 91 -60.96 1.66 18.99
CA VAL M 91 -61.37 3.05 19.10
C VAL M 91 -61.54 3.66 17.72
N LEU M 92 -60.63 3.35 16.80
CA LEU M 92 -60.66 3.90 15.45
C LEU M 92 -61.88 3.43 14.67
N ASN M 93 -62.36 2.23 14.96
CA ASN M 93 -63.57 1.75 14.30
C ASN M 93 -64.83 2.24 14.99
N ALA M 94 -64.85 2.22 16.33
CA ALA M 94 -66.07 2.48 17.06
C ALA M 94 -66.44 3.95 17.04
N SER M 95 -65.46 4.85 17.07
CA SER M 95 -65.73 6.28 17.02
C SER M 95 -66.37 6.66 15.68
N ARG M 96 -65.78 6.17 14.59
CA ARG M 96 -66.30 6.47 13.26
C ARG M 96 -67.64 5.80 13.03
N ASN M 97 -67.85 4.61 13.59
CA ASN M 97 -69.12 3.91 13.44
C ASN M 97 -70.23 4.64 14.17
N LYS M 98 -70.01 4.97 15.45
CA LYS M 98 -71.05 5.62 16.24
C LYS M 98 -71.25 7.07 15.81
N HIS M 99 -70.27 7.68 15.16
CA HIS M 99 -70.48 9.03 14.64
C HIS M 99 -71.20 9.00 13.29
N VAL M 100 -70.88 8.03 12.44
CA VAL M 100 -71.52 7.94 11.15
C VAL M 100 -72.93 7.37 11.22
N GLU M 101 -73.26 6.66 12.29
CA GLU M 101 -74.61 6.13 12.44
C GLU M 101 -75.62 7.21 12.78
N ALA M 102 -75.18 8.35 13.31
CA ALA M 102 -76.10 9.40 13.73
C ALA M 102 -76.57 10.29 12.60
N VAL M 103 -76.03 10.13 11.40
CA VAL M 103 -76.44 10.95 10.27
C VAL M 103 -77.79 10.52 9.74
N LEU N 121 -78.43 6.89 4.03
CA LEU N 121 -77.54 5.82 4.47
C LEU N 121 -76.45 5.58 3.44
N ASP N 122 -75.99 6.66 2.80
CA ASP N 122 -74.89 6.55 1.84
C ASP N 122 -73.57 6.30 2.55
N ASN N 123 -73.50 6.63 3.84
CA ASN N 123 -72.31 6.36 4.64
C ASN N 123 -72.11 4.86 4.85
N ILE N 124 -73.19 4.14 5.14
CA ILE N 124 -73.08 2.68 5.28
C ILE N 124 -73.09 2.01 3.92
N GLN N 125 -73.60 2.71 2.89
CA GLN N 125 -73.64 2.13 1.55
C GLN N 125 -72.23 1.97 0.97
N SER N 126 -71.39 2.98 1.16
CA SER N 126 -69.96 2.78 0.93
C SER N 126 -69.36 2.01 2.10
N ALA N 127 -68.80 0.85 1.81
CA ALA N 127 -68.34 -0.04 2.87
C ALA N 127 -66.99 0.44 3.42
N ARG N 128 -66.53 -0.22 4.48
CA ARG N 128 -65.53 0.35 5.39
C ARG N 128 -64.30 -0.52 5.53
N PRO N 129 -63.24 -0.27 4.78
CA PRO N 129 -61.96 -0.96 5.01
C PRO N 129 -61.01 -0.18 5.92
N PHE N 130 -61.45 0.21 7.13
CA PHE N 130 -60.58 0.98 8.02
C PHE N 130 -59.42 0.14 8.54
N ASP N 131 -59.58 -1.18 8.57
CA ASP N 131 -58.46 -2.03 8.96
C ASP N 131 -57.41 -2.11 7.86
N GLU N 132 -57.77 -1.73 6.64
CA GLU N 132 -56.84 -1.77 5.52
C GLU N 132 -56.87 -0.50 4.66
N LEU N 133 -57.28 0.64 5.23
CA LEU N 133 -57.22 1.88 4.49
C LEU N 133 -55.78 2.40 4.44
N THR N 134 -55.37 2.88 3.26
CA THR N 134 -54.00 3.32 3.05
C THR N 134 -53.89 4.82 3.34
N VAL N 135 -52.75 5.24 3.90
CA VAL N 135 -52.53 6.67 4.12
C VAL N 135 -52.35 7.39 2.79
N ASP N 136 -51.91 6.68 1.75
CA ASP N 136 -51.88 7.26 0.41
C ASP N 136 -53.29 7.50 -0.10
N ASP N 137 -54.24 6.66 0.31
CA ASP N 137 -55.63 6.87 -0.08
C ASP N 137 -56.21 8.09 0.61
N LEU N 138 -55.84 8.34 1.87
CA LEU N 138 -56.27 9.55 2.54
C LEU N 138 -55.62 10.79 1.96
N THR N 139 -54.34 10.67 1.56
CA THR N 139 -53.67 11.79 0.92
C THR N 139 -54.29 12.09 -0.44
N LYS N 140 -54.75 11.05 -1.14
CA LYS N 140 -55.40 11.25 -2.43
C LYS N 140 -56.79 11.86 -2.26
N ILE N 141 -57.56 11.39 -1.27
CA ILE N 141 -58.88 11.96 -1.08
C ILE N 141 -58.81 13.30 -0.34
N LYS N 142 -57.78 13.51 0.48
CA LYS N 142 -57.62 14.78 1.19
C LYS N 142 -56.20 15.27 0.99
N PRO N 143 -56.01 16.29 0.13
CA PRO N 143 -54.73 17.02 0.14
C PRO N 143 -54.60 17.93 1.35
N GLU N 144 -55.70 18.17 2.08
CA GLU N 144 -55.66 18.96 3.30
C GLU N 144 -54.80 18.29 4.37
N ILE N 145 -54.81 16.95 4.40
CA ILE N 145 -53.94 16.21 5.31
C ILE N 145 -52.48 16.47 4.98
N ASP N 146 -52.14 16.44 3.69
CA ASP N 146 -50.77 16.65 3.26
C ASP N 146 -50.33 18.08 3.55
N ALA N 147 -51.22 19.05 3.33
CA ALA N 147 -50.88 20.45 3.59
C ALA N 147 -50.73 20.72 5.08
N LYS N 148 -51.60 20.12 5.90
CA LYS N 148 -51.52 20.30 7.34
C LYS N 148 -50.27 19.68 7.91
N VAL N 149 -49.91 18.48 7.44
CA VAL N 149 -48.67 17.85 7.88
C VAL N 149 -47.46 18.65 7.43
N GLU N 150 -47.50 19.17 6.19
CA GLU N 150 -46.35 19.90 5.67
C GLU N 150 -46.13 21.22 6.41
N GLU N 151 -47.20 21.97 6.66
CA GLU N 151 -47.05 23.20 7.43
C GLU N 151 -46.71 22.92 8.89
N MET N 152 -47.22 21.81 9.43
CA MET N 152 -46.92 21.43 10.80
C MET N 152 -45.47 21.01 10.97
N VAL N 153 -44.86 20.51 9.90
CA VAL N 153 -43.44 20.21 9.95
C VAL N 153 -42.62 21.48 9.77
N LYS N 154 -43.04 22.35 8.83
CA LYS N 154 -42.31 23.59 8.54
C LYS N 154 -42.23 24.51 9.75
N LYS N 155 -43.34 24.67 10.47
CA LYS N 155 -43.29 25.47 11.69
C LYS N 155 -42.55 24.72 12.80
N GLY N 156 -42.54 23.41 12.77
CA GLY N 156 -41.74 22.63 13.68
C GLY N 156 -42.50 21.86 14.74
N LYS N 157 -43.82 21.92 14.73
CA LYS N 157 -44.61 21.25 15.77
C LYS N 157 -44.66 19.76 15.46
N TRP N 158 -43.80 18.99 16.12
CA TRP N 158 -43.89 17.54 16.03
C TRP N 158 -44.97 16.97 16.92
N ASP N 159 -45.48 17.76 17.85
CA ASP N 159 -46.62 17.37 18.66
C ASP N 159 -47.86 17.24 17.80
N VAL N 160 -48.78 16.39 18.24
CA VAL N 160 -50.09 16.30 17.60
C VAL N 160 -51.14 16.68 18.62
N PRO N 161 -51.87 17.77 18.40
CA PRO N 161 -52.78 18.29 19.43
C PRO N 161 -54.03 17.42 19.58
N GLY N 162 -54.24 16.91 20.79
CA GLY N 162 -55.39 16.08 21.07
C GLY N 162 -55.22 14.63 20.69
N TYR N 163 -53.99 14.17 20.49
CA TYR N 163 -53.76 12.76 20.19
C TYR N 163 -53.65 11.94 21.47
N LYS N 164 -53.02 12.50 22.49
CA LYS N 164 -52.58 11.70 23.62
C LYS N 164 -53.74 11.32 24.52
N ASP N 165 -54.86 12.06 24.46
CA ASP N 165 -55.93 11.83 25.41
C ASP N 165 -56.75 10.58 25.08
N ARG N 166 -57.03 10.35 23.79
CA ARG N 166 -57.82 9.17 23.44
C ARG N 166 -56.93 8.02 23.01
N PHE N 167 -55.72 8.31 22.58
CA PHE N 167 -54.76 7.29 22.17
C PHE N 167 -53.56 7.35 23.10
N GLY N 168 -53.25 6.22 23.72
CA GLY N 168 -52.11 6.19 24.63
C GLY N 168 -50.80 6.34 23.89
N ASN N 169 -49.90 7.14 24.46
CA ASN N 169 -48.67 7.46 23.76
C ASN N 169 -47.70 6.30 23.74
N LEU N 170 -47.80 5.38 24.71
CA LEU N 170 -46.90 4.23 24.90
C LEU N 170 -45.41 4.60 24.87
N ASN N 171 -45.07 5.72 25.46
CA ASN N 171 -43.68 5.97 25.84
C ASN N 171 -43.34 5.01 26.97
N VAL N 172 -42.08 4.62 27.06
CA VAL N 172 -41.59 3.79 28.15
C VAL N 172 -41.76 4.57 29.44
N MET N 173 -41.27 5.80 29.45
CA MET N 173 -41.44 6.73 30.56
C MET N 173 -41.34 8.18 30.12
N UNK O 1 -25.74 -39.98 -14.32
CA UNK O 1 -26.13 -41.38 -14.24
C UNK O 1 -25.09 -42.19 -13.47
N UNK O 2 -25.57 -43.14 -12.66
CA UNK O 2 -24.76 -44.02 -11.81
C UNK O 2 -23.85 -43.22 -10.89
N UNK O 3 -24.44 -42.25 -10.19
CA UNK O 3 -23.65 -41.38 -9.31
C UNK O 3 -23.21 -42.10 -8.05
N UNK O 4 -23.95 -43.14 -7.64
CA UNK O 4 -23.61 -43.87 -6.41
C UNK O 4 -22.32 -44.65 -6.59
N UNK O 5 -22.19 -45.36 -7.71
CA UNK O 5 -20.97 -46.10 -8.00
C UNK O 5 -19.79 -45.17 -8.24
N UNK O 6 -20.06 -44.01 -8.88
CA UNK O 6 -18.99 -43.04 -9.12
C UNK O 6 -18.50 -42.42 -7.81
N UNK O 7 -19.40 -42.16 -6.87
CA UNK O 7 -19.00 -41.61 -5.58
C UNK O 7 -18.27 -42.65 -4.74
N UNK O 8 -18.75 -43.90 -4.76
CA UNK O 8 -18.08 -44.96 -4.03
C UNK O 8 -16.75 -45.34 -4.65
N UNK O 9 -16.54 -45.01 -5.93
CA UNK O 9 -15.23 -45.18 -6.53
C UNK O 9 -14.31 -44.01 -6.23
N UNK O 10 -14.84 -42.78 -6.24
CA UNK O 10 -14.02 -41.61 -5.99
C UNK O 10 -13.63 -41.46 -4.53
N UNK O 11 -14.34 -42.13 -3.62
CA UNK O 11 -13.94 -42.12 -2.21
C UNK O 11 -12.59 -42.80 -2.01
N UNK O 12 -12.33 -43.87 -2.78
CA UNK O 12 -11.07 -44.58 -2.65
C UNK O 12 -9.89 -43.76 -3.12
N UNK O 13 -10.12 -42.81 -4.04
CA UNK O 13 -9.05 -41.94 -4.52
C UNK O 13 -8.50 -41.08 -3.39
N UNK O 14 -9.37 -40.43 -2.64
CA UNK O 14 -8.89 -39.67 -1.49
C UNK O 14 -8.50 -40.57 -0.34
N UNK O 15 -9.05 -41.79 -0.28
CA UNK O 15 -8.62 -42.75 0.73
C UNK O 15 -7.15 -43.14 0.55
N UNK O 16 -6.70 -43.22 -0.71
CA UNK O 16 -5.28 -43.43 -0.97
C UNK O 16 -4.49 -42.13 -0.86
N UNK O 17 -5.09 -41.01 -1.26
CA UNK O 17 -4.37 -39.75 -1.30
C UNK O 17 -4.06 -39.23 0.10
N UNK O 18 -4.96 -39.42 1.06
CA UNK O 18 -4.69 -38.95 2.42
C UNK O 18 -3.72 -39.87 3.13
N UNK O 19 -3.73 -41.16 2.81
CA UNK O 19 -2.71 -42.06 3.31
C UNK O 19 -1.33 -41.68 2.76
N UNK O 20 -1.29 -41.27 1.49
CA UNK O 20 -0.06 -40.79 0.90
C UNK O 20 0.40 -39.48 1.55
N UNK O 21 -0.55 -38.60 1.87
CA UNK O 21 -0.21 -37.35 2.54
C UNK O 21 0.27 -37.60 3.97
N UNK O 22 -0.30 -38.60 4.64
CA UNK O 22 0.16 -38.95 5.97
C UNK O 22 1.54 -39.58 5.94
N UNK O 23 1.82 -40.38 4.91
CA UNK O 23 3.16 -40.94 4.74
C UNK O 23 4.18 -39.84 4.42
N UNK O 24 3.77 -38.85 3.63
CA UNK O 24 4.66 -37.72 3.35
C UNK O 24 4.87 -36.86 4.58
N UNK O 25 3.84 -36.76 5.44
CA UNK O 25 4.00 -36.02 6.69
C UNK O 25 4.92 -36.76 7.65
N UNK O 26 4.84 -38.08 7.68
CA UNK O 26 5.78 -38.87 8.49
C UNK O 26 7.19 -38.78 7.95
N UNK O 27 7.34 -38.71 6.62
CA UNK O 27 8.66 -38.54 6.03
C UNK O 27 9.25 -37.18 6.33
N UNK O 28 8.41 -36.13 6.29
CA UNK O 28 8.86 -34.80 6.68
C UNK O 28 9.17 -34.74 8.17
N UNK O 29 8.46 -35.52 8.99
CA UNK O 29 8.76 -35.60 10.41
C UNK O 29 10.12 -36.25 10.65
N UNK O 30 10.41 -37.33 9.91
CA UNK O 30 11.72 -37.97 10.02
C UNK O 30 12.83 -37.07 9.50
N UNK O 31 12.55 -36.29 8.45
CA UNK O 31 13.54 -35.36 7.92
C UNK O 31 13.80 -34.22 8.90
N UNK O 32 12.75 -33.74 9.57
CA UNK O 32 12.91 -32.71 10.58
C UNK O 32 13.63 -33.24 11.81
N UNK O 33 13.41 -34.51 12.16
CA UNK O 33 14.14 -35.12 13.27
C UNK O 33 15.62 -35.27 12.94
N UNK O 34 15.93 -35.66 11.71
CA UNK O 34 17.32 -35.75 11.28
C UNK O 34 17.97 -34.37 11.22
N UNK O 35 17.21 -33.35 10.80
CA UNK O 35 17.76 -32.00 10.73
C UNK O 35 18.00 -31.41 12.11
N UNK O 36 17.13 -31.75 13.07
CA UNK O 36 17.31 -31.28 14.44
C UNK O 36 18.35 -32.09 15.21
N UNK O 37 18.62 -33.33 14.77
CA UNK O 37 19.64 -34.14 15.42
C UNK O 37 21.01 -34.00 14.76
N UNK O 38 21.08 -33.42 13.57
CA UNK O 38 22.38 -33.22 12.91
C UNK O 38 23.19 -32.12 13.59
N UNK O 39 22.52 -31.15 14.22
CA UNK O 39 23.24 -30.05 14.84
C UNK O 39 23.85 -30.43 16.17
N UNK O 40 23.24 -31.37 16.90
CA UNK O 40 23.69 -31.70 18.25
C UNK O 40 25.01 -32.46 18.24
N UNK O 41 25.14 -33.44 17.35
CA UNK O 41 26.40 -34.17 17.24
C UNK O 41 27.52 -33.28 16.70
N UNK O 42 27.18 -32.35 15.80
CA UNK O 42 28.16 -31.37 15.33
C UNK O 42 28.60 -30.42 16.43
N UNK O 43 27.67 -30.01 17.31
CA UNK O 43 28.04 -29.15 18.44
C UNK O 43 28.89 -29.91 19.45
N UNK O 44 28.60 -31.20 19.67
CA UNK O 44 29.42 -32.00 20.58
C UNK O 44 30.81 -32.25 19.99
N UNK O 45 30.89 -32.41 18.67
CA UNK O 45 32.18 -32.57 18.01
C UNK O 45 32.96 -31.26 17.93
N UNK O 46 32.27 -30.12 17.94
CA UNK O 46 32.96 -28.83 18.00
C UNK O 46 33.43 -28.50 19.41
N UNK O 47 32.68 -28.95 20.42
CA UNK O 47 33.11 -28.74 21.81
C UNK O 47 34.25 -29.67 22.18
N UNK O 48 34.14 -30.95 21.84
CA UNK O 48 35.20 -31.90 22.16
C UNK O 48 36.40 -31.71 21.26
N UNK O 49 36.20 -31.83 19.95
CA UNK O 49 37.29 -31.68 18.98
C UNK O 49 37.25 -30.30 18.33
N PRO P 19 -74.84 19.58 12.76
CA PRO P 19 -75.21 20.57 11.75
C PRO P 19 -74.78 20.14 10.34
N ASN P 20 -74.44 21.11 9.50
CA ASN P 20 -73.91 20.82 8.18
C ASN P 20 -72.40 20.62 8.18
N ALA P 21 -71.70 21.17 9.18
CA ALA P 21 -70.24 21.13 9.22
C ALA P 21 -69.72 19.71 9.43
N LYS P 22 -70.52 18.88 10.08
CA LYS P 22 -70.15 17.46 10.20
C LYS P 22 -70.64 16.68 9.00
N ARG P 23 -71.78 17.06 8.42
CA ARG P 23 -72.43 16.29 7.37
C ARG P 23 -71.68 16.40 6.03
N ILE P 24 -71.41 17.63 5.57
CA ILE P 24 -70.67 17.79 4.34
C ILE P 24 -69.18 17.53 4.54
N ALA P 25 -68.76 17.24 5.77
CA ALA P 25 -67.48 16.59 5.99
C ALA P 25 -67.58 15.09 5.77
N ASN P 26 -68.52 14.42 6.45
CA ASN P 26 -68.41 12.97 6.58
C ASN P 26 -68.90 12.24 5.35
N VAL P 27 -70.00 12.70 4.73
CA VAL P 27 -70.46 11.96 3.54
C VAL P 27 -69.54 12.26 2.34
N VAL P 28 -68.96 13.47 2.32
CA VAL P 28 -68.03 13.82 1.25
C VAL P 28 -66.70 13.09 1.46
N HIS P 29 -66.37 12.77 2.71
CA HIS P 29 -65.24 11.89 2.94
C HIS P 29 -65.58 10.45 2.56
N PHE P 30 -66.84 10.04 2.74
CA PHE P 30 -67.16 8.63 2.65
C PHE P 30 -67.42 8.16 1.22
N TYR P 31 -67.77 9.08 0.30
CA TYR P 31 -68.23 8.60 -1.01
C TYR P 31 -67.09 8.00 -1.83
N LYS P 32 -65.88 8.53 -1.71
CA LYS P 32 -64.77 7.92 -2.43
C LYS P 32 -63.90 7.07 -1.51
N SER P 33 -64.37 6.76 -0.30
CA SER P 33 -63.76 5.65 0.44
C SER P 33 -64.05 4.36 -0.31
N LEU P 34 -62.97 3.67 -0.71
CA LEU P 34 -63.10 2.53 -1.61
C LEU P 34 -63.77 1.36 -0.87
N PRO P 35 -64.87 0.81 -1.41
CA PRO P 35 -65.80 0.03 -0.58
C PRO P 35 -65.30 -1.31 -0.04
N GLN P 36 -64.89 -2.24 -0.89
CA GLN P 36 -64.64 -3.61 -0.44
C GLN P 36 -63.19 -3.87 -0.10
N GLY P 37 -62.45 -2.85 0.31
CA GLY P 37 -61.01 -2.95 0.40
C GLY P 37 -60.42 -3.10 -0.97
N PRO P 38 -60.93 -2.29 -1.92
CA PRO P 38 -60.56 -2.48 -3.34
C PRO P 38 -59.13 -2.07 -3.63
N ALA P 39 -58.65 -2.49 -4.81
CA ALA P 39 -57.23 -2.54 -5.15
C ALA P 39 -56.43 -3.23 -4.03
N PRO P 40 -56.70 -4.52 -3.78
CA PRO P 40 -56.07 -5.19 -2.62
C PRO P 40 -54.57 -5.35 -2.74
N ALA P 41 -54.09 -5.96 -3.84
CA ALA P 41 -52.68 -6.22 -4.11
C ALA P 41 -52.01 -6.97 -2.96
N ILE P 42 -52.50 -8.19 -2.73
CA ILE P 42 -52.11 -8.95 -1.54
C ILE P 42 -50.66 -9.42 -1.64
N LYS P 43 -50.14 -9.56 -2.86
CA LYS P 43 -48.77 -10.00 -3.05
C LYS P 43 -48.23 -9.42 -4.35
N ALA P 44 -46.94 -9.66 -4.58
CA ALA P 44 -46.24 -9.26 -5.79
C ALA P 44 -45.03 -10.17 -5.94
N ASN P 45 -44.12 -9.82 -6.83
CA ASN P 45 -42.93 -10.63 -7.10
C ASN P 45 -41.74 -9.71 -7.32
N THR P 46 -40.99 -9.45 -6.26
CA THR P 46 -39.78 -8.65 -6.37
C THR P 46 -38.64 -9.18 -5.51
N ARG P 47 -38.77 -10.43 -5.02
CA ARG P 47 -37.81 -11.21 -4.23
C ARG P 47 -37.68 -10.69 -2.80
N LEU P 48 -38.34 -9.59 -2.47
CA LEU P 48 -38.43 -9.06 -1.11
C LEU P 48 -39.85 -8.81 -0.66
N ALA P 49 -40.77 -8.58 -1.61
CA ALA P 49 -42.18 -8.48 -1.24
C ALA P 49 -42.70 -9.84 -0.79
N ARG P 50 -42.15 -10.92 -1.34
CA ARG P 50 -42.43 -12.24 -0.80
C ARG P 50 -41.75 -12.44 0.54
N TYR P 51 -40.62 -11.76 0.77
CA TYR P 51 -39.98 -11.77 2.08
C TYR P 51 -40.71 -10.87 3.07
N LYS P 52 -41.34 -9.81 2.57
CA LYS P 52 -42.08 -8.91 3.43
C LYS P 52 -43.44 -9.49 3.81
N ALA P 53 -44.04 -10.28 2.92
CA ALA P 53 -45.36 -10.82 3.20
C ALA P 53 -45.29 -11.96 4.20
N LYS P 54 -44.24 -12.77 4.13
CA LYS P 54 -44.16 -13.93 4.99
C LYS P 54 -43.77 -13.59 6.41
N TYR P 55 -43.03 -12.49 6.61
CA TYR P 55 -42.46 -12.18 7.91
C TYR P 55 -42.96 -10.87 8.51
N PHE P 56 -43.21 -9.86 7.68
CA PHE P 56 -43.35 -8.49 8.17
C PHE P 56 -44.75 -7.92 8.04
N ASP P 57 -45.60 -8.48 7.19
CA ASP P 57 -46.90 -7.87 6.95
C ASP P 57 -47.88 -8.22 8.07
N GLY P 58 -49.16 -7.96 7.81
CA GLY P 58 -50.24 -7.81 8.77
C GLY P 58 -50.36 -8.73 9.97
N ASP P 59 -50.58 -10.03 9.73
CA ASP P 59 -50.79 -10.94 10.85
C ASP P 59 -49.60 -11.87 11.07
N ASN P 60 -48.64 -11.93 10.15
CA ASN P 60 -47.47 -12.75 10.41
C ASN P 60 -46.59 -12.10 11.46
N ALA P 61 -45.98 -10.96 11.11
CA ALA P 61 -45.38 -9.97 12.01
C ALA P 61 -44.31 -10.52 12.97
N SER P 62 -43.84 -11.75 12.78
CA SER P 62 -43.03 -12.37 13.82
C SER P 62 -41.60 -11.87 13.78
N GLY P 63 -40.89 -12.06 14.88
CA GLY P 63 -39.55 -11.58 15.09
C GLY P 63 -38.45 -12.50 14.67
N LYS P 64 -38.77 -13.54 13.91
CA LYS P 64 -37.75 -14.36 13.26
C LYS P 64 -36.73 -13.64 12.37
N PRO P 65 -37.04 -12.53 11.66
CA PRO P 65 -35.97 -11.82 10.94
C PRO P 65 -34.87 -11.27 11.81
N LEU P 66 -35.12 -11.01 13.09
CA LEU P 66 -34.02 -10.72 14.00
C LEU P 66 -33.08 -11.92 14.11
N TRP P 67 -33.63 -13.13 14.13
CA TRP P 67 -32.78 -14.30 14.20
C TRP P 67 -32.05 -14.55 12.88
N HIS P 68 -32.71 -14.28 11.75
CA HIS P 68 -32.05 -14.36 10.44
C HIS P 68 -30.90 -13.37 10.36
N PHE P 69 -31.13 -12.15 10.82
CA PHE P 69 -30.13 -11.09 10.76
C PHE P 69 -28.95 -11.39 11.68
N ALA P 70 -29.24 -11.87 12.89
CA ALA P 70 -28.19 -12.23 13.83
C ALA P 70 -27.35 -13.38 13.30
N LEU P 71 -28.00 -14.35 12.65
CA LEU P 71 -27.26 -15.46 12.07
C LEU P 71 -26.41 -14.98 10.89
N GLY P 72 -26.90 -13.97 10.17
CA GLY P 72 -26.12 -13.41 9.07
C GLY P 72 -24.85 -12.74 9.55
N ILE P 73 -24.95 -11.93 10.61
CA ILE P 73 -23.75 -11.27 11.13
C ILE P 73 -22.82 -12.28 11.78
N ILE P 74 -23.36 -13.31 12.44
CA ILE P 74 -22.51 -14.36 13.02
C ILE P 74 -21.70 -15.07 11.93
N ALA P 75 -22.37 -15.42 10.83
CA ALA P 75 -21.68 -16.11 9.73
C ALA P 75 -20.66 -15.21 9.05
N PHE P 76 -21.02 -13.95 8.80
CA PHE P 76 -20.13 -13.03 8.11
C PHE P 76 -18.91 -12.69 8.94
N GLY P 77 -19.12 -12.40 10.22
CA GLY P 77 -18.01 -12.10 11.10
C GLY P 77 -17.14 -13.31 11.36
N TYR P 78 -17.73 -14.51 11.35
CA TYR P 78 -16.91 -15.69 11.55
C TYR P 78 -16.05 -15.98 10.33
N SER P 79 -16.61 -15.76 9.13
CA SER P 79 -15.83 -15.93 7.91
C SER P 79 -14.67 -14.96 7.86
N MET P 80 -14.92 -13.70 8.24
CA MET P 80 -13.86 -12.70 8.22
C MET P 80 -12.79 -12.98 9.27
N GLU P 81 -13.22 -13.39 10.48
CA GLU P 81 -12.26 -13.70 11.55
C GLU P 81 -11.44 -14.92 11.21
N TYR P 82 -12.06 -15.92 10.58
CA TYR P 82 -11.32 -17.12 10.19
C TYR P 82 -10.36 -16.82 9.06
N TYR P 83 -10.73 -15.92 8.16
CA TYR P 83 -9.87 -15.63 7.02
C TYR P 83 -8.68 -14.77 7.44
N PHE P 84 -8.86 -13.93 8.47
CA PHE P 84 -7.75 -13.05 8.84
C PHE P 84 -6.86 -13.67 9.91
N HIS P 85 -7.45 -14.21 10.97
CA HIS P 85 -6.65 -14.60 12.14
C HIS P 85 -6.52 -16.11 12.28
N LEU P 86 -7.38 -16.89 11.65
CA LEU P 86 -7.36 -18.32 11.90
C LEU P 86 -7.11 -19.14 10.62
N UNK Q 1 -37.46 -28.34 57.70
CA UNK Q 1 -37.23 -28.49 56.27
C UNK Q 1 -38.32 -27.81 55.46
N UNK Q 2 -38.20 -26.50 55.29
CA UNK Q 2 -39.19 -25.74 54.54
C UNK Q 2 -39.12 -26.07 53.05
N UNK Q 3 -37.98 -25.78 52.43
CA UNK Q 3 -37.73 -26.19 51.05
C UNK Q 3 -36.84 -27.42 50.96
N UNK Q 4 -36.28 -27.89 52.09
CA UNK Q 4 -35.43 -29.06 52.08
C UNK Q 4 -36.23 -30.36 52.03
N UNK Q 5 -37.52 -30.33 52.40
CA UNK Q 5 -38.35 -31.52 52.26
C UNK Q 5 -38.66 -31.82 50.80
N UNK Q 6 -39.03 -30.79 50.04
CA UNK Q 6 -39.22 -30.96 48.60
C UNK Q 6 -37.91 -31.21 47.89
N UNK Q 7 -36.81 -30.66 48.40
CA UNK Q 7 -35.49 -30.94 47.82
C UNK Q 7 -35.08 -32.39 48.07
N UNK Q 8 -35.40 -32.93 49.24
CA UNK Q 8 -35.12 -34.34 49.52
C UNK Q 8 -36.04 -35.26 48.74
N UNK Q 9 -37.30 -34.86 48.51
CA UNK Q 9 -38.18 -35.61 47.64
C UNK Q 9 -37.69 -35.60 46.20
N UNK Q 10 -37.14 -34.47 45.75
CA UNK Q 10 -36.53 -34.41 44.43
C UNK Q 10 -35.23 -35.21 44.37
N UNK Q 11 -34.50 -35.30 45.49
CA UNK Q 11 -33.29 -36.12 45.51
C UNK Q 11 -33.61 -37.61 45.50
N UNK Q 12 -34.72 -38.00 46.12
CA UNK Q 12 -35.17 -39.39 46.02
C UNK Q 12 -35.76 -39.70 44.65
N UNK Q 13 -36.42 -38.71 44.03
CA UNK Q 13 -36.93 -38.84 42.67
C UNK Q 13 -35.85 -38.61 41.61
N UNK Q 14 -34.63 -38.26 42.02
CA UNK Q 14 -33.51 -38.19 41.08
C UNK Q 14 -33.13 -39.55 40.54
N UNK Q 15 -33.43 -40.64 41.25
CA UNK Q 15 -33.28 -41.97 40.68
C UNK Q 15 -34.26 -42.16 39.52
N UNK Q 16 -35.49 -41.68 39.66
CA UNK Q 16 -36.45 -41.70 38.57
C UNK Q 16 -36.05 -40.73 37.46
N UNK Q 17 -35.36 -39.64 37.82
CA UNK Q 17 -34.85 -38.72 36.80
C UNK Q 17 -33.73 -39.34 35.99
N UNK Q 18 -32.86 -40.12 36.65
CA UNK Q 18 -31.82 -40.85 35.93
C UNK Q 18 -32.40 -41.98 35.11
N UNK Q 19 -33.49 -42.60 35.59
CA UNK Q 19 -34.21 -43.58 34.78
C UNK Q 19 -34.86 -42.92 33.57
N UNK Q 20 -35.34 -41.68 33.73
CA UNK Q 20 -35.88 -40.94 32.60
C UNK Q 20 -34.79 -40.54 31.62
N UNK Q 21 -33.59 -40.26 32.13
CA UNK Q 21 -32.45 -39.97 31.25
C UNK Q 21 -32.02 -41.20 30.49
N UNK Q 22 -32.04 -42.37 31.14
CA UNK Q 22 -31.75 -43.63 30.45
C UNK Q 22 -32.84 -43.96 29.44
N UNK Q 23 -34.09 -43.60 29.74
CA UNK Q 23 -35.18 -43.78 28.79
C UNK Q 23 -35.04 -42.86 27.59
N UNK Q 24 -34.58 -41.63 27.82
CA UNK Q 24 -34.32 -40.72 26.70
C UNK Q 24 -33.13 -41.19 25.87
N UNK Q 25 -32.15 -41.83 26.51
CA UNK Q 25 -31.02 -42.39 25.78
C UNK Q 25 -31.41 -43.64 24.99
N UNK Q 26 -32.37 -44.41 25.49
CA UNK Q 26 -32.81 -45.61 24.80
C UNK Q 26 -33.91 -45.35 23.78
N UNK Q 27 -34.56 -44.17 23.84
CA UNK Q 27 -35.64 -43.87 22.92
C UNK Q 27 -35.11 -43.66 21.50
N UNK Q 28 -34.15 -42.75 21.34
CA UNK Q 28 -33.57 -42.45 20.03
C UNK Q 28 -32.49 -43.44 19.63
N UNK Q 29 -32.14 -44.38 20.51
CA UNK Q 29 -31.09 -45.35 20.21
C UNK Q 29 -31.50 -46.28 19.08
N UNK Q 30 -32.71 -46.83 19.14
CA UNK Q 30 -33.23 -47.60 18.02
C UNK Q 30 -33.66 -46.73 16.86
N UNK Q 31 -34.04 -45.47 17.13
CA UNK Q 31 -34.50 -44.59 16.07
C UNK Q 31 -33.37 -44.17 15.15
N UNK Q 32 -32.16 -44.03 15.69
CA UNK Q 32 -31.01 -43.68 14.86
C UNK Q 32 -30.66 -44.81 13.90
N UNK Q 33 -30.62 -46.04 14.39
CA UNK Q 33 -30.37 -47.19 13.53
C UNK Q 33 -31.54 -47.48 12.60
N UNK Q 34 -32.75 -47.05 12.95
CA UNK Q 34 -33.88 -47.18 12.04
C UNK Q 34 -33.80 -46.18 10.89
N UNK Q 35 -33.43 -44.93 11.21
CA UNK Q 35 -33.30 -43.91 10.18
C UNK Q 35 -32.07 -44.16 9.31
N UNK Q 36 -31.05 -44.80 9.86
CA UNK Q 36 -29.84 -45.10 9.09
C UNK Q 36 -30.04 -46.24 8.10
N UNK Q 37 -31.09 -47.05 8.28
CA UNK Q 37 -31.21 -48.31 7.52
C UNK Q 37 -31.49 -48.06 6.05
N UNK Q 38 -32.54 -47.29 5.75
CA UNK Q 38 -32.90 -47.03 4.37
C UNK Q 38 -31.87 -46.15 3.67
N UNK Q 39 -31.24 -45.24 4.41
CA UNK Q 39 -30.20 -44.40 3.84
C UNK Q 39 -28.96 -45.22 3.48
N UNK Q 40 -28.57 -46.14 4.36
CA UNK Q 40 -27.43 -46.99 4.07
C UNK Q 40 -27.74 -47.99 2.96
N UNK Q 41 -28.99 -48.44 2.88
CA UNK Q 41 -29.39 -49.33 1.80
C UNK Q 41 -29.40 -48.61 0.46
N UNK Q 42 -29.80 -47.33 0.46
CA UNK Q 42 -29.67 -46.52 -0.75
C UNK Q 42 -28.21 -46.26 -1.09
N UNK Q 43 -27.35 -46.16 -0.07
CA UNK Q 43 -25.92 -46.04 -0.30
C UNK Q 43 -25.25 -47.40 -0.50
N UNK Q 44 -25.96 -48.49 -0.29
CA UNK Q 44 -25.38 -49.82 -0.44
C UNK Q 44 -25.18 -50.14 -1.92
N UNK Q 45 -23.96 -50.53 -2.27
CA UNK Q 45 -23.68 -51.07 -3.60
C UNK Q 45 -24.11 -52.53 -3.63
N UNK Q 46 -25.23 -52.80 -4.30
CA UNK Q 46 -25.77 -54.16 -4.33
C UNK Q 46 -24.93 -55.06 -5.22
N UNK Q 47 -24.84 -54.73 -6.51
CA UNK Q 47 -24.00 -55.44 -7.47
C UNK Q 47 -23.24 -54.37 -8.26
N UNK Q 48 -22.08 -53.99 -7.76
CA UNK Q 48 -21.28 -52.92 -8.35
C UNK Q 48 -20.12 -53.43 -9.18
N UNK Q 49 -20.00 -54.75 -9.36
CA UNK Q 49 -18.91 -55.29 -10.16
C UNK Q 49 -19.12 -54.98 -11.64
N UNK Q 50 -20.23 -55.45 -12.21
CA UNK Q 50 -20.56 -55.19 -13.60
C UNK Q 50 -21.26 -53.86 -13.80
N UNK Q 51 -21.61 -53.15 -12.73
CA UNK Q 51 -22.31 -51.88 -12.85
C UNK Q 51 -21.37 -50.80 -13.37
N UNK Q 52 -20.31 -50.50 -12.62
CA UNK Q 52 -19.39 -49.46 -13.01
C UNK Q 52 -18.42 -49.90 -14.10
N UNK Q 53 -18.32 -51.21 -14.36
CA UNK Q 53 -17.39 -51.72 -15.36
C UNK Q 53 -17.79 -51.28 -16.76
N UNK Q 54 -19.04 -51.52 -17.15
CA UNK Q 54 -19.55 -51.01 -18.40
C UNK Q 54 -19.84 -49.51 -18.34
N UNK Q 55 -20.06 -48.97 -17.14
CA UNK Q 55 -20.29 -47.53 -17.01
C UNK Q 55 -19.02 -46.74 -17.28
N UNK Q 56 -17.86 -47.32 -17.03
CA UNK Q 56 -16.60 -46.68 -17.42
C UNK Q 56 -16.50 -46.58 -18.94
N UNK Q 57 -16.95 -47.62 -19.65
CA UNK Q 57 -16.97 -47.56 -21.12
C UNK Q 57 -18.02 -46.59 -21.61
N UNK Q 58 -19.16 -46.50 -20.90
CA UNK Q 58 -20.18 -45.52 -21.25
C UNK Q 58 -19.68 -44.09 -21.05
N UNK Q 59 -18.92 -43.86 -19.98
CA UNK Q 59 -18.32 -42.56 -19.76
C UNK Q 59 -17.22 -42.26 -20.77
N UNK Q 60 -16.48 -43.30 -21.21
CA UNK Q 60 -15.48 -43.10 -22.25
C UNK Q 60 -16.13 -42.75 -23.59
N UNK Q 61 -17.26 -43.39 -23.91
CA UNK Q 61 -17.99 -43.06 -25.12
C UNK Q 61 -18.62 -41.67 -25.04
N UNK Q 62 -19.10 -41.30 -23.85
CA UNK Q 62 -19.65 -39.95 -23.66
C UNK Q 62 -18.55 -38.90 -23.76
N UNK Q 63 -17.35 -39.22 -23.28
CA UNK Q 63 -16.24 -38.27 -23.41
C UNK Q 63 -15.73 -38.19 -24.84
N UNK Q 64 -15.84 -39.29 -25.59
CA UNK Q 64 -15.50 -39.24 -27.01
C UNK Q 64 -16.53 -38.44 -27.80
N UNK Q 65 -17.80 -38.52 -27.40
CA UNK Q 65 -18.85 -37.71 -28.01
C UNK Q 65 -18.85 -36.27 -27.49
N UNK Q 66 -18.15 -36.00 -26.39
CA UNK Q 66 -18.13 -34.68 -25.81
C UNK Q 66 -17.39 -33.67 -26.68
N UNK Q 67 -16.47 -34.15 -27.54
CA UNK Q 67 -15.74 -33.25 -28.43
C UNK Q 67 -16.66 -32.60 -29.46
N UNK Q 68 -17.77 -33.26 -29.80
CA UNK Q 68 -18.81 -32.66 -30.63
C UNK Q 68 -19.96 -32.11 -29.81
N UNK Q 69 -20.19 -32.63 -28.60
CA UNK Q 69 -21.30 -32.17 -27.78
C UNK Q 69 -21.02 -30.79 -27.20
N UNK Q 70 -19.78 -30.53 -26.81
CA UNK Q 70 -19.42 -29.20 -26.30
C UNK Q 70 -19.39 -28.17 -27.41
N UNK Q 71 -19.00 -28.59 -28.62
CA UNK Q 71 -19.03 -27.70 -29.77
C UNK Q 71 -20.45 -27.50 -30.29
N UNK Q 72 -21.37 -28.41 -29.98
CA UNK Q 72 -22.75 -28.31 -30.42
C UNK Q 72 -23.70 -27.87 -29.32
N UNK Q 73 -23.22 -27.76 -28.07
CA UNK Q 73 -23.99 -27.36 -26.89
C UNK Q 73 -25.22 -28.24 -26.68
N UNK Q 74 -24.98 -29.55 -26.63
CA UNK Q 74 -26.06 -30.50 -26.39
C UNK Q 74 -26.51 -30.52 -24.93
N UNK Q 75 -25.65 -30.05 -24.02
CA UNK Q 75 -26.01 -29.99 -22.60
C UNK Q 75 -26.59 -28.64 -22.20
N UNK Q 76 -26.13 -27.56 -22.84
CA UNK Q 76 -26.62 -26.23 -22.50
C UNK Q 76 -28.01 -25.99 -23.06
N UNK Q 77 -28.41 -26.72 -24.10
CA UNK Q 77 -29.73 -26.55 -24.67
C UNK Q 77 -30.83 -27.18 -23.82
N UNK Q 78 -30.46 -28.02 -22.85
CA UNK Q 78 -31.42 -28.62 -21.93
C UNK Q 78 -31.40 -27.96 -20.56
N UNK Q 79 -30.50 -27.00 -20.33
CA UNK Q 79 -30.38 -26.33 -19.04
C UNK Q 79 -31.01 -24.94 -19.06
N UNK Q 80 -32.08 -24.75 -19.83
CA UNK Q 80 -32.72 -23.43 -19.89
C UNK Q 80 -33.76 -23.28 -18.79
N UNK Q 81 -34.31 -24.42 -18.30
CA UNK Q 81 -34.77 -24.53 -16.89
C UNK Q 81 -33.59 -24.47 -15.93
N UNK Q 82 -33.86 -23.94 -14.72
CA UNK Q 82 -32.88 -23.85 -13.66
C UNK Q 82 -33.06 -24.94 -12.61
N UNK Q 83 -33.87 -25.96 -12.88
CA UNK Q 83 -34.17 -26.98 -11.88
C UNK Q 83 -33.16 -28.11 -11.89
N UNK Q 84 -32.55 -28.38 -13.05
CA UNK Q 84 -31.56 -29.44 -13.15
C UNK Q 84 -30.23 -29.04 -12.52
N UNK Q 85 -30.02 -27.76 -12.26
CA UNK Q 85 -28.80 -27.31 -11.59
C UNK Q 85 -28.74 -27.80 -10.15
N UNK Q 86 -29.90 -27.99 -9.52
CA UNK Q 86 -29.94 -28.57 -8.18
C UNK Q 86 -29.46 -30.01 -8.20
N UNK Q 87 -29.89 -30.80 -9.18
CA UNK Q 87 -29.40 -32.16 -9.33
C UNK Q 87 -27.95 -32.19 -9.77
N UNK Q 88 -27.47 -31.16 -10.46
CA UNK Q 88 -26.06 -31.11 -10.85
C UNK Q 88 -25.17 -30.73 -9.67
N UNK Q 89 -25.69 -29.96 -8.71
CA UNK Q 89 -24.92 -29.50 -7.58
C UNK Q 89 -25.10 -30.36 -6.33
N UNK Q 90 -26.09 -31.24 -6.29
CA UNK Q 90 -26.33 -32.04 -5.10
C UNK Q 90 -25.25 -33.09 -4.89
N UNK Q 91 -24.88 -33.81 -5.95
CA UNK Q 91 -23.93 -34.90 -5.81
C UNK Q 91 -22.49 -34.44 -5.66
N UNK Q 92 -22.19 -33.18 -5.96
CA UNK Q 92 -20.81 -32.70 -5.89
C UNK Q 92 -20.33 -32.58 -4.45
N UNK Q 93 -21.18 -32.03 -3.58
CA UNK Q 93 -20.86 -31.96 -2.16
C UNK Q 93 -20.79 -33.34 -1.54
N UNK Q 94 -21.66 -34.25 -1.98
CA UNK Q 94 -21.63 -35.64 -1.51
C UNK Q 94 -20.34 -36.33 -1.91
N UNK Q 95 -19.87 -36.09 -3.13
CA UNK Q 95 -18.63 -36.69 -3.60
C UNK Q 95 -17.42 -36.15 -2.86
N UNK Q 96 -17.32 -34.82 -2.73
CA UNK Q 96 -16.20 -34.20 -2.05
C UNK Q 96 -16.17 -34.57 -0.57
N UNK Q 97 -17.34 -34.71 0.04
CA UNK Q 97 -17.37 -35.00 1.46
C UNK Q 97 -17.21 -36.49 1.73
N UNK Q 98 -17.62 -37.36 0.82
CA UNK Q 98 -17.29 -38.78 0.96
C UNK Q 98 -15.79 -39.00 0.75
N UNK Q 99 -15.19 -38.19 -0.14
CA UNK Q 99 -13.75 -38.17 -0.28
C UNK Q 99 -13.06 -37.76 1.01
N UNK Q 100 -13.61 -36.74 1.68
CA UNK Q 100 -13.07 -36.32 2.97
C UNK Q 100 -13.30 -37.39 4.06
N UNK Q 101 -14.43 -38.10 3.98
CA UNK Q 101 -14.75 -39.12 4.97
C UNK Q 101 -13.81 -40.30 4.85
N UNK Q 102 -13.48 -40.70 3.62
CA UNK Q 102 -12.47 -41.73 3.44
C UNK Q 102 -11.08 -41.18 3.70
N UNK Q 103 -10.88 -39.87 3.53
CA UNK Q 103 -9.60 -39.25 3.83
C UNK Q 103 -9.32 -39.19 5.32
N UNK Q 104 -10.37 -39.24 6.15
CA UNK Q 104 -10.22 -39.25 7.60
C UNK Q 104 -9.65 -40.56 8.15
N UNK Q 105 -9.36 -41.55 7.31
CA UNK Q 105 -8.91 -42.85 7.79
C UNK Q 105 -7.46 -42.84 8.26
N UNK Q 106 -6.73 -41.74 8.04
CA UNK Q 106 -5.34 -41.65 8.46
C UNK Q 106 -5.23 -41.51 9.98
N MET R 1 -44.67 4.76 -1.95
CA MET R 1 -43.48 4.41 -1.19
C MET R 1 -43.30 5.39 -0.03
N LEU R 2 -42.60 6.48 -0.29
CA LEU R 2 -42.32 7.53 0.69
C LEU R 2 -42.42 8.87 -0.02
N LYS R 3 -43.16 9.80 0.55
CA LYS R 3 -43.28 11.13 -0.02
C LYS R 3 -42.34 12.05 0.75
N ARG R 4 -41.35 12.58 0.05
CA ARG R 4 -40.38 13.48 0.66
C ARG R 4 -41.04 14.79 1.06
N PHE R 5 -40.86 15.19 2.32
CA PHE R 5 -41.40 16.45 2.80
C PHE R 5 -40.25 17.42 3.00
N PRO R 6 -40.34 18.64 2.46
CA PRO R 6 -39.22 19.57 2.59
C PRO R 6 -39.13 20.21 3.96
N THR R 7 -38.46 19.51 4.87
CA THR R 7 -38.27 20.03 6.22
C THR R 7 -37.08 20.96 6.25
N PRO R 8 -37.13 22.05 7.00
CA PRO R 8 -35.96 22.93 7.09
C PRO R 8 -34.83 22.32 7.90
N ILE R 9 -33.79 21.86 7.21
CA ILE R 9 -32.63 21.25 7.87
C ILE R 9 -31.35 22.00 7.60
N LEU R 10 -31.42 23.22 7.07
CA LEU R 10 -30.23 24.02 6.85
C LEU R 10 -30.28 25.36 7.57
N LYS R 11 -31.43 26.01 7.63
CA LYS R 11 -31.61 27.23 8.39
C LYS R 11 -31.87 26.98 9.88
N VAL R 12 -31.60 25.75 10.33
CA VAL R 12 -31.71 25.37 11.74
C VAL R 12 -30.39 24.82 12.26
N TYR R 13 -29.71 24.01 11.45
CA TYR R 13 -28.58 23.21 11.90
C TYR R 13 -27.23 23.69 11.34
N TRP R 14 -27.13 24.95 10.91
CA TRP R 14 -25.85 25.41 10.36
C TRP R 14 -24.66 25.40 11.33
N PRO R 15 -24.76 25.74 12.64
CA PRO R 15 -23.52 25.71 13.43
C PRO R 15 -23.02 24.31 13.70
N PHE R 16 -23.91 23.32 13.67
CA PHE R 16 -23.49 21.92 13.74
C PHE R 16 -22.63 21.55 12.55
N PHE R 17 -23.01 22.04 11.36
CA PHE R 17 -22.25 21.71 10.16
C PHE R 17 -20.94 22.48 10.10
N VAL R 18 -20.95 23.73 10.54
CA VAL R 18 -19.71 24.51 10.61
C VAL R 18 -18.73 23.89 11.60
N ALA R 19 -19.25 23.44 12.75
CA ALA R 19 -18.43 22.73 13.73
C ALA R 19 -17.94 21.41 13.17
N GLY R 20 -18.75 20.76 12.34
CA GLY R 20 -18.32 19.51 11.73
C GLY R 20 -17.16 19.71 10.78
N ALA R 21 -17.22 20.78 9.98
CA ALA R 21 -16.11 21.10 9.10
C ALA R 21 -14.85 21.47 9.88
N ALA R 22 -15.02 22.20 10.98
CA ALA R 22 -13.87 22.60 11.79
C ALA R 22 -13.21 21.41 12.47
N VAL R 23 -14.02 20.48 13.00
CA VAL R 23 -13.46 19.30 13.65
C VAL R 23 -12.85 18.36 12.61
N TYR R 24 -13.42 18.33 11.41
CA TYR R 24 -12.86 17.56 10.30
C TYR R 24 -11.46 18.05 9.94
N TYR R 25 -11.30 19.37 9.84
CA TYR R 25 -10.01 19.97 9.50
C TYR R 25 -9.00 19.76 10.63
N GLY R 26 -9.44 19.98 11.88
CA GLY R 26 -8.53 19.83 13.00
C GLY R 26 -8.12 18.39 13.22
N MET R 27 -8.98 17.44 12.87
CA MET R 27 -8.59 16.04 13.01
C MET R 27 -7.73 15.61 11.84
N SER R 28 -7.88 16.26 10.69
CA SER R 28 -6.95 16.03 9.58
C SER R 28 -5.53 16.42 9.96
N LYS R 29 -5.36 17.60 10.54
CA LYS R 29 -4.02 18.00 10.96
C LYS R 29 -3.50 17.15 12.12
N ALA R 30 -4.41 16.70 12.99
CA ALA R 30 -4.00 15.85 14.11
C ALA R 30 -3.56 14.48 13.61
N ALA R 31 -4.23 13.96 12.58
CA ALA R 31 -3.86 12.67 12.01
C ALA R 31 -2.53 12.77 11.29
N ASP R 32 -2.29 13.88 10.59
CA ASP R 32 -1.01 14.06 9.92
C ASP R 32 0.12 14.24 10.92
N LEU R 33 -0.16 14.88 12.06
CA LEU R 33 0.88 15.01 13.08
C LEU R 33 1.13 13.69 13.80
N SER R 34 0.11 12.85 13.91
CA SER R 34 0.29 11.59 14.63
C SER R 34 0.86 10.50 13.75
N SER R 35 0.73 10.64 12.42
CA SER R 35 1.18 9.58 11.54
C SER R 35 2.68 9.62 11.29
N ASN R 36 3.39 10.58 11.88
CA ASN R 36 4.83 10.68 11.71
C ASN R 36 5.59 10.45 13.02
N THR R 37 4.99 9.78 13.98
CA THR R 37 5.66 9.56 15.26
C THR R 37 6.66 8.42 15.15
N LYS R 38 7.38 8.18 16.25
CA LYS R 38 8.41 7.15 16.27
C LYS R 38 7.80 5.76 16.20
N GLU R 39 6.66 5.57 16.87
CA GLU R 39 6.00 4.26 16.88
C GLU R 39 5.41 3.94 15.51
N PHE R 40 4.82 4.93 14.87
CA PHE R 40 4.13 4.72 13.60
C PHE R 40 4.81 5.55 12.53
N ILE R 41 5.93 5.04 12.01
CA ILE R 41 6.57 5.63 10.85
C ILE R 41 6.96 4.45 9.96
N ASN R 42 6.90 3.25 10.53
CA ASN R 42 7.17 2.01 9.82
C ASN R 42 6.00 1.06 9.86
N ASP R 43 4.80 1.58 9.92
CA ASP R 43 3.63 0.74 9.67
C ASP R 43 3.26 0.88 8.21
N PRO R 44 3.36 -0.19 7.42
CA PRO R 44 3.35 0.00 5.95
C PRO R 44 2.01 0.36 5.34
N ARG R 45 0.96 0.52 6.13
CA ARG R 45 -0.33 0.84 5.53
C ARG R 45 -0.67 2.32 5.63
N ASN R 46 0.27 3.14 6.07
CA ASN R 46 0.03 4.58 6.09
C ASN R 46 0.10 5.13 4.67
N PRO R 47 -0.59 6.24 4.37
CA PRO R 47 -0.61 6.75 2.99
C PRO R 47 0.64 7.49 2.57
N ARG R 48 1.73 7.46 3.34
CA ARG R 48 2.98 8.03 2.86
C ARG R 48 3.56 7.19 1.73
N PHE R 49 3.48 5.86 1.87
CA PHE R 49 4.19 4.97 0.95
C PHE R 49 3.52 4.90 -0.41
N ALA R 50 2.22 5.19 -0.47
CA ALA R 50 1.52 5.16 -1.75
C ALA R 50 1.88 6.33 -2.64
N LYS R 51 2.52 7.37 -2.11
CA LYS R 51 2.97 8.48 -2.94
C LYS R 51 4.42 8.81 -2.60
N GLY R 52 5.34 8.33 -3.45
CA GLY R 52 6.72 8.73 -3.35
C GLY R 52 7.52 8.08 -2.24
N GLY R 53 7.79 8.86 -1.19
CA GLY R 53 8.77 8.59 -0.15
C GLY R 53 8.76 7.22 0.50
N LYS R 54 9.93 6.77 0.93
CA LYS R 54 10.09 5.41 1.46
C LYS R 54 11.12 5.44 2.58
N PHE R 55 10.70 5.00 3.77
CA PHE R 55 11.59 4.43 4.80
C PHE R 55 12.68 5.40 5.27
N VAL R 56 12.22 6.38 6.06
CA VAL R 56 13.15 7.15 6.88
C VAL R 56 14.01 6.21 7.73
N GLU R 57 13.36 5.45 8.61
CA GLU R 57 13.94 4.28 9.30
C GLU R 57 15.21 4.60 10.09
N VAL R 58 15.26 5.79 10.64
CA VAL R 58 16.39 6.22 11.49
C VAL R 58 15.78 6.63 12.82
N ASP R 59 15.83 5.73 13.79
CA ASP R 59 15.29 6.00 15.13
C ASP R 59 16.28 5.58 16.21
N TYR S 5 -28.13 41.13 38.76
CA TYR S 5 -28.19 42.57 38.58
C TYR S 5 -27.45 43.26 39.71
N HIS S 6 -26.13 43.22 39.62
CA HIS S 6 -25.27 43.65 40.71
C HIS S 6 -25.19 45.17 40.76
N PHE S 7 -24.56 45.69 41.82
CA PHE S 7 -24.38 47.13 41.99
C PHE S 7 -23.03 47.33 42.68
N MET S 8 -21.99 47.59 41.88
CA MET S 8 -20.63 47.72 42.38
C MET S 8 -20.29 49.18 42.61
N GLY S 9 -20.19 49.57 43.88
CA GLY S 9 -19.79 50.93 44.25
C GLY S 9 -20.79 51.98 43.84
N LYS S 10 -22.08 51.62 43.85
CA LYS S 10 -23.21 52.44 43.45
C LYS S 10 -23.08 52.98 42.03
N ALA S 11 -22.39 52.25 41.16
CA ALA S 11 -22.20 52.67 39.77
C ALA S 11 -23.38 52.18 38.93
N ILE S 12 -23.21 52.23 37.61
CA ILE S 12 -24.13 51.56 36.68
C ILE S 12 -24.14 50.07 36.99
N PRO S 13 -25.30 49.42 37.06
CA PRO S 13 -25.35 47.97 37.29
C PRO S 13 -24.69 47.22 36.16
N PRO S 14 -23.69 46.39 36.46
CA PRO S 14 -22.92 45.74 35.39
C PRO S 14 -23.74 44.67 34.69
N HIS S 15 -23.33 44.37 33.46
CA HIS S 15 -24.02 43.48 32.55
C HIS S 15 -24.18 42.05 33.09
N GLN S 16 -23.08 41.30 33.16
CA GLN S 16 -23.04 40.01 33.83
C GLN S 16 -21.75 39.73 34.57
N LEU S 17 -20.69 40.52 34.35
CA LEU S 17 -19.33 40.53 34.94
C LEU S 17 -18.47 39.39 34.40
N ALA S 18 -19.01 38.47 33.60
CA ALA S 18 -18.32 37.22 33.30
C ALA S 18 -17.17 37.40 32.31
N ILE S 19 -17.23 38.43 31.46
CA ILE S 19 -16.24 38.54 30.40
C ILE S 19 -14.92 39.09 30.95
N GLY S 20 -14.99 39.93 31.99
CA GLY S 20 -13.80 40.60 32.48
C GLY S 20 -12.82 39.67 33.17
N THR S 21 -13.33 38.69 33.91
CA THR S 21 -12.45 37.72 34.56
C THR S 21 -11.73 36.85 33.55
N LEU S 22 -12.45 36.44 32.50
CA LEU S 22 -11.85 35.68 31.41
C LEU S 22 -10.83 36.52 30.66
N GLY S 23 -11.08 37.82 30.53
CA GLY S 23 -10.10 38.70 29.91
C GLY S 23 -8.87 38.92 30.77
N LEU S 24 -9.05 38.91 32.08
CA LEU S 24 -7.90 39.05 32.97
C LEU S 24 -7.03 37.81 32.94
N LEU S 25 -7.65 36.63 33.01
CA LEU S 25 -6.85 35.41 32.95
C LEU S 25 -6.40 35.07 31.54
N GLY S 26 -6.94 35.73 30.51
CA GLY S 26 -6.47 35.49 29.16
C GLY S 26 -5.08 36.05 28.93
N LEU S 27 -4.81 37.24 29.45
CA LEU S 27 -3.53 37.91 29.27
C LEU S 27 -2.61 37.50 30.42
N LEU S 28 -2.04 36.30 30.32
CA LEU S 28 -1.13 35.78 31.32
C LEU S 28 -0.24 34.72 30.67
N MET T 1 36.54 4.51 -2.36
CA MET T 1 35.95 4.32 -3.67
C MET T 1 36.98 4.60 -4.78
N GLN T 2 38.26 4.50 -4.44
CA GLN T 2 39.29 4.81 -5.44
C GLN T 2 39.43 3.68 -6.44
N LEU T 3 39.20 2.43 -6.00
CA LEU T 3 39.36 1.28 -6.88
C LEU T 3 38.29 1.24 -7.95
N VAL T 4 37.04 1.50 -7.57
CA VAL T 4 35.94 1.44 -8.54
C VAL T 4 36.04 2.60 -9.52
N LEU T 5 36.58 3.75 -9.07
CA LEU T 5 36.72 4.87 -9.99
C LEU T 5 37.95 4.69 -10.88
N ALA T 6 38.93 3.89 -10.41
CA ALA T 6 40.02 3.52 -11.30
C ALA T 6 39.56 2.50 -12.32
N ALA T 7 38.61 1.65 -11.94
CA ALA T 7 38.08 0.63 -12.84
C ALA T 7 37.16 1.27 -13.89
N LYS T 8 36.49 2.35 -13.52
CA LYS T 8 35.67 3.10 -14.46
C LYS T 8 36.47 3.61 -15.65
N TYR T 9 37.69 4.09 -15.39
CA TYR T 9 38.53 4.63 -16.45
C TYR T 9 39.02 3.52 -17.38
N ILE T 10 39.39 2.38 -16.81
CA ILE T 10 39.81 1.24 -17.61
C ILE T 10 38.64 0.71 -18.44
N GLY T 11 37.44 0.70 -17.87
CA GLY T 11 36.29 0.23 -18.61
C GLY T 11 35.93 1.15 -19.76
N ALA T 12 36.06 2.46 -19.54
CA ALA T 12 35.85 3.41 -20.63
C ALA T 12 36.93 3.29 -21.68
N GLY T 13 38.13 2.87 -21.27
CA GLY T 13 39.17 2.58 -22.25
C GLY T 13 38.85 1.36 -23.10
N ILE T 14 38.35 0.29 -22.46
CA ILE T 14 38.02 -0.94 -23.19
C ILE T 14 36.83 -0.71 -24.10
N SER T 15 35.88 0.11 -23.69
CA SER T 15 34.72 0.32 -24.53
C SER T 15 34.96 1.29 -25.69
N THR T 16 36.21 1.58 -26.04
CA THR T 16 36.55 2.37 -27.20
C THR T 16 36.83 1.49 -28.42
N ILE T 17 37.19 0.22 -28.18
CA ILE T 17 37.67 -0.68 -29.23
C ILE T 17 36.59 -0.96 -30.26
N GLY T 18 35.33 -1.00 -29.84
CA GLY T 18 34.22 -1.30 -30.75
C GLY T 18 33.97 -0.25 -31.83
N LEU T 19 34.66 0.88 -31.80
CA LEU T 19 34.50 1.87 -32.86
C LEU T 19 35.21 1.46 -34.14
N LEU T 20 36.16 0.52 -34.06
CA LEU T 20 36.87 0.10 -35.26
C LEU T 20 35.95 -0.65 -36.21
N GLY T 21 34.91 -1.28 -35.67
CA GLY T 21 33.87 -1.89 -36.46
C GLY T 21 33.19 -0.88 -37.35
N ALA T 22 32.79 0.26 -36.79
CA ALA T 22 32.20 1.31 -37.62
C ALA T 22 33.22 1.94 -38.55
N GLY T 23 34.48 2.04 -38.11
CA GLY T 23 35.50 2.67 -38.94
C GLY T 23 35.82 1.86 -40.19
N ILE T 24 35.79 0.53 -40.07
CA ILE T 24 35.91 -0.28 -41.27
C ILE T 24 34.57 -0.33 -41.99
N GLY T 25 33.47 -0.20 -41.25
CA GLY T 25 32.15 -0.43 -41.78
C GLY T 25 31.62 0.58 -42.78
N ILE T 26 31.72 1.85 -42.39
CA ILE T 26 31.30 2.97 -43.24
C ILE T 26 32.11 2.94 -44.53
N ALA T 27 33.36 2.55 -44.40
CA ALA T 27 34.26 2.47 -45.54
C ALA T 27 33.88 1.35 -46.49
N ILE T 28 33.50 0.18 -45.96
CA ILE T 28 33.10 -0.92 -46.84
C ILE T 28 31.83 -0.55 -47.60
N VAL T 29 30.92 0.17 -46.92
CA VAL T 29 29.70 0.63 -47.59
C VAL T 29 30.02 1.62 -48.71
N PHE T 30 30.87 2.61 -48.42
CA PHE T 30 31.17 3.61 -49.45
C PHE T 30 32.09 3.06 -50.54
N ALA T 31 32.91 2.06 -50.21
CA ALA T 31 33.73 1.41 -51.22
C ALA T 31 32.85 0.64 -52.19
N ALA T 32 31.82 -0.03 -51.67
CA ALA T 32 30.87 -0.69 -52.55
C ALA T 32 30.07 0.31 -53.36
N LEU T 33 29.79 1.48 -52.77
CA LEU T 33 29.12 2.56 -53.51
C LEU T 33 29.94 3.03 -54.70
N ILE T 34 31.24 3.23 -54.48
CA ILE T 34 32.13 3.68 -55.56
C ILE T 34 32.24 2.61 -56.65
N ASN T 35 32.46 1.35 -56.23
CA ASN T 35 32.56 0.26 -57.19
C ASN T 35 31.23 -0.07 -57.85
N GLY T 36 30.11 0.43 -57.34
CA GLY T 36 28.84 0.25 -58.01
C GLY T 36 28.53 1.38 -58.96
N VAL T 37 29.00 2.60 -58.64
CA VAL T 37 28.84 3.71 -59.57
C VAL T 37 29.74 3.52 -60.78
N SER T 38 30.93 2.94 -60.57
CA SER T 38 31.86 2.79 -61.69
C SER T 38 31.41 1.70 -62.66
N ARG T 39 30.69 0.69 -62.18
CA ARG T 39 30.14 -0.30 -63.09
C ARG T 39 28.91 0.23 -63.82
N ASN T 40 28.17 1.14 -63.19
CA ASN T 40 26.93 1.65 -63.78
C ASN T 40 26.65 3.04 -63.25
N PRO T 41 26.93 4.10 -64.02
CA PRO T 41 26.70 5.46 -63.52
C PRO T 41 25.26 5.93 -63.61
N SER T 42 24.33 5.08 -64.04
CA SER T 42 22.94 5.48 -64.19
C SER T 42 22.07 5.16 -62.98
N ILE T 43 22.59 4.39 -62.04
CA ILE T 43 21.81 3.88 -60.92
C ILE T 43 22.12 4.66 -59.63
N LYS T 44 22.60 5.90 -59.79
CA LYS T 44 23.10 6.70 -58.67
C LYS T 44 21.99 7.05 -57.69
N ASP T 45 20.89 7.59 -58.19
CA ASP T 45 19.77 8.02 -57.36
C ASP T 45 18.95 6.86 -56.82
N THR T 46 19.22 5.64 -57.24
CA THR T 46 18.67 4.45 -56.63
C THR T 46 19.57 3.89 -55.55
N VAL T 47 20.88 3.87 -55.78
CA VAL T 47 21.80 3.20 -54.88
C VAL T 47 22.20 4.07 -53.70
N PHE T 48 22.45 5.37 -53.93
CA PHE T 48 23.02 6.22 -52.88
C PHE T 48 22.19 6.40 -51.60
N PRO T 49 20.84 6.43 -51.61
CA PRO T 49 20.13 6.36 -50.32
C PRO T 49 20.38 5.08 -49.53
N MET T 50 20.59 3.95 -50.21
CA MET T 50 20.93 2.72 -49.48
C MET T 50 22.31 2.82 -48.84
N ALA T 51 23.22 3.54 -49.49
CA ALA T 51 24.54 3.78 -48.90
C ALA T 51 24.43 4.67 -47.67
N ILE T 52 23.58 5.69 -47.73
CA ILE T 52 23.36 6.56 -46.56
C ILE T 52 22.70 5.78 -45.43
N LEU T 53 21.79 4.88 -45.79
CA LEU T 53 21.11 4.04 -44.80
C LEU T 53 22.10 3.10 -44.10
N GLY T 54 22.99 2.48 -44.88
CA GLY T 54 23.99 1.61 -44.28
C GLY T 54 25.00 2.37 -43.44
N PHE T 55 25.34 3.60 -43.86
CA PHE T 55 26.13 4.52 -43.05
C PHE T 55 25.50 4.76 -41.69
N ALA T 56 24.21 5.08 -41.69
CA ALA T 56 23.52 5.36 -40.44
C ALA T 56 23.43 4.12 -39.57
N LEU T 57 23.11 2.97 -40.16
CA LEU T 57 22.86 1.79 -39.35
C LEU T 57 24.16 1.18 -38.82
N SER T 58 25.31 1.49 -39.44
CA SER T 58 26.57 1.08 -38.81
C SER T 58 27.06 2.12 -37.82
N GLU T 59 26.76 3.40 -38.05
CA GLU T 59 27.16 4.43 -37.11
C GLU T 59 26.38 4.29 -35.81
N ALA T 60 25.19 3.72 -35.87
CA ALA T 60 24.43 3.41 -34.66
C ALA T 60 25.15 2.38 -33.80
N THR T 61 25.72 1.35 -34.43
CA THR T 61 26.46 0.34 -33.68
C THR T 61 27.77 0.92 -33.15
N GLY T 62 28.34 1.89 -33.85
CA GLY T 62 29.47 2.62 -33.27
C GLY T 62 29.09 3.43 -32.04
N LEU T 63 27.96 4.16 -32.12
CA LEU T 63 27.57 5.00 -30.99
C LEU T 63 27.05 4.19 -29.81
N PHE T 64 26.56 2.96 -30.06
CA PHE T 64 26.16 2.09 -28.96
C PHE T 64 27.35 1.65 -28.14
N CYS T 65 28.54 1.66 -28.72
CA CYS T 65 29.75 1.38 -27.97
C CYS T 65 30.39 2.64 -27.44
N LEU T 66 30.08 3.80 -28.04
CA LEU T 66 30.57 5.05 -27.45
C LEU T 66 29.82 5.40 -26.17
N MET T 67 28.50 5.12 -26.13
CA MET T 67 27.69 5.50 -24.98
C MET T 67 28.05 4.73 -23.72
N VAL T 68 28.56 3.51 -23.87
CA VAL T 68 29.03 2.76 -22.70
C VAL T 68 30.27 3.43 -22.12
N SER T 69 31.12 3.97 -22.99
CA SER T 69 32.27 4.73 -22.52
C SER T 69 31.85 6.03 -21.84
N PHE T 70 30.81 6.68 -22.36
CA PHE T 70 30.32 7.89 -21.72
C PHE T 70 29.61 7.59 -20.40
N LEU T 71 29.03 6.41 -20.24
CA LEU T 71 28.55 5.98 -18.93
C LEU T 71 29.71 5.74 -17.97
N LEU T 72 30.74 5.04 -18.43
CA LEU T 72 31.82 4.68 -17.53
C LEU T 72 32.74 5.84 -17.21
N LEU T 73 32.71 6.92 -17.98
CA LEU T 73 33.48 8.09 -17.60
C LEU T 73 32.79 8.87 -16.49
N PHE T 74 31.50 9.14 -16.64
CA PHE T 74 30.80 10.05 -15.74
C PHE T 74 29.71 9.37 -14.93
N GLY T 75 28.75 8.72 -15.60
CA GLY T 75 27.61 8.13 -14.90
C GLY T 75 27.94 6.87 -14.12
N MET U 1 34.02 -5.16 -1.26
CA MET U 1 32.80 -4.66 -1.87
C MET U 1 33.16 -3.76 -3.04
N GLN U 2 34.31 -3.08 -2.96
CA GLN U 2 34.79 -2.32 -4.09
C GLN U 2 35.25 -3.22 -5.23
N LEU U 3 35.74 -4.42 -4.88
CA LEU U 3 36.23 -5.34 -5.90
C LEU U 3 35.11 -5.85 -6.79
N VAL U 4 33.92 -6.06 -6.21
CA VAL U 4 32.78 -6.57 -6.96
C VAL U 4 32.33 -5.56 -8.01
N LEU U 5 32.13 -4.31 -7.59
CA LEU U 5 31.76 -3.25 -8.52
C LEU U 5 32.87 -2.94 -9.50
N ALA U 6 34.13 -3.05 -9.08
CA ALA U 6 35.25 -2.79 -9.97
C ALA U 6 35.32 -3.80 -11.11
N ALA U 7 35.33 -5.08 -10.77
CA ALA U 7 35.34 -6.13 -11.80
C ALA U 7 34.03 -6.15 -12.58
N LYS U 8 32.94 -5.70 -11.96
CA LYS U 8 31.68 -5.54 -12.66
C LYS U 8 31.81 -4.53 -13.79
N TYR U 9 32.39 -3.37 -13.51
CA TYR U 9 32.54 -2.35 -14.54
C TYR U 9 33.59 -2.75 -15.57
N ILE U 10 34.63 -3.48 -15.16
CA ILE U 10 35.63 -3.95 -16.13
C ILE U 10 35.01 -4.96 -17.08
N GLY U 11 34.21 -5.89 -16.56
CA GLY U 11 33.56 -6.86 -17.42
C GLY U 11 32.53 -6.22 -18.33
N ALA U 12 31.86 -5.16 -17.84
CA ALA U 12 30.93 -4.44 -18.70
C ALA U 12 31.67 -3.68 -19.80
N GLY U 13 32.89 -3.24 -19.52
CA GLY U 13 33.70 -2.65 -20.56
C GLY U 13 34.16 -3.67 -21.59
N ILE U 14 34.55 -4.86 -21.12
CA ILE U 14 35.01 -5.95 -22.00
C ILE U 14 33.88 -6.41 -22.91
N SER U 15 32.67 -6.42 -22.39
CA SER U 15 31.54 -6.98 -23.14
C SER U 15 30.91 -5.98 -24.11
N THR U 16 31.67 -5.02 -24.62
CA THR U 16 31.24 -4.20 -25.75
C THR U 16 32.18 -4.33 -26.94
N ILE U 17 33.13 -5.25 -26.90
CA ILE U 17 34.02 -5.47 -28.03
C ILE U 17 33.28 -6.13 -29.18
N GLY U 18 32.24 -6.91 -28.86
CA GLY U 18 31.48 -7.65 -29.85
C GLY U 18 30.68 -6.80 -30.82
N LEU U 19 30.58 -5.49 -30.60
CA LEU U 19 29.92 -4.62 -31.55
C LEU U 19 30.75 -4.36 -32.80
N LEU U 20 32.06 -4.62 -32.76
CA LEU U 20 32.82 -4.55 -34.00
C LEU U 20 32.50 -5.73 -34.90
N GLY U 21 31.96 -6.80 -34.34
CA GLY U 21 31.41 -7.87 -35.11
C GLY U 21 30.03 -7.60 -35.66
N ALA U 22 29.45 -6.44 -35.36
CA ALA U 22 28.16 -6.06 -35.92
C ALA U 22 28.26 -4.89 -36.89
N GLY U 23 29.20 -3.97 -36.64
CA GLY U 23 29.45 -2.89 -37.58
C GLY U 23 29.91 -3.38 -38.93
N ILE U 24 30.90 -4.26 -38.92
CA ILE U 24 31.37 -4.92 -40.14
C ILE U 24 30.27 -5.79 -40.72
N GLY U 25 29.39 -6.31 -39.87
CA GLY U 25 28.29 -7.13 -40.36
C GLY U 25 27.30 -6.36 -41.22
N ILE U 26 26.81 -5.25 -40.68
CA ILE U 26 25.92 -4.36 -41.42
C ILE U 26 26.62 -3.82 -42.66
N ALA U 27 27.93 -3.59 -42.55
CA ALA U 27 28.72 -3.13 -43.69
C ALA U 27 28.71 -4.12 -44.84
N ILE U 28 29.02 -5.39 -44.55
CA ILE U 28 29.13 -6.37 -45.62
C ILE U 28 27.77 -6.65 -46.23
N VAL U 29 26.71 -6.59 -45.42
CA VAL U 29 25.35 -6.81 -45.95
C VAL U 29 24.96 -5.69 -46.90
N PHE U 30 25.13 -4.43 -46.50
CA PHE U 30 24.75 -3.36 -47.42
C PHE U 30 25.74 -3.21 -48.57
N ALA U 31 26.98 -3.69 -48.40
CA ALA U 31 27.93 -3.69 -49.50
C ALA U 31 27.50 -4.66 -50.58
N ALA U 32 27.07 -5.86 -50.19
CA ALA U 32 26.56 -6.81 -51.16
C ALA U 32 25.25 -6.33 -51.76
N LEU U 33 24.45 -5.60 -50.98
CA LEU U 33 23.22 -5.01 -51.51
C LEU U 33 23.53 -4.01 -52.62
N ILE U 34 24.53 -3.16 -52.41
CA ILE U 34 24.91 -2.18 -53.42
C ILE U 34 25.47 -2.85 -54.67
N ASN U 35 26.35 -3.84 -54.48
CA ASN U 35 26.95 -4.52 -55.63
C ASN U 35 25.93 -5.40 -56.36
N GLY U 36 24.88 -5.83 -55.65
CA GLY U 36 23.86 -6.62 -56.31
C GLY U 36 22.85 -5.77 -57.06
N VAL U 37 22.56 -4.59 -56.54
CA VAL U 37 21.65 -3.69 -57.25
C VAL U 37 22.35 -3.09 -58.47
N SER U 38 23.64 -2.76 -58.34
CA SER U 38 24.36 -2.08 -59.40
C SER U 38 24.55 -2.96 -60.63
N ARG U 39 24.79 -4.26 -60.43
CA ARG U 39 24.98 -5.17 -61.55
C ARG U 39 23.69 -5.75 -62.08
N ASN U 40 22.54 -5.46 -61.45
CA ASN U 40 21.25 -5.89 -61.99
C ASN U 40 20.17 -4.94 -61.46
N PRO U 41 19.73 -3.98 -62.27
CA PRO U 41 18.82 -2.93 -61.74
C PRO U 41 17.39 -3.39 -61.49
N SER U 42 17.03 -4.62 -61.86
CA SER U 42 15.65 -5.08 -61.68
C SER U 42 15.53 -6.11 -60.56
N ILE U 43 16.51 -6.16 -59.65
CA ILE U 43 16.49 -7.14 -58.57
C ILE U 43 16.23 -6.50 -57.22
N LYS U 44 16.10 -5.16 -57.19
CA LYS U 44 15.98 -4.40 -55.94
C LYS U 44 14.75 -4.80 -55.13
N ASP U 45 13.61 -4.94 -55.80
CA ASP U 45 12.38 -5.28 -55.10
C ASP U 45 12.29 -6.74 -54.71
N THR U 46 13.28 -7.55 -55.07
CA THR U 46 13.38 -8.93 -54.61
C THR U 46 14.49 -9.09 -53.57
N VAL U 47 15.55 -8.31 -53.67
CA VAL U 47 16.71 -8.44 -52.80
C VAL U 47 16.63 -7.55 -51.59
N PHE U 48 15.72 -6.56 -51.59
CA PHE U 48 15.63 -5.64 -50.45
C PHE U 48 15.08 -6.28 -49.17
N PRO U 49 14.04 -7.16 -49.19
CA PRO U 49 13.69 -7.85 -47.94
C PRO U 49 14.78 -8.75 -47.39
N MET U 50 15.54 -9.42 -48.25
CA MET U 50 16.70 -10.17 -47.78
C MET U 50 17.77 -9.26 -47.20
N ALA U 51 17.89 -8.03 -47.71
CA ALA U 51 18.83 -7.07 -47.16
C ALA U 51 18.45 -6.65 -45.75
N ILE U 52 17.17 -6.30 -45.55
CA ILE U 52 16.72 -5.85 -44.22
C ILE U 52 16.77 -7.01 -43.23
N LEU U 53 16.36 -8.20 -43.69
CA LEU U 53 16.42 -9.42 -42.90
C LEU U 53 17.84 -9.72 -42.43
N GLY U 54 18.80 -9.72 -43.38
CA GLY U 54 20.18 -9.98 -43.02
C GLY U 54 20.78 -8.91 -42.13
N PHE U 55 20.39 -7.64 -42.36
CA PHE U 55 20.84 -6.52 -41.54
C PHE U 55 20.48 -6.70 -40.07
N ALA U 56 19.18 -6.80 -39.76
CA ALA U 56 18.83 -6.82 -38.34
C ALA U 56 19.09 -8.19 -37.73
N LEU U 57 18.97 -9.24 -38.53
CA LEU U 57 19.22 -10.59 -38.06
C LEU U 57 20.71 -10.89 -37.96
N SER U 58 21.55 -9.95 -38.39
CA SER U 58 22.96 -9.98 -38.03
C SER U 58 23.27 -9.02 -36.88
N GLU U 59 22.56 -7.92 -36.74
CA GLU U 59 22.90 -7.07 -35.63
C GLU U 59 22.60 -7.80 -34.34
N ALA U 60 21.47 -8.49 -34.32
CA ALA U 60 21.04 -9.15 -33.09
C ALA U 60 22.19 -9.78 -32.29
N THR U 61 23.21 -10.27 -32.98
CA THR U 61 24.34 -10.87 -32.28
C THR U 61 25.30 -9.84 -31.68
N GLY U 62 25.16 -8.58 -32.02
CA GLY U 62 25.91 -7.55 -31.32
C GLY U 62 25.07 -7.02 -30.18
N LEU U 63 23.75 -7.04 -30.38
CA LEU U 63 22.86 -6.57 -29.33
C LEU U 63 22.77 -7.55 -28.16
N PHE U 64 23.01 -8.84 -28.41
CA PHE U 64 23.15 -9.79 -27.30
C PHE U 64 24.32 -9.41 -26.41
N CYS U 65 25.45 -9.04 -27.03
CA CYS U 65 26.64 -8.63 -26.30
C CYS U 65 26.40 -7.32 -25.56
N LEU U 66 25.63 -6.42 -26.15
CA LEU U 66 25.27 -5.19 -25.44
C LEU U 66 24.33 -5.48 -24.27
N MET U 67 23.47 -6.49 -24.36
CA MET U 67 22.64 -6.84 -23.22
C MET U 67 23.42 -7.51 -22.10
N VAL U 68 24.45 -8.28 -22.44
CA VAL U 68 25.37 -8.77 -21.41
C VAL U 68 26.05 -7.59 -20.73
N SER U 69 26.39 -6.56 -21.52
CA SER U 69 26.98 -5.35 -20.94
C SER U 69 26.00 -4.61 -20.04
N PHE U 70 24.72 -4.58 -20.40
CA PHE U 70 23.75 -3.88 -19.56
C PHE U 70 23.44 -4.65 -18.28
N LEU U 71 23.36 -5.97 -18.36
CA LEU U 71 23.16 -6.76 -17.15
C LEU U 71 24.38 -6.70 -16.25
N LEU U 72 25.57 -6.47 -16.80
CA LEU U 72 26.70 -6.20 -15.93
C LEU U 72 26.62 -4.81 -15.32
N LEU U 73 26.39 -3.78 -16.14
CA LEU U 73 26.42 -2.39 -15.66
C LEU U 73 25.36 -2.12 -14.60
N PHE U 74 24.13 -2.55 -14.84
CA PHE U 74 23.02 -2.11 -14.02
C PHE U 74 22.37 -3.24 -13.23
N GLY U 75 22.78 -4.48 -13.46
CA GLY U 75 22.25 -5.60 -12.70
C GLY U 75 23.31 -6.35 -11.91
N GLN V 2 35.18 -12.60 -1.27
CA GLN V 2 34.48 -13.18 -2.40
C GLN V 2 35.07 -12.71 -3.73
N LEU V 3 36.32 -13.14 -3.95
CA LEU V 3 37.00 -12.86 -5.21
C LEU V 3 36.33 -13.56 -6.38
N VAL V 4 35.72 -14.73 -6.12
CA VAL V 4 35.11 -15.50 -7.20
C VAL V 4 33.85 -14.82 -7.70
N LEU V 5 33.10 -14.17 -6.80
CA LEU V 5 31.89 -13.46 -7.21
C LEU V 5 32.20 -12.26 -8.10
N ALA V 6 33.37 -11.65 -7.93
CA ALA V 6 33.78 -10.60 -8.83
C ALA V 6 34.44 -11.12 -10.09
N ALA V 7 35.18 -12.22 -10.00
CA ALA V 7 35.88 -12.76 -11.15
C ALA V 7 35.00 -13.55 -12.09
N LYS V 8 33.79 -13.93 -11.66
CA LYS V 8 32.88 -14.49 -12.65
C LYS V 8 32.34 -13.43 -13.59
N TYR V 9 32.33 -12.16 -13.18
CA TYR V 9 31.84 -11.11 -14.05
C TYR V 9 32.84 -10.79 -15.15
N ILE V 10 34.14 -10.85 -14.84
CA ILE V 10 35.18 -10.71 -15.85
C ILE V 10 35.07 -11.83 -16.87
N GLY V 11 34.79 -13.05 -16.39
CA GLY V 11 34.62 -14.17 -17.31
C GLY V 11 33.39 -14.04 -18.17
N ALA V 12 32.30 -13.52 -17.60
CA ALA V 12 31.08 -13.28 -18.38
C ALA V 12 31.27 -12.17 -19.38
N GLY V 13 32.17 -11.23 -19.10
CA GLY V 13 32.48 -10.21 -20.07
C GLY V 13 33.36 -10.71 -21.19
N ILE V 14 34.40 -11.50 -20.85
CA ILE V 14 35.34 -11.97 -21.85
C ILE V 14 34.68 -13.03 -22.74
N SER V 15 33.80 -13.84 -22.18
CA SER V 15 33.16 -14.89 -22.96
C SER V 15 32.08 -14.37 -23.90
N THR V 16 31.85 -13.07 -23.96
CA THR V 16 30.87 -12.53 -24.88
C THR V 16 31.53 -12.02 -26.16
N ILE V 17 32.86 -12.10 -26.24
CA ILE V 17 33.60 -11.62 -27.41
C ILE V 17 33.35 -12.50 -28.62
N GLY V 18 32.96 -13.77 -28.40
CA GLY V 18 32.82 -14.70 -29.51
C GLY V 18 31.69 -14.41 -30.47
N LEU V 19 30.81 -13.48 -30.13
CA LEU V 19 29.75 -13.06 -31.04
C LEU V 19 30.26 -12.21 -32.19
N LEU V 20 31.49 -11.70 -32.06
CA LEU V 20 32.21 -11.04 -33.14
C LEU V 20 32.24 -11.90 -34.39
N GLY V 21 32.51 -13.19 -34.22
CA GLY V 21 32.49 -14.09 -35.36
C GLY V 21 31.10 -14.31 -35.90
N ALA V 22 30.09 -14.35 -35.03
CA ALA V 22 28.73 -14.66 -35.43
C ALA V 22 28.13 -13.57 -36.30
N GLY V 23 28.36 -12.31 -35.94
CA GLY V 23 27.82 -11.21 -36.73
C GLY V 23 28.43 -11.12 -38.12
N ILE V 24 29.77 -11.22 -38.18
CA ILE V 24 30.47 -11.27 -39.46
C ILE V 24 30.04 -12.49 -40.26
N GLY V 25 29.71 -13.57 -39.56
CA GLY V 25 29.31 -14.79 -40.24
C GLY V 25 27.96 -14.68 -40.93
N ILE V 26 26.97 -14.17 -40.21
CA ILE V 26 25.65 -13.96 -40.79
C ILE V 26 25.72 -12.95 -41.93
N ALA V 27 26.63 -11.96 -41.80
CA ALA V 27 26.85 -11.02 -42.89
C ALA V 27 27.40 -11.69 -44.14
N ILE V 28 28.40 -12.56 -43.99
CA ILE V 28 29.01 -13.19 -45.16
C ILE V 28 28.02 -14.15 -45.83
N VAL V 29 27.19 -14.82 -45.03
CA VAL V 29 26.16 -15.71 -45.59
C VAL V 29 25.14 -14.94 -46.41
N PHE V 30 24.55 -13.90 -45.82
CA PHE V 30 23.55 -13.15 -46.59
C PHE V 30 24.18 -12.32 -47.69
N ALA V 31 25.47 -12.01 -47.59
CA ALA V 31 26.17 -11.32 -48.67
C ALA V 31 26.30 -12.23 -49.88
N ALA V 32 26.68 -13.48 -49.64
CA ALA V 32 26.76 -14.44 -50.74
C ALA V 32 25.38 -14.74 -51.30
N LEU V 33 24.35 -14.73 -50.44
CA LEU V 33 22.99 -14.95 -50.92
C LEU V 33 22.53 -13.82 -51.84
N ILE V 34 22.84 -12.57 -51.48
CA ILE V 34 22.49 -11.43 -52.30
C ILE V 34 23.23 -11.47 -53.64
N ASN V 35 24.52 -11.81 -53.61
CA ASN V 35 25.29 -11.91 -54.85
C ASN V 35 24.78 -13.05 -55.72
N GLY V 36 24.36 -14.16 -55.11
CA GLY V 36 23.87 -15.28 -55.88
C GLY V 36 22.52 -15.03 -56.52
N VAL V 37 21.65 -14.31 -55.82
CA VAL V 37 20.38 -13.94 -56.42
C VAL V 37 20.58 -12.90 -57.52
N SER V 38 21.50 -11.96 -57.30
CA SER V 38 21.71 -10.90 -58.28
C SER V 38 22.38 -11.40 -59.54
N ARG V 39 23.23 -12.42 -59.44
CA ARG V 39 23.81 -12.99 -60.66
C ARG V 39 22.81 -13.88 -61.38
N ASN V 40 22.17 -14.79 -60.66
CA ASN V 40 21.19 -15.72 -61.22
C ASN V 40 19.85 -15.42 -60.56
N PRO V 41 18.93 -14.75 -61.26
CA PRO V 41 17.66 -14.36 -60.63
C PRO V 41 16.71 -15.52 -60.37
N SER V 42 16.93 -16.69 -60.96
CA SER V 42 16.03 -17.82 -60.81
C SER V 42 16.58 -18.88 -59.88
N ILE V 43 17.25 -18.47 -58.80
CA ILE V 43 17.86 -19.41 -57.88
C ILE V 43 17.44 -19.17 -56.43
N LYS V 44 16.59 -18.14 -56.20
CA LYS V 44 16.21 -17.72 -54.85
C LYS V 44 15.48 -18.82 -54.10
N ASP V 45 14.44 -19.40 -54.71
CA ASP V 45 13.68 -20.44 -54.06
C ASP V 45 14.44 -21.76 -54.00
N THR V 46 15.52 -21.88 -54.76
CA THR V 46 16.33 -23.10 -54.74
C THR V 46 17.35 -23.05 -53.61
N VAL V 47 17.98 -21.89 -53.39
CA VAL V 47 19.15 -21.81 -52.52
C VAL V 47 18.86 -21.07 -51.21
N PHE V 48 17.71 -20.42 -51.10
CA PHE V 48 17.34 -19.73 -49.85
C PHE V 48 17.26 -20.61 -48.60
N PRO V 49 16.76 -21.87 -48.63
CA PRO V 49 16.86 -22.69 -47.41
C PRO V 49 18.28 -23.03 -47.02
N MET V 50 19.22 -23.08 -47.98
CA MET V 50 20.62 -23.25 -47.62
C MET V 50 21.14 -22.04 -46.86
N ALA V 51 20.65 -20.85 -47.20
CA ALA V 51 21.05 -19.64 -46.50
C ALA V 51 20.48 -19.62 -45.09
N ILE V 52 19.22 -20.03 -44.93
CA ILE V 52 18.61 -20.07 -43.61
C ILE V 52 19.26 -21.14 -42.74
N LEU V 53 19.64 -22.27 -43.35
CA LEU V 53 20.39 -23.31 -42.65
C LEU V 53 21.74 -22.81 -42.16
N GLY V 54 22.50 -22.17 -43.05
CA GLY V 54 23.82 -21.68 -42.67
C GLY V 54 23.76 -20.59 -41.62
N PHE V 55 22.73 -19.73 -41.69
CA PHE V 55 22.50 -18.76 -40.62
C PHE V 55 22.19 -19.44 -39.30
N ALA V 56 21.35 -20.48 -39.30
CA ALA V 56 20.99 -21.14 -38.05
C ALA V 56 22.21 -21.79 -37.41
N LEU V 57 23.06 -22.41 -38.24
CA LEU V 57 24.28 -23.05 -37.74
C LEU V 57 25.26 -22.01 -37.20
N SER V 58 25.42 -20.90 -37.92
CA SER V 58 26.36 -19.87 -37.47
C SER V 58 25.85 -19.15 -36.23
N GLU V 59 24.57 -18.92 -36.12
CA GLU V 59 24.20 -18.32 -34.88
C GLU V 59 24.43 -19.31 -33.75
N ALA V 60 23.98 -20.55 -33.88
CA ALA V 60 24.17 -21.46 -32.75
C ALA V 60 25.63 -21.55 -32.33
N THR V 61 26.53 -21.53 -33.30
CA THR V 61 27.95 -21.53 -32.98
C THR V 61 28.49 -20.14 -32.66
N GLY V 62 27.64 -19.13 -32.61
CA GLY V 62 27.96 -17.93 -31.88
C GLY V 62 27.31 -17.97 -30.52
N LEU V 63 26.22 -18.72 -30.42
CA LEU V 63 25.38 -18.80 -29.23
C LEU V 63 26.02 -19.61 -28.11
N PHE V 64 26.95 -20.51 -28.46
CA PHE V 64 27.76 -21.21 -27.45
C PHE V 64 28.42 -20.24 -26.47
N CYS V 65 28.97 -19.14 -26.99
CA CYS V 65 29.60 -18.15 -26.13
C CYS V 65 28.59 -17.47 -25.23
N LEU V 66 27.38 -17.24 -25.73
CA LEU V 66 26.36 -16.59 -24.92
C LEU V 66 25.86 -17.51 -23.80
N MET V 67 25.74 -18.81 -24.09
CA MET V 67 25.28 -19.70 -23.04
C MET V 67 26.37 -19.97 -22.01
N VAL V 68 27.64 -19.92 -22.43
CA VAL V 68 28.74 -20.00 -21.45
C VAL V 68 28.76 -18.74 -20.59
N SER V 69 28.45 -17.58 -21.19
CA SER V 69 28.37 -16.35 -20.41
C SER V 69 27.21 -16.38 -19.43
N PHE V 70 26.09 -16.97 -19.82
CA PHE V 70 24.97 -17.08 -18.90
C PHE V 70 25.25 -18.10 -17.79
N LEU V 71 25.99 -19.15 -18.08
CA LEU V 71 26.38 -20.08 -17.02
C LEU V 71 27.37 -19.44 -16.05
N LEU V 72 28.26 -18.59 -16.56
CA LEU V 72 29.19 -17.92 -15.66
C LEU V 72 28.49 -16.84 -14.84
N LEU V 73 27.46 -16.21 -15.40
CA LEU V 73 26.85 -15.07 -14.72
C LEU V 73 25.73 -15.52 -13.79
N PHE V 74 25.15 -16.70 -14.05
CA PHE V 74 24.03 -17.18 -13.26
C PHE V 74 24.29 -18.49 -12.54
N GLY V 75 25.38 -19.19 -12.84
CA GLY V 75 25.64 -20.46 -12.19
C GLY V 75 26.88 -20.44 -11.33
N MET W 1 40.69 -22.18 -1.51
CA MET W 1 41.00 -22.28 -2.94
C MET W 1 40.24 -21.23 -3.74
N GLN W 2 40.15 -20.01 -3.21
CA GLN W 2 39.38 -18.97 -3.87
C GLN W 2 40.08 -18.48 -5.13
N LEU W 3 41.41 -18.43 -5.12
CA LEU W 3 42.17 -17.99 -6.28
C LEU W 3 42.02 -18.97 -7.45
N VAL W 4 42.16 -20.26 -7.16
CA VAL W 4 42.03 -21.27 -8.22
C VAL W 4 40.59 -21.35 -8.70
N LEU W 5 39.61 -21.21 -7.80
CA LEU W 5 38.21 -21.24 -8.19
C LEU W 5 37.83 -20.02 -9.03
N ALA W 6 38.47 -18.88 -8.78
CA ALA W 6 38.27 -17.72 -9.64
C ALA W 6 38.95 -17.91 -10.99
N ALA W 7 40.13 -18.52 -10.99
CA ALA W 7 40.86 -18.74 -12.24
C ALA W 7 40.15 -19.76 -13.12
N LYS W 8 39.38 -20.66 -12.53
CA LYS W 8 38.47 -21.52 -13.28
C LYS W 8 37.54 -20.69 -14.17
N TYR W 9 36.90 -19.69 -13.59
CA TYR W 9 35.90 -18.93 -14.31
C TYR W 9 36.56 -17.97 -15.30
N ILE W 10 37.72 -17.41 -14.94
CA ILE W 10 38.45 -16.55 -15.86
C ILE W 10 38.94 -17.35 -17.06
N GLY W 11 39.47 -18.55 -16.83
CA GLY W 11 39.93 -19.37 -17.94
C GLY W 11 38.79 -19.87 -18.79
N ALA W 12 37.63 -20.13 -18.18
CA ALA W 12 36.46 -20.52 -18.95
C ALA W 12 35.94 -19.37 -19.81
N GLY W 13 36.11 -18.13 -19.33
CA GLY W 13 35.77 -16.99 -20.15
C GLY W 13 36.73 -16.80 -21.31
N ILE W 14 38.03 -16.88 -21.04
CA ILE W 14 39.02 -16.62 -22.08
C ILE W 14 39.10 -17.79 -23.07
N SER W 15 38.58 -18.96 -22.67
CA SER W 15 38.66 -20.14 -23.53
C SER W 15 37.84 -19.96 -24.80
N THR W 16 36.63 -19.44 -24.69
CA THR W 16 35.76 -19.40 -25.88
C THR W 16 36.06 -18.23 -26.82
N ILE W 17 37.19 -17.52 -26.72
CA ILE W 17 37.50 -16.48 -27.70
C ILE W 17 37.70 -17.09 -29.07
N GLY W 18 38.42 -18.21 -29.13
CA GLY W 18 38.71 -18.89 -30.40
C GLY W 18 37.52 -19.55 -31.03
N LEU W 19 36.36 -19.55 -30.36
CA LEU W 19 35.17 -20.18 -30.90
C LEU W 19 34.51 -19.33 -31.98
N LEU W 20 34.92 -18.07 -32.14
CA LEU W 20 34.39 -17.24 -33.21
C LEU W 20 34.90 -17.69 -34.58
N GLY W 21 36.02 -18.43 -34.60
CA GLY W 21 36.54 -18.93 -35.86
C GLY W 21 35.59 -19.93 -36.51
N ALA W 22 34.89 -20.72 -35.71
CA ALA W 22 33.89 -21.62 -36.27
C ALA W 22 32.71 -20.85 -36.83
N GLY W 23 32.32 -19.76 -36.16
CA GLY W 23 31.23 -18.94 -36.65
C GLY W 23 31.56 -18.26 -37.96
N ILE W 24 32.82 -17.86 -38.13
CA ILE W 24 33.22 -17.33 -39.44
C ILE W 24 33.34 -18.47 -40.44
N GLY W 25 33.74 -19.65 -39.97
CA GLY W 25 34.10 -20.71 -40.88
C GLY W 25 32.91 -21.38 -41.55
N ILE W 26 31.88 -21.67 -40.76
CA ILE W 26 30.61 -22.17 -41.30
C ILE W 26 30.06 -21.21 -42.34
N ALA W 27 30.23 -19.91 -42.09
CA ALA W 27 29.76 -18.90 -43.01
C ALA W 27 30.54 -18.89 -44.31
N ILE W 28 31.86 -19.04 -44.24
CA ILE W 28 32.66 -19.04 -45.46
C ILE W 28 32.34 -20.26 -46.31
N VAL W 29 32.12 -21.40 -45.64
CA VAL W 29 31.75 -22.63 -46.35
C VAL W 29 30.41 -22.48 -47.05
N PHE W 30 29.38 -22.04 -46.31
CA PHE W 30 28.08 -21.86 -46.95
C PHE W 30 28.07 -20.69 -47.92
N ALA W 31 28.96 -19.72 -47.75
CA ALA W 31 29.05 -18.61 -48.69
C ALA W 31 29.53 -19.10 -50.04
N ALA W 32 30.57 -19.93 -50.03
CA ALA W 32 31.01 -20.52 -51.29
C ALA W 32 29.99 -21.51 -51.82
N LEU W 33 29.20 -22.13 -50.94
CA LEU W 33 28.13 -23.03 -51.39
C LEU W 33 27.07 -22.29 -52.20
N ILE W 34 26.56 -21.18 -51.65
CA ILE W 34 25.60 -20.35 -52.39
C ILE W 34 26.23 -19.79 -53.65
N ASN W 35 27.50 -19.36 -53.57
CA ASN W 35 28.16 -18.77 -54.73
C ASN W 35 28.41 -19.80 -55.82
N GLY W 36 28.56 -21.07 -55.44
CA GLY W 36 28.80 -22.10 -56.44
C GLY W 36 27.51 -22.60 -57.07
N VAL W 37 26.47 -22.76 -56.26
CA VAL W 37 25.17 -23.18 -56.80
C VAL W 37 24.56 -22.07 -57.65
N SER W 38 24.93 -20.81 -57.38
CA SER W 38 24.43 -19.69 -58.16
C SER W 38 24.93 -19.72 -59.60
N ARG W 39 26.16 -20.20 -59.82
CA ARG W 39 26.64 -20.37 -61.19
C ARG W 39 26.01 -21.59 -61.83
N ASN W 40 26.19 -22.76 -61.23
CA ASN W 40 25.66 -24.00 -61.78
C ASN W 40 24.54 -24.49 -60.90
N PRO W 41 23.28 -24.48 -61.38
CA PRO W 41 22.20 -25.09 -60.60
C PRO W 41 22.27 -26.61 -60.55
N SER W 42 23.01 -27.25 -61.45
CA SER W 42 22.99 -28.70 -61.60
C SER W 42 24.15 -29.38 -60.88
N ILE W 43 24.84 -28.68 -59.99
CA ILE W 43 25.96 -29.25 -59.27
C ILE W 43 25.63 -29.46 -57.79
N LYS W 44 24.35 -29.30 -57.42
CA LYS W 44 23.93 -29.28 -56.02
C LYS W 44 24.19 -30.60 -55.32
N ASP W 45 23.85 -31.72 -55.97
CA ASP W 45 23.88 -33.02 -55.31
C ASP W 45 25.29 -33.52 -55.06
N THR W 46 26.28 -32.99 -55.76
CA THR W 46 27.67 -33.30 -55.45
C THR W 46 28.23 -32.40 -54.36
N VAL W 47 27.94 -31.10 -54.46
CA VAL W 47 28.61 -30.09 -53.66
C VAL W 47 28.01 -29.97 -52.26
N PHE W 48 26.69 -30.11 -52.14
CA PHE W 48 26.02 -29.96 -50.84
C PHE W 48 26.43 -30.97 -49.76
N PRO W 49 26.59 -32.28 -50.02
CA PRO W 49 27.17 -33.13 -48.96
C PRO W 49 28.62 -32.82 -48.66
N MET W 50 29.37 -32.39 -49.68
CA MET W 50 30.71 -31.89 -49.47
C MET W 50 30.69 -30.61 -48.61
N ALA W 51 29.65 -29.80 -48.78
CA ALA W 51 29.51 -28.59 -47.98
C ALA W 51 29.22 -28.93 -46.52
N ILE W 52 28.36 -29.91 -46.27
CA ILE W 52 28.08 -30.28 -44.87
C ILE W 52 29.28 -31.01 -44.27
N LEU W 53 30.07 -31.69 -45.11
CA LEU W 53 31.34 -32.28 -44.68
C LEU W 53 32.30 -31.21 -44.19
N GLY W 54 32.50 -30.17 -45.00
CA GLY W 54 33.35 -29.06 -44.58
C GLY W 54 32.80 -28.32 -43.38
N PHE W 55 31.48 -28.25 -43.27
CA PHE W 55 30.81 -27.69 -42.10
C PHE W 55 31.19 -28.41 -40.82
N ALA W 56 31.05 -29.73 -40.80
CA ALA W 56 31.37 -30.49 -39.60
C ALA W 56 32.87 -30.50 -39.32
N LEU W 57 33.68 -30.54 -40.37
CA LEU W 57 35.13 -30.58 -40.18
C LEU W 57 35.68 -29.25 -39.66
N SER W 58 35.03 -28.14 -40.01
CA SER W 58 35.38 -26.87 -39.41
C SER W 58 34.71 -26.67 -38.06
N GLU W 59 33.58 -27.36 -37.84
CA GLU W 59 32.87 -27.29 -36.57
C GLU W 59 33.65 -27.96 -35.45
N ALA W 60 34.46 -28.97 -35.80
CA ALA W 60 35.20 -29.75 -34.80
C ALA W 60 36.15 -28.89 -33.99
N THR W 61 36.73 -27.85 -34.60
CA THR W 61 37.63 -26.95 -33.88
C THR W 61 36.90 -26.18 -32.79
N GLY W 62 35.76 -25.57 -33.14
CA GLY W 62 34.98 -24.84 -32.16
C GLY W 62 34.42 -25.74 -31.08
N LEU W 63 34.09 -26.98 -31.44
CA LEU W 63 33.61 -27.92 -30.43
C LEU W 63 34.72 -28.35 -29.48
N PHE W 64 35.94 -28.51 -29.99
CA PHE W 64 37.08 -28.80 -29.10
C PHE W 64 37.37 -27.62 -28.19
N CYS W 65 37.19 -26.41 -28.71
CA CYS W 65 37.39 -25.21 -27.91
C CYS W 65 36.37 -25.11 -26.79
N LEU W 66 35.11 -25.36 -27.10
CA LEU W 66 34.07 -25.38 -26.10
C LEU W 66 34.25 -26.53 -25.12
N MET W 67 34.84 -27.64 -25.59
CA MET W 67 35.15 -28.76 -24.71
C MET W 67 36.21 -28.40 -23.68
N VAL W 68 37.25 -27.68 -24.10
CA VAL W 68 38.27 -27.22 -23.14
C VAL W 68 37.67 -26.20 -22.19
N SER W 69 36.72 -25.40 -22.67
CA SER W 69 36.00 -24.49 -21.79
C SER W 69 35.19 -25.24 -20.72
N PHE W 70 34.50 -26.30 -21.09
CA PHE W 70 33.76 -27.08 -20.10
C PHE W 70 34.68 -27.88 -19.19
N LEU W 71 35.85 -28.30 -19.67
CA LEU W 71 36.81 -28.97 -18.81
C LEU W 71 37.37 -28.01 -17.76
N LEU W 72 37.62 -26.77 -18.15
CA LEU W 72 38.10 -25.79 -17.19
C LEU W 72 36.99 -25.32 -16.26
N LEU W 73 35.73 -25.41 -16.69
CA LEU W 73 34.66 -24.93 -15.84
C LEU W 73 34.14 -26.02 -14.90
N PHE W 74 34.26 -27.29 -15.29
CA PHE W 74 33.70 -28.40 -14.53
C PHE W 74 34.75 -29.37 -14.01
N GLY W 75 35.99 -28.94 -13.81
CA GLY W 75 37.02 -29.83 -13.31
C GLY W 75 38.43 -29.37 -13.59
N MET X 1 50.88 -25.33 -4.49
CA MET X 1 50.63 -23.89 -4.41
C MET X 1 49.50 -23.47 -5.36
N GLN X 2 48.81 -22.40 -5.01
CA GLN X 2 47.68 -21.95 -5.79
C GLN X 2 48.08 -20.98 -6.89
N LEU X 3 49.24 -20.33 -6.77
CA LEU X 3 49.64 -19.29 -7.71
C LEU X 3 50.02 -19.85 -9.07
N VAL X 4 50.59 -21.04 -9.11
CA VAL X 4 50.89 -21.69 -10.39
C VAL X 4 49.72 -22.55 -10.84
N LEU X 5 48.95 -23.10 -9.90
CA LEU X 5 47.77 -23.90 -10.25
C LEU X 5 46.68 -23.03 -10.89
N ALA X 6 46.62 -21.75 -10.51
CA ALA X 6 45.77 -20.81 -11.25
C ALA X 6 46.32 -20.56 -12.65
N ALA X 7 47.64 -20.41 -12.76
CA ALA X 7 48.26 -20.00 -14.02
C ALA X 7 48.17 -21.11 -15.06
N LYS X 8 48.16 -22.37 -14.62
CA LYS X 8 47.90 -23.50 -15.50
C LYS X 8 46.56 -23.35 -16.22
N TYR X 9 45.51 -23.06 -15.44
CA TYR X 9 44.17 -22.98 -15.99
C TYR X 9 44.02 -21.74 -16.86
N ILE X 10 44.65 -20.63 -16.45
CA ILE X 10 44.57 -19.41 -17.26
C ILE X 10 45.32 -19.58 -18.57
N GLY X 11 46.47 -20.24 -18.55
CA GLY X 11 47.20 -20.48 -19.79
C GLY X 11 46.49 -21.44 -20.71
N ALA X 12 45.79 -22.42 -20.14
CA ALA X 12 44.95 -23.30 -20.95
C ALA X 12 43.77 -22.54 -21.54
N GLY X 13 43.25 -21.56 -20.81
CA GLY X 13 42.20 -20.72 -21.36
C GLY X 13 42.70 -19.82 -22.47
N ILE X 14 43.95 -19.37 -22.36
CA ILE X 14 44.57 -18.57 -23.43
C ILE X 14 44.75 -19.42 -24.69
N SER X 15 45.29 -20.63 -24.54
CA SER X 15 45.82 -21.34 -25.69
C SER X 15 44.77 -21.90 -26.63
N THR X 16 43.48 -21.74 -26.34
CA THR X 16 42.45 -22.14 -27.29
C THR X 16 42.09 -21.04 -28.27
N ILE X 17 42.71 -19.86 -28.16
CA ILE X 17 42.39 -18.77 -29.08
C ILE X 17 42.96 -19.07 -30.47
N GLY X 18 44.06 -19.81 -30.55
CA GLY X 18 44.64 -20.17 -31.83
C GLY X 18 43.81 -21.12 -32.66
N LEU X 19 42.76 -21.71 -32.08
CA LEU X 19 41.89 -22.64 -32.79
C LEU X 19 41.07 -21.94 -33.87
N LEU X 20 40.90 -20.61 -33.77
CA LEU X 20 40.15 -19.89 -34.79
C LEU X 20 40.88 -19.90 -36.12
N GLY X 21 42.21 -20.02 -36.08
CA GLY X 21 43.02 -20.20 -37.27
C GLY X 21 42.62 -21.42 -38.07
N ALA X 22 42.50 -22.57 -37.39
CA ALA X 22 42.05 -23.77 -38.06
C ALA X 22 40.58 -23.67 -38.45
N GLY X 23 39.77 -23.04 -37.61
CA GLY X 23 38.35 -22.93 -37.89
C GLY X 23 38.03 -22.08 -39.10
N ILE X 24 38.90 -21.13 -39.41
CA ILE X 24 38.75 -20.39 -40.65
C ILE X 24 39.52 -21.05 -41.80
N GLY X 25 40.58 -21.80 -41.48
CA GLY X 25 41.40 -22.38 -42.52
C GLY X 25 40.73 -23.52 -43.25
N ILE X 26 40.04 -24.39 -42.50
CA ILE X 26 39.23 -25.44 -43.10
C ILE X 26 38.16 -24.86 -44.00
N ALA X 27 37.65 -23.68 -43.63
CA ALA X 27 36.63 -23.01 -44.42
C ALA X 27 37.19 -22.48 -45.73
N ILE X 28 38.36 -21.84 -45.70
CA ILE X 28 38.93 -21.34 -46.96
C ILE X 28 39.28 -22.50 -47.89
N VAL X 29 39.78 -23.61 -47.32
CA VAL X 29 40.13 -24.78 -48.13
C VAL X 29 38.89 -25.37 -48.81
N PHE X 30 37.85 -25.68 -48.02
CA PHE X 30 36.63 -26.22 -48.62
C PHE X 30 35.87 -25.20 -49.44
N ALA X 31 36.09 -23.90 -49.20
CA ALA X 31 35.45 -22.87 -50.01
C ALA X 31 36.02 -22.86 -51.41
N ALA X 32 37.35 -22.92 -51.52
CA ALA X 32 37.96 -23.01 -52.83
C ALA X 32 37.68 -24.34 -53.50
N LEU X 33 37.54 -25.40 -52.69
CA LEU X 33 37.13 -26.70 -53.22
C LEU X 33 35.74 -26.63 -53.86
N ILE X 34 34.79 -26.01 -53.18
CA ILE X 34 33.44 -25.86 -53.69
C ILE X 34 33.42 -24.98 -54.93
N ASN X 35 34.21 -23.90 -54.92
CA ASN X 35 34.30 -23.02 -56.08
C ASN X 35 34.89 -23.76 -57.29
N GLY X 36 35.86 -24.63 -57.04
CA GLY X 36 36.48 -25.36 -58.14
C GLY X 36 35.59 -26.43 -58.71
N VAL X 37 34.87 -27.16 -57.83
CA VAL X 37 33.98 -28.20 -58.30
C VAL X 37 32.79 -27.60 -59.03
N SER X 38 32.24 -26.50 -58.52
CA SER X 38 31.15 -25.81 -59.20
C SER X 38 31.59 -25.13 -60.48
N ARG X 39 32.87 -24.74 -60.57
CA ARG X 39 33.37 -24.13 -61.79
C ARG X 39 33.65 -25.21 -62.84
N ASN X 40 34.35 -26.28 -62.45
CA ASN X 40 34.69 -27.37 -63.35
C ASN X 40 34.33 -28.68 -62.65
N PRO X 41 33.30 -29.39 -63.10
CA PRO X 41 32.86 -30.59 -62.38
C PRO X 41 33.80 -31.76 -62.57
N SER X 42 34.30 -31.97 -63.79
CA SER X 42 35.05 -33.16 -64.15
C SER X 42 36.47 -33.20 -63.60
N ILE X 43 36.92 -32.15 -62.91
CA ILE X 43 38.25 -32.11 -62.34
C ILE X 43 38.23 -32.52 -60.86
N LYS X 44 37.09 -33.03 -60.39
CA LYS X 44 36.87 -33.29 -58.97
C LYS X 44 37.79 -34.37 -58.42
N ASP X 45 38.03 -35.43 -59.20
CA ASP X 45 38.83 -36.56 -58.73
C ASP X 45 40.28 -36.16 -58.54
N THR X 46 40.75 -35.18 -59.30
CA THR X 46 42.10 -34.66 -59.10
C THR X 46 42.14 -33.62 -58.00
N VAL X 47 41.10 -32.77 -57.91
CA VAL X 47 41.14 -31.62 -57.02
C VAL X 47 40.91 -32.03 -55.56
N PHE X 48 39.94 -32.91 -55.31
CA PHE X 48 39.56 -33.32 -53.96
C PHE X 48 40.68 -33.86 -53.05
N PRO X 49 41.66 -34.68 -53.51
CA PRO X 49 42.74 -35.06 -52.58
C PRO X 49 43.63 -33.91 -52.16
N MET X 50 43.77 -32.88 -53.00
CA MET X 50 44.54 -31.70 -52.59
C MET X 50 43.84 -30.95 -51.46
N ALA X 51 42.50 -30.90 -51.51
CA ALA X 51 41.74 -30.27 -50.44
C ALA X 51 41.84 -31.09 -49.16
N ILE X 52 41.85 -32.42 -49.27
CA ILE X 52 42.03 -33.26 -48.09
C ILE X 52 43.43 -33.09 -47.51
N LEU X 53 44.43 -32.92 -48.39
CA LEU X 53 45.81 -32.69 -47.96
C LEU X 53 45.94 -31.36 -47.22
N GLY X 54 45.27 -30.32 -47.72
CA GLY X 54 45.30 -29.04 -47.03
C GLY X 54 44.59 -29.08 -45.70
N PHE X 55 43.41 -29.72 -45.67
CA PHE X 55 42.66 -29.89 -44.43
C PHE X 55 43.45 -30.65 -43.38
N ALA X 56 44.22 -31.65 -43.80
CA ALA X 56 44.95 -32.50 -42.86
C ALA X 56 45.94 -31.70 -42.03
N LEU X 57 46.79 -30.93 -42.70
CA LEU X 57 47.78 -30.22 -41.92
C LEU X 57 47.24 -28.91 -41.35
N SER X 58 46.15 -28.36 -41.89
CA SER X 58 45.50 -27.22 -41.23
C SER X 58 44.86 -27.65 -39.91
N GLU X 59 44.16 -28.78 -39.91
CA GLU X 59 43.64 -29.35 -38.67
C GLU X 59 44.77 -29.79 -37.76
N ALA X 60 45.92 -30.18 -38.32
CA ALA X 60 47.08 -30.49 -37.49
C ALA X 60 47.64 -29.24 -36.81
N THR X 61 47.57 -28.09 -37.48
CA THR X 61 47.93 -26.84 -36.80
C THR X 61 46.94 -26.50 -35.72
N GLY X 62 45.65 -26.81 -35.94
CA GLY X 62 44.67 -26.70 -34.86
C GLY X 62 45.00 -27.59 -33.68
N LEU X 63 45.46 -28.80 -33.96
CA LEU X 63 45.87 -29.70 -32.88
C LEU X 63 47.16 -29.23 -32.22
N PHE X 64 48.02 -28.54 -32.97
CA PHE X 64 49.19 -27.91 -32.38
C PHE X 64 48.79 -26.79 -31.43
N CYS X 65 47.72 -26.07 -31.76
CA CYS X 65 47.18 -25.09 -30.84
C CYS X 65 46.63 -25.77 -29.60
N LEU X 66 45.96 -26.90 -29.78
CA LEU X 66 45.22 -27.51 -28.69
C LEU X 66 46.12 -28.29 -27.75
N MET X 67 47.26 -28.79 -28.25
CA MET X 67 48.12 -29.64 -27.45
C MET X 67 48.86 -28.87 -26.38
N VAL X 68 49.09 -27.57 -26.58
CA VAL X 68 49.72 -26.78 -25.52
C VAL X 68 48.72 -26.54 -24.40
N SER X 69 47.45 -26.43 -24.74
CA SER X 69 46.39 -26.34 -23.73
C SER X 69 46.30 -27.64 -22.94
N PHE X 70 46.41 -28.79 -23.62
CA PHE X 70 46.43 -30.06 -22.90
C PHE X 70 47.68 -30.22 -22.05
N LEU X 71 48.82 -29.69 -22.51
CA LEU X 71 50.07 -29.83 -21.78
C LEU X 71 50.06 -28.98 -20.52
N LEU X 72 49.51 -27.77 -20.62
CA LEU X 72 49.45 -26.88 -19.46
C LEU X 72 48.24 -27.14 -18.58
N LEU X 73 47.28 -27.93 -19.04
CA LEU X 73 46.10 -28.12 -18.20
C LEU X 73 46.33 -29.24 -17.19
N PHE X 74 47.22 -30.18 -17.49
CA PHE X 74 47.43 -31.35 -16.65
C PHE X 74 48.87 -31.48 -16.17
N GLY X 75 49.67 -30.42 -16.25
CA GLY X 75 51.03 -30.47 -15.74
C GLY X 75 52.11 -30.35 -16.80
N GLN Y 2 58.23 -18.13 -6.50
CA GLN Y 2 57.49 -19.18 -7.19
C GLN Y 2 56.56 -18.58 -8.25
N LEU Y 3 56.65 -17.27 -8.43
CA LEU Y 3 55.76 -16.57 -9.34
C LEU Y 3 56.29 -16.56 -10.77
N VAL Y 4 57.60 -16.75 -10.95
CA VAL Y 4 58.15 -16.96 -12.30
C VAL Y 4 57.63 -18.26 -12.89
N LEU Y 5 57.39 -19.27 -12.05
CA LEU Y 5 56.79 -20.51 -12.53
C LEU Y 5 55.35 -20.30 -13.02
N ALA Y 6 54.64 -19.33 -12.44
CA ALA Y 6 53.28 -19.00 -12.88
C ALA Y 6 53.29 -18.19 -14.16
N ALA Y 7 54.03 -17.08 -14.18
CA ALA Y 7 54.03 -16.18 -15.32
C ALA Y 7 54.72 -16.81 -16.52
N LYS Y 8 55.64 -17.74 -16.26
CA LYS Y 8 56.27 -18.52 -17.32
C LYS Y 8 55.23 -19.34 -18.09
N TYR Y 9 54.35 -20.02 -17.37
CA TYR Y 9 53.31 -20.82 -18.00
C TYR Y 9 52.25 -19.94 -18.64
N ILE Y 10 52.00 -18.76 -18.06
CA ILE Y 10 51.09 -17.80 -18.68
C ILE Y 10 51.62 -17.34 -20.03
N GLY Y 11 52.89 -16.91 -20.08
CA GLY Y 11 53.45 -16.44 -21.34
C GLY Y 11 53.62 -17.55 -22.36
N ALA Y 12 53.87 -18.77 -21.90
CA ALA Y 12 53.89 -19.92 -22.79
C ALA Y 12 52.51 -20.19 -23.37
N GLY Y 13 51.46 -19.93 -22.59
CA GLY Y 13 50.12 -19.97 -23.15
C GLY Y 13 49.88 -18.86 -24.15
N ILE Y 14 50.41 -17.67 -23.89
CA ILE Y 14 50.24 -16.51 -24.77
C ILE Y 14 50.89 -16.77 -26.12
N SER Y 15 52.02 -17.47 -26.13
CA SER Y 15 52.79 -17.65 -27.36
C SER Y 15 52.12 -18.55 -28.40
N THR Y 16 50.97 -19.15 -28.10
CA THR Y 16 50.30 -20.01 -29.05
C THR Y 16 49.35 -19.25 -29.97
N ILE Y 17 49.19 -17.93 -29.78
CA ILE Y 17 48.20 -17.17 -30.55
C ILE Y 17 48.66 -17.01 -31.99
N GLY Y 18 49.97 -16.91 -32.20
CA GLY Y 18 50.52 -16.68 -33.53
C GLY Y 18 50.35 -17.85 -34.50
N LEU Y 19 49.89 -19.00 -34.03
CA LEU Y 19 49.63 -20.14 -34.89
C LEU Y 19 48.45 -19.92 -35.82
N LEU Y 20 47.56 -18.97 -35.51
CA LEU Y 20 46.40 -18.72 -36.36
C LEU Y 20 46.83 -18.16 -37.71
N GLY Y 21 47.95 -17.44 -37.73
CA GLY Y 21 48.49 -16.96 -38.99
C GLY Y 21 48.88 -18.09 -39.92
N ALA Y 22 49.55 -19.11 -39.38
CA ALA Y 22 49.90 -20.26 -40.20
C ALA Y 22 48.67 -21.08 -40.56
N GLY Y 23 47.71 -21.17 -39.63
CA GLY Y 23 46.51 -21.95 -39.89
C GLY Y 23 45.65 -21.34 -40.98
N ILE Y 24 45.66 -20.01 -41.10
CA ILE Y 24 44.98 -19.39 -42.22
C ILE Y 24 45.86 -19.41 -43.47
N GLY Y 25 47.19 -19.36 -43.28
CA GLY Y 25 48.08 -19.24 -44.42
C GLY Y 25 48.15 -20.49 -45.27
N ILE Y 26 48.15 -21.65 -44.62
CA ILE Y 26 48.05 -22.93 -45.31
C ILE Y 26 46.80 -22.97 -46.17
N ALA Y 27 45.71 -22.37 -45.67
CA ALA Y 27 44.47 -22.37 -46.41
C ALA Y 27 44.52 -21.45 -47.61
N ILE Y 28 45.14 -20.26 -47.48
CA ILE Y 28 45.21 -19.39 -48.66
C ILE Y 28 46.09 -20.02 -49.74
N VAL Y 29 47.16 -20.71 -49.32
CA VAL Y 29 48.04 -21.39 -50.27
C VAL Y 29 47.30 -22.50 -51.02
N PHE Y 30 46.66 -23.41 -50.28
CA PHE Y 30 45.94 -24.48 -50.95
C PHE Y 30 44.69 -24.00 -51.66
N ALA Y 31 44.13 -22.86 -51.26
CA ALA Y 31 43.01 -22.27 -51.97
C ALA Y 31 43.44 -21.80 -53.35
N ALA Y 32 44.58 -21.13 -53.41
CA ALA Y 32 45.13 -20.73 -54.70
C ALA Y 32 45.50 -21.94 -55.53
N LEU Y 33 46.00 -23.00 -54.89
CA LEU Y 33 46.31 -24.24 -55.60
C LEU Y 33 45.07 -24.84 -56.25
N ILE Y 34 43.98 -24.94 -55.50
CA ILE Y 34 42.73 -25.51 -56.01
C ILE Y 34 42.14 -24.64 -57.11
N ASN Y 35 42.23 -23.31 -56.94
CA ASN Y 35 41.74 -22.39 -57.96
C ASN Y 35 42.54 -22.52 -59.26
N GLY Y 36 43.85 -22.67 -59.14
CA GLY Y 36 44.68 -22.77 -60.32
C GLY Y 36 44.50 -24.11 -61.04
N VAL Y 37 44.36 -25.19 -60.27
CA VAL Y 37 44.15 -26.50 -60.89
C VAL Y 37 42.78 -26.57 -61.56
N SER Y 38 41.75 -26.06 -60.88
CA SER Y 38 40.41 -26.11 -61.42
C SER Y 38 40.22 -25.14 -62.58
N ARG Y 39 41.02 -24.08 -62.63
CA ARG Y 39 40.93 -23.17 -63.77
C ARG Y 39 41.79 -23.67 -64.93
N ASN Y 40 42.99 -24.15 -64.63
CA ASN Y 40 43.92 -24.66 -65.63
C ASN Y 40 44.38 -26.04 -65.19
N PRO Y 41 43.87 -27.12 -65.79
CA PRO Y 41 44.22 -28.46 -65.30
C PRO Y 41 45.64 -28.87 -65.63
N SER Y 42 46.17 -28.41 -66.76
CA SER Y 42 47.45 -28.90 -67.26
C SER Y 42 48.65 -28.33 -66.52
N ILE Y 43 48.45 -27.34 -65.66
CA ILE Y 43 49.56 -26.64 -65.01
C ILE Y 43 49.84 -27.22 -63.62
N LYS Y 44 49.34 -28.41 -63.33
CA LYS Y 44 49.36 -28.99 -61.99
C LYS Y 44 50.79 -29.26 -61.51
N ASP Y 45 51.59 -29.91 -62.35
CA ASP Y 45 52.94 -30.29 -61.96
C ASP Y 45 53.86 -29.06 -61.90
N THR Y 46 53.54 -28.02 -62.66
CA THR Y 46 54.32 -26.80 -62.61
C THR Y 46 54.01 -26.01 -61.34
N VAL Y 47 52.73 -25.91 -61.00
CA VAL Y 47 52.27 -25.10 -59.88
C VAL Y 47 52.60 -25.76 -58.54
N PHE Y 48 52.52 -27.09 -58.47
CA PHE Y 48 52.61 -27.83 -57.22
C PHE Y 48 53.86 -27.62 -56.36
N PRO Y 49 55.11 -27.63 -56.89
CA PRO Y 49 56.26 -27.60 -55.95
C PRO Y 49 56.45 -26.28 -55.23
N MET Y 50 56.17 -25.15 -55.89
CA MET Y 50 56.25 -23.86 -55.22
C MET Y 50 55.18 -23.74 -54.14
N ALA Y 51 54.02 -24.34 -54.37
CA ALA Y 51 52.97 -24.38 -53.36
C ALA Y 51 53.40 -25.20 -52.15
N ILE Y 52 54.08 -26.33 -52.38
CA ILE Y 52 54.59 -27.13 -51.27
C ILE Y 52 55.70 -26.37 -50.52
N LEU Y 53 56.52 -25.61 -51.25
CA LEU Y 53 57.56 -24.77 -50.67
C LEU Y 53 57.00 -23.73 -49.72
N GLY Y 54 56.05 -22.93 -50.22
CA GLY Y 54 55.40 -21.94 -49.40
C GLY Y 54 54.58 -22.51 -48.27
N PHE Y 55 53.99 -23.68 -48.48
CA PHE Y 55 53.32 -24.42 -47.43
C PHE Y 55 54.25 -24.75 -46.27
N ALA Y 56 55.43 -25.29 -46.58
CA ALA Y 56 56.38 -25.66 -45.54
C ALA Y 56 56.94 -24.41 -44.84
N LEU Y 57 57.17 -23.34 -45.59
CA LEU Y 57 57.73 -22.13 -45.00
C LEU Y 57 56.72 -21.41 -44.10
N SER Y 58 55.46 -21.34 -44.55
CA SER Y 58 54.42 -20.74 -43.73
C SER Y 58 54.10 -21.62 -42.53
N GLU Y 59 54.31 -22.93 -42.64
CA GLU Y 59 54.26 -23.78 -41.46
C GLU Y 59 55.39 -23.47 -40.50
N ALA Y 60 56.58 -23.21 -41.04
CA ALA Y 60 57.74 -22.88 -40.20
C ALA Y 60 57.55 -21.57 -39.47
N THR Y 61 56.80 -20.64 -40.05
CA THR Y 61 56.49 -19.38 -39.37
C THR Y 61 55.72 -19.61 -38.08
N GLY Y 62 54.68 -20.44 -38.12
CA GLY Y 62 53.98 -20.79 -36.90
C GLY Y 62 54.78 -21.71 -36.01
N LEU Y 63 55.70 -22.47 -36.61
CA LEU Y 63 56.59 -23.31 -35.81
C LEU Y 63 57.60 -22.47 -35.04
N PHE Y 64 57.86 -21.23 -35.48
CA PHE Y 64 58.59 -20.29 -34.63
C PHE Y 64 57.83 -20.00 -33.35
N CYS Y 65 56.51 -19.81 -33.45
CA CYS Y 65 55.69 -19.61 -32.26
C CYS Y 65 55.70 -20.86 -31.38
N LEU Y 66 55.66 -22.03 -32.02
CA LEU Y 66 55.70 -23.28 -31.26
C LEU Y 66 57.04 -23.47 -30.57
N MET Y 67 58.14 -23.07 -31.21
CA MET Y 67 59.44 -23.27 -30.58
C MET Y 67 59.70 -22.23 -29.50
N VAL Y 68 59.15 -21.03 -29.61
CA VAL Y 68 59.24 -20.09 -28.51
C VAL Y 68 58.39 -20.56 -27.34
N SER Y 69 57.25 -21.20 -27.64
CA SER Y 69 56.44 -21.80 -26.58
C SER Y 69 57.20 -22.92 -25.87
N PHE Y 70 57.84 -23.82 -26.63
CA PHE Y 70 58.59 -24.90 -26.03
C PHE Y 70 59.84 -24.41 -25.31
N LEU Y 71 60.40 -23.29 -25.77
CA LEU Y 71 61.54 -22.71 -25.06
C LEU Y 71 61.09 -22.06 -23.76
N LEU Y 72 59.86 -21.55 -23.73
CA LEU Y 72 59.36 -20.98 -22.49
C LEU Y 72 58.94 -22.06 -21.50
N LEU Y 73 58.47 -23.21 -21.99
CA LEU Y 73 57.90 -24.23 -21.11
C LEU Y 73 58.93 -24.83 -20.16
N PHE Y 74 60.16 -25.02 -20.62
CA PHE Y 74 61.22 -25.61 -19.79
C PHE Y 74 62.53 -24.88 -20.10
N GLY Y 75 62.82 -23.85 -19.31
CA GLY Y 75 64.01 -23.06 -19.51
C GLY Y 75 63.82 -21.60 -19.14
N MET Z 1 63.14 -8.58 -8.41
CA MET Z 1 63.63 -9.11 -9.68
C MET Z 1 62.78 -10.33 -10.06
N GLN Z 2 62.20 -10.93 -9.02
CA GLN Z 2 61.22 -12.01 -9.18
C GLN Z 2 60.07 -11.58 -10.09
N LEU Z 3 59.51 -10.40 -9.80
CA LEU Z 3 58.49 -9.82 -10.66
C LEU Z 3 59.07 -9.40 -11.99
N VAL Z 4 60.34 -8.97 -12.00
CA VAL Z 4 60.97 -8.54 -13.25
C VAL Z 4 61.25 -9.75 -14.15
N LEU Z 5 61.71 -10.85 -13.56
CA LEU Z 5 61.94 -12.07 -14.32
C LEU Z 5 60.62 -12.68 -14.78
N ALA Z 6 59.55 -12.46 -14.01
CA ALA Z 6 58.22 -12.85 -14.46
C ALA Z 6 57.78 -12.03 -15.67
N ALA Z 7 58.01 -10.73 -15.61
CA ALA Z 7 57.57 -9.83 -16.68
C ALA Z 7 58.37 -10.04 -17.96
N LYS Z 8 59.63 -10.48 -17.84
CA LYS Z 8 60.40 -10.87 -19.02
C LYS Z 8 59.70 -11.97 -19.79
N TYR Z 9 59.21 -12.98 -19.08
CA TYR Z 9 58.59 -14.11 -19.74
C TYR Z 9 57.20 -13.76 -20.25
N ILE Z 10 56.49 -12.87 -19.54
CA ILE Z 10 55.20 -12.39 -20.04
C ILE Z 10 55.38 -11.61 -21.33
N GLY Z 11 56.36 -10.72 -21.37
CA GLY Z 11 56.61 -9.94 -22.58
C GLY Z 11 57.12 -10.79 -23.72
N ALA Z 12 57.91 -11.82 -23.42
CA ALA Z 12 58.37 -12.73 -24.46
C ALA Z 12 57.21 -13.57 -24.99
N GLY Z 13 56.22 -13.85 -24.15
CA GLY Z 13 55.01 -14.47 -24.64
C GLY Z 13 54.20 -13.54 -25.54
N ILE Z 14 54.12 -12.27 -25.16
CA ILE Z 14 53.36 -11.28 -25.94
C ILE Z 14 54.01 -11.06 -27.31
N SER Z 15 55.34 -11.08 -27.36
CA SER Z 15 56.07 -10.61 -28.53
C SER Z 15 55.90 -11.51 -29.75
N THR Z 16 55.37 -12.71 -29.58
CA THR Z 16 55.26 -13.64 -30.70
C THR Z 16 53.97 -13.48 -31.48
N ILE Z 17 53.14 -12.48 -31.16
CA ILE Z 17 51.88 -12.31 -31.88
C ILE Z 17 52.13 -11.82 -33.30
N GLY Z 18 53.19 -11.04 -33.48
CA GLY Z 18 53.46 -10.43 -34.78
C GLY Z 18 53.90 -11.39 -35.86
N LEU Z 19 54.14 -12.65 -35.52
CA LEU Z 19 54.51 -13.64 -36.53
C LEU Z 19 53.35 -14.02 -37.42
N LEU Z 20 52.11 -13.75 -36.97
CA LEU Z 20 50.95 -14.11 -37.80
C LEU Z 20 50.88 -13.24 -39.03
N GLY Z 21 51.44 -12.03 -38.97
CA GLY Z 21 51.51 -11.20 -40.16
C GLY Z 21 52.31 -11.83 -41.27
N ALA Z 22 53.48 -12.36 -40.95
CA ALA Z 22 54.27 -13.08 -41.93
C ALA Z 22 53.60 -14.39 -42.33
N GLY Z 23 52.99 -15.07 -41.35
CA GLY Z 23 52.35 -16.35 -41.63
C GLY Z 23 51.18 -16.25 -42.57
N ILE Z 24 50.50 -15.11 -42.59
CA ILE Z 24 49.46 -14.87 -43.58
C ILE Z 24 50.04 -14.27 -44.85
N GLY Z 25 51.06 -13.43 -44.72
CA GLY Z 25 51.52 -12.64 -45.84
C GLY Z 25 52.27 -13.46 -46.88
N ILE Z 26 53.05 -14.44 -46.42
CA ILE Z 26 53.71 -15.37 -47.33
C ILE Z 26 52.68 -16.11 -48.17
N ALA Z 27 51.54 -16.40 -47.56
CA ALA Z 27 50.45 -17.04 -48.30
C ALA Z 27 49.82 -16.12 -49.31
N ILE Z 28 49.65 -14.83 -48.99
CA ILE Z 28 49.07 -13.92 -50.00
C ILE Z 28 50.01 -13.78 -51.19
N VAL Z 29 51.32 -13.70 -50.91
CA VAL Z 29 52.33 -13.58 -51.97
C VAL Z 29 52.30 -14.81 -52.86
N PHE Z 30 52.42 -15.99 -52.26
CA PHE Z 30 52.41 -17.22 -53.06
C PHE Z 30 51.06 -17.52 -53.65
N ALA Z 31 49.99 -16.94 -53.12
CA ALA Z 31 48.67 -17.14 -53.71
C ALA Z 31 48.54 -16.36 -55.01
N ALA Z 32 48.99 -15.10 -54.99
CA ALA Z 32 49.00 -14.33 -56.23
C ALA Z 32 49.99 -14.93 -57.22
N LEU Z 33 51.08 -15.50 -56.71
CA LEU Z 33 52.03 -16.24 -57.55
C LEU Z 33 51.37 -17.40 -58.28
N ILE Z 34 50.65 -18.25 -57.53
CA ILE Z 34 49.99 -19.41 -58.11
C ILE Z 34 48.90 -18.99 -59.08
N ASN Z 35 48.14 -17.95 -58.74
CA ASN Z 35 47.07 -17.48 -59.61
C ASN Z 35 47.62 -16.88 -60.90
N GLY Z 36 48.74 -16.18 -60.81
CA GLY Z 36 49.34 -15.61 -62.01
C GLY Z 36 49.98 -16.65 -62.91
N VAL Z 37 50.65 -17.63 -62.31
CA VAL Z 37 51.28 -18.68 -63.10
C VAL Z 37 50.22 -19.56 -63.75
N SER Z 38 49.15 -19.87 -63.01
CA SER Z 38 48.04 -20.63 -63.58
C SER Z 38 47.26 -19.83 -64.60
N ARG Z 39 47.29 -18.50 -64.52
CA ARG Z 39 46.65 -17.69 -65.55
C ARG Z 39 47.50 -17.66 -66.82
N ASN Z 40 48.81 -17.49 -66.67
CA ASN Z 40 49.71 -17.48 -67.81
C ASN Z 40 51.01 -18.17 -67.42
N PRO Z 41 51.31 -19.34 -67.98
CA PRO Z 41 52.50 -20.09 -67.54
C PRO Z 41 53.81 -19.49 -68.00
N SER Z 42 53.80 -18.70 -69.07
CA SER Z 42 55.07 -18.27 -69.68
C SER Z 42 55.75 -17.18 -68.88
N ILE Z 43 55.05 -16.56 -67.93
CA ILE Z 43 55.56 -15.39 -67.24
C ILE Z 43 56.15 -15.84 -65.91
N LYS Z 44 56.30 -17.17 -65.75
CA LYS Z 44 56.66 -17.76 -64.46
C LYS Z 44 58.07 -17.38 -64.03
N ASP Z 45 59.04 -17.51 -64.94
CA ASP Z 45 60.42 -17.18 -64.60
C ASP Z 45 60.65 -15.67 -64.47
N THR Z 46 59.73 -14.85 -64.95
CA THR Z 46 59.77 -13.42 -64.69
C THR Z 46 59.18 -13.07 -63.33
N VAL Z 47 58.06 -13.69 -63.00
CA VAL Z 47 57.30 -13.36 -61.80
C VAL Z 47 57.92 -13.95 -60.53
N PHE Z 48 58.36 -15.21 -60.61
CA PHE Z 48 58.93 -15.93 -59.47
C PHE Z 48 60.09 -15.25 -58.73
N PRO Z 49 60.99 -14.45 -59.35
CA PRO Z 49 61.90 -13.65 -58.52
C PRO Z 49 61.22 -12.62 -57.63
N MET Z 50 60.12 -12.00 -58.10
CA MET Z 50 59.35 -11.11 -57.25
C MET Z 50 58.72 -11.86 -56.09
N ALA Z 51 58.31 -13.10 -56.32
CA ALA Z 51 57.75 -13.92 -55.25
C ALA Z 51 58.79 -14.29 -54.21
N ILE Z 52 60.01 -14.61 -54.65
CA ILE Z 52 61.09 -14.90 -53.72
C ILE Z 52 61.45 -13.65 -52.92
N LEU Z 53 61.44 -12.49 -53.58
CA LEU Z 53 61.67 -11.22 -52.89
C LEU Z 53 60.59 -10.95 -51.84
N GLY Z 54 59.34 -11.23 -52.18
CA GLY Z 54 58.25 -11.00 -51.24
C GLY Z 54 58.33 -11.93 -50.03
N PHE Z 55 58.68 -13.20 -50.28
CA PHE Z 55 58.90 -14.13 -49.18
C PHE Z 55 60.04 -13.68 -48.27
N ALA Z 56 61.12 -13.19 -48.87
CA ALA Z 56 62.28 -12.74 -48.10
C ALA Z 56 61.92 -11.56 -47.21
N LEU Z 57 61.20 -10.58 -47.76
CA LEU Z 57 60.89 -9.38 -46.99
C LEU Z 57 59.84 -9.67 -45.91
N SER Z 58 58.85 -10.51 -46.21
CA SER Z 58 57.85 -10.85 -45.21
C SER Z 58 58.45 -11.71 -44.09
N GLU Z 59 59.37 -12.62 -44.44
CA GLU Z 59 60.05 -13.40 -43.41
C GLU Z 59 60.99 -12.53 -42.60
N ALA Z 60 61.53 -11.46 -43.20
CA ALA Z 60 62.32 -10.50 -42.43
C ALA Z 60 61.45 -9.75 -41.43
N THR Z 61 60.23 -9.38 -41.84
CA THR Z 61 59.31 -8.72 -40.91
C THR Z 61 58.90 -9.64 -39.77
N GLY Z 62 58.76 -10.93 -40.06
CA GLY Z 62 58.57 -11.89 -38.98
C GLY Z 62 59.81 -12.04 -38.12
N LEU Z 63 60.99 -11.93 -38.73
CA LEU Z 63 62.24 -12.06 -38.01
C LEU Z 63 62.47 -10.90 -37.06
N PHE Z 64 61.88 -9.74 -37.36
CA PHE Z 64 61.93 -8.62 -36.42
C PHE Z 64 61.20 -8.97 -35.12
N CYS Z 65 60.00 -9.53 -35.22
CA CYS Z 65 59.28 -9.95 -34.03
C CYS Z 65 60.01 -11.07 -33.31
N LEU Z 66 60.63 -11.97 -34.07
CA LEU Z 66 61.38 -13.07 -33.48
C LEU Z 66 62.61 -12.56 -32.72
N MET Z 67 63.30 -11.55 -33.26
CA MET Z 67 64.49 -11.07 -32.58
C MET Z 67 64.13 -10.17 -31.40
N VAL Z 68 62.96 -9.51 -31.44
CA VAL Z 68 62.49 -8.80 -30.26
C VAL Z 68 62.17 -9.78 -29.14
N SER Z 69 61.52 -10.90 -29.49
CA SER Z 69 61.23 -11.91 -28.49
C SER Z 69 62.51 -12.59 -27.98
N PHE Z 70 63.54 -12.64 -28.82
CA PHE Z 70 64.82 -13.17 -28.36
C PHE Z 70 65.54 -12.19 -27.44
N LEU Z 71 65.36 -10.88 -27.66
CA LEU Z 71 66.01 -9.90 -26.79
C LEU Z 71 65.46 -9.94 -25.38
N LEU Z 72 64.23 -10.41 -25.20
CA LEU Z 72 63.65 -10.60 -23.88
C LEU Z 72 64.09 -11.91 -23.23
N LEU Z 73 64.89 -12.71 -23.93
CA LEU Z 73 65.34 -13.99 -23.40
C LEU Z 73 66.87 -14.07 -23.38
N MET AA 1 61.50 0.95 -9.02
CA MET AA 1 62.46 0.77 -10.10
C MET AA 1 62.29 -0.59 -10.76
N GLN AA 2 62.20 -1.62 -9.92
CA GLN AA 2 62.00 -2.98 -10.42
C GLN AA 2 60.64 -3.11 -11.10
N LEU AA 3 59.61 -2.57 -10.45
CA LEU AA 3 58.27 -2.51 -11.04
C LEU AA 3 58.24 -1.66 -12.29
N VAL AA 4 59.10 -0.66 -12.37
CA VAL AA 4 59.15 0.20 -13.55
C VAL AA 4 59.82 -0.53 -14.71
N LEU AA 5 60.93 -1.24 -14.42
CA LEU AA 5 61.61 -2.02 -15.46
C LEU AA 5 60.77 -3.16 -15.96
N ALA AA 6 60.02 -3.78 -15.06
CA ALA AA 6 59.07 -4.83 -15.43
C ALA AA 6 58.04 -4.30 -16.42
N ALA AA 7 57.52 -3.10 -16.14
CA ALA AA 7 56.51 -2.51 -17.02
C ALA AA 7 57.12 -2.08 -18.35
N LYS AA 8 58.38 -1.65 -18.34
CA LYS AA 8 59.06 -1.34 -19.59
C LYS AA 8 59.21 -2.58 -20.46
N TYR AA 9 59.49 -3.72 -19.84
CA TYR AA 9 59.60 -4.95 -20.62
C TYR AA 9 58.23 -5.42 -21.12
N ILE AA 10 57.18 -5.23 -20.31
CA ILE AA 10 55.82 -5.59 -20.75
C ILE AA 10 55.41 -4.73 -21.93
N GLY AA 11 55.66 -3.42 -21.85
CA GLY AA 11 55.29 -2.53 -22.93
C GLY AA 11 56.11 -2.76 -24.19
N ALA AA 12 57.39 -3.12 -24.02
CA ALA AA 12 58.21 -3.47 -25.17
C ALA AA 12 57.70 -4.74 -25.83
N GLY AA 13 57.15 -5.66 -25.04
CA GLY AA 13 56.50 -6.82 -25.62
C GLY AA 13 55.22 -6.47 -26.35
N ILE AA 14 54.42 -5.57 -25.77
CA ILE AA 14 53.16 -5.15 -26.39
C ILE AA 14 53.41 -4.45 -27.72
N SER AA 15 54.48 -3.65 -27.79
CA SER AA 15 54.64 -2.69 -28.87
C SER AA 15 54.88 -3.33 -30.22
N THR AA 16 55.34 -4.58 -30.26
CA THR AA 16 55.64 -5.18 -31.54
C THR AA 16 54.47 -5.93 -32.15
N ILE AA 17 53.25 -5.75 -31.62
CA ILE AA 17 52.07 -6.32 -32.26
C ILE AA 17 51.82 -5.65 -33.61
N GLY AA 18 52.11 -4.34 -33.69
CA GLY AA 18 51.84 -3.58 -34.90
C GLY AA 18 52.68 -3.96 -36.10
N LEU AA 19 53.71 -4.77 -35.91
CA LEU AA 19 54.55 -5.23 -37.03
C LEU AA 19 53.79 -6.15 -37.98
N LEU AA 20 52.69 -6.78 -37.50
CA LEU AA 20 51.91 -7.64 -38.37
C LEU AA 20 51.22 -6.83 -39.46
N GLY AA 21 50.97 -5.55 -39.19
CA GLY AA 21 50.44 -4.67 -40.23
C GLY AA 21 51.37 -4.56 -41.42
N ALA AA 22 52.66 -4.35 -41.15
CA ALA AA 22 53.65 -4.29 -42.22
C ALA AA 22 53.84 -5.66 -42.86
N GLY AA 23 53.79 -6.72 -42.04
CA GLY AA 23 53.98 -8.06 -42.58
C GLY AA 23 52.88 -8.49 -43.53
N ILE AA 24 51.65 -8.07 -43.26
CA ILE AA 24 50.56 -8.34 -44.20
C ILE AA 24 50.63 -7.36 -45.37
N GLY AA 25 51.02 -6.11 -45.10
CA GLY AA 25 50.89 -5.07 -46.11
C GLY AA 25 51.90 -5.18 -47.24
N ILE AA 26 53.15 -5.49 -46.91
CA ILE AA 26 54.18 -5.75 -47.93
C ILE AA 26 53.73 -6.86 -48.86
N ALA AA 27 53.01 -7.83 -48.31
CA ALA AA 27 52.49 -8.93 -49.10
C ALA AA 27 51.35 -8.49 -50.01
N ILE AA 28 50.44 -7.61 -49.53
CA ILE AA 28 49.38 -7.15 -50.43
C ILE AA 28 49.97 -6.35 -51.58
N VAL AA 29 51.01 -5.56 -51.30
CA VAL AA 29 51.71 -4.79 -52.34
C VAL AA 29 52.34 -5.70 -53.37
N PHE AA 30 53.15 -6.66 -52.92
CA PHE AA 30 53.82 -7.56 -53.85
C PHE AA 30 52.86 -8.51 -54.54
N ALA AA 31 51.72 -8.83 -53.91
CA ALA AA 31 50.74 -9.70 -54.53
C ALA AA 31 50.01 -8.98 -55.65
N ALA AA 32 49.67 -7.72 -55.43
CA ALA AA 32 49.09 -6.93 -56.52
C ALA AA 32 50.11 -6.69 -57.61
N LEU AA 33 51.40 -6.58 -57.24
CA LEU AA 33 52.46 -6.49 -58.23
C LEU AA 33 52.52 -7.73 -59.11
N ILE AA 34 52.42 -8.92 -58.49
CA ILE AA 34 52.44 -10.17 -59.23
C ILE AA 34 51.21 -10.29 -60.14
N ASN AA 35 50.04 -9.91 -59.62
CA ASN AA 35 48.83 -9.94 -60.43
C ASN AA 35 48.87 -8.92 -61.55
N GLY AA 36 49.59 -7.82 -61.35
CA GLY AA 36 49.69 -6.82 -62.40
C GLY AA 36 50.64 -7.22 -63.50
N VAL AA 37 51.76 -7.87 -63.14
CA VAL AA 37 52.67 -8.39 -64.16
C VAL AA 37 52.01 -9.53 -64.92
N SER AA 38 51.26 -10.39 -64.22
CA SER AA 38 50.61 -11.50 -64.89
C SER AA 38 49.43 -11.04 -65.75
N ARG AA 39 48.76 -9.97 -65.34
CA ARG AA 39 47.70 -9.40 -66.17
C ARG AA 39 48.29 -8.72 -67.40
N ASN AA 40 49.22 -7.80 -67.17
CA ASN AA 40 49.88 -7.07 -68.25
C ASN AA 40 51.38 -7.31 -68.14
N PRO AA 41 51.99 -8.02 -69.09
CA PRO AA 41 53.43 -8.31 -68.96
C PRO AA 41 54.32 -7.11 -69.23
N SER AA 42 53.86 -6.16 -70.03
CA SER AA 42 54.73 -5.10 -70.52
C SER AA 42 54.89 -3.93 -69.55
N ILE AA 43 54.18 -3.95 -68.44
CA ILE AA 43 54.06 -2.76 -67.61
C ILE AA 43 54.96 -2.92 -66.38
N LYS AA 44 55.91 -3.85 -66.47
CA LYS AA 44 56.73 -4.22 -65.32
C LYS AA 44 57.64 -3.07 -64.90
N ASP AA 45 58.31 -2.44 -65.86
CA ASP AA 45 59.23 -1.36 -65.54
C ASP AA 45 58.50 -0.12 -65.05
N THR AA 46 57.25 0.07 -65.48
CA THR AA 46 56.46 1.18 -65.00
C THR AA 46 56.00 0.94 -63.57
N VAL AA 47 55.51 -0.27 -63.29
CA VAL AA 47 54.83 -0.56 -62.03
C VAL AA 47 55.80 -0.81 -60.89
N PHE AA 48 56.90 -1.51 -61.17
CA PHE AA 48 57.87 -1.93 -60.14
C PHE AA 48 58.41 -0.85 -59.19
N PRO AA 49 58.71 0.40 -59.61
CA PRO AA 49 59.12 1.39 -58.59
C PRO AA 49 58.02 1.80 -57.64
N MET AA 50 56.75 1.76 -58.07
CA MET AA 50 55.65 2.00 -57.14
C MET AA 50 55.59 0.93 -56.07
N ALA AA 51 55.88 -0.32 -56.45
CA ALA AA 51 55.90 -1.41 -55.48
C ALA AA 51 57.08 -1.27 -54.52
N ILE AA 52 58.23 -0.81 -55.02
CA ILE AA 52 59.39 -0.57 -54.15
C ILE AA 52 59.09 0.55 -53.16
N LEU AA 53 58.44 1.62 -53.65
CA LEU AA 53 58.01 2.73 -52.80
C LEU AA 53 57.03 2.25 -51.74
N GLY AA 54 56.09 1.39 -52.12
CA GLY AA 54 55.11 0.90 -51.17
C GLY AA 54 55.72 0.02 -50.11
N PHE AA 55 56.69 -0.81 -50.50
CA PHE AA 55 57.44 -1.60 -49.53
C PHE AA 55 58.17 -0.71 -48.54
N ALA AA 56 58.83 0.34 -49.03
CA ALA AA 56 59.61 1.22 -48.16
C ALA AA 56 58.71 1.95 -47.17
N LEU AA 57 57.59 2.50 -47.66
CA LEU AA 57 56.69 3.26 -46.79
C LEU AA 57 56.01 2.36 -45.76
N SER AA 58 55.54 1.19 -46.20
CA SER AA 58 54.87 0.28 -45.28
C SER AA 58 55.84 -0.31 -44.27
N GLU AA 59 57.10 -0.54 -44.69
CA GLU AA 59 58.11 -1.01 -43.76
C GLU AA 59 58.44 0.06 -42.73
N ALA AA 60 58.40 1.34 -43.13
CA ALA AA 60 58.61 2.41 -42.16
C ALA AA 60 57.45 2.52 -41.17
N THR AA 61 56.22 2.34 -41.65
CA THR AA 61 55.07 2.38 -40.74
C THR AA 61 55.07 1.18 -39.80
N GLY AA 62 55.62 0.06 -40.23
CA GLY AA 62 55.83 -1.04 -39.30
C GLY AA 62 56.96 -0.73 -38.32
N LEU AA 63 58.02 -0.11 -38.83
CA LEU AA 63 59.23 0.15 -38.07
C LEU AA 63 59.02 1.20 -36.99
N PHE AA 64 57.96 2.00 -37.10
CA PHE AA 64 57.58 2.91 -36.02
C PHE AA 64 57.33 2.16 -34.71
N CYS AA 65 56.63 1.02 -34.79
CA CYS AA 65 56.41 0.20 -33.60
C CYS AA 65 57.72 -0.35 -33.07
N LEU AA 66 58.62 -0.74 -33.97
CA LEU AA 66 59.90 -1.32 -33.57
C LEU AA 66 60.76 -0.28 -32.87
N MET AA 67 60.74 0.96 -33.34
CA MET AA 67 61.54 1.98 -32.67
C MET AA 67 60.89 2.45 -31.38
N VAL AA 68 59.56 2.37 -31.26
CA VAL AA 68 58.93 2.65 -29.95
C VAL AA 68 59.33 1.57 -28.94
N SER AA 69 59.38 0.31 -29.39
CA SER AA 69 59.82 -0.76 -28.49
C SER AA 69 61.29 -0.62 -28.15
N PHE AA 70 62.09 -0.10 -29.08
CA PHE AA 70 63.50 0.20 -28.80
C PHE AA 70 63.63 1.31 -27.76
N LEU AA 71 62.75 2.32 -27.83
CA LEU AA 71 62.74 3.36 -26.82
C LEU AA 71 62.31 2.82 -25.46
N LEU AA 72 61.39 1.85 -25.45
CA LEU AA 72 60.96 1.27 -24.19
C LEU AA 72 62.04 0.37 -23.60
N LEU AA 73 62.86 -0.26 -24.43
CA LEU AA 73 63.93 -1.12 -23.93
C LEU AA 73 65.10 -0.31 -23.38
N PHE AA 74 65.49 0.76 -24.07
CA PHE AA 74 66.70 1.49 -23.73
C PHE AA 74 66.44 2.90 -23.23
N GLY AA 75 65.73 3.71 -24.00
CA GLY AA 75 65.49 5.09 -23.63
C GLY AA 75 64.38 5.30 -22.61
N GLN BA 2 57.74 4.25 -8.42
CA GLN BA 2 56.46 4.90 -8.66
C GLN BA 2 55.65 4.16 -9.73
N LEU BA 3 54.36 4.06 -9.48
CA LEU BA 3 53.49 3.26 -10.34
C LEU BA 3 53.07 4.02 -11.58
N VAL BA 4 52.98 5.35 -11.47
CA VAL BA 4 52.42 6.16 -12.55
C VAL BA 4 53.35 6.21 -13.74
N LEU BA 5 54.66 6.32 -13.49
CA LEU BA 5 55.62 6.33 -14.59
C LEU BA 5 55.67 4.97 -15.29
N ALA BA 6 55.47 3.89 -14.53
CA ALA BA 6 55.40 2.56 -15.14
C ALA BA 6 54.15 2.40 -15.99
N ALA BA 7 53.02 2.94 -15.50
CA ALA BA 7 51.79 2.91 -16.28
C ALA BA 7 51.90 3.77 -17.53
N LYS BA 8 52.71 4.83 -17.47
CA LYS BA 8 53.01 5.61 -18.67
C LYS BA 8 53.66 4.76 -19.75
N TYR BA 9 54.65 3.95 -19.36
CA TYR BA 9 55.31 3.11 -20.36
C TYR BA 9 54.41 1.99 -20.84
N ILE BA 10 53.55 1.45 -19.97
CA ILE BA 10 52.58 0.44 -20.40
C ILE BA 10 51.63 1.02 -21.44
N GLY BA 11 51.05 2.19 -21.15
CA GLY BA 11 50.12 2.81 -22.08
C GLY BA 11 50.77 3.25 -23.37
N ALA BA 12 52.03 3.67 -23.31
CA ALA BA 12 52.78 3.98 -24.52
C ALA BA 12 53.02 2.72 -25.34
N GLY BA 13 53.21 1.59 -24.67
CA GLY BA 13 53.31 0.33 -25.39
C GLY BA 13 52.00 -0.07 -26.02
N ILE BA 14 50.89 0.18 -25.32
CA ILE BA 14 49.56 -0.21 -25.81
C ILE BA 14 49.20 0.59 -27.06
N SER BA 15 49.45 1.90 -27.02
CA SER BA 15 48.90 2.79 -28.05
C SER BA 15 49.57 2.65 -29.42
N THR BA 16 50.58 1.81 -29.57
CA THR BA 16 51.19 1.60 -30.87
C THR BA 16 50.54 0.49 -31.67
N ILE BA 17 49.50 -0.14 -31.14
CA ILE BA 17 48.81 -1.22 -31.86
C ILE BA 17 48.10 -0.66 -33.08
N GLY BA 18 47.61 0.58 -33.00
CA GLY BA 18 46.85 1.18 -34.09
C GLY BA 18 47.66 1.47 -35.33
N LEU BA 19 48.98 1.36 -35.28
CA LEU BA 19 49.81 1.58 -36.45
C LEU BA 19 49.65 0.48 -37.50
N LEU BA 20 49.14 -0.69 -37.10
CA LEU BA 20 48.89 -1.74 -38.08
C LEU BA 20 47.78 -1.35 -39.02
N GLY BA 21 46.89 -0.45 -38.59
CA GLY BA 21 45.88 0.08 -39.49
C GLY BA 21 46.47 0.80 -40.69
N ALA BA 22 47.45 1.67 -40.43
CA ALA BA 22 48.16 2.31 -41.53
C ALA BA 22 48.98 1.30 -42.31
N GLY BA 23 49.63 0.37 -41.60
CA GLY BA 23 50.50 -0.59 -42.26
C GLY BA 23 49.77 -1.55 -43.19
N ILE BA 24 48.47 -1.75 -42.96
CA ILE BA 24 47.68 -2.52 -43.91
C ILE BA 24 47.04 -1.62 -44.96
N GLY BA 25 46.56 -0.45 -44.54
CA GLY BA 25 45.73 0.36 -45.44
C GLY BA 25 46.52 1.02 -46.55
N ILE BA 26 47.72 1.51 -46.23
CA ILE BA 26 48.62 2.07 -47.24
C ILE BA 26 48.88 1.06 -48.34
N ALA BA 27 48.97 -0.20 -47.95
CA ALA BA 27 49.16 -1.27 -48.91
C ALA BA 27 47.92 -1.53 -49.74
N ILE BA 28 46.72 -1.40 -49.15
CA ILE BA 28 45.52 -1.57 -49.98
C ILE BA 28 45.43 -0.47 -51.02
N VAL BA 29 45.83 0.76 -50.65
CA VAL BA 29 45.84 1.86 -51.62
C VAL BA 29 46.86 1.61 -52.72
N PHE BA 30 48.08 1.22 -52.36
CA PHE BA 30 49.09 0.95 -53.37
C PHE BA 30 48.77 -0.29 -54.20
N ALA BA 31 48.01 -1.23 -53.63
CA ALA BA 31 47.58 -2.40 -54.38
C ALA BA 31 46.55 -2.04 -55.43
N ALA BA 32 45.59 -1.19 -55.06
CA ALA BA 32 44.64 -0.70 -56.05
C ALA BA 32 45.33 0.16 -57.08
N LEU BA 33 46.38 0.88 -56.67
CA LEU BA 33 47.19 1.66 -57.61
C LEU BA 33 47.84 0.77 -58.65
N ILE BA 34 48.45 -0.34 -58.20
CA ILE BA 34 49.11 -1.27 -59.10
C ILE BA 34 48.09 -1.94 -60.03
N ASN BA 35 46.97 -2.40 -59.46
CA ASN BA 35 45.94 -3.03 -60.27
C ASN BA 35 45.18 -2.05 -61.16
N GLY BA 36 45.31 -0.76 -60.93
CA GLY BA 36 44.74 0.22 -61.82
C GLY BA 36 45.68 0.59 -62.95
N VAL BA 37 46.97 0.72 -62.65
CA VAL BA 37 47.96 1.00 -63.68
C VAL BA 37 48.10 -0.19 -64.61
N SER BA 38 48.05 -1.40 -64.06
CA SER BA 38 48.20 -2.60 -64.88
C SER BA 38 46.97 -2.83 -65.77
N ARG BA 39 45.80 -2.43 -65.30
CA ARG BA 39 44.61 -2.54 -66.13
C ARG BA 39 44.56 -1.43 -67.16
N ASN BA 40 44.94 -0.21 -66.75
CA ASN BA 40 44.94 0.95 -67.63
C ASN BA 40 46.21 1.75 -67.36
N PRO BA 41 47.21 1.68 -68.24
CA PRO BA 41 48.44 2.45 -68.03
C PRO BA 41 48.29 3.94 -68.33
N SER BA 42 47.26 4.32 -69.09
CA SER BA 42 47.09 5.71 -69.54
C SER BA 42 46.55 6.63 -68.46
N ILE BA 43 46.14 6.09 -67.32
CA ILE BA 43 45.51 6.89 -66.27
C ILE BA 43 46.44 7.09 -65.08
N LYS BA 44 47.73 6.75 -65.26
CA LYS BA 44 48.69 6.72 -64.16
C LYS BA 44 48.93 8.10 -63.55
N ASP BA 45 49.12 9.10 -64.40
CA ASP BA 45 49.42 10.45 -63.91
C ASP BA 45 48.20 11.09 -63.26
N THR BA 46 46.99 10.67 -63.65
CA THR BA 46 45.79 11.13 -62.97
C THR BA 46 45.63 10.44 -61.61
N VAL BA 47 45.90 9.15 -61.56
CA VAL BA 47 45.57 8.36 -60.38
C VAL BA 47 46.60 8.55 -59.27
N PHE BA 48 47.88 8.64 -59.62
CA PHE BA 48 48.98 8.72 -58.65
C PHE BA 48 48.89 9.79 -57.55
N PRO BA 49 48.40 11.03 -57.79
CA PRO BA 49 48.22 11.94 -56.63
C PRO BA 49 47.17 11.49 -55.65
N MET BA 50 46.14 10.76 -56.10
CA MET BA 50 45.17 10.21 -55.16
C MET BA 50 45.80 9.17 -54.26
N ALA BA 51 46.73 8.38 -54.81
CA ALA BA 51 47.46 7.42 -54.00
C ALA BA 51 48.37 8.11 -52.99
N ILE BA 52 49.00 9.21 -53.41
CA ILE BA 52 49.85 9.99 -52.50
C ILE BA 52 49.00 10.58 -51.38
N LEU BA 53 47.82 11.11 -51.73
CA LEU BA 53 46.91 11.69 -50.75
C LEU BA 53 46.41 10.65 -49.76
N GLY BA 54 46.07 9.45 -50.27
CA GLY BA 54 45.61 8.40 -49.39
C GLY BA 54 46.70 7.90 -48.45
N PHE BA 55 47.94 7.81 -48.96
CA PHE BA 55 49.08 7.50 -48.11
C PHE BA 55 49.26 8.53 -47.00
N ALA BA 56 49.10 9.81 -47.35
CA ALA BA 56 49.29 10.87 -46.37
C ALA BA 56 48.20 10.84 -45.30
N LEU BA 57 46.95 10.60 -45.70
CA LEU BA 57 45.86 10.62 -44.73
C LEU BA 57 45.90 9.40 -43.81
N SER BA 58 46.22 8.23 -44.37
CA SER BA 58 46.35 7.04 -43.53
C SER BA 58 47.58 7.15 -42.63
N GLU BA 59 48.64 7.79 -43.11
CA GLU BA 59 49.81 8.08 -42.29
C GLU BA 59 49.43 9.01 -41.14
N ALA BA 60 48.54 9.95 -41.38
CA ALA BA 60 48.08 10.85 -40.31
C ALA BA 60 47.25 10.08 -39.27
N THR BA 61 46.43 9.14 -39.73
CA THR BA 61 45.65 8.32 -38.79
C THR BA 61 46.55 7.45 -37.93
N GLY BA 62 47.63 6.94 -38.51
CA GLY BA 62 48.61 6.22 -37.68
C GLY BA 62 49.39 7.15 -36.76
N LEU BA 63 49.72 8.34 -37.27
CA LEU BA 63 50.53 9.28 -36.51
C LEU BA 63 49.78 9.87 -35.34
N PHE BA 64 48.44 9.85 -35.37
CA PHE BA 64 47.67 10.22 -34.19
C PHE BA 64 47.92 9.25 -33.04
N CYS BA 65 47.90 7.95 -33.32
CA CYS BA 65 48.26 6.96 -32.30
C CYS BA 65 49.70 7.12 -31.88
N LEU BA 66 50.57 7.45 -32.83
CA LEU BA 66 51.99 7.62 -32.51
C LEU BA 66 52.20 8.82 -31.59
N MET BA 67 51.49 9.93 -31.82
CA MET BA 67 51.67 11.10 -30.97
C MET BA 67 50.99 10.93 -29.62
N VAL BA 68 49.91 10.13 -29.54
CA VAL BA 68 49.36 9.79 -28.23
C VAL BA 68 50.36 8.93 -27.46
N SER BA 69 51.08 8.06 -28.16
CA SER BA 69 52.14 7.27 -27.53
C SER BA 69 53.26 8.17 -27.02
N PHE BA 70 53.65 9.17 -27.81
CA PHE BA 70 54.70 10.09 -27.34
C PHE BA 70 54.22 10.98 -26.19
N LEU BA 71 52.94 11.37 -26.19
CA LEU BA 71 52.41 12.14 -25.07
C LEU BA 71 52.35 11.32 -23.80
N LEU BA 72 52.06 10.02 -23.92
CA LEU BA 72 52.14 9.17 -22.75
C LEU BA 72 53.59 8.91 -22.34
N LEU BA 73 54.53 9.02 -23.29
CA LEU BA 73 55.93 8.91 -22.94
C LEU BA 73 56.42 10.12 -22.17
N PHE BA 74 56.36 11.30 -22.79
CA PHE BA 74 57.06 12.48 -22.30
C PHE BA 74 56.13 13.44 -21.57
N GLY BA 75 55.10 13.93 -22.24
CA GLY BA 75 54.20 14.90 -21.64
C GLY BA 75 53.07 14.30 -20.84
N MET CA 1 45.51 11.16 -6.20
CA MET CA 1 45.72 9.73 -5.96
C MET CA 1 46.41 9.07 -7.15
N GLN CA 2 47.48 8.33 -6.86
CA GLN CA 2 48.27 7.73 -7.93
C GLN CA 2 47.57 6.55 -8.57
N LEU CA 3 46.79 5.79 -7.78
CA LEU CA 3 46.17 4.57 -8.28
C LEU CA 3 45.08 4.87 -9.29
N VAL CA 4 44.38 5.99 -9.12
CA VAL CA 4 43.36 6.38 -10.09
C VAL CA 4 44.02 6.94 -11.33
N LEU CA 5 45.03 7.78 -11.14
CA LEU CA 5 45.71 8.51 -12.20
C LEU CA 5 46.45 7.58 -13.16
N ALA CA 6 47.17 6.60 -12.61
CA ALA CA 6 47.87 5.60 -13.39
C ALA CA 6 46.90 4.79 -14.25
N ALA CA 7 45.76 4.44 -13.67
CA ALA CA 7 44.72 3.75 -14.43
C ALA CA 7 44.13 4.64 -15.51
N LYS CA 8 44.10 5.95 -15.27
CA LYS CA 8 43.62 6.85 -16.31
C LYS CA 8 44.60 6.91 -17.48
N TYR CA 9 45.91 6.86 -17.19
CA TYR CA 9 46.90 6.75 -18.25
C TYR CA 9 46.77 5.43 -19.01
N ILE CA 10 46.49 4.34 -18.28
CA ILE CA 10 46.32 3.03 -18.93
C ILE CA 10 45.09 3.03 -19.84
N GLY CA 11 43.99 3.62 -19.38
CA GLY CA 11 42.79 3.67 -20.20
C GLY CA 11 42.97 4.54 -21.43
N ALA CA 12 43.73 5.62 -21.28
CA ALA CA 12 44.09 6.45 -22.43
C ALA CA 12 44.98 5.67 -23.40
N GLY CA 13 45.82 4.78 -22.89
CA GLY CA 13 46.58 3.92 -23.78
C GLY CA 13 45.72 2.92 -24.51
N ILE CA 14 44.79 2.30 -23.78
CA ILE CA 14 43.90 1.26 -24.32
C ILE CA 14 43.01 1.82 -25.42
N SER CA 15 42.54 3.06 -25.24
CA SER CA 15 41.47 3.62 -26.06
C SER CA 15 41.86 3.73 -27.53
N THR CA 16 43.12 4.10 -27.81
CA THR CA 16 43.55 4.42 -29.17
C THR CA 16 43.68 3.22 -30.10
N ILE CA 17 43.31 2.01 -29.65
CA ILE CA 17 43.36 0.84 -30.52
C ILE CA 17 42.33 0.95 -31.63
N GLY CA 18 41.18 1.58 -31.33
CA GLY CA 18 40.09 1.66 -32.28
C GLY CA 18 40.36 2.52 -33.50
N LEU CA 19 41.46 3.28 -33.50
CA LEU CA 19 41.76 4.15 -34.63
C LEU CA 19 42.31 3.38 -35.83
N LEU CA 20 42.69 2.11 -35.64
CA LEU CA 20 43.10 1.30 -36.78
C LEU CA 20 41.94 1.03 -37.72
N GLY CA 21 40.70 1.07 -37.21
CA GLY CA 21 39.53 0.99 -38.05
C GLY CA 21 39.47 2.10 -39.06
N ALA CA 22 39.66 3.34 -38.60
CA ALA CA 22 39.70 4.48 -39.51
C ALA CA 22 40.91 4.39 -40.44
N GLY CA 23 42.05 3.91 -39.91
CA GLY CA 23 43.26 3.83 -40.72
C GLY CA 23 43.14 2.84 -41.86
N ILE CA 24 42.48 1.71 -41.62
CA ILE CA 24 42.20 0.78 -42.71
C ILE CA 24 41.10 1.35 -43.59
N GLY CA 25 40.14 2.07 -43.01
CA GLY CA 25 38.91 2.35 -43.72
C GLY CA 25 39.03 3.44 -44.75
N ILE CA 26 39.68 4.56 -44.38
CA ILE CA 26 39.96 5.65 -45.32
C ILE CA 26 40.69 5.14 -46.54
N ALA CA 27 41.61 4.21 -46.32
CA ALA CA 27 42.38 3.62 -47.38
C ALA CA 27 41.55 2.67 -48.23
N ILE CA 28 40.59 1.96 -47.63
CA ILE CA 28 39.68 1.13 -48.42
C ILE CA 28 38.84 2.01 -49.35
N VAL CA 29 38.41 3.17 -48.85
CA VAL CA 29 37.63 4.11 -49.66
C VAL CA 29 38.45 4.62 -50.84
N PHE CA 30 39.68 5.08 -50.56
CA PHE CA 30 40.52 5.59 -51.64
C PHE CA 30 40.97 4.50 -52.60
N ALA CA 31 41.09 3.26 -52.12
CA ALA CA 31 41.45 2.16 -52.99
C ALA CA 31 40.31 1.82 -53.94
N ALA CA 32 39.07 1.84 -53.44
CA ALA CA 32 37.93 1.64 -54.33
C ALA CA 32 37.78 2.79 -55.29
N LEU CA 33 38.14 4.01 -54.87
CA LEU CA 33 38.18 5.15 -55.78
C LEU CA 33 39.17 4.92 -56.92
N ILE CA 34 40.36 4.41 -56.59
CA ILE CA 34 41.40 4.14 -57.59
C ILE CA 34 40.94 3.06 -58.55
N ASN CA 35 40.39 1.96 -58.02
CA ASN CA 35 39.88 0.90 -58.89
C ASN CA 35 38.64 1.32 -59.67
N GLY CA 36 37.95 2.37 -59.24
CA GLY CA 36 36.80 2.85 -59.99
C GLY CA 36 37.16 3.79 -61.10
N VAL CA 37 38.19 4.60 -60.90
CA VAL CA 37 38.66 5.48 -61.98
C VAL CA 37 39.29 4.66 -63.10
N SER CA 38 39.99 3.59 -62.73
CA SER CA 38 40.68 2.75 -63.72
C SER CA 38 39.73 1.96 -64.60
N ARG CA 39 38.47 1.79 -64.19
CA ARG CA 39 37.49 1.16 -65.07
C ARG CA 39 36.84 2.19 -65.99
N ASN CA 40 36.47 3.33 -65.43
CA ASN CA 40 35.84 4.41 -66.19
C ASN CA 40 36.45 5.73 -65.73
N PRO CA 41 37.22 6.41 -66.58
CA PRO CA 41 37.87 7.65 -66.15
C PRO CA 41 36.97 8.88 -66.17
N SER CA 42 35.84 8.81 -66.87
CA SER CA 42 34.98 9.98 -67.03
C SER CA 42 34.03 10.20 -65.85
N ILE CA 43 34.18 9.44 -64.77
CA ILE CA 43 33.28 9.50 -63.63
C ILE CA 43 34.01 9.99 -62.37
N LYS CA 44 35.28 10.41 -62.54
CA LYS CA 44 36.13 10.82 -61.42
C LYS CA 44 35.56 12.04 -60.70
N ASP CA 45 35.08 13.02 -61.47
CA ASP CA 45 34.55 14.25 -60.89
C ASP CA 45 33.25 14.01 -60.15
N THR CA 46 32.49 12.99 -60.56
CA THR CA 46 31.28 12.65 -59.81
C THR CA 46 31.62 11.88 -58.54
N VAL CA 47 32.55 10.93 -58.63
CA VAL CA 47 32.75 10.00 -57.54
C VAL CA 47 33.59 10.61 -56.42
N PHE CA 48 34.62 11.38 -56.75
CA PHE CA 48 35.55 11.94 -55.77
C PHE CA 48 34.95 12.75 -54.60
N PRO CA 49 33.85 13.52 -54.75
CA PRO CA 49 33.21 14.07 -53.54
C PRO CA 49 32.71 13.03 -52.56
N MET CA 50 32.21 11.89 -53.04
CA MET CA 50 31.76 10.88 -52.10
C MET CA 50 32.94 10.13 -51.51
N ALA CA 51 34.08 10.11 -52.19
CA ALA CA 51 35.29 9.57 -51.60
C ALA CA 51 35.78 10.45 -50.46
N ILE CA 52 35.75 11.77 -50.64
CA ILE CA 52 36.22 12.62 -49.54
C ILE CA 52 35.16 12.67 -48.43
N LEU CA 53 33.89 12.44 -48.77
CA LEU CA 53 32.86 12.28 -47.75
C LEU CA 53 33.10 11.03 -46.92
N GLY CA 54 33.48 9.94 -47.58
CA GLY CA 54 33.80 8.72 -46.85
C GLY CA 54 35.03 8.85 -46.00
N PHE CA 55 36.03 9.61 -46.48
CA PHE CA 55 37.18 9.99 -45.66
C PHE CA 55 36.76 10.72 -44.40
N ALA CA 56 35.86 11.69 -44.53
CA ALA CA 56 35.43 12.46 -43.37
C ALA CA 56 34.65 11.61 -42.39
N LEU CA 57 33.71 10.81 -42.89
CA LEU CA 57 32.85 10.02 -42.01
C LEU CA 57 33.60 8.87 -41.38
N SER CA 58 34.67 8.38 -42.01
CA SER CA 58 35.49 7.36 -41.38
C SER CA 58 36.51 7.97 -40.43
N GLU CA 59 36.94 9.19 -40.69
CA GLU CA 59 37.79 9.90 -39.73
C GLU CA 59 36.99 10.28 -38.48
N ALA CA 60 35.67 10.41 -38.62
CA ALA CA 60 34.81 10.75 -37.49
C ALA CA 60 34.87 9.68 -36.40
N THR CA 61 34.74 8.41 -36.79
CA THR CA 61 34.77 7.33 -35.80
C THR CA 61 36.16 7.07 -35.26
N GLY CA 62 37.19 7.63 -35.87
CA GLY CA 62 38.51 7.57 -35.27
C GLY CA 62 38.72 8.73 -34.31
N LEU CA 63 38.12 9.87 -34.64
CA LEU CA 63 38.29 11.01 -33.75
C LEU CA 63 37.39 10.92 -32.53
N PHE CA 64 36.30 10.14 -32.56
CA PHE CA 64 35.59 9.85 -31.32
C PHE CA 64 36.47 9.07 -30.36
N CYS CA 65 37.18 8.07 -30.90
CA CYS CA 65 38.19 7.33 -30.17
C CYS CA 65 39.27 8.24 -29.61
N LEU CA 66 39.74 9.17 -30.44
CA LEU CA 66 40.77 10.10 -30.00
C LEU CA 66 40.23 11.07 -28.94
N MET CA 67 38.94 11.39 -29.02
CA MET CA 67 38.28 12.23 -28.02
C MET CA 67 38.23 11.52 -26.67
N VAL CA 68 37.86 10.25 -26.66
CA VAL CA 68 37.86 9.47 -25.41
C VAL CA 68 39.27 9.34 -24.87
N SER CA 69 40.25 9.24 -25.76
CA SER CA 69 41.65 9.19 -25.35
C SER CA 69 42.08 10.48 -24.65
N PHE CA 70 41.70 11.64 -25.20
CA PHE CA 70 42.10 12.89 -24.57
C PHE CA 70 41.30 13.16 -23.30
N LEU CA 71 40.03 12.73 -23.25
CA LEU CA 71 39.27 12.85 -22.01
C LEU CA 71 39.81 11.94 -20.91
N LEU CA 72 40.47 10.85 -21.27
CA LEU CA 72 41.25 10.09 -20.31
C LEU CA 72 42.69 10.59 -20.19
N LEU CA 73 43.00 11.80 -20.66
CA LEU CA 73 44.28 12.42 -20.39
C LEU CA 73 44.16 13.70 -19.58
N PHE CA 74 43.30 14.61 -20.01
CA PHE CA 74 43.28 15.98 -19.51
C PHE CA 74 41.95 16.32 -18.85
N GLY CA 75 41.28 15.33 -18.27
CA GLY CA 75 40.01 15.57 -17.61
C GLY CA 75 39.74 14.60 -16.48
N MET DA 1 19.44 -5.06 -14.64
CA MET DA 1 19.13 -3.64 -14.62
C MET DA 1 17.93 -3.36 -13.71
N PRO DA 2 17.96 -2.24 -12.97
CA PRO DA 2 17.01 -2.10 -11.86
C PRO DA 2 15.61 -1.78 -12.33
N GLN DA 3 15.45 -1.16 -13.48
CA GLN DA 3 14.17 -0.58 -13.79
C GLN DA 3 13.24 -1.56 -14.46
N LEU DA 4 13.76 -2.55 -15.16
CA LEU DA 4 12.93 -3.52 -15.84
C LEU DA 4 12.73 -4.78 -15.00
N VAL DA 5 13.18 -4.78 -13.75
CA VAL DA 5 12.82 -5.86 -12.83
C VAL DA 5 12.10 -5.28 -11.61
N PRO DA 6 10.83 -4.77 -11.71
CA PRO DA 6 10.05 -4.53 -10.49
C PRO DA 6 9.08 -5.66 -10.16
N PHE DA 7 8.16 -5.36 -9.23
CA PHE DA 7 6.99 -6.18 -8.96
C PHE DA 7 5.92 -6.11 -10.04
N TYR DA 8 6.06 -5.22 -11.02
CA TYR DA 8 4.97 -4.95 -11.94
C TYR DA 8 4.91 -5.90 -13.12
N PHE DA 9 5.50 -7.11 -12.97
CA PHE DA 9 5.55 -8.06 -14.07
C PHE DA 9 4.16 -8.48 -14.52
N MET DA 10 3.31 -8.81 -13.54
CA MET DA 10 1.97 -9.26 -13.88
C MET DA 10 1.11 -8.11 -14.38
N ASN DA 11 1.40 -6.89 -13.94
CA ASN DA 11 0.75 -5.69 -14.49
C ASN DA 11 1.05 -5.54 -15.98
N GLN DA 12 2.35 -5.49 -16.31
CA GLN DA 12 2.85 -5.40 -17.68
C GLN DA 12 2.20 -6.45 -18.56
N LEU DA 13 2.33 -7.70 -18.14
CA LEU DA 13 1.91 -8.82 -18.94
C LEU DA 13 0.39 -8.92 -19.05
N THR DA 14 -0.33 -8.48 -18.02
CA THR DA 14 -1.79 -8.54 -18.05
C THR DA 14 -2.37 -7.54 -19.03
N TYR DA 15 -1.99 -6.27 -18.91
CA TYR DA 15 -2.51 -5.29 -19.87
C TYR DA 15 -1.95 -5.52 -21.27
N GLY DA 16 -0.75 -6.09 -21.38
CA GLY DA 16 -0.22 -6.40 -22.68
C GLY DA 16 -1.00 -7.48 -23.40
N PHE DA 17 -1.30 -8.58 -22.70
CA PHE DA 17 -2.02 -9.64 -23.38
C PHE DA 17 -3.49 -9.29 -23.58
N LEU DA 18 -4.07 -8.47 -22.70
CA LEU DA 18 -5.41 -7.95 -22.96
C LEU DA 18 -5.42 -7.08 -24.20
N LEU DA 19 -4.38 -6.28 -24.38
CA LEU DA 19 -4.31 -5.46 -25.58
C LEU DA 19 -4.05 -6.31 -26.82
N MET DA 20 -3.31 -7.39 -26.68
CA MET DA 20 -3.06 -8.26 -27.83
C MET DA 20 -4.31 -8.97 -28.29
N ILE DA 21 -5.06 -9.55 -27.34
CA ILE DA 21 -6.31 -10.21 -27.71
C ILE DA 21 -7.33 -9.20 -28.21
N THR DA 22 -7.29 -7.99 -27.65
CA THR DA 22 -8.17 -6.91 -28.07
C THR DA 22 -7.89 -6.50 -29.50
N LEU DA 23 -6.62 -6.19 -29.80
CA LEU DA 23 -6.24 -5.81 -31.15
C LEU DA 23 -6.43 -6.93 -32.14
N LEU DA 24 -6.28 -8.18 -31.70
CA LEU DA 24 -6.45 -9.30 -32.62
C LEU DA 24 -7.91 -9.43 -33.05
N ILE DA 25 -8.83 -9.48 -32.07
CA ILE DA 25 -10.26 -9.57 -32.38
C ILE DA 25 -10.72 -8.33 -33.12
N LEU DA 26 -10.24 -7.17 -32.67
CA LEU DA 26 -10.60 -5.87 -33.18
C LEU DA 26 -10.14 -5.64 -34.61
N PHE DA 27 -8.84 -5.84 -34.90
CA PHE DA 27 -8.33 -5.83 -36.27
C PHE DA 27 -9.06 -6.82 -37.16
N SER DA 28 -9.08 -8.10 -36.76
CA SER DA 28 -9.54 -9.16 -37.65
C SER DA 28 -11.01 -9.02 -38.00
N GLN DA 29 -11.85 -8.71 -37.01
CA GLN DA 29 -13.27 -8.64 -37.33
C GLN DA 29 -13.70 -7.27 -37.82
N PHE DA 30 -13.02 -6.19 -37.43
CA PHE DA 30 -13.48 -4.85 -37.78
C PHE DA 30 -12.69 -4.23 -38.92
N PHE DA 31 -11.37 -4.08 -38.73
CA PHE DA 31 -10.66 -3.01 -39.44
C PHE DA 31 -9.96 -3.48 -40.70
N LEU DA 32 -9.45 -4.71 -40.70
CA LEU DA 32 -9.02 -5.30 -41.96
C LEU DA 32 -10.16 -5.52 -42.96
N PRO DA 33 -11.34 -6.05 -42.60
CA PRO DA 33 -12.38 -6.16 -43.63
C PRO DA 33 -13.02 -4.84 -44.01
N MET DA 34 -12.88 -3.76 -43.23
CA MET DA 34 -13.40 -2.49 -43.73
C MET DA 34 -12.47 -1.93 -44.79
N ILE DA 35 -11.23 -2.38 -44.85
CA ILE DA 35 -10.38 -2.05 -45.99
C ILE DA 35 -10.71 -2.98 -47.14
N LEU DA 36 -11.00 -4.24 -46.83
CA LEU DA 36 -11.24 -5.19 -47.90
C LEU DA 36 -12.59 -4.95 -48.58
N ARG DA 37 -13.55 -4.34 -47.88
CA ARG DA 37 -14.78 -3.91 -48.52
C ARG DA 37 -14.52 -2.81 -49.54
N LEU DA 38 -13.61 -1.90 -49.22
CA LEU DA 38 -13.18 -0.89 -50.18
C LEU DA 38 -12.56 -1.54 -51.40
N TYR DA 39 -11.74 -2.57 -51.18
CA TYR DA 39 -11.11 -3.28 -52.31
C TYR DA 39 -12.13 -3.94 -53.22
N VAL DA 40 -13.04 -4.71 -52.64
CA VAL DA 40 -14.00 -5.44 -53.46
C VAL DA 40 -14.98 -4.47 -54.12
N SER DA 41 -15.26 -3.34 -53.47
CA SER DA 41 -16.13 -2.34 -54.06
C SER DA 41 -15.47 -1.65 -55.25
N ARG DA 42 -14.20 -1.27 -55.11
CA ARG DA 42 -13.47 -0.66 -56.22
C ARG DA 42 -13.37 -1.61 -57.40
N LEU DA 43 -13.11 -2.88 -57.12
CA LEU DA 43 -12.99 -3.83 -58.23
C LEU DA 43 -14.36 -4.14 -58.83
N PHE DA 44 -15.42 -4.04 -58.03
CA PHE DA 44 -16.74 -4.33 -58.57
C PHE DA 44 -17.25 -3.20 -59.44
N ILE DA 45 -16.92 -1.95 -59.09
CA ILE DA 45 -17.23 -0.83 -59.96
C ILE DA 45 -16.33 -0.87 -61.20
N SER DA 46 -15.11 -1.37 -61.04
CA SER DA 46 -14.20 -1.47 -62.18
C SER DA 46 -14.66 -2.53 -63.17
N LYS DA 47 -15.14 -3.68 -62.68
CA LYS DA 47 -15.61 -4.71 -63.61
C LYS DA 47 -16.97 -4.35 -64.17
N LEU DA 48 -17.84 -3.76 -63.34
CA LEU DA 48 -19.19 -3.28 -63.69
C LEU DA 48 -20.09 -4.39 -64.26
N SER EA 1 21.91 8.77 -13.00
CA SER EA 1 20.91 7.81 -13.44
C SER EA 1 20.23 8.27 -14.72
N PRO EA 2 20.80 7.91 -15.87
CA PRO EA 2 20.20 8.31 -17.15
C PRO EA 2 19.03 7.44 -17.54
N LEU EA 3 18.74 6.40 -16.79
CA LEU EA 3 17.74 5.41 -17.15
C LEU EA 3 16.44 5.60 -16.35
N ASP EA 4 16.24 6.80 -15.80
CA ASP EA 4 15.03 7.05 -15.03
C ASP EA 4 13.80 7.25 -15.91
N GLN EA 5 13.97 7.28 -17.24
CA GLN EA 5 12.82 7.48 -18.11
C GLN EA 5 11.94 6.25 -18.23
N PHE EA 6 12.35 5.11 -17.70
CA PHE EA 6 11.57 3.89 -17.82
C PHE EA 6 10.88 3.51 -16.52
N GLU EA 7 10.77 4.44 -15.57
CA GLU EA 7 10.15 4.13 -14.29
C GLU EA 7 8.65 3.92 -14.46
N ILE EA 8 8.12 2.92 -13.77
CA ILE EA 8 6.70 2.62 -13.84
C ILE EA 8 6.05 3.14 -12.55
N ARG EA 9 5.12 4.07 -12.69
CA ARG EA 9 4.47 4.70 -11.55
C ARG EA 9 2.99 4.35 -11.58
N THR EA 10 2.45 3.98 -10.42
CA THR EA 10 1.03 3.68 -10.31
C THR EA 10 0.22 4.95 -10.14
N LEU EA 11 -0.91 5.03 -10.83
CA LEU EA 11 -1.71 6.25 -10.87
C LEU EA 11 -3.09 6.09 -10.25
N PHE EA 12 -3.91 5.20 -10.78
CA PHE EA 12 -5.30 5.17 -10.34
C PHE EA 12 -5.49 4.29 -9.12
N GLY EA 13 -4.72 3.22 -9.02
CA GLY EA 13 -4.66 2.43 -7.80
C GLY EA 13 -5.85 1.54 -7.53
N LEU EA 14 -5.57 0.38 -6.92
CA LEU EA 14 -6.58 -0.53 -6.42
C LEU EA 14 -5.87 -1.56 -5.55
N GLN EA 15 -6.49 -1.93 -4.46
CA GLN EA 15 -5.90 -2.91 -3.55
C GLN EA 15 -7.03 -3.61 -2.82
N SER EA 16 -6.67 -4.59 -2.02
CA SER EA 16 -7.59 -5.27 -1.12
C SER EA 16 -6.78 -5.95 -0.03
N SER EA 17 -7.46 -6.77 0.75
CA SER EA 17 -6.79 -7.72 1.62
C SER EA 17 -7.31 -9.13 1.44
N PHE EA 18 -8.46 -9.30 0.78
CA PHE EA 18 -8.95 -10.64 0.46
C PHE EA 18 -8.13 -11.27 -0.65
N ILE EA 19 -8.06 -10.61 -1.80
CA ILE EA 19 -7.48 -11.18 -3.00
C ILE EA 19 -6.48 -10.16 -3.55
N ASP EA 20 -5.43 -10.64 -4.19
CA ASP EA 20 -4.41 -9.77 -4.74
C ASP EA 20 -4.93 -9.20 -6.05
N LEU EA 21 -5.63 -8.08 -5.97
CA LEU EA 21 -6.16 -7.40 -7.13
C LEU EA 21 -5.20 -6.33 -7.64
N SER EA 22 -3.93 -6.41 -7.24
CA SER EA 22 -2.95 -5.41 -7.63
C SER EA 22 -2.38 -5.70 -9.01
N CYS EA 23 -2.80 -6.79 -9.64
CA CYS EA 23 -2.35 -7.13 -10.99
C CYS EA 23 -2.91 -6.11 -11.96
N LEU EA 24 -4.22 -5.92 -11.97
CA LEU EA 24 -4.83 -4.94 -12.83
C LEU EA 24 -5.07 -3.66 -12.04
N ASN EA 25 -4.50 -2.55 -12.52
CA ASN EA 25 -4.66 -1.19 -12.05
C ASN EA 25 -4.02 -0.26 -13.06
N LEU EA 26 -4.59 0.92 -13.22
CA LEU EA 26 -4.14 1.84 -14.26
C LEU EA 26 -2.78 2.41 -13.90
N THR EA 27 -1.80 2.17 -14.76
CA THR EA 27 -0.39 2.45 -14.48
C THR EA 27 0.15 3.12 -15.74
N THR EA 28 1.37 3.66 -15.65
CA THR EA 28 2.03 4.31 -16.78
C THR EA 28 2.12 3.41 -18.00
N PHE EA 29 2.53 2.16 -17.76
CA PHE EA 29 2.50 1.15 -18.82
C PHE EA 29 1.08 0.92 -19.28
N SER EA 30 0.15 0.82 -18.34
CA SER EA 30 -1.23 0.54 -18.71
C SER EA 30 -1.87 1.72 -19.43
N LEU EA 31 -1.56 2.94 -18.97
CA LEU EA 31 -2.11 4.13 -19.61
C LEU EA 31 -1.56 4.28 -21.02
N TYR EA 32 -0.30 3.94 -21.23
CA TYR EA 32 0.22 4.01 -22.58
C TYR EA 32 -0.28 2.87 -23.46
N THR EA 33 -0.70 1.74 -22.88
CA THR EA 33 -1.41 0.76 -23.69
C THR EA 33 -2.79 1.27 -24.09
N ILE EA 34 -3.49 1.95 -23.18
CA ILE EA 34 -4.76 2.59 -23.55
C ILE EA 34 -4.55 3.63 -24.65
N ILE EA 35 -3.45 4.35 -24.60
CA ILE EA 35 -3.17 5.34 -25.63
C ILE EA 35 -2.85 4.68 -26.97
N VAL EA 36 -2.09 3.57 -26.95
CA VAL EA 36 -1.81 2.82 -28.19
C VAL EA 36 -3.09 2.28 -28.80
N LEU EA 37 -3.98 1.75 -27.97
CA LEU EA 37 -5.26 1.23 -28.47
C LEU EA 37 -6.13 2.34 -29.05
N LEU EA 38 -6.12 3.52 -28.43
CA LEU EA 38 -6.94 4.61 -28.95
C LEU EA 38 -6.34 5.22 -30.20
N VAL EA 39 -5.02 5.19 -30.34
CA VAL EA 39 -4.40 5.68 -31.58
C VAL EA 39 -4.71 4.74 -32.72
N ILE EA 40 -4.56 3.44 -32.50
CA ILE EA 40 -4.85 2.45 -33.54
C ILE EA 40 -6.34 2.46 -33.89
N THR EA 41 -7.20 2.75 -32.90
CA THR EA 41 -8.60 2.94 -33.19
C THR EA 41 -8.83 4.21 -33.99
N SER EA 42 -8.05 5.25 -33.69
CA SER EA 42 -8.20 6.52 -34.38
C SER EA 42 -7.66 6.46 -35.80
N LEU EA 43 -6.76 5.54 -36.09
CA LEU EA 43 -6.22 5.47 -37.44
C LEU EA 43 -7.18 4.82 -38.43
N TYR EA 44 -8.31 4.30 -37.97
CA TYR EA 44 -9.22 3.65 -38.88
C TYR EA 44 -10.68 4.07 -38.72
N THR EA 45 -11.06 4.65 -37.58
CA THR EA 45 -12.47 4.96 -37.35
C THR EA 45 -12.85 6.32 -37.94
N LEU EA 46 -12.23 7.38 -37.44
CA LEU EA 46 -12.44 8.72 -37.94
C LEU EA 46 -11.55 9.05 -39.13
N THR EA 47 -10.65 8.13 -39.52
CA THR EA 47 -9.92 8.31 -40.75
C THR EA 47 -10.84 8.25 -41.95
N ASN EA 48 -11.72 7.27 -41.98
CA ASN EA 48 -12.63 7.09 -43.11
C ASN EA 48 -13.73 8.16 -43.03
N ASN EA 49 -13.65 9.15 -43.91
CA ASN EA 49 -14.71 10.14 -44.05
C ASN EA 49 -15.96 9.45 -44.59
N ASN EA 50 -17.00 9.40 -43.74
CA ASN EA 50 -18.37 8.89 -43.93
C ASN EA 50 -18.48 7.66 -44.84
N ASN EA 51 -17.53 6.75 -44.68
CA ASN EA 51 -17.42 5.50 -45.45
C ASN EA 51 -17.41 5.74 -46.95
N LYS EA 52 -16.53 6.66 -47.39
CA LYS EA 52 -16.41 7.00 -48.79
C LYS EA 52 -15.52 5.98 -49.50
N ILE EA 53 -15.83 5.71 -50.77
CA ILE EA 53 -15.05 4.76 -51.56
C ILE EA 53 -13.66 5.29 -51.85
N ILE EA 54 -13.56 6.60 -52.14
CA ILE EA 54 -12.33 7.19 -52.67
C ILE EA 54 -11.17 7.14 -51.70
N GLY EA 55 -11.44 7.09 -50.39
CA GLY EA 55 -10.35 6.82 -49.47
C GLY EA 55 -9.39 7.97 -49.29
N SER EA 56 -9.82 9.01 -48.56
CA SER EA 56 -9.08 10.25 -48.35
C SER EA 56 -7.65 10.05 -47.84
N ARG EA 57 -6.82 11.09 -48.01
CA ARG EA 57 -5.36 11.09 -47.84
C ARG EA 57 -4.83 10.42 -46.59
N TRP EA 58 -5.62 10.41 -45.52
CA TRP EA 58 -5.23 9.67 -44.32
C TRP EA 58 -5.29 8.16 -44.56
N LEU EA 59 -6.22 7.71 -45.39
CA LEU EA 59 -6.39 6.28 -45.55
C LEU EA 59 -5.36 5.66 -46.47
N ILE EA 60 -4.60 6.48 -47.21
CA ILE EA 60 -3.49 5.96 -48.01
C ILE EA 60 -2.40 5.38 -47.14
N SER EA 61 -2.19 5.94 -45.94
CA SER EA 61 -1.20 5.41 -45.01
C SER EA 61 -1.57 4.00 -44.55
N GLN EA 62 -2.79 3.84 -44.05
CA GLN EA 62 -3.25 2.53 -43.60
C GLN EA 62 -3.65 1.62 -44.75
N GLU EA 63 -3.62 2.13 -45.97
CA GLU EA 63 -3.67 1.32 -47.17
C GLU EA 63 -2.29 0.73 -47.46
N ALA EA 64 -1.25 1.55 -47.36
CA ALA EA 64 0.09 1.13 -47.72
C ALA EA 64 0.65 0.15 -46.69
N ILE EA 65 0.31 0.33 -45.42
CA ILE EA 65 0.77 -0.61 -44.39
C ILE EA 65 0.13 -1.98 -44.61
N TYR EA 66 -1.17 -2.00 -44.90
CA TYR EA 66 -1.88 -3.23 -45.23
C TYR EA 66 -1.27 -3.92 -46.45
N ASP EA 67 -0.95 -3.15 -47.48
CA ASP EA 67 -0.47 -3.79 -48.69
C ASP EA 67 0.97 -4.26 -48.54
N THR EA 68 1.78 -3.55 -47.76
CA THR EA 68 3.16 -3.97 -47.61
C THR EA 68 3.29 -5.09 -46.59
N ILE EA 69 2.22 -5.41 -45.85
CA ILE EA 69 2.26 -6.60 -45.01
C ILE EA 69 1.49 -7.77 -45.62
N MET EA 70 0.55 -7.51 -46.53
CA MET EA 70 0.05 -8.61 -47.34
C MET EA 70 1.12 -9.12 -48.28
N ASN EA 71 1.77 -8.24 -49.04
CA ASN EA 71 2.78 -8.69 -49.99
C ASN EA 71 4.06 -9.17 -49.31
N MET EA 72 4.19 -9.01 -48.01
CA MET EA 72 5.30 -9.61 -47.28
C MET EA 72 4.96 -10.99 -46.75
N THR EA 73 3.74 -11.23 -46.28
CA THR EA 73 3.38 -12.55 -45.76
C THR EA 73 2.85 -13.48 -46.85
N LYS EA 74 2.64 -12.96 -48.06
CA LYS EA 74 2.41 -13.84 -49.18
C LYS EA 74 3.71 -14.41 -49.73
N GLY EA 75 4.80 -13.69 -49.59
CA GLY EA 75 6.10 -14.16 -49.99
C GLY EA 75 6.86 -14.92 -48.94
N GLN EA 76 6.26 -15.22 -47.79
CA GLN EA 76 6.93 -16.05 -46.79
C GLN EA 76 6.22 -17.38 -46.59
N ILE EA 77 4.98 -17.38 -46.13
CA ILE EA 77 4.35 -18.67 -45.85
C ILE EA 77 3.67 -19.24 -47.09
N GLY EA 78 3.11 -18.37 -47.93
CA GLY EA 78 2.83 -18.58 -49.34
C GLY EA 78 2.27 -19.90 -49.82
N GLY EA 79 1.53 -20.60 -48.99
CA GLY EA 79 1.06 -21.92 -49.31
C GLY EA 79 -0.38 -21.93 -49.73
N LYS EA 80 -1.07 -23.02 -49.35
CA LYS EA 80 -2.49 -23.15 -49.66
C LYS EA 80 -3.31 -22.14 -48.86
N ASN EA 81 -2.96 -21.95 -47.60
CA ASN EA 81 -3.69 -21.06 -46.69
C ASN EA 81 -2.69 -20.16 -45.98
N TRP EA 82 -2.36 -19.04 -46.61
CA TRP EA 82 -1.52 -18.04 -45.97
C TRP EA 82 -2.34 -16.98 -45.26
N GLY EA 83 -3.56 -16.74 -45.71
CA GLY EA 83 -4.34 -15.65 -45.15
C GLY EA 83 -4.94 -15.95 -43.80
N LEU EA 84 -4.95 -17.22 -43.39
CA LEU EA 84 -5.49 -17.56 -42.07
C LEU EA 84 -4.61 -17.06 -40.94
N TYR EA 85 -3.35 -16.75 -41.21
CA TYR EA 85 -2.44 -16.25 -40.20
C TYR EA 85 -2.07 -14.80 -40.45
N PHE EA 86 -2.84 -14.10 -41.27
CA PHE EA 86 -2.61 -12.70 -41.61
C PHE EA 86 -3.06 -11.67 -40.56
N PRO EA 87 -4.17 -11.84 -39.82
CA PRO EA 87 -4.42 -10.88 -38.73
C PRO EA 87 -3.37 -10.85 -37.64
N MET EA 88 -2.78 -11.99 -37.29
CA MET EA 88 -1.73 -11.96 -36.28
C MET EA 88 -0.47 -11.31 -36.83
N ILE EA 89 -0.15 -11.56 -38.10
CA ILE EA 89 1.05 -10.96 -38.68
C ILE EA 89 0.85 -9.46 -38.92
N PHE EA 90 -0.39 -8.97 -38.92
CA PHE EA 90 -0.59 -7.54 -39.01
C PHE EA 90 -0.63 -6.88 -37.63
N THR EA 91 -1.26 -7.52 -36.65
CA THR EA 91 -1.35 -6.93 -35.33
C THR EA 91 -0.09 -7.11 -34.51
N LEU EA 92 0.85 -7.94 -34.96
CA LEU EA 92 2.18 -7.86 -34.40
C LEU EA 92 2.95 -6.70 -34.99
N PHE EA 93 2.59 -6.24 -36.18
CA PHE EA 93 3.25 -5.07 -36.72
C PHE EA 93 2.78 -3.81 -36.01
N MET EA 94 1.46 -3.57 -36.06
CA MET EA 94 0.94 -2.23 -35.76
C MET EA 94 1.17 -1.83 -34.31
N PHE EA 95 1.18 -2.79 -33.39
CA PHE EA 95 1.56 -2.52 -32.01
C PHE EA 95 2.98 -1.99 -31.91
N ILE EA 96 3.91 -2.63 -32.62
CA ILE EA 96 5.31 -2.24 -32.49
C ILE EA 96 5.58 -0.97 -33.28
N PHE EA 97 4.84 -0.76 -34.36
CA PHE EA 97 5.02 0.44 -35.16
C PHE EA 97 4.46 1.67 -34.47
N ILE EA 98 3.33 1.55 -33.79
CA ILE EA 98 2.77 2.69 -33.09
C ILE EA 98 3.45 2.89 -31.74
N ALA EA 99 3.83 1.81 -31.06
CA ALA EA 99 4.50 1.94 -29.78
C ALA EA 99 5.97 2.33 -29.89
N ASN EA 100 6.49 2.51 -31.10
CA ASN EA 100 7.82 3.08 -31.28
C ASN EA 100 7.79 4.42 -31.99
N LEU EA 101 6.61 4.96 -32.26
CA LEU EA 101 6.52 6.35 -32.64
C LEU EA 101 6.01 7.21 -31.50
N ILE EA 102 5.11 6.66 -30.68
CA ILE EA 102 4.69 7.30 -29.45
C ILE EA 102 5.86 7.48 -28.51
N SER EA 103 6.79 6.53 -28.50
CA SER EA 103 7.93 6.63 -27.59
C SER EA 103 8.94 7.68 -28.04
N MET EA 104 8.80 8.22 -29.24
CA MET EA 104 9.77 9.20 -29.72
C MET EA 104 9.45 10.60 -29.21
N ILE EA 105 8.18 10.84 -28.87
CA ILE EA 105 7.66 12.09 -28.32
C ILE EA 105 8.43 12.35 -27.04
N PRO EA 106 8.99 13.56 -26.79
CA PRO EA 106 10.04 13.74 -25.77
C PRO EA 106 9.71 13.33 -24.35
N TYR EA 107 8.62 13.85 -23.77
CA TYR EA 107 8.21 13.44 -22.43
C TYR EA 107 7.22 12.28 -22.58
N SER EA 108 7.76 11.13 -22.98
CA SER EA 108 6.96 9.93 -23.12
C SER EA 108 7.81 8.73 -22.78
N PHE EA 109 7.36 7.55 -23.21
CA PHE EA 109 7.70 6.34 -22.49
C PHE EA 109 7.61 5.15 -23.44
N ALA EA 110 8.61 4.29 -23.38
CA ALA EA 110 8.75 3.19 -24.33
C ALA EA 110 8.03 1.96 -23.79
N LEU EA 111 6.96 1.54 -24.46
CA LEU EA 111 6.37 0.24 -24.16
C LEU EA 111 7.33 -0.87 -24.57
N SER EA 112 8.00 -0.68 -25.71
CA SER EA 112 8.80 -1.73 -26.30
C SER EA 112 10.06 -2.00 -25.51
N ALA EA 113 10.51 -1.04 -24.71
CA ALA EA 113 11.76 -1.27 -23.99
C ALA EA 113 11.57 -2.00 -22.69
N HIS EA 114 10.44 -2.66 -22.46
CA HIS EA 114 10.29 -3.52 -21.29
C HIS EA 114 10.55 -4.95 -21.73
N LEU EA 115 11.67 -5.50 -21.27
CA LEU EA 115 12.09 -6.82 -21.71
C LEU EA 115 11.14 -7.89 -21.23
N VAL EA 116 10.50 -7.68 -20.08
CA VAL EA 116 9.64 -8.68 -19.48
C VAL EA 116 8.35 -8.85 -20.27
N PHE EA 117 7.88 -7.81 -20.95
CA PHE EA 117 6.72 -8.01 -21.80
C PHE EA 117 7.08 -8.52 -23.18
N ILE EA 118 8.15 -8.01 -23.80
CA ILE EA 118 8.48 -8.40 -25.16
C ILE EA 118 9.04 -9.82 -25.21
N ILE EA 119 9.87 -10.19 -24.24
CA ILE EA 119 10.35 -11.58 -24.15
C ILE EA 119 9.19 -12.52 -23.87
N SER EA 120 8.21 -12.09 -23.09
CA SER EA 120 7.02 -12.90 -22.88
C SER EA 120 6.22 -13.08 -24.16
N LEU EA 121 6.08 -12.01 -24.94
CA LEU EA 121 5.37 -12.12 -26.21
C LEU EA 121 6.10 -13.03 -27.19
N SER EA 122 7.43 -13.00 -27.15
CA SER EA 122 8.23 -13.87 -28.00
C SER EA 122 8.10 -15.33 -27.60
N ILE EA 123 8.10 -15.61 -26.29
CA ILE EA 123 7.93 -16.99 -25.83
C ILE EA 123 6.53 -17.49 -26.14
N VAL EA 124 5.54 -16.59 -26.10
CA VAL EA 124 4.18 -16.95 -26.49
C VAL EA 124 4.12 -17.36 -27.96
N ILE EA 125 4.78 -16.58 -28.83
CA ILE EA 125 4.79 -16.95 -30.25
C ILE EA 125 5.61 -18.22 -30.51
N TRP EA 126 6.66 -18.46 -29.73
CA TRP EA 126 7.44 -19.68 -29.94
C TRP EA 126 6.70 -20.94 -29.51
N LEU EA 127 6.08 -20.92 -28.32
CA LEU EA 127 5.26 -22.05 -27.93
C LEU EA 127 4.04 -22.20 -28.81
N GLY EA 128 3.49 -21.11 -29.30
CA GLY EA 128 2.41 -21.26 -30.24
C GLY EA 128 2.83 -21.71 -31.62
N ASN EA 129 4.11 -21.68 -31.93
CA ASN EA 129 4.57 -22.41 -33.11
C ASN EA 129 4.79 -23.88 -32.84
N THR EA 130 5.37 -24.23 -31.68
CA THR EA 130 5.66 -25.64 -31.42
C THR EA 130 4.38 -26.45 -31.22
N ILE EA 131 3.40 -25.89 -30.52
CA ILE EA 131 2.14 -26.60 -30.30
C ILE EA 131 1.38 -26.76 -31.60
N LEU EA 132 1.37 -25.71 -32.44
CA LEU EA 132 0.71 -25.79 -33.73
C LEU EA 132 1.39 -26.79 -34.65
N GLY EA 133 2.71 -26.84 -34.61
CA GLY EA 133 3.43 -27.79 -35.43
C GLY EA 133 3.21 -29.22 -35.01
N LEU EA 134 3.19 -29.47 -33.69
CA LEU EA 134 2.94 -30.81 -33.20
C LEU EA 134 1.52 -31.25 -33.52
N TYR EA 135 0.54 -30.36 -33.33
CA TYR EA 135 -0.85 -30.70 -33.64
C TYR EA 135 -1.05 -30.97 -35.12
N LYS EA 136 -0.43 -30.17 -35.99
CA LYS EA 136 -0.68 -30.35 -37.40
C LYS EA 136 0.11 -31.51 -37.99
N HIS EA 137 1.27 -31.85 -37.42
CA HIS EA 137 2.07 -32.84 -38.12
C HIS EA 137 2.63 -33.95 -37.23
N GLY EA 138 1.98 -34.26 -36.11
CA GLY EA 138 2.20 -35.53 -35.42
C GLY EA 138 3.60 -35.70 -34.87
N TRP EA 139 4.11 -36.92 -35.00
CA TRP EA 139 5.46 -37.22 -34.58
C TRP EA 139 6.49 -36.83 -35.62
N VAL EA 140 6.08 -36.56 -36.86
CA VAL EA 140 7.04 -36.22 -37.91
C VAL EA 140 7.35 -34.72 -37.91
N PHE EA 141 6.89 -33.99 -36.89
CA PHE EA 141 7.30 -32.60 -36.70
C PHE EA 141 8.80 -32.48 -36.50
N PHE EA 142 9.41 -33.49 -35.89
CA PHE EA 142 10.84 -33.47 -35.64
C PHE EA 142 11.67 -33.67 -36.91
N SER EA 143 11.03 -33.89 -38.07
CA SER EA 143 11.74 -33.91 -39.34
C SER EA 143 12.27 -32.54 -39.74
N LEU EA 144 11.81 -31.48 -39.07
CA LEU EA 144 12.36 -30.14 -39.21
C LEU EA 144 13.81 -30.05 -38.77
N PHE EA 145 14.26 -30.97 -37.94
CA PHE EA 145 15.57 -30.87 -37.30
C PHE EA 145 16.67 -31.51 -38.10
N VAL EA 146 16.37 -32.16 -39.21
CA VAL EA 146 17.37 -32.64 -40.16
C VAL EA 146 17.26 -31.77 -41.43
N PRO EA 147 18.36 -31.17 -41.89
CA PRO EA 147 18.27 -30.14 -42.94
C PRO EA 147 17.82 -30.65 -44.29
N ALA EA 148 18.59 -31.57 -44.85
CA ALA EA 148 18.38 -32.08 -46.19
C ALA EA 148 19.11 -33.41 -46.29
N GLY EA 149 19.37 -33.86 -47.51
CA GLY EA 149 20.25 -34.99 -47.71
C GLY EA 149 21.63 -34.75 -47.15
N THR EA 150 21.90 -35.36 -46.01
CA THR EA 150 23.11 -35.20 -45.23
C THR EA 150 23.69 -36.58 -44.95
N PRO EA 151 25.01 -36.69 -44.78
CA PRO EA 151 25.60 -37.98 -44.41
C PRO EA 151 25.23 -38.37 -43.00
N LEU EA 152 24.79 -39.62 -42.85
CA LEU EA 152 24.30 -40.11 -41.56
C LEU EA 152 25.30 -40.11 -40.38
N PRO EA 153 26.62 -40.32 -40.53
CA PRO EA 153 27.47 -40.27 -39.32
C PRO EA 153 27.61 -38.91 -38.65
N LEU EA 154 27.09 -37.83 -39.22
CA LEU EA 154 27.15 -36.53 -38.59
C LEU EA 154 25.76 -35.93 -38.40
N VAL EA 155 24.72 -36.73 -38.56
CA VAL EA 155 23.34 -36.29 -38.33
C VAL EA 155 23.04 -35.94 -36.87
N PRO EA 156 23.42 -36.74 -35.83
CA PRO EA 156 23.04 -36.32 -34.47
C PRO EA 156 23.67 -35.03 -33.96
N LEU EA 157 24.89 -34.70 -34.40
CA LEU EA 157 25.47 -33.39 -34.09
C LEU EA 157 24.64 -32.27 -34.72
N LEU EA 158 24.27 -32.45 -35.99
CA LEU EA 158 23.44 -31.52 -36.75
C LEU EA 158 21.98 -31.56 -36.31
N VAL EA 159 21.61 -32.44 -35.39
CA VAL EA 159 20.32 -32.37 -34.72
C VAL EA 159 20.41 -31.61 -33.41
N ILE EA 160 21.48 -31.84 -32.64
CA ILE EA 160 21.66 -31.15 -31.36
C ILE EA 160 21.83 -29.66 -31.57
N ILE EA 161 22.71 -29.26 -32.50
CA ILE EA 161 22.92 -27.83 -32.65
C ILE EA 161 22.02 -27.29 -33.76
N GLU EA 162 20.97 -28.05 -34.09
CA GLU EA 162 19.80 -27.46 -34.70
C GLU EA 162 18.72 -27.18 -33.67
N THR EA 163 18.51 -28.09 -32.71
CA THR EA 163 17.49 -27.82 -31.69
C THR EA 163 17.93 -26.71 -30.74
N LEU EA 164 19.23 -26.57 -30.49
CA LEU EA 164 19.69 -25.44 -29.68
C LEU EA 164 19.37 -24.12 -30.35
N SER EA 165 19.55 -24.05 -31.66
CA SER EA 165 19.09 -22.90 -32.41
C SER EA 165 17.57 -22.85 -32.52
N TYR EA 166 16.88 -23.96 -32.25
CA TYR EA 166 15.43 -23.90 -32.30
C TYR EA 166 14.83 -23.30 -31.03
N PHE EA 167 15.43 -23.55 -29.87
CA PHE EA 167 14.90 -22.88 -28.69
C PHE EA 167 15.77 -21.70 -28.23
N ALA EA 168 16.73 -21.26 -29.03
CA ALA EA 168 17.21 -19.88 -28.84
C ALA EA 168 16.27 -18.89 -29.49
N ARG EA 169 15.42 -19.38 -30.37
CA ARG EA 169 14.45 -18.62 -31.12
C ARG EA 169 13.37 -18.06 -30.21
N ALA EA 170 13.22 -18.66 -29.03
CA ALA EA 170 12.21 -18.20 -28.08
C ALA EA 170 12.55 -16.83 -27.52
N ILE EA 171 13.83 -16.59 -27.18
CA ILE EA 171 14.19 -15.31 -26.58
C ILE EA 171 14.88 -14.36 -27.55
N SER EA 172 15.44 -14.87 -28.66
CA SER EA 172 16.18 -14.00 -29.56
C SER EA 172 15.26 -13.00 -30.26
N LEU EA 173 14.08 -13.47 -30.66
CA LEU EA 173 13.13 -12.65 -31.40
C LEU EA 173 12.65 -11.47 -30.58
N GLY EA 174 12.52 -11.64 -29.27
CA GLY EA 174 12.11 -10.54 -28.44
C GLY EA 174 13.26 -9.64 -28.05
N LEU EA 175 14.41 -10.26 -27.72
CA LEU EA 175 15.51 -9.49 -27.16
C LEU EA 175 16.19 -8.63 -28.20
N ARG EA 176 16.06 -8.98 -29.49
CA ARG EA 176 16.47 -8.08 -30.57
C ARG EA 176 15.76 -6.73 -30.49
N LEU EA 177 14.43 -6.76 -30.41
CA LEU EA 177 13.63 -5.54 -30.38
C LEU EA 177 13.85 -4.77 -29.09
N GLY EA 178 13.89 -5.48 -27.97
CA GLY EA 178 14.14 -4.85 -26.69
C GLY EA 178 15.48 -4.14 -26.65
N SER EA 179 16.51 -4.77 -27.22
CA SER EA 179 17.83 -4.19 -27.20
C SER EA 179 17.91 -2.96 -28.08
N ASN EA 180 17.26 -3.01 -29.25
CA ASN EA 180 17.30 -1.85 -30.15
C ASN EA 180 16.59 -0.65 -29.54
N ILE EA 181 15.38 -0.84 -29.01
CA ILE EA 181 14.65 0.31 -28.48
C ILE EA 181 15.32 0.85 -27.22
N LEU EA 182 15.81 -0.05 -26.35
CA LEU EA 182 16.44 0.40 -25.11
C LEU EA 182 17.76 1.11 -25.38
N ALA EA 183 18.57 0.61 -26.31
CA ALA EA 183 19.85 1.23 -26.59
C ALA EA 183 19.66 2.57 -27.30
N GLY EA 184 18.65 2.69 -28.16
CA GLY EA 184 18.41 3.96 -28.82
C GLY EA 184 17.98 5.04 -27.85
N HIS EA 185 17.04 4.71 -26.96
CA HIS EA 185 16.60 5.72 -26.00
C HIS EA 185 17.67 6.07 -25.00
N LEU EA 186 18.44 5.08 -24.56
CA LEU EA 186 19.50 5.38 -23.60
C LEU EA 186 20.60 6.21 -24.24
N LEU EA 187 20.88 6.00 -25.54
CA LEU EA 187 21.82 6.83 -26.27
C LEU EA 187 21.37 8.28 -26.35
N MET EA 188 20.09 8.50 -26.70
CA MET EA 188 19.60 9.87 -26.82
C MET EA 188 19.63 10.60 -25.48
N VAL EA 189 19.24 9.92 -24.40
CA VAL EA 189 19.20 10.59 -23.11
C VAL EA 189 20.61 10.88 -22.60
N ILE EA 190 21.57 9.98 -22.86
CA ILE EA 190 22.94 10.22 -22.40
C ILE EA 190 23.59 11.35 -23.19
N LEU EA 191 23.36 11.43 -24.50
CA LEU EA 191 23.94 12.55 -25.24
C LEU EA 191 23.27 13.87 -24.91
N ALA EA 192 21.97 13.85 -24.59
CA ALA EA 192 21.34 15.07 -24.10
C ALA EA 192 21.93 15.50 -22.77
N GLY EA 193 22.18 14.54 -21.87
CA GLY EA 193 22.82 14.82 -20.60
C GLY EA 193 24.23 15.33 -20.72
N LEU EA 194 24.94 14.94 -21.76
CA LEU EA 194 26.28 15.47 -21.94
C LEU EA 194 26.26 16.86 -22.57
N THR EA 195 25.38 17.10 -23.53
CA THR EA 195 25.36 18.42 -24.16
C THR EA 195 24.73 19.47 -23.26
N PHE EA 196 23.95 19.05 -22.26
CA PHE EA 196 23.44 20.04 -21.32
C PHE EA 196 24.56 20.59 -20.46
N ASN EA 197 25.35 19.71 -19.85
CA ASN EA 197 26.48 20.19 -19.06
C ASN EA 197 27.60 20.73 -19.93
N PHE EA 198 27.58 20.50 -21.24
CA PHE EA 198 28.52 21.18 -22.11
C PHE EA 198 28.18 22.65 -22.26
N MET EA 199 26.89 23.00 -22.19
CA MET EA 199 26.44 24.36 -22.48
C MET EA 199 26.24 25.21 -21.22
N LEU EA 200 26.62 24.71 -20.05
CA LEU EA 200 26.52 25.52 -18.83
C LEU EA 200 27.87 26.04 -18.34
N ILE EA 201 28.97 25.64 -18.98
CA ILE EA 201 30.25 26.28 -18.74
C ILE EA 201 30.30 27.57 -19.54
N ASN EA 202 31.39 28.33 -19.38
CA ASN EA 202 31.63 29.69 -19.85
C ASN EA 202 31.07 30.03 -21.23
N LEU EA 203 30.59 31.28 -21.39
CA LEU EA 203 29.67 31.71 -22.45
C LEU EA 203 30.16 31.44 -23.87
N PHE EA 204 31.46 31.20 -24.04
CA PHE EA 204 32.00 30.83 -25.35
C PHE EA 204 31.49 29.48 -25.86
N THR EA 205 30.84 28.67 -25.01
CA THR EA 205 30.37 27.37 -25.47
C THR EA 205 28.96 27.44 -26.04
N LEU EA 206 28.17 28.44 -25.66
CA LEU EA 206 26.86 28.58 -26.26
C LEU EA 206 27.01 29.15 -27.67
N VAL EA 207 28.04 29.93 -27.88
CA VAL EA 207 28.54 30.20 -29.22
C VAL EA 207 29.16 28.90 -29.73
N PHE EA 208 28.92 28.59 -31.01
CA PHE EA 208 29.28 27.34 -31.71
C PHE EA 208 28.96 26.07 -30.92
N GLY EA 209 27.91 26.11 -30.10
CA GLY EA 209 27.40 24.94 -29.43
C GLY EA 209 26.24 24.37 -30.21
N PHE EA 210 26.20 24.69 -31.49
CA PHE EA 210 25.18 24.20 -32.40
C PHE EA 210 25.51 22.83 -32.96
N VAL EA 211 26.79 22.49 -33.09
CA VAL EA 211 27.16 21.18 -33.63
C VAL EA 211 26.79 19.98 -32.74
N PRO EA 212 26.84 20.01 -31.40
CA PRO EA 212 26.30 18.85 -30.68
C PRO EA 212 24.78 18.77 -30.74
N LEU EA 213 24.12 19.93 -30.85
CA LEU EA 213 22.68 19.95 -31.09
C LEU EA 213 22.35 19.31 -32.43
N ALA EA 214 23.15 19.58 -33.45
CA ALA EA 214 22.95 18.95 -34.75
C ALA EA 214 23.25 17.46 -34.71
N MET EA 215 24.22 17.04 -33.89
CA MET EA 215 24.46 15.60 -33.75
C MET EA 215 23.29 14.90 -33.07
N ILE EA 216 22.67 15.53 -32.08
CA ILE EA 216 21.50 14.94 -31.44
C ILE EA 216 20.30 14.93 -32.40
N LEU EA 217 20.20 15.96 -33.25
CA LEU EA 217 19.15 15.95 -34.27
C LEU EA 217 19.38 14.83 -35.28
N ALA EA 218 20.64 14.55 -35.62
CA ALA EA 218 20.93 13.48 -36.55
C ALA EA 218 20.64 12.11 -35.94
N ILE EA 219 20.90 11.95 -34.64
CA ILE EA 219 20.58 10.70 -33.98
C ILE EA 219 19.07 10.50 -33.86
N MET EA 220 18.32 11.59 -33.65
CA MET EA 220 16.86 11.48 -33.65
C MET EA 220 16.33 11.15 -35.04
N MET EA 221 16.99 11.64 -36.09
CA MET EA 221 16.66 11.23 -37.45
C MET EA 221 16.93 9.75 -37.66
N LEU EA 222 18.02 9.25 -37.07
CA LEU EA 222 18.33 7.82 -37.18
C LEU EA 222 17.36 6.97 -36.38
N GLU EA 223 16.77 7.54 -35.33
CA GLU EA 223 16.04 6.71 -34.38
C GLU EA 223 14.67 6.31 -34.90
N PHE EA 224 14.07 7.13 -35.78
CA PHE EA 224 12.84 6.68 -36.43
C PHE EA 224 13.12 5.50 -37.35
N ALA EA 225 14.27 5.52 -38.02
CA ALA EA 225 14.62 4.42 -38.90
C ALA EA 225 14.85 3.14 -38.10
N ILE EA 226 15.61 3.24 -37.01
CA ILE EA 226 15.83 2.06 -36.18
C ILE EA 226 14.59 1.66 -35.39
N GLY EA 227 13.56 2.50 -35.35
CA GLY EA 227 12.31 2.10 -34.74
C GLY EA 227 11.31 1.47 -35.68
N ILE EA 228 11.30 1.89 -36.95
CA ILE EA 228 10.36 1.31 -37.89
C ILE EA 228 10.91 0.02 -38.49
N ILE EA 229 12.23 -0.04 -38.69
CA ILE EA 229 12.85 -1.24 -39.23
C ILE EA 229 12.69 -2.43 -38.29
N GLN EA 230 12.72 -2.20 -36.98
CA GLN EA 230 12.51 -3.31 -36.05
C GLN EA 230 11.06 -3.79 -36.04
N GLY EA 231 10.12 -2.86 -36.22
CA GLY EA 231 8.74 -3.25 -36.39
C GLY EA 231 8.51 -4.07 -37.64
N TYR EA 232 9.34 -3.85 -38.67
CA TYR EA 232 9.25 -4.71 -39.84
C TYR EA 232 9.96 -6.04 -39.64
N VAL EA 233 11.08 -6.05 -38.91
CA VAL EA 233 11.88 -7.27 -38.78
C VAL EA 233 11.19 -8.28 -37.88
N TRP EA 234 10.48 -7.81 -36.85
CA TRP EA 234 9.61 -8.68 -36.06
C TRP EA 234 8.60 -9.41 -36.94
N ALA EA 235 7.91 -8.68 -37.80
CA ALA EA 235 6.89 -9.27 -38.64
C ALA EA 235 7.44 -10.05 -39.82
N ILE EA 236 8.73 -9.95 -40.12
CA ILE EA 236 9.28 -10.88 -41.12
C ILE EA 236 9.79 -12.16 -40.46
N LEU EA 237 10.35 -12.10 -39.24
CA LEU EA 237 10.82 -13.33 -38.61
C LEU EA 237 9.66 -14.18 -38.10
N THR EA 238 8.60 -13.53 -37.60
CA THR EA 238 7.48 -14.41 -37.24
C THR EA 238 6.57 -14.71 -38.41
N ALA EA 239 6.96 -14.40 -39.64
CA ALA EA 239 6.38 -15.06 -40.79
C ALA EA 239 7.22 -16.24 -41.22
N SER EA 240 8.55 -16.08 -41.16
CA SER EA 240 9.44 -17.20 -41.49
C SER EA 240 9.28 -18.36 -40.51
N TYR EA 241 8.99 -18.05 -39.25
CA TYR EA 241 8.85 -19.11 -38.25
C TYR EA 241 7.56 -19.88 -38.46
N LEU EA 242 6.51 -19.20 -38.90
CA LEU EA 242 5.30 -19.93 -39.25
C LEU EA 242 5.45 -20.71 -40.53
N LYS EA 243 6.34 -20.27 -41.44
CA LYS EA 243 6.66 -21.12 -42.58
C LYS EA 243 7.32 -22.41 -42.14
N ASP EA 244 8.25 -22.33 -41.19
CA ASP EA 244 8.89 -23.55 -40.70
C ASP EA 244 7.93 -24.44 -39.92
N ALA EA 245 7.07 -23.84 -39.09
CA ALA EA 245 6.21 -24.64 -38.23
C ALA EA 245 5.05 -25.24 -38.99
N VAL EA 246 4.48 -24.52 -39.95
CA VAL EA 246 3.33 -25.03 -40.67
C VAL EA 246 3.76 -26.02 -41.74
N TYR EA 247 4.77 -25.66 -42.53
CA TYR EA 247 5.25 -26.49 -43.62
C TYR EA 247 6.62 -27.05 -43.23
N LEU EA 248 6.76 -28.36 -43.32
CA LEU EA 248 8.03 -28.95 -42.89
C LEU EA 248 9.09 -28.72 -43.94
N HIS EA 249 9.88 -27.67 -43.74
CA HIS EA 249 10.87 -27.15 -44.70
C HIS EA 249 10.30 -26.91 -46.08
N LYS FA 7 3.08 53.74 -32.92
CA LYS FA 7 4.24 54.59 -32.76
C LYS FA 7 5.19 54.46 -33.95
N GLN FA 8 5.30 53.25 -34.47
CA GLN FA 8 6.19 52.99 -35.60
C GLN FA 8 5.51 53.38 -36.92
N THR FA 9 6.16 53.01 -38.02
CA THR FA 9 5.68 53.39 -39.34
C THR FA 9 4.45 52.58 -39.73
N ASP FA 10 4.61 51.26 -39.85
CA ASP FA 10 3.54 50.38 -40.31
C ASP FA 10 3.03 49.45 -39.22
N PRO FA 11 3.41 49.69 -37.96
CA PRO FA 11 2.99 48.78 -36.89
C PRO FA 11 1.53 49.00 -36.52
N LYS FA 12 1.02 50.22 -36.70
CA LYS FA 12 -0.33 50.56 -36.31
C LYS FA 12 -1.40 49.92 -37.18
N ALA FA 13 -1.02 49.33 -38.31
CA ALA FA 13 -1.92 48.57 -39.17
C ALA FA 13 -1.62 47.07 -39.15
N LYS FA 14 -0.33 46.71 -39.19
CA LYS FA 14 0.04 45.29 -39.17
C LYS FA 14 -0.24 44.65 -37.83
N ALA FA 15 0.13 45.32 -36.73
CA ALA FA 15 -0.19 44.80 -35.41
C ALA FA 15 -1.68 44.88 -35.12
N ASN FA 16 -2.37 45.84 -35.74
CA ASN FA 16 -3.83 45.92 -35.60
C ASN FA 16 -4.51 44.74 -36.29
N SER FA 17 -4.04 44.39 -37.49
CA SER FA 17 -4.57 43.22 -38.17
C SER FA 17 -4.18 41.93 -37.47
N ILE FA 18 -3.01 41.90 -36.82
CA ILE FA 18 -2.62 40.74 -36.03
C ILE FA 18 -3.52 40.57 -34.82
N ILE FA 19 -3.84 41.66 -34.13
CA ILE FA 19 -4.76 41.60 -33.00
C ILE FA 19 -6.18 41.29 -33.45
N ASN FA 20 -6.57 41.75 -34.64
CA ASN FA 20 -7.90 41.44 -35.17
C ASN FA 20 -8.01 39.97 -35.52
N ALA FA 21 -6.98 39.41 -36.16
CA ALA FA 21 -6.97 37.98 -36.48
C ALA FA 21 -6.85 37.13 -35.22
N ILE FA 22 -6.22 37.68 -34.17
CA ILE FA 22 -6.25 37.02 -32.88
C ILE FA 22 -7.60 37.15 -32.21
N PRO FA 23 -8.42 38.13 -32.61
CA PRO FA 23 -9.74 38.33 -32.04
C PRO FA 23 -10.88 37.99 -33.00
N GLY FA 24 -10.59 37.38 -34.15
CA GLY FA 24 -11.62 37.11 -35.14
C GLY FA 24 -12.33 35.78 -34.93
N ASN FA 25 -11.86 34.92 -34.03
CA ASN FA 25 -12.45 33.61 -33.81
C ASN FA 25 -13.07 33.57 -32.42
N ASN FA 26 -14.30 34.09 -32.32
CA ASN FA 26 -15.18 33.97 -31.14
C ASN FA 26 -14.53 34.52 -29.87
N ILE FA 27 -13.72 35.56 -30.01
CA ILE FA 27 -12.90 36.06 -28.91
C ILE FA 27 -13.54 37.31 -28.31
N LEU FA 28 -13.95 37.20 -27.04
CA LEU FA 28 -14.46 38.34 -26.30
C LEU FA 28 -13.36 39.20 -25.69
N THR FA 29 -12.09 38.85 -25.92
CA THR FA 29 -10.95 39.61 -25.43
C THR FA 29 -10.37 40.54 -26.49
N LYS FA 30 -11.21 41.14 -27.33
CA LYS FA 30 -10.74 41.94 -28.45
C LYS FA 30 -10.14 43.27 -28.02
N THR FA 31 -10.32 43.68 -26.75
CA THR FA 31 -9.69 44.89 -26.24
C THR FA 31 -8.18 44.73 -26.20
N GLY FA 32 -7.70 43.60 -25.69
CA GLY FA 32 -6.29 43.25 -25.69
C GLY FA 32 -6.18 41.75 -25.91
N VAL FA 33 -5.62 41.37 -27.07
CA VAL FA 33 -5.47 39.95 -27.38
C VAL FA 33 -4.45 39.29 -26.45
N LEU FA 34 -3.35 39.98 -26.18
CA LEU FA 34 -2.35 39.53 -25.22
C LEU FA 34 -2.60 40.07 -23.82
N GLY FA 35 -3.84 40.36 -23.48
CA GLY FA 35 -4.13 40.91 -22.16
C GLY FA 35 -3.98 39.88 -21.06
N THR FA 36 -4.37 38.63 -21.33
CA THR FA 36 -4.21 37.56 -20.36
C THR FA 36 -3.00 36.69 -20.63
N SER FA 37 -2.51 36.68 -21.88
CA SER FA 37 -1.39 35.80 -22.22
C SER FA 37 -0.08 36.34 -21.63
N ALA FA 38 0.17 37.64 -21.79
CA ALA FA 38 1.43 38.23 -21.33
C ALA FA 38 1.52 38.22 -19.81
N ALA FA 39 0.38 38.16 -19.13
CA ALA FA 39 0.38 38.01 -17.69
C ALA FA 39 0.78 36.59 -17.28
N ALA FA 40 0.15 35.59 -17.90
CA ALA FA 40 0.39 34.20 -17.51
C ALA FA 40 1.79 33.74 -17.89
N VAL FA 41 2.38 34.36 -18.92
CA VAL FA 41 3.79 34.14 -19.21
C VAL FA 41 4.66 34.58 -18.04
N ILE FA 42 4.39 35.76 -17.48
CA ILE FA 42 5.16 36.27 -16.34
C ILE FA 42 4.95 35.38 -15.11
N TYR FA 43 3.73 34.87 -14.94
CA TYR FA 43 3.46 33.97 -13.81
C TYR FA 43 4.24 32.67 -13.95
N ALA FA 44 4.28 32.11 -15.16
CA ALA FA 44 5.00 30.86 -15.37
C ALA FA 44 6.50 31.04 -15.24
N ILE FA 45 7.01 32.20 -15.67
CA ILE FA 45 8.45 32.45 -15.57
C ILE FA 45 8.87 32.68 -14.13
N SER FA 46 8.13 33.52 -13.41
CA SER FA 46 8.51 33.88 -12.05
C SER FA 46 8.26 32.75 -11.08
N ASN FA 47 7.21 31.95 -11.30
CA ASN FA 47 6.91 30.88 -10.37
C ASN FA 47 7.75 29.63 -10.62
N GLU FA 48 8.54 29.63 -11.71
CA GLU FA 48 9.36 28.49 -12.15
C GLU FA 48 8.49 27.26 -12.37
N LEU FA 49 7.59 27.37 -13.35
CA LEU FA 49 6.69 26.27 -13.63
C LEU FA 49 7.31 25.30 -14.63
N TYR FA 50 8.08 25.81 -15.59
CA TYR FA 50 8.81 24.97 -16.53
C TYR FA 50 10.29 25.01 -16.17
N VAL FA 51 10.79 23.94 -15.59
CA VAL FA 51 12.22 23.84 -15.32
C VAL FA 51 12.92 23.49 -16.62
N ILE FA 52 14.00 24.21 -16.95
CA ILE FA 52 14.85 23.78 -18.05
C ILE FA 52 15.56 22.50 -17.61
N ASN FA 53 15.49 21.48 -18.45
CA ASN FA 53 15.82 20.13 -18.04
C ASN FA 53 16.89 19.57 -18.97
N ASP FA 54 17.43 18.43 -18.55
CA ASP FA 54 18.14 17.53 -19.45
C ASP FA 54 17.29 17.20 -20.67
N GLU FA 55 16.03 16.87 -20.44
CA GLU FA 55 15.15 16.43 -21.50
C GLU FA 55 14.63 17.59 -22.35
N SER FA 56 14.91 18.83 -21.93
CA SER FA 56 14.45 19.98 -22.69
C SER FA 56 15.22 20.15 -23.99
N ILE FA 57 16.50 19.75 -24.02
CA ILE FA 57 17.26 19.79 -25.26
C ILE FA 57 16.69 18.79 -26.25
N LEU FA 58 16.25 17.65 -25.72
CA LEU FA 58 15.56 16.67 -26.55
C LEU FA 58 14.24 17.22 -27.07
N LEU FA 59 13.56 18.04 -26.26
CA LEU FA 59 12.36 18.73 -26.73
C LEU FA 59 12.68 19.72 -27.84
N LEU FA 60 13.79 20.45 -27.70
CA LEU FA 60 14.16 21.44 -28.71
C LEU FA 60 14.53 20.78 -30.03
N THR FA 61 15.22 19.64 -29.95
CA THR FA 61 15.54 18.90 -31.16
C THR FA 61 14.29 18.28 -31.78
N PHE FA 62 13.31 17.93 -30.96
CA PHE FA 62 12.06 17.45 -31.53
C PHE FA 62 11.30 18.58 -32.21
N LEU FA 63 11.42 19.80 -31.67
CA LEU FA 63 10.83 20.96 -32.35
C LEU FA 63 11.49 21.18 -33.71
N GLY FA 64 12.82 21.10 -33.74
CA GLY FA 64 13.53 21.24 -35.00
C GLY FA 64 13.22 20.12 -35.98
N PHE FA 65 13.03 18.91 -35.46
CA PHE FA 65 12.62 17.78 -36.29
C PHE FA 65 11.25 18.01 -36.90
N THR FA 66 10.31 18.51 -36.11
CA THR FA 66 8.98 18.81 -36.63
C THR FA 66 9.02 19.94 -37.64
N GLY FA 67 9.94 20.89 -37.45
CA GLY FA 67 10.11 21.94 -38.44
C GLY FA 67 10.61 21.40 -39.77
N LEU FA 68 11.59 20.49 -39.71
CA LEU FA 68 12.09 19.87 -40.93
C LEU FA 68 11.02 19.02 -41.61
N VAL FA 69 10.21 18.32 -40.83
CA VAL FA 69 9.15 17.49 -41.40
C VAL FA 69 8.11 18.36 -42.09
N ALA FA 70 7.62 19.39 -41.39
CA ALA FA 70 6.60 20.25 -41.95
C ALA FA 70 7.12 21.12 -43.08
N LYS FA 71 8.43 21.32 -43.20
CA LYS FA 71 8.91 22.03 -44.38
C LYS FA 71 9.11 21.11 -45.58
N TYR FA 72 9.69 19.92 -45.37
CA TYR FA 72 10.10 19.09 -46.50
C TYR FA 72 9.18 17.91 -46.75
N LEU FA 73 8.90 17.08 -45.74
CA LEU FA 73 8.21 15.83 -46.00
C LEU FA 73 6.73 16.04 -46.22
N ALA FA 74 6.17 17.11 -45.65
CA ALA FA 74 4.73 17.35 -45.77
C ALA FA 74 4.27 17.70 -47.18
N PRO FA 75 4.89 18.62 -47.95
CA PRO FA 75 4.39 18.81 -49.31
C PRO FA 75 4.73 17.67 -50.25
N ALA FA 76 5.81 16.93 -50.00
CA ALA FA 76 6.12 15.77 -50.82
C ALA FA 76 5.09 14.68 -50.65
N TYR FA 77 4.72 14.40 -49.39
CA TYR FA 77 3.65 13.44 -49.15
C TYR FA 77 2.31 13.95 -49.65
N LYS FA 78 2.10 15.26 -49.60
CA LYS FA 78 0.87 15.84 -50.15
C LYS FA 78 0.78 15.60 -51.65
N ASP FA 79 1.89 15.80 -52.36
CA ASP FA 79 1.90 15.57 -53.81
C ASP FA 79 1.74 14.10 -54.15
N PHE FA 80 2.39 13.22 -53.37
CA PHE FA 80 2.26 11.79 -53.60
C PHE FA 80 0.84 11.29 -53.38
N ALA FA 81 0.23 11.71 -52.27
CA ALA FA 81 -1.13 11.30 -51.96
C ALA FA 81 -2.12 11.88 -52.95
N ASP FA 82 -1.85 13.10 -53.44
CA ASP FA 82 -2.76 13.71 -54.40
C ASP FA 82 -2.65 13.04 -55.76
N ALA FA 83 -1.45 12.59 -56.13
CA ALA FA 83 -1.29 11.87 -57.40
C ALA FA 83 -1.96 10.50 -57.35
N ARG FA 84 -1.82 9.80 -56.22
CA ARG FA 84 -2.48 8.50 -56.07
C ARG FA 84 -3.99 8.68 -56.04
N MET FA 85 -4.47 9.74 -55.40
CA MET FA 85 -5.89 10.04 -55.33
C MET FA 85 -6.43 10.33 -56.73
N LYS FA 86 -5.64 11.07 -57.53
CA LYS FA 86 -6.03 11.37 -58.90
C LYS FA 86 -6.07 10.11 -59.75
N LYS FA 87 -5.13 9.20 -59.54
CA LYS FA 87 -5.12 7.95 -60.30
C LYS FA 87 -6.31 7.08 -59.94
N VAL FA 88 -6.64 6.98 -58.65
CA VAL FA 88 -7.81 6.23 -58.18
C VAL FA 88 -9.08 6.79 -58.80
N SER FA 89 -9.31 8.11 -58.63
CA SER FA 89 -10.54 8.71 -59.10
C SER FA 89 -10.61 8.72 -60.61
N ASP FA 90 -9.47 8.85 -61.28
CA ASP FA 90 -9.44 8.88 -62.74
C ASP FA 90 -9.80 7.54 -63.35
N VAL FA 91 -9.16 6.46 -62.87
CA VAL FA 91 -9.47 5.15 -63.44
C VAL FA 91 -10.87 4.72 -63.04
N LEU FA 92 -11.25 4.98 -61.79
CA LEU FA 92 -12.55 4.58 -61.27
C LEU FA 92 -13.69 5.32 -61.97
N ASN FA 93 -13.44 6.55 -62.40
CA ASN FA 93 -14.45 7.29 -63.13
C ASN FA 93 -14.45 6.94 -64.62
N ALA FA 94 -13.27 6.83 -65.22
CA ALA FA 94 -13.16 6.70 -66.67
C ALA FA 94 -13.59 5.32 -67.14
N SER FA 95 -13.29 4.27 -66.36
CA SER FA 95 -13.69 2.92 -66.74
C SER FA 95 -15.21 2.79 -66.75
N ARG FA 96 -15.86 3.28 -65.69
CA ARG FA 96 -17.31 3.22 -65.59
C ARG FA 96 -17.98 4.12 -66.62
N ASN FA 97 -17.37 5.26 -66.93
CA ASN FA 97 -17.93 6.17 -67.93
C ASN FA 97 -17.86 5.56 -69.32
N LYS FA 98 -16.69 5.07 -69.72
CA LYS FA 98 -16.53 4.52 -71.05
C LYS FA 98 -17.24 3.18 -71.20
N HIS FA 99 -17.50 2.48 -70.10
CA HIS FA 99 -18.28 1.24 -70.20
C HIS FA 99 -19.77 1.53 -70.24
N VAL FA 100 -20.23 2.52 -69.48
CA VAL FA 100 -21.65 2.85 -69.46
C VAL FA 100 -22.08 3.63 -70.69
N GLU FA 101 -21.15 4.27 -71.39
CA GLU FA 101 -21.51 5.00 -72.60
C GLU FA 101 -21.81 4.07 -73.76
N ALA FA 102 -21.34 2.82 -73.73
CA ALA FA 102 -21.52 1.91 -74.85
C ALA FA 102 -22.88 1.23 -74.85
N VAL FA 103 -23.70 1.42 -73.82
CA VAL FA 103 -25.01 0.79 -73.77
C VAL FA 103 -25.98 1.51 -74.70
N LEU GA 121 -30.74 5.76 -72.37
CA LEU GA 121 -29.80 6.60 -71.65
C LEU GA 121 -30.22 6.77 -70.20
N ASP GA 122 -30.76 5.70 -69.62
CA ASP GA 122 -31.14 5.73 -68.20
C ASP GA 122 -29.89 5.69 -67.32
N ASN GA 123 -28.78 5.22 -67.86
CA ASN GA 123 -27.52 5.20 -67.13
C ASN GA 123 -27.01 6.61 -66.89
N ILE GA 124 -27.08 7.48 -67.91
CA ILE GA 124 -26.67 8.86 -67.73
C ILE GA 124 -27.78 9.68 -67.06
N GLN GA 125 -29.02 9.19 -67.13
CA GLN GA 125 -30.14 9.89 -66.50
C GLN GA 125 -30.02 9.87 -64.99
N SER GA 126 -29.66 8.72 -64.42
CA SER GA 126 -29.24 8.71 -63.03
C SER GA 126 -27.82 9.24 -62.93
N ALA GA 127 -27.64 10.32 -62.18
CA ALA GA 127 -26.36 11.00 -62.14
C ALA GA 127 -25.38 10.26 -61.24
N ARG GA 128 -24.12 10.71 -61.23
CA ARG GA 128 -22.99 9.90 -60.81
C ARG GA 128 -22.20 10.54 -59.67
N PRO GA 129 -22.47 10.19 -58.42
CA PRO GA 129 -21.60 10.63 -57.33
C PRO GA 129 -20.51 9.62 -56.96
N PHE GA 130 -19.70 9.19 -57.92
CA PHE GA 130 -18.66 8.20 -57.62
C PHE GA 130 -17.57 8.77 -56.73
N ASP GA 131 -17.39 10.09 -56.74
CA ASP GA 131 -16.43 10.71 -55.84
C ASP GA 131 -16.95 10.72 -54.41
N GLU GA 132 -18.25 10.54 -54.22
CA GLU GA 132 -18.84 10.53 -52.89
C GLU GA 132 -19.84 9.38 -52.68
N LEU GA 133 -19.68 8.28 -53.40
CA LEU GA 133 -20.53 7.12 -53.15
C LEU GA 133 -20.05 6.38 -51.91
N THR GA 134 -21.00 5.96 -51.08
CA THR GA 134 -20.69 5.32 -49.80
C THR GA 134 -20.63 3.81 -49.98
N VAL GA 135 -19.72 3.15 -49.25
CA VAL GA 135 -19.67 1.70 -49.30
C VAL GA 135 -20.89 1.08 -48.63
N ASP GA 136 -21.52 1.82 -47.71
CA ASP GA 136 -22.78 1.38 -47.15
C ASP GA 136 -23.88 1.44 -48.20
N ASP GA 137 -23.78 2.38 -49.14
CA ASP GA 137 -24.74 2.45 -50.23
C ASP GA 137 -24.58 1.26 -51.18
N LEU GA 138 -23.34 0.83 -51.43
CA LEU GA 138 -23.13 -0.36 -52.24
C LEU GA 138 -23.58 -1.62 -51.53
N THR GA 139 -23.37 -1.67 -50.21
CA THR GA 139 -23.84 -2.82 -49.43
C THR GA 139 -25.36 -2.87 -49.42
N LYS GA 140 -26.01 -1.70 -49.41
CA LYS GA 140 -27.47 -1.64 -49.44
C LYS GA 140 -28.00 -2.03 -50.82
N ILE GA 141 -27.37 -1.56 -51.89
CA ILE GA 141 -27.85 -1.92 -53.21
C ILE GA 141 -27.39 -3.32 -53.61
N LYS GA 142 -26.25 -3.78 -53.08
CA LYS GA 142 -25.76 -5.12 -53.38
C LYS GA 142 -25.43 -5.83 -52.07
N PRO GA 143 -26.27 -6.75 -51.63
CA PRO GA 143 -25.84 -7.69 -50.58
C PRO GA 143 -24.86 -8.73 -51.09
N GLU GA 144 -24.71 -8.85 -52.41
CA GLU GA 144 -23.74 -9.77 -53.00
C GLU GA 144 -22.32 -9.35 -52.64
N ILE GA 145 -22.08 -8.05 -52.52
CA ILE GA 145 -20.77 -7.57 -52.08
C ILE GA 145 -20.49 -8.02 -50.65
N ASP GA 146 -21.49 -7.91 -49.78
CA ASP GA 146 -21.32 -8.31 -48.39
C ASP GA 146 -21.12 -9.81 -48.27
N ALA GA 147 -21.86 -10.60 -49.06
CA ALA GA 147 -21.70 -12.04 -49.02
C ALA GA 147 -20.36 -12.49 -49.58
N LYS GA 148 -19.90 -11.84 -50.65
CA LYS GA 148 -18.62 -12.19 -51.25
C LYS GA 148 -17.47 -11.84 -50.31
N VAL GA 149 -17.54 -10.67 -49.66
CA VAL GA 149 -16.52 -10.30 -48.69
C VAL GA 149 -16.55 -11.23 -47.49
N GLU GA 150 -17.75 -11.61 -47.03
CA GLU GA 150 -17.85 -12.47 -45.85
C GLU GA 150 -17.31 -13.87 -46.12
N GLU GA 151 -17.66 -14.46 -47.26
CA GLU GA 151 -17.12 -15.77 -47.60
C GLU GA 151 -15.63 -15.70 -47.91
N MET GA 152 -15.17 -14.58 -48.48
CA MET GA 152 -13.76 -14.40 -48.80
C MET GA 152 -12.94 -14.26 -47.52
N VAL GA 153 -13.54 -13.75 -46.47
CA VAL GA 153 -12.85 -13.69 -45.18
C VAL GA 153 -12.88 -15.06 -44.51
N LYS GA 154 -14.03 -15.75 -44.56
CA LYS GA 154 -14.19 -17.04 -43.90
C LYS GA 154 -13.22 -18.09 -44.47
N LYS GA 155 -13.09 -18.13 -45.79
CA LYS GA 155 -12.10 -19.05 -46.36
C LYS GA 155 -10.68 -18.57 -46.12
N GLY GA 156 -10.49 -17.26 -45.96
CA GLY GA 156 -9.21 -16.72 -45.57
C GLY GA 156 -8.47 -15.96 -46.63
N LYS GA 157 -9.03 -15.80 -47.83
CA LYS GA 157 -8.33 -15.12 -48.91
C LYS GA 157 -8.39 -13.62 -48.66
N TRP GA 158 -7.31 -13.07 -48.12
CA TRP GA 158 -7.19 -11.63 -48.00
C TRP GA 158 -6.75 -10.98 -49.30
N ASP GA 159 -6.27 -11.77 -50.25
CA ASP GA 159 -5.96 -11.28 -51.58
C ASP GA 159 -7.24 -10.87 -52.30
N VAL GA 160 -7.10 -9.92 -53.22
CA VAL GA 160 -8.20 -9.54 -54.09
C VAL GA 160 -7.81 -9.85 -55.52
N PRO GA 161 -8.49 -10.78 -56.19
CA PRO GA 161 -8.04 -11.25 -57.51
C PRO GA 161 -8.30 -10.21 -58.59
N GLY GA 162 -7.22 -9.80 -59.26
CA GLY GA 162 -7.33 -8.82 -60.32
C GLY GA 162 -7.36 -7.39 -59.85
N TYR GA 163 -6.93 -7.11 -58.62
CA TYR GA 163 -6.87 -5.74 -58.15
C TYR GA 163 -5.55 -5.08 -58.52
N LYS GA 164 -4.46 -5.85 -58.47
CA LYS GA 164 -3.14 -5.26 -58.49
C LYS GA 164 -2.76 -4.78 -59.90
N ASP GA 165 -3.41 -5.31 -60.92
CA ASP GA 165 -2.98 -5.01 -62.29
C ASP GA 165 -3.42 -3.62 -62.74
N ARG GA 166 -4.65 -3.21 -62.40
CA ARG GA 166 -5.10 -1.89 -62.83
C ARG GA 166 -4.92 -0.85 -61.73
N PHE GA 167 -4.84 -1.30 -60.48
CA PHE GA 167 -4.63 -0.41 -59.34
C PHE GA 167 -3.30 -0.76 -58.69
N GLY GA 168 -2.42 0.23 -58.57
CA GLY GA 168 -1.13 -0.02 -57.97
C GLY GA 168 -1.26 -0.31 -56.48
N ASN GA 169 -0.50 -1.31 -56.02
CA ASN GA 169 -0.66 -1.75 -54.64
C ASN GA 169 -0.08 -0.76 -53.64
N LEU GA 170 0.89 0.05 -54.06
CA LEU GA 170 1.65 1.01 -53.23
C LEU GA 170 2.17 0.42 -51.93
N ASN GA 171 2.66 -0.82 -52.00
CA ASN GA 171 3.55 -1.32 -50.96
C ASN GA 171 4.86 -0.56 -51.06
N VAL GA 172 5.53 -0.39 -49.93
CA VAL GA 172 6.86 0.23 -49.90
C VAL GA 172 7.81 -0.64 -50.70
N MET GA 173 7.81 -1.93 -50.39
CA MET GA 173 8.58 -2.92 -51.12
C MET GA 173 7.98 -4.32 -50.99
N UNK HA 1 -17.05 44.93 -12.48
CA UNK HA 1 -16.92 46.37 -12.70
C UNK HA 1 -15.67 46.91 -12.03
N UNK HA 2 -14.99 47.84 -12.73
CA UNK HA 2 -13.74 48.48 -12.30
C UNK HA 2 -12.67 47.45 -11.97
N UNK HA 3 -12.45 46.52 -12.91
CA UNK HA 3 -11.48 45.45 -12.68
C UNK HA 3 -10.05 45.96 -12.79
N UNK HA 4 -9.83 47.05 -13.51
CA UNK HA 4 -8.47 47.59 -13.67
C UNK HA 4 -7.95 48.16 -12.36
N UNK HA 5 -8.79 48.95 -11.68
CA UNK HA 5 -8.39 49.50 -10.39
C UNK HA 5 -8.27 48.42 -9.33
N UNK HA 6 -9.14 47.39 -9.40
CA UNK HA 6 -9.07 46.29 -8.45
C UNK HA 6 -7.79 45.47 -8.65
N UNK HA 7 -7.39 45.27 -9.90
CA UNK HA 7 -6.16 44.53 -10.17
C UNK HA 7 -4.92 45.34 -9.77
N UNK HA 8 -4.94 46.64 -10.08
CA UNK HA 8 -3.82 47.50 -9.69
C UNK HA 8 -3.76 47.72 -8.18
N UNK HA 9 -4.86 47.49 -7.47
CA UNK HA 9 -4.82 47.51 -6.01
C UNK HA 9 -4.35 46.18 -5.45
N UNK HA 10 -4.78 45.06 -6.05
CA UNK HA 10 -4.42 43.74 -5.55
C UNK HA 10 -2.97 43.38 -5.87
N UNK HA 11 -2.35 44.06 -6.84
CA UNK HA 11 -0.94 43.85 -7.10
C UNK HA 11 -0.08 44.27 -5.91
N UNK HA 12 -0.47 45.34 -5.23
CA UNK HA 12 0.30 45.84 -4.09
C UNK HA 12 0.25 44.88 -2.92
N UNK HA 13 -0.82 44.08 -2.82
CA UNK HA 13 -0.94 43.10 -1.74
C UNK HA 13 0.15 42.05 -1.82
N UNK HA 14 0.35 41.47 -3.01
CA UNK HA 14 1.45 40.53 -3.17
C UNK HA 14 2.79 41.23 -3.24
N UNK HA 15 2.81 42.52 -3.62
CA UNK HA 15 4.06 43.29 -3.59
C UNK HA 15 4.57 43.44 -2.16
N UNK HA 16 3.66 43.57 -1.20
CA UNK HA 16 4.07 43.58 0.20
C UNK HA 16 4.28 42.16 0.72
N UNK HA 17 3.48 41.19 0.25
CA UNK HA 17 3.55 39.83 0.78
C UNK HA 17 4.85 39.14 0.39
N UNK HA 18 5.34 39.37 -0.82
CA UNK HA 18 6.58 38.73 -1.23
C UNK HA 18 7.79 39.40 -0.59
N UNK HA 19 7.70 40.70 -0.32
CA UNK HA 19 8.74 41.36 0.46
C UNK HA 19 8.76 40.83 1.88
N UNK HA 20 7.59 40.55 2.44
CA UNK HA 20 7.50 39.92 3.77
C UNK HA 20 8.06 38.51 3.74
N UNK HA 21 7.80 37.76 2.67
CA UNK HA 21 8.33 36.41 2.53
C UNK HA 21 9.84 36.42 2.36
N UNK HA 22 10.37 37.44 1.67
CA UNK HA 22 11.81 37.57 1.51
C UNK HA 22 12.47 37.96 2.83
N UNK HA 23 11.81 38.81 3.62
CA UNK HA 23 12.32 39.14 4.94
C UNK HA 23 12.28 37.94 5.87
N UNK HA 24 11.24 37.10 5.76
CA UNK HA 24 11.17 35.89 6.55
C UNK HA 24 12.22 34.88 6.11
N UNK HA 25 12.53 34.86 4.81
CA UNK HA 25 13.60 33.98 4.32
C UNK HA 25 14.96 34.46 4.79
N UNK HA 26 15.18 35.77 4.84
CA UNK HA 26 16.42 36.30 5.40
C UNK HA 26 16.52 36.04 6.90
N UNK HA 27 15.38 36.08 7.61
CA UNK HA 27 15.38 35.77 9.03
C UNK HA 27 15.68 34.29 9.27
N UNK HA 28 15.12 33.41 8.44
CA UNK HA 28 15.44 31.99 8.53
C UNK HA 28 16.89 31.72 8.14
N UNK HA 29 17.44 32.53 7.23
CA UNK HA 29 18.85 32.40 6.87
C UNK HA 29 19.74 32.80 8.04
N UNK HA 30 19.39 33.88 8.75
CA UNK HA 30 20.15 34.28 9.92
C UNK HA 30 20.01 33.27 11.06
N UNK HA 31 18.82 32.66 11.19
CA UNK HA 31 18.62 31.64 12.21
C UNK HA 31 19.40 30.38 11.89
N UNK HA 32 19.48 30.01 10.60
CA UNK HA 32 20.29 28.86 10.20
C UNK HA 32 21.77 29.14 10.35
N UNK HA 33 22.20 30.38 10.13
CA UNK HA 33 23.59 30.75 10.34
C UNK HA 33 23.96 30.69 11.82
N UNK HA 34 23.05 31.16 12.69
CA UNK HA 34 23.28 31.05 14.13
C UNK HA 34 23.26 29.60 14.59
N UNK HA 35 22.41 28.76 14.00
CA UNK HA 35 22.35 27.35 14.37
C UNK HA 35 23.59 26.61 13.91
N UNK HA 36 24.13 26.97 12.76
CA UNK HA 36 25.35 26.33 12.27
C UNK HA 36 26.60 26.89 12.93
N UNK HA 37 26.54 28.10 13.49
CA UNK HA 37 27.68 28.66 14.21
C UNK HA 37 27.65 28.38 15.70
N UNK HA 38 26.51 27.91 16.23
CA UNK HA 38 26.45 27.57 17.64
C UNK HA 38 27.21 26.28 17.96
N UNK HA 39 27.33 25.39 16.99
CA UNK HA 39 28.01 24.12 17.23
C UNK HA 39 29.52 24.25 17.23
N UNK HA 40 30.06 25.21 16.47
CA UNK HA 40 31.50 25.31 16.29
C UNK HA 40 32.19 25.83 17.55
N UNK HA 41 31.61 26.87 18.17
CA UNK HA 41 32.16 27.39 19.42
C UNK HA 41 32.01 26.40 20.55
N UNK HA 42 30.92 25.62 20.56
CA UNK HA 42 30.75 24.56 21.55
C UNK HA 42 31.77 23.43 21.34
N UNK HA 43 32.09 23.09 20.09
CA UNK HA 43 33.10 22.09 19.83
C UNK HA 43 34.49 22.57 20.22
N UNK HA 44 34.77 23.86 19.99
CA UNK HA 44 36.06 24.42 20.41
C UNK HA 44 36.16 24.49 21.92
N UNK HA 45 35.05 24.78 22.61
CA UNK HA 45 35.04 24.79 24.06
C UNK HA 45 35.08 23.38 24.66
N UNK HA 46 34.61 22.37 23.92
CA UNK HA 46 34.74 21.00 24.38
C UNK HA 46 36.14 20.45 24.13
N UNK HA 47 36.81 20.91 23.07
CA UNK HA 47 38.18 20.48 22.81
C UNK HA 47 39.15 21.17 23.76
N UNK HA 48 39.01 22.48 23.95
CA UNK HA 48 39.90 23.20 24.84
C UNK HA 48 39.57 22.91 26.30
N UNK HA 49 38.35 23.20 26.72
CA UNK HA 49 37.92 22.97 28.09
C UNK HA 49 37.09 21.69 28.19
N PRO IA 19 -23.53 -8.19 -74.34
CA PRO IA 19 -24.76 -8.99 -74.32
C PRO IA 19 -25.76 -8.50 -73.27
N ASN IA 20 -26.52 -9.42 -72.70
CA ASN IA 20 -27.42 -9.09 -71.61
C ASN IA 20 -26.75 -9.14 -70.25
N ALA IA 21 -25.65 -9.90 -70.12
CA ALA IA 21 -25.00 -10.11 -68.84
C ALA IA 21 -24.35 -8.82 -68.33
N LYS IA 22 -23.98 -7.93 -69.23
CA LYS IA 22 -23.48 -6.62 -68.81
C LYS IA 22 -24.63 -5.65 -68.63
N ARG IA 23 -25.69 -5.78 -69.43
CA ARG IA 23 -26.78 -4.81 -69.46
C ARG IA 23 -27.66 -4.90 -68.21
N ILE IA 24 -28.16 -6.10 -67.90
CA ILE IA 24 -28.98 -6.25 -66.71
C ILE IA 24 -28.12 -6.25 -65.45
N ALA IA 25 -26.80 -6.18 -65.59
CA ALA IA 25 -25.96 -5.77 -64.48
C ALA IA 25 -25.96 -4.26 -64.31
N ASN IA 26 -25.64 -3.52 -65.38
CA ASN IA 26 -25.22 -2.13 -65.19
C ASN IA 26 -26.42 -1.19 -65.01
N VAL IA 27 -27.50 -1.41 -65.76
CA VAL IA 27 -28.64 -0.49 -65.57
C VAL IA 27 -29.37 -0.81 -64.26
N VAL IA 28 -29.34 -2.08 -63.85
CA VAL IA 28 -29.96 -2.47 -62.59
C VAL IA 28 -29.09 -2.00 -61.42
N HIS IA 29 -27.79 -1.87 -61.64
CA HIS IA 29 -26.96 -1.21 -60.65
C HIS IA 29 -27.20 0.29 -60.63
N PHE IA 30 -27.51 0.88 -61.79
CA PHE IA 30 -27.49 2.33 -61.90
C PHE IA 30 -28.80 2.98 -61.45
N TYR IA 31 -29.91 2.22 -61.45
CA TYR IA 31 -31.19 2.92 -61.22
C TYR IA 31 -31.35 3.40 -59.79
N LYS IA 32 -30.81 2.67 -58.81
CA LYS IA 32 -30.88 3.16 -57.44
C LYS IA 32 -29.55 3.75 -56.98
N SER IA 33 -28.63 4.02 -57.91
CA SER IA 33 -27.53 4.91 -57.59
C SER IA 33 -28.09 6.32 -57.37
N LEU IA 34 -27.90 6.85 -56.16
CA LEU IA 34 -28.55 8.08 -55.76
C LEU IA 34 -27.99 9.26 -56.57
N PRO IA 35 -28.85 10.04 -57.26
CA PRO IA 35 -28.37 10.88 -58.37
C PRO IA 35 -27.45 12.06 -58.02
N GLN IA 36 -27.89 12.98 -57.19
CA GLN IA 36 -27.16 14.24 -57.02
C GLN IA 36 -26.19 14.22 -55.84
N GLY IA 37 -25.69 13.05 -55.47
CA GLY IA 37 -24.97 12.90 -54.23
C GLY IA 37 -25.93 13.10 -53.08
N PRO IA 38 -27.12 12.49 -53.20
CA PRO IA 38 -28.20 12.75 -52.23
C PRO IA 38 -27.93 12.15 -50.86
N ALA IA 39 -28.70 12.60 -49.86
CA ALA IA 39 -28.38 12.45 -48.45
C ALA IA 39 -26.94 12.89 -48.16
N PRO IA 40 -26.62 14.17 -48.37
CA PRO IA 40 -25.21 14.60 -48.27
C PRO IA 40 -24.66 14.52 -46.85
N ALA IA 41 -25.33 15.15 -45.89
CA ALA IA 41 -24.94 15.21 -44.47
C ALA IA 41 -23.50 15.71 -44.31
N ILE IA 42 -23.31 16.97 -44.71
CA ILE IA 42 -21.96 17.53 -44.81
C ILE IA 42 -21.36 17.76 -43.44
N LYS IA 43 -22.20 17.94 -42.42
CA LYS IA 43 -21.70 18.16 -41.07
C LYS IA 43 -22.73 17.64 -40.07
N ALA IA 44 -22.35 17.69 -38.80
CA ALA IA 44 -23.20 17.30 -37.68
C ALA IA 44 -22.67 18.03 -36.44
N ASN IA 45 -23.14 17.61 -35.27
CA ASN IA 45 -22.74 18.24 -34.01
C ASN IA 45 -22.59 17.15 -32.95
N THR IA 46 -21.36 16.67 -32.77
CA THR IA 46 -21.08 15.70 -31.73
C THR IA 46 -19.75 15.95 -31.04
N ARG IA 47 -19.17 17.14 -31.24
CA ARG IA 47 -17.92 17.66 -30.66
C ARG IA 47 -16.67 16.99 -31.22
N LEU IA 48 -16.85 15.97 -32.07
CA LEU IA 48 -15.76 15.34 -32.81
C LEU IA 48 -16.01 15.28 -34.30
N ALA IA 49 -17.27 15.30 -34.72
CA ALA IA 49 -17.56 15.40 -36.15
C ALA IA 49 -17.15 16.77 -36.67
N ARG IA 50 -17.24 17.80 -35.83
CA ARG IA 50 -16.66 19.08 -36.18
C ARG IA 50 -15.13 19.03 -36.15
N TYR IA 51 -14.57 18.15 -35.31
CA TYR IA 51 -13.13 17.93 -35.32
C TYR IA 51 -12.71 17.06 -36.50
N LYS IA 52 -13.59 16.17 -36.96
CA LYS IA 52 -13.28 15.32 -38.09
C LYS IA 52 -13.44 16.07 -39.40
N ALA IA 53 -14.35 17.04 -39.46
CA ALA IA 53 -14.57 17.77 -40.71
C ALA IA 53 -13.46 18.76 -40.97
N LYS IA 54 -12.94 19.39 -39.93
CA LYS IA 54 -11.95 20.44 -40.11
C LYS IA 54 -10.57 19.87 -40.42
N TYR IA 55 -10.26 18.67 -39.97
CA TYR IA 55 -8.91 18.13 -40.07
C TYR IA 55 -8.81 16.87 -40.91
N PHE IA 56 -9.82 16.00 -40.87
CA PHE IA 56 -9.68 14.64 -41.36
C PHE IA 56 -10.48 14.31 -42.60
N ASP IA 57 -11.49 15.09 -42.93
CA ASP IA 57 -12.35 14.73 -44.05
C ASP IA 57 -11.72 15.13 -45.38
N GLY IA 58 -12.54 15.11 -46.43
CA GLY IA 58 -12.16 15.04 -47.84
C GLY IA 58 -11.00 15.84 -48.37
N ASP IA 59 -11.07 17.16 -48.33
CA ASP IA 59 -10.03 17.99 -48.92
C ASP IA 59 -9.18 18.68 -47.87
N ASN IA 60 -9.58 18.67 -46.59
CA ASN IA 60 -8.72 19.26 -45.58
C ASN IA 60 -7.51 18.36 -45.33
N ALA IA 61 -7.75 17.19 -44.74
CA ALA IA 61 -6.87 16.02 -44.72
C ALA IA 61 -5.47 16.29 -44.13
N SER IA 62 -5.23 17.43 -43.50
CA SER IA 62 -3.86 17.80 -43.17
C SER IA 62 -3.38 17.07 -41.93
N GLY IA 63 -2.06 17.03 -41.78
CA GLY IA 63 -1.39 16.31 -40.72
C GLY IA 63 -1.14 17.09 -39.46
N LYS IA 64 -1.79 18.24 -39.30
CA LYS IA 64 -1.78 18.94 -38.02
C LYS IA 64 -2.28 18.16 -36.79
N PRO IA 65 -3.22 17.19 -36.87
CA PRO IA 65 -3.52 16.39 -35.67
C PRO IA 65 -2.37 15.58 -35.12
N LEU IA 66 -1.38 15.25 -35.93
CA LEU IA 66 -0.16 14.68 -35.38
C LEU IA 66 0.54 15.69 -34.48
N TRP IA 67 0.51 16.96 -34.85
CA TRP IA 67 1.13 17.97 -34.01
C TRP IA 67 0.31 18.23 -32.75
N HIS IA 68 -1.03 18.19 -32.87
CA HIS IA 68 -1.89 18.29 -31.70
C HIS IA 68 -1.64 17.14 -30.72
N PHE IA 69 -1.53 15.92 -31.26
CA PHE IA 69 -1.33 14.74 -30.45
C PHE IA 69 0.03 14.74 -29.78
N ALA IA 70 1.06 15.14 -30.52
CA ALA IA 70 2.40 15.21 -29.96
C ALA IA 70 2.48 16.26 -28.87
N LEU IA 71 1.80 17.39 -29.06
CA LEU IA 71 1.76 18.42 -28.03
C LEU IA 71 0.99 17.93 -26.81
N GLY IA 72 -0.03 17.09 -27.02
CA GLY IA 72 -0.76 16.52 -25.90
C GLY IA 72 0.09 15.61 -25.05
N ILE IA 73 0.86 14.73 -25.69
CA ILE IA 73 1.72 13.82 -24.92
C ILE IA 73 2.87 14.59 -24.27
N ILE IA 74 3.39 15.62 -24.93
CA ILE IA 74 4.43 16.45 -24.32
C ILE IA 74 3.93 17.13 -23.06
N ALA IA 75 2.71 17.70 -23.13
CA ALA IA 75 2.15 18.37 -21.97
C ALA IA 75 1.83 17.39 -20.84
N PHE IA 76 1.25 16.24 -21.19
CA PHE IA 76 0.85 15.27 -20.18
C PHE IA 76 2.06 14.65 -19.48
N GLY IA 77 3.06 14.25 -20.28
CA GLY IA 77 4.26 13.70 -19.71
C GLY IA 77 5.06 14.71 -18.93
N TYR IA 78 5.01 15.99 -19.32
CA TYR IA 78 5.73 16.99 -18.54
C TYR IA 78 5.04 17.26 -17.22
N SER IA 79 3.71 17.26 -17.22
CA SER IA 79 2.98 17.43 -15.96
C SER IA 79 3.28 16.28 -15.00
N MET IA 80 3.29 15.06 -15.52
CA MET IA 80 3.56 13.89 -14.68
C MET IA 80 4.99 13.89 -14.17
N GLU IA 81 5.95 14.24 -15.03
CA GLU IA 81 7.35 14.26 -14.61
C GLU IA 81 7.61 15.37 -13.61
N TYR IA 82 6.94 16.51 -13.78
CA TYR IA 82 7.10 17.61 -12.83
C TYR IA 82 6.47 17.28 -11.49
N TYR IA 83 5.35 16.55 -11.52
CA TYR IA 83 4.66 16.24 -10.28
C TYR IA 83 5.39 15.15 -9.50
N PHE IA 84 6.09 14.26 -10.20
CA PHE IA 84 6.74 13.18 -9.47
C PHE IA 84 8.18 13.52 -9.09
N HIS IA 85 8.97 14.04 -10.03
CA HIS IA 85 10.40 14.17 -9.79
C HIS IA 85 10.85 15.60 -9.57
N LEU IA 86 10.06 16.58 -9.99
CA LEU IA 86 10.51 17.97 -9.93
C LEU IA 86 9.61 18.85 -9.07
N UNK JA 1 40.21 28.02 -55.98
CA UNK JA 1 39.07 28.29 -55.12
C UNK JA 1 37.78 27.88 -55.81
N UNK JA 2 37.45 26.58 -55.75
CA UNK JA 2 36.24 26.08 -56.38
C UNK JA 2 35.00 26.54 -55.63
N UNK JA 3 34.88 26.14 -54.37
CA UNK JA 3 33.84 26.64 -53.49
C UNK JA 3 34.34 27.72 -52.53
N UNK JA 4 35.64 27.96 -52.49
CA UNK JA 4 36.19 28.98 -51.61
C UNK JA 4 36.02 30.39 -52.16
N UNK JA 5 35.80 30.53 -53.48
CA UNK JA 5 35.53 31.85 -54.03
C UNK JA 5 34.14 32.34 -53.62
N UNK JA 6 33.14 31.47 -53.73
CA UNK JA 6 31.80 31.82 -53.26
C UNK JA 6 31.76 31.92 -51.73
N UNK JA 7 32.60 31.14 -51.03
CA UNK JA 7 32.69 31.27 -49.58
C UNK JA 7 33.32 32.59 -49.17
N UNK JA 8 34.31 33.06 -49.93
CA UNK JA 8 34.90 34.36 -49.65
C UNK JA 8 33.97 35.51 -50.04
N UNK JA 9 33.18 35.33 -51.09
CA UNK JA 9 32.15 36.31 -51.43
C UNK JA 9 31.07 36.37 -50.34
N UNK JA 10 30.72 35.21 -49.77
CA UNK JA 10 29.79 35.19 -48.64
C UNK JA 10 30.42 35.76 -47.38
N UNK JA 11 31.73 35.62 -47.21
CA UNK JA 11 32.40 36.22 -46.06
C UNK JA 11 32.51 37.74 -46.19
N UNK JA 12 32.66 38.24 -47.41
CA UNK JA 12 32.61 39.69 -47.63
C UNK JA 12 31.19 40.22 -47.52
N UNK JA 13 30.19 39.43 -47.92
CA UNK JA 13 28.78 39.78 -47.76
C UNK JA 13 28.27 39.49 -46.36
N UNK JA 14 29.09 38.91 -45.49
CA UNK JA 14 28.72 38.74 -44.09
C UNK JA 14 28.62 40.07 -43.36
N UNK JA 15 29.30 41.11 -43.83
CA UNK JA 15 29.06 42.46 -43.31
C UNK JA 15 27.66 42.93 -43.65
N UNK JA 16 27.19 42.64 -44.87
CA UNK JA 16 25.81 42.93 -45.22
C UNK JA 16 24.84 42.02 -44.48
N UNK JA 17 25.26 40.81 -44.15
CA UNK JA 17 24.42 39.92 -43.34
C UNK JA 17 24.28 40.44 -41.91
N UNK JA 18 25.35 40.98 -41.35
CA UNK JA 18 25.28 41.61 -40.02
C UNK JA 18 24.49 42.90 -40.07
N UNK JA 19 24.56 43.63 -41.19
CA UNK JA 19 23.70 44.80 -41.37
C UNK JA 19 22.24 44.39 -41.48
N UNK JA 20 21.97 43.23 -42.10
CA UNK JA 20 20.61 42.70 -42.16
C UNK JA 20 20.12 42.24 -40.80
N UNK JA 21 21.05 41.71 -39.98
CA UNK JA 21 20.69 41.32 -38.62
C UNK JA 21 20.40 42.55 -37.75
N UNK JA 22 21.17 43.63 -37.95
CA UNK JA 22 20.88 44.88 -37.25
C UNK JA 22 19.57 45.50 -37.74
N UNK JA 23 19.26 45.32 -39.04
CA UNK JA 23 17.98 45.78 -39.57
C UNK JA 23 16.82 44.97 -39.00
N UNK JA 24 17.00 43.67 -38.82
CA UNK JA 24 15.98 42.84 -38.19
C UNK JA 24 15.81 43.19 -36.71
N UNK JA 25 16.90 43.61 -36.06
CA UNK JA 25 16.82 44.03 -34.66
C UNK JA 25 16.16 45.40 -34.53
N UNK JA 26 16.33 46.27 -35.53
CA UNK JA 26 15.73 47.60 -35.49
C UNK JA 26 14.32 47.62 -36.06
N UNK JA 27 13.90 46.57 -36.78
CA UNK JA 27 12.56 46.53 -37.36
C UNK JA 27 11.49 46.39 -36.28
N UNK JA 28 11.60 45.35 -35.45
CA UNK JA 28 10.63 45.11 -34.40
C UNK JA 28 10.89 45.94 -33.15
N UNK JA 29 11.99 46.72 -33.13
CA UNK JA 29 12.32 47.53 -31.96
C UNK JA 29 11.29 48.63 -31.72
N UNK JA 30 10.93 49.34 -32.78
CA UNK JA 30 9.84 50.31 -32.67
C UNK JA 30 8.48 49.64 -32.63
N UNK JA 31 8.35 48.45 -33.21
CA UNK JA 31 7.06 47.77 -33.25
C UNK JA 31 6.65 47.26 -31.87
N UNK JA 32 7.62 46.87 -31.04
CA UNK JA 32 7.31 46.42 -29.68
C UNK JA 32 6.79 47.57 -28.83
N UNK JA 33 7.46 48.73 -28.91
CA UNK JA 33 6.99 49.90 -28.18
C UNK JA 33 5.71 50.47 -28.78
N UNK JA 34 5.44 50.21 -30.06
CA UNK JA 34 4.17 50.63 -30.64
C UNK JA 34 3.02 49.75 -30.17
N UNK JA 35 3.25 48.43 -30.11
CA UNK JA 35 2.21 47.52 -29.63
C UNK JA 35 2.00 47.64 -28.13
N UNK JA 36 3.04 48.05 -27.40
CA UNK JA 36 2.90 48.22 -25.97
C UNK JA 36 2.13 49.47 -25.58
N UNK JA 37 1.97 50.43 -26.50
CA UNK JA 37 1.46 51.76 -26.15
C UNK JA 37 -0.02 51.71 -25.77
N UNK JA 38 -0.85 51.16 -26.66
CA UNK JA 38 -2.28 51.11 -26.39
C UNK JA 38 -2.62 50.15 -25.26
N UNK JA 39 -1.83 49.07 -25.12
CA UNK JA 39 -2.05 48.13 -24.02
C UNK JA 39 -1.70 48.77 -22.68
N UNK JA 40 -0.60 49.52 -22.63
CA UNK JA 40 -0.24 50.19 -21.38
C UNK JA 40 -1.18 51.34 -21.07
N UNK JA 41 -1.72 51.99 -22.10
CA UNK JA 41 -2.71 53.05 -21.89
C UNK JA 41 -4.02 52.48 -21.39
N UNK JA 42 -4.41 51.30 -21.86
CA UNK JA 42 -5.56 50.60 -21.31
C UNK JA 42 -5.28 50.14 -19.88
N UNK JA 43 -4.03 49.80 -19.58
CA UNK JA 43 -3.65 49.47 -18.21
C UNK JA 43 -3.32 50.70 -17.39
N UNK JA 44 -3.25 51.88 -18.01
CA UNK JA 44 -2.92 53.10 -17.27
C UNK JA 44 -4.10 53.54 -16.41
N UNK JA 45 -3.83 53.76 -15.13
CA UNK JA 45 -4.81 54.37 -14.23
C UNK JA 45 -4.78 55.87 -14.46
N UNK JA 46 -5.80 56.40 -15.13
CA UNK JA 46 -5.84 57.83 -15.46
C UNK JA 46 -6.12 58.66 -14.22
N UNK JA 47 -7.29 58.45 -13.60
CA UNK JA 47 -7.66 59.11 -12.35
C UNK JA 47 -8.23 58.02 -11.44
N UNK JA 48 -7.35 57.40 -10.66
CA UNK JA 48 -7.73 56.29 -9.81
C UNK JA 48 -7.88 56.68 -8.35
N UNK JA 49 -7.78 57.97 -8.03
CA UNK JA 49 -7.94 58.41 -6.64
C UNK JA 49 -9.40 58.28 -6.21
N UNK JA 50 -10.29 58.98 -6.91
CA UNK JA 50 -11.72 58.93 -6.60
C UNK JA 50 -12.42 57.76 -7.28
N UNK JA 51 -11.72 57.01 -8.14
CA UNK JA 51 -12.34 55.90 -8.84
C UNK JA 51 -12.58 54.73 -7.89
N UNK JA 52 -11.51 54.19 -7.30
CA UNK JA 52 -11.64 53.05 -6.42
C UNK JA 52 -12.13 53.45 -5.02
N UNK JA 53 -12.10 54.74 -4.69
CA UNK JA 53 -12.52 55.19 -3.35
C UNK JA 53 -14.01 54.97 -3.14
N UNK JA 54 -14.83 55.45 -4.07
CA UNK JA 54 -16.26 55.15 -4.02
C UNK JA 54 -16.57 53.74 -4.46
N UNK JA 55 -15.68 53.11 -5.24
CA UNK JA 55 -15.90 51.73 -5.65
C UNK JA 55 -15.73 50.77 -4.49
N UNK JA 56 -14.93 51.13 -3.49
CA UNK JA 56 -14.85 50.33 -2.26
C UNK JA 56 -16.18 50.37 -1.51
N UNK JA 57 -16.83 51.54 -1.49
CA UNK JA 57 -18.15 51.63 -0.87
C UNK JA 57 -19.20 50.90 -1.69
N UNK JA 58 -19.06 50.92 -3.03
CA UNK JA 58 -19.97 50.17 -3.88
C UNK JA 58 -19.82 48.68 -3.68
N UNK JA 59 -18.58 48.21 -3.49
CA UNK JA 59 -18.33 46.80 -3.19
C UNK JA 59 -18.82 46.44 -1.79
N UNK JA 60 -18.73 47.38 -0.84
CA UNK JA 60 -19.27 47.13 0.49
C UNK JA 60 -20.79 47.03 0.48
N UNK JA 61 -21.45 47.88 -0.33
CA UNK JA 61 -22.90 47.80 -0.47
C UNK JA 61 -23.31 46.53 -1.21
N UNK JA 62 -22.52 46.12 -2.21
CA UNK JA 62 -22.81 44.87 -2.91
C UNK JA 62 -22.61 43.67 -2.00
N UNK JA 63 -21.62 43.73 -1.11
CA UNK JA 63 -21.41 42.64 -0.16
C UNK JA 63 -22.50 42.62 0.91
N UNK JA 64 -23.03 43.79 1.27
CA UNK JA 64 -24.15 43.83 2.18
C UNK JA 64 -25.43 43.30 1.53
N UNK JA 65 -25.59 43.55 0.23
CA UNK JA 65 -26.72 42.99 -0.50
C UNK JA 65 -26.49 41.53 -0.88
N UNK JA 66 -25.26 41.03 -0.77
CA UNK JA 66 -24.95 39.67 -1.16
C UNK JA 66 -25.57 38.65 -0.21
N UNK JA 67 -25.87 39.05 1.03
CA UNK JA 67 -26.51 38.15 1.99
C UNK JA 67 -27.92 37.78 1.56
N UNK JA 68 -28.59 38.63 0.79
CA UNK JA 68 -29.86 38.30 0.17
C UNK JA 68 -29.71 37.87 -1.29
N UNK JA 69 -28.64 38.29 -1.97
CA UNK JA 69 -28.46 37.94 -3.37
C UNK JA 69 -28.05 36.48 -3.53
N UNK JA 70 -27.22 35.97 -2.61
CA UNK JA 70 -26.83 34.56 -2.66
C UNK JA 70 -27.98 33.66 -2.24
N UNK JA 71 -28.82 34.13 -1.32
CA UNK JA 71 -30.00 33.38 -0.93
C UNK JA 71 -31.11 33.48 -1.98
N UNK JA 72 -31.07 34.49 -2.84
CA UNK JA 72 -32.07 34.66 -3.89
C UNK JA 72 -31.56 34.26 -5.27
N UNK JA 73 -30.27 33.96 -5.40
CA UNK JA 73 -29.60 33.56 -6.67
C UNK JA 73 -29.78 34.61 -7.75
N UNK JA 74 -29.43 35.86 -7.43
CA UNK JA 74 -29.51 36.94 -8.40
C UNK JA 74 -28.40 36.88 -9.44
N UNK JA 75 -27.29 36.18 -9.13
CA UNK JA 75 -26.20 36.04 -10.08
C UNK JA 75 -26.31 34.77 -10.91
N UNK JA 76 -26.87 33.70 -10.33
CA UNK JA 76 -26.99 32.44 -11.05
C UNK JA 76 -28.12 32.48 -12.08
N UNK JA 77 -29.08 33.38 -11.89
CA UNK JA 77 -30.19 33.49 -12.84
C UNK JA 77 -29.78 34.20 -14.13
N UNK JA 78 -28.63 34.87 -14.14
CA UNK JA 78 -28.11 35.51 -15.34
C UNK JA 78 -27.00 34.72 -16.00
N UNK JA 79 -26.56 33.61 -15.39
CA UNK JA 79 -25.49 32.80 -15.92
C UNK JA 79 -25.99 31.54 -16.63
N UNK JA 80 -27.16 31.61 -17.25
CA UNK JA 80 -27.69 30.44 -17.94
C UNK JA 80 -27.18 30.34 -19.37
N UNK JA 81 -26.80 31.49 -19.96
CA UNK JA 81 -25.72 31.53 -20.97
C UNK JA 81 -24.37 31.18 -20.36
N UNK JA 82 -23.50 30.59 -21.18
CA UNK JA 82 -22.15 30.23 -20.78
C UNK JA 82 -21.10 31.21 -21.31
N UNK JA 83 -21.53 32.38 -21.80
CA UNK JA 83 -20.61 33.32 -22.41
C UNK JA 83 -20.00 34.27 -21.38
N UNK JA 84 -20.73 34.55 -20.30
CA UNK JA 84 -20.22 35.44 -19.26
C UNK JA 84 -19.16 34.77 -18.39
N UNK JA 85 -19.05 33.44 -18.46
CA UNK JA 85 -18.02 32.73 -17.71
C UNK JA 85 -16.63 33.06 -18.24
N UNK JA 86 -16.52 33.37 -19.54
CA UNK JA 86 -15.25 33.81 -20.10
C UNK JA 86 -14.82 35.14 -19.53
N UNK JA 87 -15.76 36.08 -19.40
CA UNK JA 87 -15.45 37.35 -18.75
C UNK JA 87 -15.22 37.19 -17.25
N UNK JA 88 -15.81 36.17 -16.63
CA UNK JA 88 -15.56 35.93 -15.21
C UNK JA 88 -14.20 35.29 -14.98
N UNK JA 89 -13.70 34.53 -15.94
CA UNK JA 89 -12.42 33.83 -15.80
C UNK JA 89 -11.25 34.56 -16.43
N UNK JA 90 -11.50 35.60 -17.23
CA UNK JA 90 -10.40 36.30 -17.89
C UNK JA 90 -9.58 37.13 -16.91
N UNK JA 91 -10.25 37.89 -16.04
CA UNK JA 91 -9.56 38.79 -15.15
C UNK JA 91 -8.88 38.07 -13.98
N UNK JA 92 -9.23 36.82 -13.71
CA UNK JA 92 -8.67 36.12 -12.56
C UNK JA 92 -7.20 35.78 -12.79
N UNK JA 93 -6.88 35.28 -13.98
CA UNK JA 93 -5.48 35.01 -14.33
C UNK JA 93 -4.68 36.29 -14.40
N UNK JA 94 -5.29 37.38 -14.89
CA UNK JA 94 -4.63 38.67 -14.93
C UNK JA 94 -4.32 39.19 -13.54
N UNK JA 95 -5.24 39.00 -12.59
CA UNK JA 95 -5.05 39.44 -11.22
C UNK JA 95 -3.96 38.62 -10.52
N UNK JA 96 -4.03 37.29 -10.64
CA UNK JA 96 -3.04 36.43 -9.99
C UNK JA 96 -1.65 36.64 -10.58
N UNK JA 97 -1.58 36.90 -11.88
CA UNK JA 97 -0.28 37.06 -12.50
C UNK JA 97 0.28 38.45 -12.33
N UNK JA 98 -0.57 39.48 -12.20
CA UNK JA 98 -0.06 40.78 -11.83
C UNK JA 98 0.41 40.78 -10.38
N UNK JA 99 -0.25 39.98 -9.54
CA UNK JA 99 0.22 39.75 -8.18
C UNK JA 99 1.60 39.08 -8.19
N UNK JA 100 1.80 38.11 -9.09
CA UNK JA 100 3.11 37.48 -9.21
C UNK JA 100 4.15 38.44 -9.78
N UNK JA 101 3.71 39.33 -10.69
CA UNK JA 101 4.63 40.29 -11.31
C UNK JA 101 5.12 41.31 -10.29
N UNK JA 102 4.22 41.77 -9.42
CA UNK JA 102 4.66 42.64 -8.32
C UNK JA 102 5.41 41.84 -7.26
N UNK JA 103 5.11 40.54 -7.15
CA UNK JA 103 5.82 39.69 -6.20
C UNK JA 103 7.26 39.43 -6.62
N UNK JA 104 7.55 39.57 -7.91
CA UNK JA 104 8.91 39.40 -8.41
C UNK JA 104 9.85 40.53 -8.02
N UNK JA 105 9.39 41.56 -7.29
CA UNK JA 105 10.24 42.70 -6.96
C UNK JA 105 11.26 42.40 -5.87
N UNK JA 106 11.20 41.23 -5.25
CA UNK JA 106 12.14 40.87 -4.20
C UNK JA 106 13.52 40.55 -4.79
N MET KA 1 -21.43 2.89 -39.43
CA MET KA 1 -20.19 2.97 -38.66
C MET KA 1 -19.24 1.86 -39.12
N LEU KA 2 -19.36 0.69 -38.49
CA LEU KA 2 -18.54 -0.48 -38.78
C LEU KA 2 -19.43 -1.70 -38.69
N LYS KA 3 -19.39 -2.55 -39.71
CA LYS KA 3 -20.17 -3.78 -39.70
C LYS KA 3 -19.24 -4.92 -39.30
N ARG KA 4 -19.53 -5.53 -38.15
CA ARG KA 4 -18.72 -6.64 -37.66
C ARG KA 4 -18.86 -7.85 -38.56
N PHE KA 5 -17.73 -8.40 -38.99
CA PHE KA 5 -17.74 -9.60 -39.81
C PHE KA 5 -17.23 -10.76 -38.98
N PRO KA 6 -17.95 -11.89 -38.95
CA PRO KA 6 -17.52 -13.01 -38.10
C PRO KA 6 -16.36 -13.78 -38.69
N THR KA 7 -15.16 -13.31 -38.43
CA THR KA 7 -13.96 -13.97 -38.91
C THR KA 7 -13.59 -15.10 -37.95
N PRO KA 8 -13.11 -16.22 -38.45
CA PRO KA 8 -12.68 -17.29 -37.53
C PRO KA 8 -11.38 -16.97 -36.82
N ILE KA 9 -11.48 -16.61 -35.55
CA ILE KA 9 -10.30 -16.28 -34.75
C ILE KA 9 -10.12 -17.20 -33.57
N LEU KA 10 -10.82 -18.32 -33.51
CA LEU KA 10 -10.66 -19.28 -32.44
C LEU KA 10 -10.25 -20.66 -32.93
N LYS KA 11 -10.79 -21.12 -34.06
CA LYS KA 11 -10.39 -22.37 -34.68
C LYS KA 11 -9.14 -22.23 -35.54
N VAL KA 12 -8.41 -21.13 -35.38
CA VAL KA 12 -7.14 -20.87 -36.06
C VAL KA 12 -6.03 -20.60 -35.06
N TYR KA 13 -6.32 -19.84 -34.01
CA TYR KA 13 -5.32 -19.29 -33.11
C TYR KA 13 -5.34 -19.91 -31.72
N TRP KA 14 -5.87 -21.12 -31.57
CA TRP KA 14 -5.90 -21.73 -30.23
C TRP KA 14 -4.53 -22.01 -29.60
N PRO KA 15 -3.46 -22.46 -30.30
CA PRO KA 15 -2.22 -22.73 -29.55
C PRO KA 15 -1.55 -21.46 -29.07
N PHE KA 16 -1.79 -20.34 -29.75
CA PHE KA 16 -1.31 -19.05 -29.26
C PHE KA 16 -1.96 -18.71 -27.93
N PHE KA 17 -3.25 -18.99 -27.79
CA PHE KA 17 -3.95 -18.67 -26.55
C PHE KA 17 -3.57 -19.63 -25.44
N VAL KA 18 -3.39 -20.92 -25.77
CA VAL KA 18 -2.93 -21.90 -24.78
C VAL KA 18 -1.53 -21.55 -24.29
N ALA KA 19 -0.66 -21.14 -25.20
CA ALA KA 19 0.67 -20.68 -24.84
C ALA KA 19 0.61 -19.41 -24.01
N GLY KA 20 -0.36 -18.54 -24.30
CA GLY KA 20 -0.52 -17.33 -23.53
C GLY KA 20 -0.91 -17.62 -22.09
N ALA KA 21 -1.81 -18.57 -21.89
CA ALA KA 21 -2.18 -18.97 -20.55
C ALA KA 21 -1.02 -19.62 -19.82
N ALA KA 22 -0.22 -20.43 -20.54
CA ALA KA 22 0.90 -21.09 -19.91
C ALA KA 22 1.99 -20.11 -19.49
N VAL KA 23 2.27 -19.12 -20.34
CA VAL KA 23 3.28 -18.12 -20.01
C VAL KA 23 2.77 -17.20 -18.91
N TYR KA 24 1.46 -16.94 -18.89
CA TYR KA 24 0.83 -16.17 -17.82
C TYR KA 24 1.04 -16.85 -16.47
N TYR KA 25 0.78 -18.15 -16.42
CA TYR KA 25 0.94 -18.91 -15.18
C TYR KA 25 2.40 -19.00 -14.76
N GLY KA 26 3.30 -19.26 -15.72
CA GLY KA 26 4.71 -19.38 -15.40
C GLY KA 26 5.32 -18.07 -14.98
N MET KA 27 4.79 -16.96 -15.49
CA MET KA 27 5.31 -15.66 -15.07
C MET KA 27 4.71 -15.26 -13.73
N SER KA 28 3.51 -15.76 -13.42
CA SER KA 28 2.95 -15.57 -12.08
C SER KA 28 3.83 -16.22 -11.02
N LYS KA 29 4.22 -17.47 -11.24
CA LYS KA 29 5.10 -18.13 -10.28
C LYS KA 29 6.49 -17.51 -10.26
N ALA KA 30 6.96 -16.99 -11.40
CA ALA KA 30 8.26 -16.34 -11.43
C ALA KA 30 8.24 -15.01 -10.69
N ALA KA 31 7.12 -14.29 -10.78
CA ALA KA 31 6.98 -13.03 -10.06
C ALA KA 31 6.88 -13.27 -8.56
N ASP KA 32 6.17 -14.33 -8.15
CA ASP KA 32 6.09 -14.64 -6.74
C ASP KA 32 7.43 -15.12 -6.18
N LEU KA 33 8.23 -15.80 -7.01
CA LEU KA 33 9.55 -16.21 -6.55
C LEU KA 33 10.51 -15.04 -6.51
N SER KA 34 10.32 -14.05 -7.38
CA SER KA 34 11.25 -12.93 -7.41
C SER KA 34 10.89 -11.85 -6.40
N SER KA 35 9.63 -11.83 -5.95
CA SER KA 35 9.20 -10.77 -5.04
C SER KA 35 9.60 -11.04 -3.60
N ASN KA 36 10.28 -12.16 -3.33
CA ASN KA 36 10.73 -12.48 -1.98
C ASN KA 36 12.24 -12.52 -1.85
N THR KA 37 12.96 -11.86 -2.75
CA THR KA 37 14.42 -11.89 -2.69
C THR KA 37 14.93 -10.92 -1.63
N LYS KA 38 16.25 -10.92 -1.45
CA LYS KA 38 16.88 -10.07 -0.44
C LYS KA 38 16.79 -8.60 -0.82
N GLU KA 39 16.93 -8.29 -2.11
CA GLU KA 39 16.87 -6.91 -2.55
C GLU KA 39 15.46 -6.35 -2.45
N PHE KA 40 14.47 -7.16 -2.79
CA PHE KA 40 13.08 -6.71 -2.82
C PHE KA 40 12.28 -7.52 -1.82
N ILE KA 41 12.39 -7.16 -0.55
CA ILE KA 41 11.52 -7.71 0.48
C ILE KA 41 11.09 -6.54 1.34
N ASN KA 42 11.76 -5.42 1.15
CA ASN KA 42 11.46 -4.17 1.84
C ASN KA 42 11.14 -3.05 0.87
N ASP KA 43 10.61 -3.36 -0.28
CA ASP KA 43 10.04 -2.33 -1.12
C ASP KA 43 8.55 -2.25 -0.82
N PRO KA 44 8.06 -1.14 -0.27
CA PRO KA 44 6.72 -1.16 0.35
C PRO KA 44 5.56 -1.23 -0.60
N ARG KA 45 5.79 -1.31 -1.91
CA ARG KA 45 4.65 -1.34 -2.83
C ARG KA 45 4.35 -2.75 -3.33
N ASN KA 46 5.01 -3.76 -2.77
CA ASN KA 46 4.68 -5.12 -3.14
C ASN KA 46 3.36 -5.54 -2.51
N PRO KA 47 2.62 -6.47 -3.10
CA PRO KA 47 1.30 -6.83 -2.55
C PRO KA 47 1.33 -7.72 -1.33
N ARG KA 48 2.49 -7.95 -0.71
CA ARG KA 48 2.48 -8.67 0.57
C ARG KA 48 1.86 -7.81 1.66
N PHE KA 49 2.18 -6.52 1.68
CA PHE KA 49 1.80 -5.66 2.80
C PHE KA 49 0.33 -5.34 2.81
N ALA KA 50 -0.33 -5.41 1.65
CA ALA KA 50 -1.76 -5.13 1.59
C ALA KA 50 -2.60 -6.24 2.19
N LYS KA 51 -2.03 -7.42 2.42
CA LYS KA 51 -2.75 -8.51 3.07
C LYS KA 51 -1.90 -9.10 4.19
N GLY KA 52 -2.18 -8.69 5.42
CA GLY KA 52 -1.58 -9.33 6.57
C GLY KA 52 -0.14 -8.93 6.85
N GLY KA 53 0.78 -9.85 6.56
CA GLY KA 53 2.16 -9.85 7.00
C GLY KA 53 2.97 -8.58 6.84
N LYS KA 54 3.93 -8.36 7.73
CA LYS KA 54 4.68 -7.12 7.79
C LYS KA 54 6.11 -7.44 8.21
N PHE KA 55 7.07 -7.05 7.36
CA PHE KA 55 8.45 -6.75 7.75
C PHE KA 55 9.18 -7.93 8.40
N VAL KA 56 9.52 -8.89 7.56
CA VAL KA 56 10.52 -9.89 7.94
C VAL KA 56 11.79 -9.20 8.43
N GLU KA 57 12.42 -8.43 7.53
CA GLU KA 57 13.48 -7.45 7.86
C GLU KA 57 14.67 -8.05 8.62
N VAL KA 58 15.00 -9.30 8.30
CA VAL KA 58 16.14 -9.98 8.88
C VAL KA 58 17.01 -10.42 7.71
N ASP KA 59 18.05 -9.66 7.41
CA ASP KA 59 18.96 -9.96 6.32
C ASP KA 59 20.42 -9.83 6.76
N TYR LA 5 15.85 -39.71 -46.44
CA TYR LA 5 15.41 -41.10 -46.57
C TYR LA 5 16.62 -42.01 -46.48
N HIS LA 6 17.12 -42.18 -45.25
CA HIS LA 6 18.38 -42.85 -45.02
C HIS LA 6 18.21 -44.37 -45.13
N PHE LA 7 19.33 -45.09 -45.10
CA PHE LA 7 19.32 -46.55 -45.16
C PHE LA 7 20.47 -47.03 -44.27
N MET LA 8 20.16 -47.37 -43.02
CA MET LA 8 21.17 -47.78 -42.05
C MET LA 8 21.26 -49.30 -42.00
N GLY LA 9 22.38 -49.83 -42.50
CA GLY LA 9 22.65 -51.26 -42.45
C GLY LA 9 21.69 -52.10 -43.28
N LYS LA 10 21.22 -51.52 -44.39
CA LYS LA 10 20.23 -52.10 -45.31
C LYS LA 10 18.94 -52.51 -44.62
N ALA LA 11 18.57 -51.81 -43.55
CA ALA LA 11 17.35 -52.11 -42.80
C ALA LA 11 16.19 -51.34 -43.43
N ILE LA 12 15.07 -51.29 -42.70
CA ILE LA 12 13.96 -50.39 -43.04
C ILE LA 12 14.48 -48.96 -43.03
N PRO LA 13 14.16 -48.13 -44.04
CA PRO LA 13 14.59 -46.73 -44.03
C PRO LA 13 13.98 -45.97 -42.87
N PRO LA 14 14.80 -45.37 -42.01
CA PRO LA 14 14.29 -44.75 -40.80
C PRO LA 14 13.50 -43.49 -41.10
N HIS LA 15 12.63 -43.14 -40.15
CA HIS LA 15 11.66 -42.05 -40.29
C HIS LA 15 12.31 -40.68 -40.51
N GLN LA 16 12.97 -40.14 -39.49
CA GLN LA 16 13.79 -38.93 -39.62
C GLN LA 16 15.05 -38.95 -38.75
N LEU LA 17 15.16 -39.89 -37.80
CA LEU LA 17 16.26 -40.18 -36.85
C LEU LA 17 16.34 -39.15 -35.73
N ALA LA 18 15.54 -38.07 -35.77
CA ALA LA 18 15.78 -36.93 -34.89
C ALA LA 18 15.35 -37.19 -33.44
N ILE LA 19 14.39 -38.09 -33.23
CA ILE LA 19 13.86 -38.26 -31.88
C ILE LA 19 14.81 -39.09 -31.02
N GLY LA 20 15.57 -39.99 -31.63
CA GLY LA 20 16.40 -40.91 -30.85
C GLY LA 20 17.59 -40.23 -30.19
N THR LA 21 18.19 -39.25 -30.86
CA THR LA 21 19.31 -38.52 -30.28
C THR LA 21 18.84 -37.67 -29.09
N LEU LA 22 17.68 -37.04 -29.23
CA LEU LA 22 17.08 -36.29 -28.13
C LEU LA 22 16.71 -37.21 -26.97
N GLY LA 23 16.27 -38.43 -27.28
CA GLY LA 23 15.98 -39.38 -26.22
C GLY LA 23 17.23 -39.88 -25.53
N LEU LA 24 18.35 -40.00 -26.27
CA LEU LA 24 19.60 -40.41 -25.66
C LEU LA 24 20.14 -39.32 -24.73
N LEU LA 25 20.14 -38.08 -25.20
CA LEU LA 25 20.62 -37.00 -24.33
C LEU LA 25 19.61 -36.59 -23.26
N GLY LA 26 18.36 -37.06 -23.36
CA GLY LA 26 17.40 -36.76 -22.32
C GLY LA 26 17.67 -37.51 -21.04
N LEU LA 27 18.06 -38.77 -21.16
CA LEU LA 27 18.34 -39.62 -20.00
C LEU LA 27 19.82 -39.49 -19.66
N LEU LA 28 20.16 -38.39 -18.98
CA LEU LA 28 21.53 -38.14 -18.54
C LEU LA 28 21.49 -37.18 -17.36
#